data_2V4D
#
_entry.id   2V4D
#
_cell.length_a   130.551
_cell.length_b   183.585
_cell.length_c   213.314
_cell.angle_alpha   90.00
_cell.angle_beta   107.38
_cell.angle_gamma   90.00
#
_symmetry.space_group_name_H-M   'P 1 21 1'
#
loop_
_entity.id
_entity.type
_entity.pdbx_description
1 polymer 'MULTIDRUG RESISTANCE PROTEIN MEXA'
2 non-polymer 'SULFATE ION'
#
_entity_poly.entity_id   1
_entity_poly.type   'polypeptide(L)'
_entity_poly.pdbx_seq_one_letter_code
;SGKSEAPPPAQTPEVGIVTLEAQTVTLNTELPGRTNAFRIAEVRPQVNGIILKRLFKEGSDVKAGQQLYQIDPATYEADY
QSAQANLASTQEQAQRYKLLVADQAVSKQQYADANAAYLQSKAAVEQARINLRYTKVLSPISGRIGRSAVTEGALVTNGQ
ANAMATVQQLDPIYVDVTQPSTALLRLRRELASGQLERAGDNAAKVSLKLEDGSQYPLEGRLEFSEVSVDEGTGSVTIRA
VFPNPNNELLPGMFVHAQLQEGVKQKAILAPQQGVTRDLKGQATALVVNAQNKVELRVIKADRVIGDKWLVTEGLNAGDK
IITEGLQFVQPGVEVKTVPAKNVASAQKADAAPAKTDSKG
;
_entity_poly.pdbx_strand_id   A,B,C,D,E,F,G,H,I,J,K,L,M
#
# COMPACT_ATOMS: atom_id res chain seq x y z
N ASN A 28 74.12 79.53 -58.15
CA ASN A 28 72.86 80.27 -57.87
C ASN A 28 71.74 79.87 -58.83
N THR A 29 71.65 78.56 -59.10
CA THR A 29 70.62 78.03 -60.00
C THR A 29 69.31 77.84 -59.24
N GLU A 30 68.33 78.70 -59.54
CA GLU A 30 67.02 78.64 -58.89
C GLU A 30 66.13 77.51 -59.40
N LEU A 31 65.58 76.74 -58.45
CA LEU A 31 64.68 75.63 -58.76
C LEU A 31 63.32 75.88 -58.11
N PRO A 32 62.29 76.12 -58.92
CA PRO A 32 60.94 76.38 -58.42
C PRO A 32 60.26 75.11 -57.88
N GLY A 33 59.05 75.30 -57.35
CA GLY A 33 58.30 74.17 -56.83
C GLY A 33 57.76 74.41 -55.43
N ARG A 34 56.81 73.60 -54.99
CA ARG A 34 56.22 73.73 -53.67
C ARG A 34 56.66 72.62 -52.72
N THR A 35 56.12 72.65 -51.51
CA THR A 35 56.45 71.67 -50.48
C THR A 35 55.35 70.66 -50.22
N ASN A 36 55.72 69.54 -49.61
CA ASN A 36 54.76 68.48 -49.29
C ASN A 36 55.10 67.85 -47.95
N ALA A 37 54.09 67.25 -47.32
CA ALA A 37 54.27 66.60 -46.04
C ALA A 37 55.14 65.35 -46.18
N PHE A 38 56.16 65.25 -45.35
CA PHE A 38 57.05 64.09 -45.40
C PHE A 38 56.21 62.82 -45.28
N ARG A 39 55.34 62.79 -44.27
CA ARG A 39 54.50 61.62 -44.07
C ARG A 39 53.08 62.00 -43.66
N ILE A 40 52.10 61.31 -44.22
CA ILE A 40 50.70 61.59 -43.90
C ILE A 40 49.90 60.36 -43.50
N ALA A 41 48.99 60.53 -42.54
CA ALA A 41 48.17 59.43 -42.08
C ALA A 41 46.75 59.92 -41.81
N GLU A 42 45.80 59.00 -41.87
CA GLU A 42 44.40 59.33 -41.63
C GLU A 42 43.95 58.63 -40.34
N VAL A 43 43.02 59.25 -39.63
CA VAL A 43 42.52 58.67 -38.40
C VAL A 43 41.11 58.19 -38.71
N ARG A 44 40.85 56.90 -38.45
CA ARG A 44 39.55 56.31 -38.73
C ARG A 44 39.06 55.34 -37.69
N PRO A 45 37.73 55.22 -37.54
CA PRO A 45 37.19 54.30 -36.54
C PRO A 45 37.19 52.87 -37.07
N GLN A 46 37.28 51.90 -36.17
CA GLN A 46 37.26 50.51 -36.58
C GLN A 46 36.24 49.70 -35.79
N VAL A 47 35.33 50.42 -35.13
CA VAL A 47 34.23 49.83 -34.39
C VAL A 47 33.16 50.89 -34.44
N ASN A 48 31.91 50.50 -34.31
CA ASN A 48 30.85 51.47 -34.36
C ASN A 48 30.64 52.03 -32.98
N GLY A 49 30.20 53.27 -32.89
CA GLY A 49 29.96 53.87 -31.58
C GLY A 49 29.78 55.36 -31.55
N ILE A 50 29.70 55.88 -30.33
CA ILE A 50 29.55 57.32 -30.12
C ILE A 50 30.85 57.88 -29.56
N ILE A 51 31.26 59.04 -30.08
CA ILE A 51 32.49 59.67 -29.60
C ILE A 51 32.24 60.24 -28.20
N LEU A 52 32.99 59.76 -27.21
CA LEU A 52 32.82 60.30 -25.86
C LEU A 52 33.69 61.55 -25.77
N LYS A 53 34.99 61.35 -25.96
CA LYS A 53 35.92 62.46 -25.88
C LYS A 53 36.85 62.52 -27.07
N ARG A 54 37.29 63.74 -27.38
CA ARG A 54 38.23 63.97 -28.46
C ARG A 54 39.46 64.57 -27.79
N LEU A 55 40.28 63.73 -27.18
CA LEU A 55 41.46 64.19 -26.44
C LEU A 55 42.71 64.70 -27.15
N PHE A 56 42.57 65.74 -27.99
CA PHE A 56 43.72 66.32 -28.66
C PHE A 56 43.34 67.70 -29.12
N LYS A 57 44.31 68.60 -29.11
CA LYS A 57 44.08 69.98 -29.52
C LYS A 57 44.21 70.16 -31.02
N GLU A 58 43.16 70.63 -31.68
CA GLU A 58 43.23 70.82 -33.11
C GLU A 58 44.44 71.69 -33.39
N GLY A 59 45.34 71.21 -34.23
CA GLY A 59 46.53 71.96 -34.55
C GLY A 59 47.73 71.63 -33.69
N SER A 60 47.62 70.66 -32.80
CA SER A 60 48.74 70.31 -31.94
C SER A 60 49.66 69.26 -32.55
N ASP A 61 50.57 68.74 -31.72
CA ASP A 61 51.51 67.73 -32.16
C ASP A 61 51.20 66.47 -31.39
N VAL A 62 51.00 65.38 -32.12
CA VAL A 62 50.69 64.11 -31.49
C VAL A 62 51.77 63.09 -31.81
N LYS A 63 51.94 62.13 -30.91
CA LYS A 63 52.93 61.08 -31.09
C LYS A 63 52.20 59.83 -31.58
N ALA A 64 52.83 59.09 -32.48
CA ALA A 64 52.21 57.87 -32.97
C ALA A 64 51.91 56.96 -31.77
N GLY A 65 50.67 56.46 -31.71
CA GLY A 65 50.26 55.58 -30.62
C GLY A 65 49.48 56.31 -29.55
N GLN A 66 49.39 57.61 -29.71
CA GLN A 66 48.69 58.48 -28.78
C GLN A 66 47.17 58.40 -28.98
N GLN A 67 46.43 58.19 -27.90
CA GLN A 67 44.97 58.14 -28.02
C GLN A 67 44.45 59.48 -28.50
N LEU A 68 43.68 59.48 -29.57
CA LEU A 68 43.16 60.73 -30.11
C LEU A 68 41.68 60.89 -29.82
N TYR A 69 40.98 59.78 -29.72
CA TYR A 69 39.54 59.77 -29.46
C TYR A 69 39.23 58.67 -28.49
N GLN A 70 38.00 58.68 -27.99
CA GLN A 70 37.52 57.64 -27.08
C GLN A 70 36.08 57.35 -27.44
N ILE A 71 35.84 56.16 -27.97
CA ILE A 71 34.48 55.77 -28.33
C ILE A 71 33.84 55.17 -27.11
N ASP A 72 32.60 55.56 -26.82
CA ASP A 72 31.92 55.04 -25.64
C ASP A 72 32.06 53.53 -25.59
N PRO A 73 32.77 53.02 -24.59
CA PRO A 73 33.01 51.59 -24.38
C PRO A 73 32.01 50.72 -23.56
N ALA A 74 30.76 51.17 -23.31
CA ALA A 74 29.74 50.43 -22.51
C ALA A 74 29.38 49.01 -22.97
N THR A 75 28.96 48.88 -24.22
CA THR A 75 28.58 47.59 -24.74
C THR A 75 29.77 46.72 -25.04
N TYR A 76 30.82 47.32 -25.58
CA TYR A 76 32.01 46.56 -25.92
C TYR A 76 32.55 45.93 -24.65
N GLU A 77 32.60 46.73 -23.59
CA GLU A 77 33.08 46.23 -22.33
C GLU A 77 32.13 45.11 -21.86
N ALA A 78 30.86 45.26 -22.20
CA ALA A 78 29.84 44.28 -21.83
C ALA A 78 30.00 42.99 -22.63
N ASP A 79 30.12 43.11 -23.95
CA ASP A 79 30.27 41.94 -24.80
C ASP A 79 31.52 41.17 -24.43
N TYR A 80 32.56 41.89 -24.05
CA TYR A 80 33.81 41.26 -23.68
C TYR A 80 33.67 40.45 -22.42
N GLN A 81 33.04 41.02 -21.41
CA GLN A 81 32.87 40.30 -20.16
C GLN A 81 31.98 39.11 -20.45
N SER A 82 30.99 39.32 -21.30
CA SER A 82 30.09 38.25 -21.67
C SER A 82 30.88 37.11 -22.32
N ALA A 83 31.63 37.44 -23.37
CA ALA A 83 32.45 36.47 -24.06
C ALA A 83 33.26 35.65 -23.05
N GLN A 84 34.06 36.33 -22.24
CA GLN A 84 34.90 35.65 -21.26
C GLN A 84 34.14 34.71 -20.36
N ALA A 85 32.90 35.08 -20.05
CA ALA A 85 32.09 34.23 -19.21
C ALA A 85 31.93 32.91 -19.93
N ASN A 86 31.47 33.02 -21.17
CA ASN A 86 31.25 31.87 -22.04
C ASN A 86 32.50 30.99 -22.14
N LEU A 87 33.62 31.60 -22.53
CA LEU A 87 34.87 30.84 -22.64
C LEU A 87 35.16 30.07 -21.36
N ALA A 88 35.22 30.79 -20.25
CA ALA A 88 35.49 30.18 -18.96
C ALA A 88 34.64 28.91 -18.80
N SER A 89 33.40 29.00 -19.28
CA SER A 89 32.47 27.88 -19.21
C SER A 89 32.91 26.73 -20.13
N THR A 90 32.78 26.94 -21.43
CA THR A 90 33.14 25.95 -22.43
C THR A 90 34.52 25.36 -22.16
N GLN A 91 35.50 26.19 -21.84
CA GLN A 91 36.85 25.68 -21.60
C GLN A 91 36.81 24.53 -20.59
N GLU A 92 36.24 24.81 -19.43
CA GLU A 92 36.13 23.79 -18.39
C GLU A 92 35.47 22.56 -19.00
N GLN A 93 34.27 22.76 -19.54
CA GLN A 93 33.49 21.69 -20.18
C GLN A 93 34.38 20.78 -21.02
N ALA A 94 35.21 21.40 -21.86
CA ALA A 94 36.12 20.68 -22.73
C ALA A 94 37.15 19.92 -21.90
N GLN A 95 37.97 20.65 -21.14
CA GLN A 95 39.01 20.03 -20.31
C GLN A 95 38.49 18.81 -19.57
N ARG A 96 37.22 18.83 -19.17
CA ARG A 96 36.66 17.69 -18.47
C ARG A 96 36.46 16.54 -19.46
N TYR A 97 35.74 16.83 -20.55
CA TYR A 97 35.48 15.84 -21.59
C TYR A 97 36.75 15.23 -22.14
N LYS A 98 37.86 15.96 -22.08
CA LYS A 98 39.12 15.45 -22.59
C LYS A 98 39.61 14.26 -21.77
N LEU A 99 39.17 14.18 -20.52
CA LEU A 99 39.58 13.09 -19.66
C LEU A 99 38.54 11.97 -19.67
N LEU A 100 37.36 12.25 -20.22
CA LEU A 100 36.32 11.23 -20.28
C LEU A 100 36.49 10.31 -21.48
N VAL A 101 36.94 10.86 -22.60
CA VAL A 101 37.16 10.04 -23.78
C VAL A 101 38.35 9.17 -23.44
N ALA A 102 39.27 9.75 -22.67
CA ALA A 102 40.45 9.04 -22.25
C ALA A 102 40.06 7.73 -21.55
N ASP A 103 38.84 7.69 -21.03
CA ASP A 103 38.36 6.50 -20.35
C ASP A 103 37.07 5.98 -20.99
N GLN A 104 36.91 6.21 -22.28
CA GLN A 104 35.73 5.74 -23.01
C GLN A 104 34.43 6.26 -22.41
N ALA A 105 34.54 7.04 -21.33
CA ALA A 105 33.37 7.57 -20.65
C ALA A 105 32.49 8.42 -21.58
N VAL A 106 33.06 8.85 -22.69
CA VAL A 106 32.33 9.68 -23.62
C VAL A 106 32.86 9.48 -25.05
N SER A 107 31.97 9.53 -26.04
CA SER A 107 32.33 9.34 -27.44
C SER A 107 33.28 10.41 -27.95
N LYS A 108 34.08 10.06 -28.95
CA LYS A 108 35.02 11.02 -29.55
C LYS A 108 34.23 12.16 -30.15
N GLN A 109 33.02 11.87 -30.58
CA GLN A 109 32.15 12.88 -31.17
C GLN A 109 31.86 13.97 -30.15
N GLN A 110 31.42 13.55 -28.98
CA GLN A 110 31.11 14.48 -27.92
C GLN A 110 32.31 15.34 -27.59
N TYR A 111 33.45 14.72 -27.32
CA TYR A 111 34.63 15.50 -26.98
C TYR A 111 34.96 16.46 -28.11
N ALA A 112 34.66 16.04 -29.33
CA ALA A 112 34.93 16.88 -30.49
C ALA A 112 34.05 18.11 -30.39
N ASP A 113 32.74 17.90 -30.39
CA ASP A 113 31.79 19.00 -30.29
C ASP A 113 32.19 19.94 -29.16
N ALA A 114 32.68 19.35 -28.07
CA ALA A 114 33.10 20.13 -26.92
C ALA A 114 34.25 21.04 -27.29
N ASN A 115 35.40 20.45 -27.56
CA ASN A 115 36.58 21.21 -27.93
C ASN A 115 36.26 22.17 -29.07
N ALA A 116 35.23 21.85 -29.84
CA ALA A 116 34.80 22.70 -30.94
C ALA A 116 34.30 24.03 -30.40
N ALA A 117 33.33 23.98 -29.49
CA ALA A 117 32.76 25.18 -28.89
C ALA A 117 33.85 25.94 -28.15
N TYR A 118 34.70 25.20 -27.44
CA TYR A 118 35.78 25.85 -26.70
C TYR A 118 36.58 26.77 -27.62
N LEU A 119 36.91 26.27 -28.80
CA LEU A 119 37.68 27.06 -29.75
C LEU A 119 36.87 28.26 -30.21
N GLN A 120 35.59 28.05 -30.50
CA GLN A 120 34.75 29.15 -30.94
C GLN A 120 34.78 30.28 -29.91
N SER A 121 34.66 29.91 -28.64
CA SER A 121 34.67 30.87 -27.55
C SER A 121 35.99 31.64 -27.56
N LYS A 122 37.08 30.91 -27.31
CA LYS A 122 38.40 31.50 -27.31
C LYS A 122 38.52 32.49 -28.46
N ALA A 123 37.91 32.15 -29.59
CA ALA A 123 37.94 33.02 -30.76
C ALA A 123 37.21 34.31 -30.46
N ALA A 124 35.94 34.17 -30.09
CA ALA A 124 35.07 35.29 -29.78
C ALA A 124 35.67 36.26 -28.76
N VAL A 125 36.25 35.73 -27.69
CA VAL A 125 36.86 36.58 -26.66
C VAL A 125 37.95 37.45 -27.27
N GLU A 126 38.84 36.84 -28.03
CA GLU A 126 39.92 37.59 -28.65
C GLU A 126 39.38 38.72 -29.51
N GLN A 127 38.28 38.46 -30.22
CA GLN A 127 37.70 39.48 -31.07
C GLN A 127 37.06 40.57 -30.22
N ALA A 128 36.48 40.15 -29.09
CA ALA A 128 35.85 41.09 -28.17
C ALA A 128 36.93 41.99 -27.60
N ARG A 129 38.02 41.38 -27.15
CA ARG A 129 39.14 42.12 -26.58
C ARG A 129 39.62 43.21 -27.54
N ILE A 130 39.82 42.85 -28.79
CA ILE A 130 40.29 43.80 -29.77
C ILE A 130 39.35 44.99 -29.96
N ASN A 131 38.06 44.73 -30.11
CA ASN A 131 37.13 45.83 -30.28
C ASN A 131 37.12 46.76 -29.08
N LEU A 132 37.20 46.18 -27.88
CA LEU A 132 37.19 46.98 -26.70
C LEU A 132 38.39 47.90 -26.73
N ARG A 133 39.54 47.33 -27.03
CA ARG A 133 40.79 48.07 -27.08
C ARG A 133 40.67 49.27 -28.01
N TYR A 134 39.97 49.10 -29.11
CA TYR A 134 39.82 50.18 -30.06
C TYR A 134 38.91 51.31 -29.61
N THR A 135 38.23 51.15 -28.48
CA THR A 135 37.36 52.22 -28.02
C THR A 135 38.26 53.39 -27.67
N LYS A 136 39.56 53.11 -27.83
CA LYS A 136 40.63 54.06 -27.62
C LYS A 136 41.34 54.18 -28.98
N VAL A 137 40.88 55.12 -29.80
CA VAL A 137 41.47 55.37 -31.11
C VAL A 137 42.88 55.91 -30.87
N LEU A 138 43.84 55.53 -31.70
CA LEU A 138 45.20 56.01 -31.51
C LEU A 138 45.79 56.73 -32.70
N SER A 139 46.98 57.28 -32.50
CA SER A 139 47.68 58.00 -33.54
C SER A 139 48.46 57.04 -34.42
N PRO A 140 48.13 57.00 -35.73
CA PRO A 140 48.78 56.12 -36.70
C PRO A 140 50.26 56.40 -36.84
N ILE A 141 50.60 57.69 -36.90
CA ILE A 141 51.98 58.13 -37.05
C ILE A 141 52.28 59.26 -36.08
N SER A 142 53.47 59.84 -36.19
CA SER A 142 53.83 60.97 -35.37
C SER A 142 53.63 62.11 -36.34
N GLY A 143 53.10 63.23 -35.86
CA GLY A 143 52.88 64.35 -36.77
C GLY A 143 52.03 65.49 -36.23
N ARG A 144 51.61 66.36 -37.14
CA ARG A 144 50.80 67.48 -36.77
C ARG A 144 49.35 67.22 -37.11
N ILE A 145 48.50 67.15 -36.09
CA ILE A 145 47.08 66.91 -36.32
C ILE A 145 46.35 68.23 -36.37
N GLY A 146 45.31 68.31 -37.19
CA GLY A 146 44.56 69.55 -37.34
C GLY A 146 43.12 69.45 -36.88
N ARG A 147 42.23 70.16 -37.57
CA ARG A 147 40.81 70.15 -37.24
C ARG A 147 40.27 68.71 -37.19
N SER A 148 39.38 68.45 -36.24
CA SER A 148 38.74 67.15 -36.09
C SER A 148 37.40 67.23 -36.82
N ALA A 149 37.24 66.43 -37.87
CA ALA A 149 36.00 66.43 -38.65
C ALA A 149 34.83 65.95 -37.82
N VAL A 150 35.05 64.86 -37.09
CA VAL A 150 34.03 64.30 -36.22
C VAL A 150 33.97 65.19 -35.00
N THR A 151 32.77 65.39 -34.45
CA THR A 151 32.59 66.21 -33.25
C THR A 151 32.43 65.34 -32.00
N GLU A 152 32.60 65.93 -30.82
CA GLU A 152 32.44 65.19 -29.58
C GLU A 152 31.01 64.61 -29.61
N GLY A 153 30.87 63.35 -29.26
CA GLY A 153 29.56 62.73 -29.23
C GLY A 153 28.89 62.38 -30.55
N ALA A 154 29.62 62.43 -31.65
CA ALA A 154 29.07 62.11 -32.97
C ALA A 154 29.07 60.59 -33.12
N LEU A 155 28.47 60.11 -34.20
CA LEU A 155 28.39 58.67 -34.43
C LEU A 155 29.36 58.21 -35.51
N VAL A 156 30.23 57.27 -35.18
CA VAL A 156 31.16 56.74 -36.15
C VAL A 156 30.95 55.25 -36.38
N THR A 157 31.09 54.84 -37.64
CA THR A 157 30.94 53.44 -38.02
C THR A 157 32.26 52.97 -38.62
N ASN A 158 32.66 51.75 -38.29
CA ASN A 158 33.88 51.19 -38.83
C ASN A 158 33.85 51.28 -40.36
N GLY A 159 34.96 51.71 -40.95
CA GLY A 159 35.03 51.81 -42.40
C GLY A 159 34.19 52.90 -43.03
N GLN A 160 33.75 53.89 -42.26
CA GLN A 160 32.96 54.97 -42.84
C GLN A 160 33.86 55.65 -43.86
N ALA A 161 33.25 56.36 -44.80
CA ALA A 161 34.00 57.04 -45.86
C ALA A 161 34.87 58.20 -45.37
N ASN A 162 34.23 59.22 -44.82
CA ASN A 162 34.94 60.38 -44.33
C ASN A 162 35.76 60.11 -43.09
N ALA A 163 37.06 60.39 -43.18
CA ALA A 163 38.00 60.17 -42.08
C ALA A 163 37.67 61.07 -40.90
N MET A 164 38.21 60.71 -39.73
CA MET A 164 37.97 61.48 -38.51
C MET A 164 38.85 62.73 -38.48
N ALA A 165 40.15 62.51 -38.64
CA ALA A 165 41.14 63.59 -38.64
C ALA A 165 42.37 63.15 -39.43
N THR A 166 43.05 64.10 -40.07
CA THR A 166 44.25 63.77 -40.84
C THR A 166 45.49 64.26 -40.08
N VAL A 167 46.57 63.48 -40.14
CA VAL A 167 47.81 63.83 -39.44
C VAL A 167 49.01 63.80 -40.39
N GLN A 168 49.49 64.98 -40.77
CA GLN A 168 50.64 65.10 -41.66
C GLN A 168 51.94 65.22 -40.86
N GLN A 169 53.04 64.79 -41.46
CA GLN A 169 54.36 64.88 -40.82
C GLN A 169 55.10 66.03 -41.50
N LEU A 170 55.59 66.97 -40.69
CA LEU A 170 56.27 68.14 -41.23
C LEU A 170 57.79 68.20 -41.05
N ASP A 171 58.34 67.30 -40.23
CA ASP A 171 59.79 67.27 -40.01
C ASP A 171 60.27 65.83 -39.99
N PRO A 172 61.05 65.43 -41.00
CA PRO A 172 61.48 66.24 -42.16
C PRO A 172 60.31 66.65 -43.04
N ILE A 173 60.59 67.47 -44.06
CA ILE A 173 59.54 67.91 -44.99
C ILE A 173 60.08 67.93 -46.42
N TYR A 174 59.27 67.47 -47.36
CA TYR A 174 59.68 67.42 -48.76
C TYR A 174 59.53 68.72 -49.51
N VAL A 175 60.22 68.79 -50.64
CA VAL A 175 60.19 69.94 -51.53
C VAL A 175 60.20 69.37 -52.95
N ASP A 176 59.06 69.45 -53.61
CA ASP A 176 58.90 68.93 -54.96
C ASP A 176 59.44 69.84 -56.07
N VAL A 177 60.42 69.35 -56.81
CA VAL A 177 61.02 70.09 -57.91
C VAL A 177 60.88 69.28 -59.19
N THR A 178 60.35 69.89 -60.23
CA THR A 178 60.14 69.22 -61.52
C THR A 178 60.97 69.86 -62.64
N GLN A 179 61.99 69.13 -63.11
CA GLN A 179 62.86 69.60 -64.18
C GLN A 179 62.86 68.58 -65.32
N PRO A 180 63.15 69.03 -66.55
CA PRO A 180 63.20 68.15 -67.73
C PRO A 180 64.23 67.05 -67.58
N SER A 181 63.85 65.83 -67.97
CA SER A 181 64.74 64.66 -67.88
C SER A 181 66.19 65.09 -68.04
N THR A 182 66.45 65.79 -69.15
CA THR A 182 67.78 66.27 -69.48
C THR A 182 68.41 66.99 -68.28
N ALA A 183 67.76 68.07 -67.83
CA ALA A 183 68.23 68.85 -66.70
C ALA A 183 68.72 67.93 -65.57
N LEU A 184 68.00 66.85 -65.36
CA LEU A 184 68.35 65.88 -64.33
C LEU A 184 69.78 65.42 -64.54
N LEU A 185 70.01 64.79 -65.68
CA LEU A 185 71.33 64.30 -66.05
C LEU A 185 72.39 65.39 -65.94
N ARG A 186 72.06 66.58 -66.44
CA ARG A 186 72.96 67.73 -66.38
C ARG A 186 73.42 67.89 -64.93
N LEU A 187 72.49 67.71 -64.01
CA LEU A 187 72.75 67.83 -62.58
C LEU A 187 73.43 66.58 -62.03
N ARG A 188 72.90 65.42 -62.38
CA ARG A 188 73.45 64.15 -61.91
C ARG A 188 74.96 64.12 -62.13
N ARG A 189 75.40 64.51 -63.32
CA ARG A 189 76.83 64.52 -63.62
C ARG A 189 77.52 65.36 -62.58
N GLU A 190 77.12 66.63 -62.49
CA GLU A 190 77.70 67.55 -61.51
C GLU A 190 77.85 66.90 -60.15
N LEU A 191 77.02 65.90 -59.86
CA LEU A 191 77.09 65.19 -58.58
C LEU A 191 78.31 64.29 -58.54
N ALA A 192 78.37 63.33 -59.46
CA ALA A 192 79.49 62.40 -59.53
C ALA A 192 80.68 63.08 -60.22
N SER A 193 80.63 64.41 -60.26
CA SER A 193 81.66 65.23 -60.86
C SER A 193 82.42 65.98 -59.78
N GLY A 194 81.72 66.25 -58.68
CA GLY A 194 82.32 66.98 -57.58
C GLY A 194 81.94 68.44 -57.69
N GLN A 195 81.30 68.78 -58.80
CA GLN A 195 80.85 70.14 -59.08
C GLN A 195 79.69 70.51 -58.16
N LEU A 196 79.17 69.50 -57.46
CA LEU A 196 78.04 69.68 -56.54
C LEU A 196 78.36 69.20 -55.13
N GLU A 197 77.95 69.99 -54.15
CA GLU A 197 78.18 69.68 -52.74
C GLU A 197 77.40 68.42 -52.35
N ARG A 198 77.93 67.26 -52.71
CA ARG A 198 77.27 66.00 -52.39
C ARG A 198 76.78 65.95 -50.95
N ALA A 199 75.49 66.18 -50.75
CA ALA A 199 74.91 66.16 -49.42
C ALA A 199 75.04 64.77 -48.83
N GLY A 200 75.08 63.76 -49.70
CA GLY A 200 75.21 62.39 -49.24
C GLY A 200 75.00 61.39 -50.36
N ASP A 201 75.17 60.12 -50.03
CA ASP A 201 75.00 59.00 -50.95
C ASP A 201 74.76 59.42 -52.40
N ASN A 202 73.49 59.61 -52.75
CA ASN A 202 73.11 60.02 -54.09
C ASN A 202 72.28 61.30 -54.02
N ALA A 203 72.80 62.31 -53.33
CA ALA A 203 72.09 63.57 -53.19
C ALA A 203 73.05 64.73 -52.94
N ALA A 204 72.57 65.95 -53.21
CA ALA A 204 73.37 67.16 -53.04
C ALA A 204 72.71 68.19 -52.13
N LYS A 205 73.52 68.92 -51.37
CA LYS A 205 73.02 69.95 -50.47
C LYS A 205 72.26 71.02 -51.26
N VAL A 206 71.25 71.61 -50.64
CA VAL A 206 70.43 72.64 -51.30
C VAL A 206 70.03 73.75 -50.35
N SER A 207 69.57 74.87 -50.90
CA SER A 207 69.14 76.02 -50.13
C SER A 207 67.65 76.26 -50.35
N LEU A 208 67.05 77.11 -49.52
CA LEU A 208 65.63 77.39 -49.64
C LEU A 208 65.29 78.87 -49.43
N LYS A 209 64.69 79.48 -50.44
CA LYS A 209 64.32 80.89 -50.39
C LYS A 209 62.80 81.03 -50.44
N LEU A 210 62.22 81.57 -49.36
CA LEU A 210 60.78 81.74 -49.25
C LEU A 210 60.26 82.83 -50.19
N GLU A 211 58.95 82.83 -50.44
CA GLU A 211 58.32 83.80 -51.33
C GLU A 211 58.66 85.25 -51.00
N ASP A 212 58.70 85.59 -49.72
CA ASP A 212 59.04 86.97 -49.35
C ASP A 212 60.53 87.19 -49.63
N GLY A 213 61.26 86.08 -49.74
CA GLY A 213 62.68 86.15 -50.01
C GLY A 213 63.55 85.58 -48.90
N SER A 214 62.95 85.28 -47.76
CA SER A 214 63.68 84.72 -46.62
C SER A 214 64.59 83.56 -47.03
N GLN A 215 65.50 83.20 -46.14
CA GLN A 215 66.43 82.11 -46.40
C GLN A 215 66.30 81.09 -45.26
N TYR A 216 66.15 79.82 -45.60
CA TYR A 216 66.03 78.80 -44.57
C TYR A 216 67.41 78.46 -44.02
N PRO A 217 67.68 78.84 -42.77
CA PRO A 217 68.95 78.62 -42.07
C PRO A 217 69.39 77.17 -41.86
N LEU A 218 68.94 76.25 -42.70
CA LEU A 218 69.33 74.85 -42.54
C LEU A 218 69.64 74.15 -43.86
N GLU A 219 70.46 73.10 -43.77
CA GLU A 219 70.86 72.34 -44.94
C GLU A 219 69.66 71.68 -45.60
N GLY A 220 69.87 71.19 -46.82
CA GLY A 220 68.80 70.53 -47.55
C GLY A 220 69.33 69.54 -48.56
N ARG A 221 69.12 68.25 -48.27
CA ARG A 221 69.56 67.19 -49.17
C ARG A 221 68.73 67.26 -50.45
N LEU A 222 69.05 66.39 -51.40
CA LEU A 222 68.33 66.34 -52.67
C LEU A 222 68.56 65.01 -53.38
N GLU A 223 67.90 63.96 -52.89
CA GLU A 223 68.02 62.63 -53.47
C GLU A 223 67.71 62.68 -54.96
N PHE A 224 68.56 62.03 -55.75
CA PHE A 224 68.38 61.97 -57.19
C PHE A 224 67.78 60.64 -57.62
N SER A 225 66.48 60.49 -57.35
CA SER A 225 65.74 59.28 -57.69
C SER A 225 64.34 59.66 -58.14
N GLU A 226 64.11 59.58 -59.46
CA GLU A 226 62.82 59.90 -60.06
C GLU A 226 61.64 59.59 -59.16
N VAL A 227 60.71 60.55 -59.06
CA VAL A 227 59.52 60.39 -58.22
C VAL A 227 58.27 60.85 -58.99
N SER A 228 58.41 60.96 -60.32
CA SER A 228 57.30 61.38 -61.16
C SER A 228 57.71 61.44 -62.62
N VAL A 229 56.81 61.06 -63.51
CA VAL A 229 57.06 61.07 -64.95
C VAL A 229 55.87 61.62 -65.74
N ASP A 230 55.49 62.86 -65.44
CA ASP A 230 54.37 63.47 -66.13
C ASP A 230 54.71 63.61 -67.61
N GLU A 231 53.93 62.94 -68.46
CA GLU A 231 54.15 62.95 -69.90
C GLU A 231 54.10 64.32 -70.56
N GLY A 232 52.89 64.79 -70.86
CA GLY A 232 52.69 66.07 -71.51
C GLY A 232 53.76 67.12 -71.31
N THR A 233 54.09 67.39 -70.04
CA THR A 233 55.11 68.38 -69.70
C THR A 233 56.47 68.01 -70.27
N GLY A 234 56.90 66.77 -70.03
CA GLY A 234 58.19 66.33 -70.51
C GLY A 234 59.27 66.59 -69.46
N SER A 235 58.85 66.58 -68.20
CA SER A 235 59.76 66.83 -67.09
C SER A 235 59.82 65.62 -66.17
N VAL A 236 60.38 65.84 -64.99
CA VAL A 236 60.52 64.81 -63.96
C VAL A 236 60.55 65.52 -62.62
N THR A 237 59.95 64.93 -61.60
CA THR A 237 59.92 65.55 -60.28
C THR A 237 60.82 64.84 -59.28
N ILE A 238 61.54 65.64 -58.49
CA ILE A 238 62.46 65.12 -57.47
C ILE A 238 62.16 65.77 -56.12
N ARG A 239 62.58 65.11 -55.04
CA ARG A 239 62.32 65.61 -53.69
C ARG A 239 63.52 66.16 -52.91
N ALA A 240 63.22 67.02 -51.93
CA ALA A 240 64.23 67.65 -51.09
C ALA A 240 63.87 67.56 -49.60
N VAL A 241 64.64 66.77 -48.86
CA VAL A 241 64.43 66.59 -47.43
C VAL A 241 64.96 67.76 -46.60
N PHE A 242 64.09 68.71 -46.29
CA PHE A 242 64.48 69.88 -45.50
C PHE A 242 64.06 69.77 -44.04
N PRO A 243 65.03 69.54 -43.13
CA PRO A 243 64.71 69.44 -41.71
C PRO A 243 64.03 70.69 -41.16
N ASN A 244 62.81 70.54 -40.66
CA ASN A 244 62.04 71.66 -40.11
C ASN A 244 61.33 71.29 -38.80
N PRO A 245 62.09 71.15 -37.72
CA PRO A 245 61.54 70.80 -36.40
C PRO A 245 61.00 72.03 -35.67
N ASN A 246 60.31 72.88 -36.42
CA ASN A 246 59.75 74.10 -35.84
C ASN A 246 58.48 74.55 -36.57
N ASN A 247 57.92 73.64 -37.36
CA ASN A 247 56.70 73.90 -38.11
C ASN A 247 56.68 75.26 -38.79
N GLU A 248 57.86 75.81 -39.04
CA GLU A 248 57.98 77.10 -39.69
C GLU A 248 57.54 76.88 -41.14
N LEU A 249 57.98 75.76 -41.70
CA LEU A 249 57.64 75.40 -43.07
C LEU A 249 56.40 74.52 -43.10
N LEU A 250 55.40 74.94 -43.86
CA LEU A 250 54.17 74.19 -44.00
C LEU A 250 53.96 73.77 -45.44
N PRO A 251 53.08 72.81 -45.67
CA PRO A 251 52.82 72.36 -47.04
C PRO A 251 52.36 73.54 -47.89
N GLY A 252 52.49 73.42 -49.21
CA GLY A 252 52.07 74.48 -50.10
C GLY A 252 53.03 75.64 -50.18
N MET A 253 53.88 75.79 -49.16
CA MET A 253 54.85 76.89 -49.16
C MET A 253 55.64 76.94 -50.46
N PHE A 254 55.47 78.02 -51.21
CA PHE A 254 56.22 78.21 -52.44
C PHE A 254 57.63 78.58 -52.05
N VAL A 255 58.61 77.84 -52.57
CA VAL A 255 60.01 78.10 -52.26
C VAL A 255 60.90 77.93 -53.47
N HIS A 256 62.21 78.10 -53.27
CA HIS A 256 63.19 77.94 -54.33
C HIS A 256 64.43 77.19 -53.85
N ALA A 257 64.72 76.07 -54.48
CA ALA A 257 65.88 75.28 -54.14
C ALA A 257 67.03 75.79 -55.00
N GLN A 258 68.16 76.08 -54.37
CA GLN A 258 69.31 76.60 -55.11
C GLN A 258 70.58 75.78 -54.89
N LEU A 259 71.62 76.12 -55.65
CA LEU A 259 72.91 75.44 -55.57
C LEU A 259 74.07 76.38 -55.83
N PRO B 13 49.47 127.49 -68.19
CA PRO B 13 48.73 126.63 -67.22
C PRO B 13 49.59 126.21 -66.03
N GLU B 14 49.16 126.58 -64.83
CA GLU B 14 49.88 126.24 -63.61
C GLU B 14 48.93 125.74 -62.52
N VAL B 15 49.43 124.88 -61.64
CA VAL B 15 48.63 124.33 -60.54
C VAL B 15 49.42 124.31 -59.24
N GLY B 16 48.74 124.01 -58.15
CA GLY B 16 49.39 123.96 -56.85
C GLY B 16 49.54 122.53 -56.35
N ILE B 17 50.54 121.83 -56.87
CA ILE B 17 50.79 120.44 -56.47
C ILE B 17 51.46 120.35 -55.10
N VAL B 18 51.25 119.23 -54.41
CA VAL B 18 51.83 119.00 -53.11
C VAL B 18 52.66 117.72 -53.15
N THR B 19 53.88 117.79 -52.62
CA THR B 19 54.78 116.64 -52.60
C THR B 19 54.37 115.64 -51.53
N LEU B 20 53.88 114.49 -51.96
CA LEU B 20 53.44 113.44 -51.05
C LEU B 20 54.65 112.75 -50.41
N GLU B 21 54.62 112.62 -49.09
CA GLU B 21 55.72 111.99 -48.36
C GLU B 21 55.20 111.03 -47.29
N ALA B 22 55.96 109.96 -47.04
CA ALA B 22 55.60 108.96 -46.04
C ALA B 22 55.63 109.55 -44.64
N GLN B 23 54.49 109.51 -43.95
CA GLN B 23 54.38 110.05 -42.61
C GLN B 23 54.14 108.95 -41.57
N THR B 24 54.47 109.26 -40.31
CA THR B 24 54.30 108.31 -39.22
C THR B 24 52.87 108.38 -38.67
N VAL B 25 52.26 107.21 -38.49
CA VAL B 25 50.90 107.09 -37.97
C VAL B 25 50.82 105.79 -37.19
N THR B 26 49.90 105.73 -36.24
CA THR B 26 49.75 104.49 -35.48
C THR B 26 48.41 103.85 -35.82
N LEU B 27 48.47 102.75 -36.57
CA LEU B 27 47.26 102.04 -36.98
C LEU B 27 47.36 100.54 -36.69
N ASN B 28 46.23 99.86 -36.76
CA ASN B 28 46.17 98.43 -36.52
C ASN B 28 46.14 97.66 -37.83
N THR B 29 46.65 96.43 -37.81
CA THR B 29 46.64 95.56 -38.98
C THR B 29 45.30 94.79 -38.93
N GLU B 30 44.57 94.72 -40.04
CA GLU B 30 43.26 94.04 -40.06
C GLU B 30 43.25 92.62 -40.60
N LEU B 31 43.13 91.64 -39.72
CA LEU B 31 43.10 90.23 -40.12
C LEU B 31 41.64 89.79 -40.23
N PRO B 32 41.17 89.48 -41.44
CA PRO B 32 39.79 89.05 -41.66
C PRO B 32 39.57 87.62 -41.17
N GLY B 33 38.34 87.33 -40.72
CA GLY B 33 38.05 86.00 -40.24
C GLY B 33 36.60 85.78 -39.87
N ARG B 34 36.28 84.53 -39.52
CA ARG B 34 34.91 84.20 -39.14
C ARG B 34 34.88 83.59 -37.77
N THR B 35 33.80 83.86 -37.04
CA THR B 35 33.62 83.34 -35.70
C THR B 35 33.15 81.88 -35.75
N ASN B 36 33.66 81.05 -34.84
CA ASN B 36 33.30 79.65 -34.79
C ASN B 36 33.16 79.18 -33.35
N ALA B 37 32.34 78.16 -33.15
CA ALA B 37 32.15 77.64 -31.81
C ALA B 37 33.47 77.12 -31.24
N PHE B 38 33.63 77.31 -29.94
CA PHE B 38 34.84 76.87 -29.27
C PHE B 38 34.91 75.35 -29.29
N ARG B 39 33.78 74.71 -29.00
CA ARG B 39 33.68 73.25 -29.00
C ARG B 39 32.25 72.85 -29.37
N ILE B 40 32.10 71.78 -30.15
CA ILE B 40 30.78 71.33 -30.56
C ILE B 40 30.51 69.85 -30.28
N ALA B 41 29.27 69.54 -29.89
CA ALA B 41 28.88 68.17 -29.62
C ALA B 41 27.49 67.88 -30.16
N GLU B 42 27.23 66.61 -30.44
CA GLU B 42 25.93 66.19 -30.94
C GLU B 42 25.23 65.34 -29.89
N VAL B 43 23.90 65.43 -29.83
CA VAL B 43 23.14 64.64 -28.87
C VAL B 43 22.44 63.52 -29.67
N ARG B 44 22.69 62.27 -29.29
CA ARG B 44 22.12 61.13 -30.00
C ARG B 44 21.64 60.01 -29.10
N PRO B 45 20.63 59.25 -29.56
CA PRO B 45 20.11 58.15 -28.75
C PRO B 45 20.98 56.90 -28.88
N GLN B 46 21.01 56.09 -27.85
CA GLN B 46 21.81 54.88 -27.89
C GLN B 46 21.00 53.65 -27.49
N VAL B 47 19.69 53.82 -27.46
CA VAL B 47 18.75 52.76 -27.17
C VAL B 47 17.51 53.14 -27.95
N ASN B 48 16.68 52.16 -28.30
CA ASN B 48 15.49 52.51 -29.06
C ASN B 48 14.39 52.87 -28.11
N GLY B 49 13.50 53.75 -28.55
CA GLY B 49 12.39 54.12 -27.69
C GLY B 49 11.61 55.34 -28.11
N ILE B 50 10.71 55.74 -27.21
CA ILE B 50 9.87 56.91 -27.41
C ILE B 50 10.32 58.04 -26.49
N ILE B 51 10.36 59.26 -27.02
CA ILE B 51 10.75 60.41 -26.20
C ILE B 51 9.61 60.73 -25.23
N LEU B 52 9.86 60.69 -23.94
CA LEU B 52 8.82 61.04 -22.98
C LEU B 52 8.87 62.52 -22.81
N LYS B 53 10.00 63.01 -22.33
CA LYS B 53 10.18 64.44 -22.09
C LYS B 53 11.46 64.97 -22.67
N ARG B 54 11.41 66.24 -23.05
CA ARG B 54 12.57 66.93 -23.59
C ARG B 54 12.88 68.02 -22.60
N LEU B 55 13.57 67.69 -21.50
CA LEU B 55 13.85 68.66 -20.44
C LEU B 55 14.93 69.74 -20.59
N PHE B 56 14.80 70.59 -21.60
CA PHE B 56 15.76 71.66 -21.80
C PHE B 56 15.13 72.70 -22.69
N LYS B 57 15.44 73.96 -22.44
CA LYS B 57 14.88 75.05 -23.22
C LYS B 57 15.67 75.30 -24.49
N GLU B 58 15.02 75.22 -25.64
CA GLU B 58 15.74 75.46 -26.88
C GLU B 58 16.39 76.82 -26.76
N GLY B 59 17.70 76.85 -26.99
CA GLY B 59 18.43 78.10 -26.89
C GLY B 59 19.01 78.38 -25.52
N SER B 60 18.89 77.45 -24.58
CA SER B 60 19.42 77.69 -23.24
C SER B 60 20.87 77.25 -23.09
N ASP B 61 21.35 77.21 -21.85
CA ASP B 61 22.71 76.80 -21.56
C ASP B 61 22.62 75.52 -20.76
N VAL B 62 23.34 74.49 -21.20
CA VAL B 62 23.31 73.21 -20.50
C VAL B 62 24.71 72.85 -20.05
N LYS B 63 24.80 72.08 -18.98
CA LYS B 63 26.08 71.66 -18.45
C LYS B 63 26.34 70.23 -18.88
N ALA B 64 27.58 69.92 -19.23
CA ALA B 64 27.90 68.56 -19.62
C ALA B 64 27.44 67.60 -18.51
N GLY B 65 26.72 66.54 -18.90
CA GLY B 65 26.25 65.56 -17.94
C GLY B 65 24.79 65.78 -17.57
N GLN B 66 24.24 66.88 -18.07
CA GLN B 66 22.87 67.27 -17.80
C GLN B 66 21.88 66.44 -18.63
N GLN B 67 20.87 65.87 -18.00
CA GLN B 67 19.88 65.09 -18.75
C GLN B 67 19.17 66.05 -19.71
N LEU B 68 19.15 65.70 -20.99
CA LEU B 68 18.50 66.54 -21.98
C LEU B 68 17.18 65.97 -22.43
N TYR B 69 17.10 64.63 -22.44
CA TYR B 69 15.89 63.93 -22.85
C TYR B 69 15.64 62.76 -21.92
N GLN B 70 14.44 62.21 -22.01
CA GLN B 70 14.07 61.04 -21.22
C GLN B 70 13.31 60.08 -22.13
N ILE B 71 13.91 58.95 -22.43
CA ILE B 71 13.26 57.97 -23.28
C ILE B 71 12.42 57.08 -22.37
N ASP B 72 11.16 56.83 -22.75
CA ASP B 72 10.27 56.00 -21.95
C ASP B 72 11.03 54.76 -21.51
N PRO B 73 11.33 54.66 -20.21
CA PRO B 73 12.06 53.56 -19.58
C PRO B 73 11.25 52.38 -19.09
N ALA B 74 9.95 52.38 -19.38
CA ALA B 74 9.07 51.32 -18.89
C ALA B 74 9.59 49.88 -19.02
N THR B 75 9.95 49.47 -20.23
CA THR B 75 10.42 48.11 -20.43
C THR B 75 11.85 47.89 -20.02
N TYR B 76 12.71 48.88 -20.29
CA TYR B 76 14.12 48.77 -19.92
C TYR B 76 14.19 48.62 -18.41
N GLU B 77 13.42 49.46 -17.72
CA GLU B 77 13.40 49.39 -16.28
C GLU B 77 12.90 48.00 -15.89
N ALA B 78 11.92 47.52 -16.64
CA ALA B 78 11.34 46.20 -16.39
C ALA B 78 12.33 45.05 -16.65
N ASP B 79 13.00 45.07 -17.80
CA ASP B 79 13.97 44.03 -18.13
C ASP B 79 15.09 44.00 -17.09
N TYR B 80 15.49 45.18 -16.65
CA TYR B 80 16.55 45.29 -15.67
C TYR B 80 16.16 44.65 -14.35
N GLN B 81 14.97 45.01 -13.84
CA GLN B 81 14.54 44.42 -12.58
C GLN B 81 14.42 42.91 -12.78
N SER B 82 13.98 42.52 -13.96
CA SER B 82 13.82 41.11 -14.29
C SER B 82 15.17 40.41 -14.22
N ALA B 83 16.14 40.97 -14.95
CA ALA B 83 17.49 40.41 -14.98
C ALA B 83 18.00 40.22 -13.55
N GLN B 84 17.97 41.29 -12.76
CA GLN B 84 18.45 41.23 -11.39
C GLN B 84 17.80 40.13 -10.58
N ALA B 85 16.52 39.90 -10.82
CA ALA B 85 15.80 38.86 -10.11
C ALA B 85 16.50 37.56 -10.40
N ASN B 86 16.70 37.33 -11.71
CA ASN B 86 17.35 36.12 -12.19
C ASN B 86 18.73 35.93 -11.57
N LEU B 87 19.57 36.94 -11.66
CA LEU B 87 20.91 36.87 -11.09
C LEU B 87 20.83 36.50 -9.62
N ALA B 88 20.07 37.27 -8.86
CA ALA B 88 19.91 37.00 -7.43
C ALA B 88 19.70 35.52 -7.22
N SER B 89 18.86 34.94 -8.08
CA SER B 89 18.54 33.52 -8.02
C SER B 89 19.74 32.64 -8.31
N THR B 90 20.19 32.65 -9.56
CA THR B 90 21.32 31.85 -10.00
C THR B 90 22.54 31.99 -9.08
N GLN B 91 22.87 33.22 -8.71
CA GLN B 91 24.02 33.46 -7.84
C GLN B 91 23.95 32.58 -6.61
N GLU B 92 22.84 32.65 -5.90
CA GLU B 92 22.66 31.83 -4.70
C GLU B 92 22.88 30.37 -5.08
N GLN B 93 22.11 29.91 -6.06
CA GLN B 93 22.19 28.54 -6.56
C GLN B 93 23.64 28.10 -6.70
N ALA B 94 24.44 28.94 -7.34
CA ALA B 94 25.86 28.66 -7.53
C ALA B 94 26.60 28.59 -6.19
N GLN B 95 26.63 29.70 -5.47
CA GLN B 95 27.30 29.75 -4.17
C GLN B 95 27.01 28.51 -3.32
N ARG B 96 25.79 28.00 -3.43
CA ARG B 96 25.44 26.80 -2.67
C ARG B 96 26.18 25.61 -3.26
N TYR B 97 25.98 25.37 -4.55
CA TYR B 97 26.64 24.27 -5.25
C TYR B 97 28.15 24.29 -5.08
N LYS B 98 28.72 25.47 -4.84
CA LYS B 98 30.16 25.57 -4.69
C LYS B 98 30.63 24.86 -3.42
N LEU B 99 29.72 24.73 -2.45
CA LEU B 99 30.08 24.05 -1.22
C LEU B 99 29.68 22.58 -1.24
N LEU B 100 28.89 22.19 -2.24
CA LEU B 100 28.46 20.80 -2.35
C LEU B 100 29.49 19.93 -3.07
N VAL B 101 30.17 20.50 -4.07
CA VAL B 101 31.22 19.75 -4.76
C VAL B 101 32.33 19.61 -3.73
N ALA B 102 32.52 20.65 -2.94
CA ALA B 102 33.52 20.67 -1.89
C ALA B 102 33.39 19.42 -1.03
N ASP B 103 32.20 18.85 -0.99
CA ASP B 103 31.94 17.66 -0.21
C ASP B 103 31.41 16.52 -1.06
N GLN B 104 31.81 16.50 -2.33
CA GLN B 104 31.38 15.43 -3.23
C GLN B 104 29.86 15.33 -3.34
N ALA B 105 29.15 16.16 -2.58
CA ALA B 105 27.68 16.16 -2.59
C ALA B 105 27.09 16.42 -3.97
N VAL B 106 27.91 16.90 -4.89
CA VAL B 106 27.44 17.18 -6.24
C VAL B 106 28.59 17.12 -7.25
N SER B 107 28.30 16.61 -8.44
CA SER B 107 29.32 16.46 -9.48
C SER B 107 29.89 17.79 -9.93
N LYS B 108 31.14 17.75 -10.39
CA LYS B 108 31.81 18.95 -10.88
C LYS B 108 31.00 19.49 -12.05
N GLN B 109 30.35 18.60 -12.79
CA GLN B 109 29.54 19.00 -13.93
C GLN B 109 28.44 19.93 -13.48
N GLN B 110 27.69 19.49 -12.48
CA GLN B 110 26.58 20.27 -11.94
C GLN B 110 27.07 21.64 -11.49
N TYR B 111 28.08 21.66 -10.63
CA TYR B 111 28.60 22.95 -10.18
C TYR B 111 29.03 23.82 -11.35
N ALA B 112 29.49 23.17 -12.41
CA ALA B 112 29.92 23.90 -13.58
C ALA B 112 28.70 24.56 -14.20
N ASP B 113 27.74 23.73 -14.61
CA ASP B 113 26.51 24.26 -15.21
C ASP B 113 25.97 25.40 -14.36
N ALA B 114 26.07 25.24 -13.05
CA ALA B 114 25.58 26.24 -12.13
C ALA B 114 26.32 27.54 -12.35
N ASN B 115 27.60 27.56 -11.97
CA ASN B 115 28.42 28.75 -12.12
C ASN B 115 28.34 29.28 -13.55
N ALA B 116 27.94 28.42 -14.48
CA ALA B 116 27.80 28.82 -15.87
C ALA B 116 26.65 29.82 -15.98
N ALA B 117 25.46 29.40 -15.54
CA ALA B 117 24.28 30.25 -15.59
C ALA B 117 24.51 31.52 -14.77
N TYR B 118 25.19 31.38 -13.63
CA TYR B 118 25.45 32.53 -12.79
C TYR B 118 26.17 33.61 -13.56
N LEU B 119 27.16 33.20 -14.36
CA LEU B 119 27.91 34.16 -15.16
C LEU B 119 27.03 34.77 -16.22
N GLN B 120 26.25 33.93 -16.89
CA GLN B 120 25.34 34.42 -17.92
C GLN B 120 24.46 35.52 -17.34
N SER B 121 23.93 35.27 -16.14
CA SER B 121 23.05 36.24 -15.48
C SER B 121 23.80 37.53 -15.27
N LYS B 122 24.85 37.45 -14.46
CA LYS B 122 25.66 38.61 -14.15
C LYS B 122 25.89 39.41 -15.43
N ALA B 123 26.11 38.71 -16.52
CA ALA B 123 26.34 39.36 -17.80
C ALA B 123 25.10 40.16 -18.20
N ALA B 124 23.96 39.45 -18.30
CA ALA B 124 22.67 40.05 -18.68
C ALA B 124 22.31 41.29 -17.87
N VAL B 125 22.49 41.21 -16.56
CA VAL B 125 22.16 42.35 -15.73
C VAL B 125 22.96 43.56 -16.16
N GLU B 126 24.27 43.37 -16.30
CA GLU B 126 25.12 44.48 -16.68
C GLU B 126 24.66 45.12 -17.98
N GLN B 127 24.23 44.29 -18.93
CA GLN B 127 23.78 44.80 -20.21
C GLN B 127 22.44 45.52 -20.04
N ALA B 128 21.61 45.02 -19.13
CA ALA B 128 20.32 45.62 -18.87
C ALA B 128 20.59 46.99 -18.28
N ARG B 129 21.46 47.04 -17.27
CA ARG B 129 21.82 48.27 -16.59
C ARG B 129 22.19 49.36 -17.58
N ILE B 130 23.10 49.02 -18.48
CA ILE B 130 23.56 49.95 -19.48
C ILE B 130 22.43 50.51 -20.36
N ASN B 131 21.55 49.65 -20.85
CA ASN B 131 20.45 50.14 -21.68
C ASN B 131 19.52 51.05 -20.92
N LEU B 132 19.29 50.73 -19.66
CA LEU B 132 18.41 51.56 -18.85
C LEU B 132 19.01 52.94 -18.71
N ARG B 133 20.31 52.97 -18.41
CA ARG B 133 21.03 54.22 -18.23
C ARG B 133 20.91 55.09 -19.46
N TYR B 134 20.95 54.47 -20.64
CA TYR B 134 20.87 55.26 -21.84
C TYR B 134 19.51 55.88 -22.10
N THR B 135 18.52 55.56 -21.29
CA THR B 135 17.18 56.12 -21.51
C THR B 135 17.20 57.57 -21.09
N LYS B 136 18.26 57.91 -20.37
CA LYS B 136 18.52 59.29 -19.89
C LYS B 136 19.64 59.88 -20.75
N VAL B 137 19.24 60.66 -21.74
CA VAL B 137 20.18 61.28 -22.67
C VAL B 137 20.85 62.47 -22.03
N LEU B 138 22.18 62.46 -22.01
CA LEU B 138 22.93 63.55 -21.38
C LEU B 138 23.73 64.42 -22.34
N SER B 139 23.89 65.68 -21.96
CA SER B 139 24.66 66.60 -22.78
C SER B 139 26.10 66.18 -22.56
N PRO B 140 26.84 65.95 -23.65
CA PRO B 140 28.25 65.53 -23.57
C PRO B 140 29.24 66.61 -23.17
N ILE B 141 28.82 67.87 -23.30
CA ILE B 141 29.69 68.98 -23.00
C ILE B 141 28.83 70.14 -22.50
N SER B 142 29.43 71.04 -21.72
CA SER B 142 28.69 72.20 -21.21
C SER B 142 28.67 73.17 -22.37
N GLY B 143 27.53 73.86 -22.55
CA GLY B 143 27.41 74.79 -23.65
C GLY B 143 25.99 75.26 -23.87
N ARG B 144 25.76 75.82 -25.05
CA ARG B 144 24.44 76.32 -25.40
C ARG B 144 23.77 75.31 -26.33
N ILE B 145 22.54 74.95 -26.03
CA ILE B 145 21.82 73.99 -26.87
C ILE B 145 20.74 74.71 -27.65
N GLY B 146 20.70 74.44 -28.95
CA GLY B 146 19.73 75.09 -29.81
C GLY B 146 18.33 74.50 -29.78
N ARG B 147 17.73 74.38 -30.97
CA ARG B 147 16.39 73.82 -31.10
C ARG B 147 16.50 72.29 -31.04
N SER B 148 15.41 71.63 -30.67
CA SER B 148 15.38 70.17 -30.58
C SER B 148 14.84 69.54 -31.87
N ALA B 149 15.71 68.83 -32.60
CA ALA B 149 15.33 68.18 -33.85
C ALA B 149 14.18 67.19 -33.68
N VAL B 150 14.14 66.58 -32.51
CA VAL B 150 13.14 65.59 -32.17
C VAL B 150 11.98 66.19 -31.40
N THR B 151 10.79 65.75 -31.74
CA THR B 151 9.58 66.22 -31.08
C THR B 151 9.24 65.30 -29.90
N GLU B 152 8.55 65.86 -28.93
CA GLU B 152 8.14 65.09 -27.77
C GLU B 152 7.23 63.99 -28.28
N GLY B 153 7.54 62.75 -27.91
CA GLY B 153 6.72 61.63 -28.34
C GLY B 153 7.24 60.90 -29.57
N ALA B 154 8.13 61.53 -30.34
CA ALA B 154 8.68 60.90 -31.51
C ALA B 154 9.45 59.65 -31.10
N LEU B 155 9.82 58.84 -32.09
CA LEU B 155 10.53 57.58 -31.84
C LEU B 155 11.99 57.65 -32.23
N VAL B 156 12.87 57.25 -31.33
CA VAL B 156 14.29 57.27 -31.66
C VAL B 156 14.87 55.87 -31.60
N THR B 157 15.83 55.63 -32.48
CA THR B 157 16.49 54.35 -32.53
C THR B 157 17.98 54.49 -32.46
N ASN B 158 18.59 53.64 -31.64
CA ASN B 158 20.03 53.65 -31.52
C ASN B 158 20.57 53.56 -32.94
N GLY B 159 21.75 54.12 -33.16
CA GLY B 159 22.32 54.08 -34.49
C GLY B 159 21.74 55.01 -35.52
N GLN B 160 20.57 55.60 -35.26
CA GLN B 160 19.98 56.48 -36.27
C GLN B 160 20.92 57.52 -36.85
N ALA B 161 20.60 58.02 -38.04
CA ALA B 161 21.43 59.00 -38.73
C ALA B 161 21.47 60.39 -38.12
N ASN B 162 20.32 61.01 -37.98
CA ASN B 162 20.25 62.36 -37.42
C ASN B 162 20.50 62.46 -35.92
N ALA B 163 20.98 63.63 -35.48
CA ALA B 163 21.24 63.88 -34.08
C ALA B 163 20.00 64.57 -33.54
N MET B 164 19.67 64.33 -32.27
CA MET B 164 18.46 64.92 -31.70
C MET B 164 18.58 66.42 -31.49
N ALA B 165 19.78 66.86 -31.12
CA ALA B 165 20.08 68.28 -30.87
C ALA B 165 21.59 68.52 -30.86
N THR B 166 21.98 69.77 -31.08
CA THR B 166 23.40 70.13 -31.05
C THR B 166 23.67 71.10 -29.92
N VAL B 167 24.84 70.97 -29.30
CA VAL B 167 25.24 71.84 -28.20
C VAL B 167 26.60 72.46 -28.51
N GLN B 168 26.61 73.76 -28.74
CA GLN B 168 27.85 74.49 -29.06
C GLN B 168 28.35 75.32 -27.88
N GLN B 169 29.66 75.38 -27.70
CA GLN B 169 30.22 76.21 -26.63
C GLN B 169 30.57 77.55 -27.31
N LEU B 170 30.04 78.64 -26.78
CA LEU B 170 30.29 79.93 -27.39
C LEU B 170 31.10 80.93 -26.57
N ASP B 171 31.53 80.50 -25.38
CA ASP B 171 32.30 81.34 -24.49
C ASP B 171 33.42 80.51 -23.88
N PRO B 172 34.66 80.73 -24.33
CA PRO B 172 35.08 81.70 -25.35
C PRO B 172 34.58 81.30 -26.73
N ILE B 173 34.87 82.11 -27.72
CA ILE B 173 34.47 81.81 -29.08
C ILE B 173 35.70 81.97 -29.95
N TYR B 174 35.82 81.16 -30.99
CA TYR B 174 36.97 81.23 -31.86
C TYR B 174 36.76 82.22 -32.99
N VAL B 175 37.87 82.63 -33.58
CA VAL B 175 37.84 83.52 -34.73
C VAL B 175 38.92 82.96 -35.64
N ASP B 176 38.48 82.25 -36.67
CA ASP B 176 39.39 81.65 -37.62
C ASP B 176 39.93 82.71 -38.54
N VAL B 177 41.25 82.85 -38.54
CA VAL B 177 41.92 83.83 -39.38
C VAL B 177 42.85 83.13 -40.35
N THR B 178 42.73 83.51 -41.62
CA THR B 178 43.52 82.93 -42.69
C THR B 178 44.53 83.93 -43.25
N GLN B 179 45.81 83.55 -43.19
CA GLN B 179 46.89 84.42 -43.68
C GLN B 179 47.86 83.62 -44.55
N PRO B 180 48.42 84.26 -45.58
CA PRO B 180 49.36 83.55 -46.47
C PRO B 180 50.61 83.17 -45.67
N SER B 181 51.05 81.93 -45.81
CA SER B 181 52.21 81.40 -45.09
C SER B 181 53.20 82.47 -44.63
N THR B 182 53.75 83.20 -45.59
CA THR B 182 54.72 84.26 -45.29
C THR B 182 54.21 85.19 -44.20
N ALA B 183 53.04 85.79 -44.43
CA ALA B 183 52.43 86.71 -43.48
C ALA B 183 52.51 86.16 -42.07
N LEU B 184 52.09 84.91 -41.89
CA LEU B 184 52.12 84.28 -40.58
C LEU B 184 53.56 84.31 -40.05
N LEU B 185 54.50 83.93 -40.92
CA LEU B 185 55.90 83.89 -40.56
C LEU B 185 56.34 85.27 -40.08
N ARG B 186 55.88 86.31 -40.76
CA ARG B 186 56.21 87.68 -40.39
C ARG B 186 55.78 87.97 -38.96
N LEU B 187 54.48 87.81 -38.70
CA LEU B 187 53.93 88.05 -37.38
C LEU B 187 54.61 87.23 -36.31
N ARG B 188 54.98 85.99 -36.64
CA ARG B 188 55.65 85.13 -35.66
C ARG B 188 56.95 85.78 -35.23
N ARG B 189 57.63 86.41 -36.19
CA ARG B 189 58.88 87.09 -35.92
C ARG B 189 58.63 88.22 -34.94
N GLU B 190 57.81 89.17 -35.38
CA GLU B 190 57.45 90.33 -34.57
C GLU B 190 57.09 89.95 -33.13
N LEU B 191 56.48 88.78 -32.96
CA LEU B 191 56.12 88.35 -31.62
C LEU B 191 57.40 88.14 -30.83
N ALA B 192 58.25 87.24 -31.33
CA ALA B 192 59.51 86.92 -30.69
C ALA B 192 60.34 88.18 -30.52
N SER B 193 60.36 89.01 -31.56
CA SER B 193 61.09 90.27 -31.53
C SER B 193 60.65 91.07 -30.30
N GLY B 194 59.46 91.66 -30.38
CA GLY B 194 58.93 92.44 -29.29
C GLY B 194 57.99 93.47 -29.87
N GLN B 195 57.96 93.52 -31.19
CA GLN B 195 57.13 94.46 -31.93
C GLN B 195 55.62 94.23 -31.75
N LEU B 196 55.25 93.11 -31.12
CA LEU B 196 53.83 92.77 -30.91
C LEU B 196 53.46 92.58 -29.44
N GLU B 197 52.26 93.04 -29.09
CA GLU B 197 51.74 92.94 -27.73
C GLU B 197 51.61 91.49 -27.30
N ARG B 198 52.63 90.94 -26.66
CA ARG B 198 52.59 89.55 -26.22
C ARG B 198 51.40 89.25 -25.31
N ALA B 199 50.50 88.40 -25.80
CA ALA B 199 49.32 87.99 -25.05
C ALA B 199 49.65 86.72 -24.28
N GLY B 200 50.40 85.82 -24.93
CA GLY B 200 50.78 84.57 -24.30
C GLY B 200 52.05 84.03 -24.90
N ASP B 201 52.55 82.93 -24.33
CA ASP B 201 53.78 82.30 -24.79
C ASP B 201 53.89 82.20 -26.32
N ASN B 202 52.76 82.26 -27.01
CA ASN B 202 52.81 82.19 -28.47
C ASN B 202 51.70 82.97 -29.15
N ALA B 203 51.01 83.82 -28.41
CA ALA B 203 49.93 84.61 -28.97
C ALA B 203 50.06 86.09 -28.59
N ALA B 204 49.50 86.95 -29.43
CA ALA B 204 49.53 88.38 -29.20
C ALA B 204 48.12 88.88 -28.88
N LYS B 205 48.01 89.89 -28.03
CA LYS B 205 46.70 90.43 -27.69
C LYS B 205 46.08 90.98 -28.96
N VAL B 206 44.75 90.93 -29.04
CA VAL B 206 44.06 91.42 -30.23
C VAL B 206 42.66 91.92 -29.92
N SER B 207 42.16 92.80 -30.77
CA SER B 207 40.83 93.36 -30.60
C SER B 207 39.99 92.91 -31.79
N LEU B 208 38.67 93.02 -31.67
CA LEU B 208 37.80 92.59 -32.76
C LEU B 208 36.85 93.66 -33.27
N LYS B 209 36.72 93.75 -34.59
CA LYS B 209 35.81 94.71 -35.19
C LYS B 209 34.73 93.96 -35.97
N LEU B 210 33.49 94.09 -35.53
CA LEU B 210 32.35 93.41 -36.17
C LEU B 210 32.07 93.90 -37.59
N GLU B 211 31.22 93.17 -38.30
CA GLU B 211 30.87 93.51 -39.68
C GLU B 211 30.16 94.85 -39.83
N ASP B 212 29.57 95.35 -38.75
CA ASP B 212 28.88 96.63 -38.83
C ASP B 212 29.85 97.75 -38.49
N GLY B 213 31.09 97.38 -38.21
CA GLY B 213 32.10 98.36 -37.88
C GLY B 213 32.29 98.53 -36.39
N SER B 214 31.31 98.10 -35.60
CA SER B 214 31.39 98.21 -34.15
C SER B 214 32.68 97.61 -33.60
N GLN B 215 33.07 98.05 -32.41
CA GLN B 215 34.28 97.56 -31.78
C GLN B 215 33.90 96.69 -30.59
N TYR B 216 34.12 95.39 -30.71
CA TYR B 216 33.78 94.49 -29.61
C TYR B 216 34.59 94.86 -28.38
N PRO B 217 33.90 95.20 -27.28
CA PRO B 217 34.51 95.59 -26.01
C PRO B 217 35.67 94.73 -25.52
N LEU B 218 35.43 93.46 -25.23
CA LEU B 218 36.49 92.60 -24.73
C LEU B 218 37.64 92.40 -25.70
N GLU B 219 38.79 92.01 -25.14
CA GLU B 219 40.01 91.78 -25.91
C GLU B 219 40.38 90.31 -25.82
N GLY B 220 41.03 89.79 -26.87
CA GLY B 220 41.41 88.39 -26.85
C GLY B 220 42.75 88.01 -27.43
N ARG B 221 43.13 86.75 -27.20
CA ARG B 221 44.39 86.17 -27.68
C ARG B 221 44.33 85.71 -29.13
N LEU B 222 45.45 85.86 -29.84
CA LEU B 222 45.53 85.40 -31.21
C LEU B 222 46.66 84.40 -31.26
N GLU B 223 46.36 83.14 -30.95
CA GLU B 223 47.34 82.07 -30.95
C GLU B 223 47.97 81.94 -32.34
N PHE B 224 49.28 81.68 -32.39
CA PHE B 224 49.96 81.56 -33.66
C PHE B 224 50.18 80.14 -34.16
N SER B 225 49.89 79.15 -33.32
CA SER B 225 50.06 77.76 -33.74
C SER B 225 49.06 77.51 -34.87
N GLU B 226 49.55 77.10 -36.03
CA GLU B 226 48.69 76.84 -37.18
C GLU B 226 47.72 75.72 -36.88
N VAL B 227 46.52 75.80 -37.45
CA VAL B 227 45.51 74.76 -37.22
C VAL B 227 45.25 73.96 -38.49
N SER B 228 45.35 74.63 -39.63
CA SER B 228 45.12 73.96 -40.92
C SER B 228 45.82 74.73 -42.02
N VAL B 229 46.16 74.03 -43.09
CA VAL B 229 46.83 74.65 -44.23
C VAL B 229 46.18 74.22 -45.53
N ASP B 230 45.88 75.20 -46.39
CA ASP B 230 45.27 74.89 -47.66
C ASP B 230 46.44 74.63 -48.61
N GLU B 231 47.00 73.43 -48.55
CA GLU B 231 48.13 73.05 -49.40
C GLU B 231 47.92 73.49 -50.85
N GLY B 232 46.67 73.73 -51.21
CA GLY B 232 46.36 74.18 -52.56
C GLY B 232 46.84 75.59 -52.78
N THR B 233 46.33 76.51 -51.96
CA THR B 233 46.72 77.93 -52.05
C THR B 233 47.86 78.26 -51.09
N GLY B 234 48.32 77.26 -50.35
CA GLY B 234 49.40 77.47 -49.40
C GLY B 234 48.99 78.28 -48.18
N SER B 235 47.78 78.83 -48.20
CA SER B 235 47.26 79.64 -47.10
C SER B 235 47.26 78.91 -45.76
N VAL B 236 47.38 79.67 -44.68
CA VAL B 236 47.38 79.08 -43.34
C VAL B 236 46.24 79.66 -42.52
N THR B 237 45.72 78.86 -41.60
CA THR B 237 44.63 79.32 -40.76
C THR B 237 44.98 79.20 -39.30
N ILE B 238 44.87 80.32 -38.59
CA ILE B 238 45.16 80.36 -37.17
C ILE B 238 43.92 80.87 -36.46
N ARG B 239 43.86 80.67 -35.15
CA ARG B 239 42.69 81.08 -34.37
C ARG B 239 42.89 82.08 -33.26
N ALA B 240 41.95 83.01 -33.19
CA ALA B 240 41.95 84.01 -32.15
C ALA B 240 40.93 83.49 -31.15
N VAL B 241 41.08 83.86 -29.87
CA VAL B 241 40.16 83.40 -28.84
C VAL B 241 39.62 84.54 -27.99
N PHE B 242 38.39 84.96 -28.27
CA PHE B 242 37.75 86.03 -27.53
C PHE B 242 36.73 85.59 -26.49
N PRO B 243 36.59 86.34 -25.40
CA PRO B 243 35.63 85.99 -24.36
C PRO B 243 34.26 86.49 -24.84
N ASN B 244 33.23 85.69 -24.64
CA ASN B 244 31.89 86.05 -25.08
C ASN B 244 30.89 85.64 -24.00
N PRO B 245 30.92 86.33 -22.85
CA PRO B 245 30.04 86.06 -21.70
C PRO B 245 28.60 86.52 -21.82
N ASN B 246 28.30 87.30 -22.85
CA ASN B 246 26.93 87.77 -23.02
C ASN B 246 26.31 87.25 -24.31
N ASN B 247 27.05 86.35 -24.97
CA ASN B 247 26.60 85.76 -26.21
C ASN B 247 26.40 86.78 -27.32
N GLU B 248 27.04 87.93 -27.18
CA GLU B 248 26.94 88.95 -28.21
C GLU B 248 27.50 88.36 -29.50
N LEU B 249 28.51 87.50 -29.35
CA LEU B 249 29.15 86.89 -30.50
C LEU B 249 28.56 85.55 -30.88
N LEU B 250 28.26 85.38 -32.17
CA LEU B 250 27.70 84.14 -32.68
C LEU B 250 28.50 83.64 -33.86
N PRO B 251 28.52 82.32 -34.06
CA PRO B 251 29.28 81.75 -35.18
C PRO B 251 28.83 82.29 -36.53
N GLY B 252 29.73 82.27 -37.51
CA GLY B 252 29.39 82.73 -38.84
C GLY B 252 29.52 84.21 -39.10
N MET B 253 29.95 84.98 -38.11
CA MET B 253 30.12 86.42 -38.28
C MET B 253 31.43 86.71 -39.00
N PHE B 254 31.35 87.52 -40.05
CA PHE B 254 32.56 87.88 -40.78
C PHE B 254 33.15 89.04 -39.99
N VAL B 255 34.38 88.87 -39.51
CA VAL B 255 35.00 89.92 -38.72
C VAL B 255 36.47 90.14 -39.04
N HIS B 256 37.06 91.11 -38.36
CA HIS B 256 38.47 91.45 -38.51
C HIS B 256 39.15 91.51 -37.17
N ALA B 257 40.26 90.81 -37.04
CA ALA B 257 41.02 90.82 -35.81
C ALA B 257 41.99 91.96 -36.01
N GLN B 258 41.95 92.94 -35.12
CA GLN B 258 42.83 94.10 -35.23
C GLN B 258 44.10 93.88 -34.44
N LEU B 259 45.22 93.93 -35.14
CA LEU B 259 46.51 93.74 -34.51
C LEU B 259 47.35 94.96 -34.67
N GLN B 260 48.04 95.25 -33.58
CA GLN B 260 48.89 96.42 -33.53
C GLN B 260 50.35 96.03 -33.59
N GLU B 261 50.97 96.32 -34.74
CA GLU B 261 52.39 96.02 -34.91
C GLU B 261 53.20 97.26 -34.47
N GLY B 262 54.18 97.03 -33.60
CA GLY B 262 54.99 98.12 -33.08
C GLY B 262 56.11 98.66 -33.95
N VAL B 263 55.73 99.43 -34.96
CA VAL B 263 56.68 100.05 -35.88
C VAL B 263 56.06 101.31 -36.48
N LYS B 264 56.85 102.36 -36.60
CA LYS B 264 56.35 103.59 -37.18
C LYS B 264 55.78 103.20 -38.53
N GLN B 265 54.46 103.09 -38.57
CA GLN B 265 53.79 102.72 -39.81
C GLN B 265 53.65 103.97 -40.67
N LYS B 266 54.26 103.93 -41.84
CA LYS B 266 54.22 105.06 -42.76
C LYS B 266 53.28 104.78 -43.93
N ALA B 267 52.46 105.77 -44.28
CA ALA B 267 51.52 105.64 -45.38
C ALA B 267 51.18 107.00 -45.97
N ILE B 268 50.86 107.03 -47.26
CA ILE B 268 50.52 108.27 -47.94
C ILE B 268 49.13 108.78 -47.51
N LEU B 269 49.11 109.99 -46.96
CA LEU B 269 47.86 110.61 -46.50
C LEU B 269 47.54 111.80 -47.39
N ALA B 270 46.96 111.53 -48.56
CA ALA B 270 46.60 112.57 -49.51
C ALA B 270 45.37 113.39 -49.08
N PRO B 271 45.53 114.70 -48.89
CA PRO B 271 44.43 115.58 -48.49
C PRO B 271 43.24 115.51 -49.43
N GLN B 272 42.04 115.57 -48.86
CA GLN B 272 40.81 115.50 -49.65
C GLN B 272 40.66 116.69 -50.58
N GLN B 273 41.41 117.75 -50.29
CA GLN B 273 41.37 118.97 -51.10
C GLN B 273 41.91 118.70 -52.49
N GLY B 274 42.28 117.45 -52.76
CA GLY B 274 42.82 117.09 -54.05
C GLY B 274 42.36 115.72 -54.54
N VAL B 275 41.12 115.35 -54.18
CA VAL B 275 40.55 114.07 -54.57
C VAL B 275 39.04 114.19 -54.77
N THR B 276 38.46 113.32 -55.59
CA THR B 276 37.02 113.34 -55.85
C THR B 276 36.43 111.93 -55.81
N ARG B 277 35.13 111.82 -55.59
CA ARG B 277 34.46 110.53 -55.54
C ARG B 277 33.31 110.44 -56.53
N ASP B 278 33.60 109.97 -57.75
CA ASP B 278 32.58 109.82 -58.78
C ASP B 278 31.70 108.62 -58.51
N LEU B 279 30.43 108.69 -58.92
CA LEU B 279 29.49 107.61 -58.70
C LEU B 279 29.31 107.39 -57.20
N LYS B 280 29.66 108.42 -56.42
CA LYS B 280 29.57 108.39 -54.97
C LYS B 280 30.28 107.16 -54.39
N GLY B 281 31.55 107.00 -54.76
CA GLY B 281 32.32 105.86 -54.28
C GLY B 281 33.73 105.82 -54.86
N GLN B 282 33.82 105.57 -56.17
CA GLN B 282 35.11 105.48 -56.85
C GLN B 282 35.98 106.72 -56.61
N ALA B 283 37.23 106.49 -56.22
CA ALA B 283 38.16 107.57 -55.95
C ALA B 283 39.11 107.82 -57.12
N THR B 284 39.11 109.06 -57.62
CA THR B 284 39.96 109.43 -58.74
C THR B 284 40.73 110.72 -58.42
N ALA B 285 42.01 110.74 -58.77
CA ALA B 285 42.86 111.90 -58.52
C ALA B 285 43.60 112.36 -59.78
N LEU B 286 44.15 113.56 -59.73
CA LEU B 286 44.88 114.14 -60.86
C LEU B 286 46.27 114.59 -60.41
N VAL B 287 47.30 113.93 -60.93
CA VAL B 287 48.69 114.26 -60.60
C VAL B 287 49.49 114.57 -61.85
N VAL B 288 50.65 115.20 -61.68
CA VAL B 288 51.52 115.55 -62.79
C VAL B 288 52.75 114.65 -62.85
N ASN B 289 52.88 113.91 -63.96
CA ASN B 289 54.00 112.99 -64.14
C ASN B 289 55.32 113.73 -64.34
N ALA B 290 56.40 112.97 -64.48
CA ALA B 290 57.73 113.53 -64.68
C ALA B 290 57.79 114.34 -65.98
N GLN B 291 56.96 113.96 -66.94
CA GLN B 291 56.90 114.64 -68.23
C GLN B 291 56.09 115.93 -68.11
N ASN B 292 56.01 116.46 -66.90
CA ASN B 292 55.27 117.69 -66.61
C ASN B 292 53.86 117.66 -67.17
N LYS B 293 53.38 116.46 -67.47
CA LYS B 293 52.03 116.28 -68.00
C LYS B 293 51.12 115.65 -66.93
N VAL B 294 49.85 116.04 -66.92
CA VAL B 294 48.90 115.52 -65.95
C VAL B 294 48.31 114.17 -66.37
N GLU B 295 48.28 113.23 -65.42
CA GLU B 295 47.75 111.90 -65.66
C GLU B 295 46.50 111.66 -64.82
N LEU B 296 45.85 110.52 -65.03
CA LEU B 296 44.65 110.18 -64.28
C LEU B 296 44.74 108.78 -63.68
N ARG B 297 45.08 108.71 -62.39
CA ARG B 297 45.21 107.43 -61.70
C ARG B 297 44.12 107.26 -60.64
N VAL B 298 43.59 106.05 -60.54
CA VAL B 298 42.56 105.74 -59.57
C VAL B 298 43.18 105.28 -58.25
N ILE B 299 42.84 105.97 -57.16
CA ILE B 299 43.36 105.63 -55.84
C ILE B 299 42.37 104.82 -55.00
N LYS B 300 42.88 104.19 -53.95
CA LYS B 300 42.04 103.37 -53.07
C LYS B 300 42.06 103.89 -51.64
N ALA B 301 41.61 105.13 -51.45
CA ALA B 301 41.56 105.76 -50.13
C ALA B 301 40.22 105.43 -49.47
N ASP B 302 40.28 104.87 -48.27
CA ASP B 302 39.06 104.49 -47.56
C ASP B 302 38.81 105.28 -46.27
N ARG B 303 39.84 105.38 -45.43
CA ARG B 303 39.73 106.10 -44.16
C ARG B 303 39.84 107.61 -44.33
N VAL B 304 39.61 108.34 -43.24
CA VAL B 304 39.67 109.79 -43.24
C VAL B 304 40.30 110.30 -41.95
N ILE B 305 41.57 110.70 -42.02
CA ILE B 305 42.29 111.22 -40.86
C ILE B 305 42.45 112.74 -40.95
N GLY B 306 41.82 113.46 -40.02
CA GLY B 306 41.91 114.90 -40.01
C GLY B 306 41.23 115.57 -41.19
N ASP B 307 42.01 115.81 -42.24
CA ASP B 307 41.49 116.42 -43.46
C ASP B 307 42.08 115.70 -44.67
N LYS B 308 42.92 114.70 -44.40
CA LYS B 308 43.56 113.91 -45.44
C LYS B 308 42.93 112.51 -45.52
N TRP B 309 43.19 111.80 -46.62
CA TRP B 309 42.66 110.46 -46.83
C TRP B 309 43.78 109.42 -46.97
N LEU B 310 43.68 108.34 -46.21
CA LEU B 310 44.68 107.27 -46.23
C LEU B 310 44.57 106.43 -47.50
N VAL B 311 45.39 106.76 -48.50
CA VAL B 311 45.39 106.03 -49.76
C VAL B 311 46.13 104.69 -49.59
N THR B 312 45.37 103.59 -49.62
CA THR B 312 45.93 102.26 -49.46
C THR B 312 46.71 101.83 -50.69
N GLU B 313 46.20 102.19 -51.87
CA GLU B 313 46.85 101.83 -53.13
C GLU B 313 46.38 102.76 -54.24
N GLY B 314 47.29 103.63 -54.70
CA GLY B 314 46.96 104.55 -55.76
C GLY B 314 48.00 105.65 -55.89
N LEU B 315 48.65 105.99 -54.80
CA LEU B 315 49.68 107.04 -54.79
C LEU B 315 50.84 106.65 -53.87
N ASN B 316 52.03 106.51 -54.46
CA ASN B 316 53.21 106.15 -53.71
C ASN B 316 53.91 107.40 -53.16
N ALA B 317 55.03 107.19 -52.47
CA ALA B 317 55.79 108.30 -51.89
C ALA B 317 56.52 109.10 -52.96
N GLY B 318 56.32 110.42 -52.96
CA GLY B 318 56.97 111.28 -53.92
C GLY B 318 56.03 111.97 -54.89
N ASP B 319 55.02 111.24 -55.35
CA ASP B 319 54.04 111.78 -56.29
C ASP B 319 53.56 113.18 -55.94
N LYS B 320 53.19 113.94 -56.97
CA LYS B 320 52.71 115.32 -56.79
C LYS B 320 51.20 115.38 -57.00
N ILE B 321 50.47 115.74 -55.96
CA ILE B 321 49.02 115.83 -56.03
C ILE B 321 48.52 117.24 -56.34
N ILE B 322 47.80 117.39 -57.44
CA ILE B 322 47.26 118.69 -57.86
C ILE B 322 46.06 119.09 -57.00
N THR B 323 46.24 120.15 -56.21
CA THR B 323 45.18 120.65 -55.35
C THR B 323 44.51 121.90 -55.92
N GLU B 324 45.32 122.94 -56.11
CA GLU B 324 44.82 124.21 -56.65
C GLU B 324 45.07 124.30 -58.16
N GLY B 325 44.09 123.88 -58.94
CA GLY B 325 44.23 123.92 -60.39
C GLY B 325 43.29 122.96 -61.11
N LEU B 326 42.48 122.25 -60.34
CA LEU B 326 41.52 121.30 -60.90
C LEU B 326 40.20 121.98 -61.23
N GLN B 327 40.07 123.23 -60.82
CA GLN B 327 38.85 124.00 -61.07
C GLN B 327 38.57 124.14 -62.56
N PHE B 328 39.59 123.84 -63.37
CA PHE B 328 39.48 123.93 -64.83
C PHE B 328 40.71 123.31 -65.48
N VAL B 329 40.63 122.02 -65.79
CA VAL B 329 41.74 121.31 -66.42
C VAL B 329 41.27 120.06 -67.16
N GLN B 330 42.22 119.20 -67.50
CA GLN B 330 41.92 117.95 -68.21
C GLN B 330 43.17 117.08 -68.28
N PRO B 331 43.00 115.75 -68.30
CA PRO B 331 44.11 114.80 -68.36
C PRO B 331 44.77 114.74 -69.74
N GLY B 332 46.06 115.05 -69.79
CA GLY B 332 46.79 115.02 -71.05
C GLY B 332 47.47 116.33 -71.40
N VAL B 333 47.49 117.27 -70.46
CA VAL B 333 48.10 118.57 -70.68
C VAL B 333 49.25 118.81 -69.70
N GLU B 334 50.13 119.75 -70.03
CA GLU B 334 51.27 120.10 -69.19
C GLU B 334 50.98 121.36 -68.38
N VAL B 335 51.75 121.55 -67.30
CA VAL B 335 51.56 122.72 -66.45
C VAL B 335 52.79 123.02 -65.59
N LYS B 336 52.68 124.08 -64.78
CA LYS B 336 53.76 124.49 -63.89
C LYS B 336 53.52 124.00 -62.47
N THR B 337 54.59 123.71 -61.75
CA THR B 337 54.48 123.22 -60.38
C THR B 337 54.80 124.30 -59.34
N VAL B 338 53.76 124.87 -58.75
CA VAL B 338 53.92 125.91 -57.73
C VAL B 338 53.35 125.42 -56.40
N PRO B 339 54.22 125.13 -55.43
CA PRO B 339 53.85 124.65 -54.09
C PRO B 339 52.67 125.41 -53.47
N PRO C 13 31.51 127.23 -61.14
CA PRO C 13 31.14 125.97 -60.46
C PRO C 13 29.85 126.09 -59.66
N GLU C 14 28.86 125.27 -59.99
CA GLU C 14 27.57 125.29 -59.30
C GLU C 14 27.09 123.88 -59.00
N VAL C 15 26.30 123.74 -57.94
CA VAL C 15 25.76 122.45 -57.54
C VAL C 15 24.30 122.58 -57.11
N GLY C 16 23.65 121.43 -56.84
CA GLY C 16 22.26 121.44 -56.42
C GLY C 16 22.13 121.03 -54.96
N ILE C 17 22.29 122.01 -54.07
CA ILE C 17 22.20 121.76 -52.63
C ILE C 17 20.77 121.76 -52.10
N VAL C 18 20.57 121.07 -50.98
CA VAL C 18 19.27 120.98 -50.33
C VAL C 18 19.40 121.41 -48.87
N THR C 19 18.52 122.31 -48.45
CA THR C 19 18.54 122.83 -47.08
C THR C 19 18.07 121.78 -46.07
N LEU C 20 18.98 121.32 -45.23
CA LEU C 20 18.64 120.32 -44.22
C LEU C 20 17.88 120.98 -43.07
N GLU C 21 16.74 120.39 -42.71
CA GLU C 21 15.91 120.92 -41.63
C GLU C 21 15.41 119.82 -40.70
N ALA C 22 15.31 120.15 -39.41
CA ALA C 22 14.85 119.19 -38.40
C ALA C 22 13.40 118.76 -38.62
N GLN C 23 13.20 117.45 -38.72
CA GLN C 23 11.86 116.88 -38.91
C GLN C 23 11.53 115.95 -37.74
N THR C 24 10.25 115.67 -37.55
CA THR C 24 9.81 114.78 -36.47
C THR C 24 9.44 113.43 -37.08
N VAL C 25 10.31 112.44 -36.91
CA VAL C 25 10.08 111.10 -37.45
C VAL C 25 9.97 110.00 -36.39
N THR C 26 9.32 108.90 -36.75
CA THR C 26 9.13 107.77 -35.85
C THR C 26 10.01 106.59 -36.25
N LEU C 27 10.62 105.94 -35.27
CA LEU C 27 11.51 104.81 -35.52
C LEU C 27 10.82 103.45 -35.32
N ASN C 28 10.46 102.81 -36.43
CA ASN C 28 9.79 101.51 -36.39
C ASN C 28 10.46 100.54 -37.38
N THR C 29 10.66 99.29 -36.94
CA THR C 29 11.29 98.27 -37.78
C THR C 29 10.39 97.04 -37.96
N GLU C 30 10.38 96.49 -39.18
CA GLU C 30 9.58 95.31 -39.50
C GLU C 30 10.45 94.06 -39.64
N LEU C 31 10.19 93.07 -38.80
CA LEU C 31 10.94 91.81 -38.84
C LEU C 31 10.08 90.69 -39.43
N PRO C 32 10.41 90.25 -40.66
CA PRO C 32 9.66 89.18 -41.32
C PRO C 32 9.89 87.82 -40.63
N GLY C 33 8.88 86.96 -40.67
CA GLY C 33 9.00 85.66 -40.05
C GLY C 33 7.82 84.75 -40.31
N ARG C 34 7.93 83.50 -39.88
CA ARG C 34 6.87 82.53 -40.07
C ARG C 34 6.35 82.08 -38.72
N THR C 35 5.07 81.76 -38.67
CA THR C 35 4.46 81.31 -37.43
C THR C 35 4.82 79.84 -37.23
N ASN C 36 4.89 79.41 -35.97
CA ASN C 36 5.21 78.03 -35.67
C ASN C 36 4.58 77.56 -34.39
N ALA C 37 4.24 76.28 -34.33
CA ALA C 37 3.62 75.74 -33.14
C ALA C 37 4.49 76.01 -31.92
N PHE C 38 3.82 76.29 -30.81
CA PHE C 38 4.50 76.55 -29.56
C PHE C 38 5.22 75.28 -29.10
N ARG C 39 4.52 74.15 -29.17
CA ARG C 39 5.09 72.87 -28.78
C ARG C 39 4.45 71.78 -29.66
N ILE C 40 5.24 70.78 -30.05
CA ILE C 40 4.73 69.70 -30.90
C ILE C 40 5.03 68.31 -30.36
N ALA C 41 4.08 67.40 -30.53
CA ALA C 41 4.25 66.02 -30.09
C ALA C 41 3.66 65.05 -31.10
N GLU C 42 4.19 63.84 -31.10
CA GLU C 42 3.72 62.79 -32.00
C GLU C 42 3.02 61.69 -31.20
N VAL C 43 2.00 61.09 -31.78
CA VAL C 43 1.26 60.02 -31.13
C VAL C 43 1.67 58.70 -31.79
N ARG C 44 2.15 57.75 -30.98
CA ARG C 44 2.65 56.48 -31.51
C ARG C 44 2.29 55.28 -30.67
N PRO C 45 2.20 54.11 -31.29
CA PRO C 45 1.86 52.91 -30.52
C PRO C 45 3.09 52.32 -29.84
N GLN C 46 2.87 51.60 -28.75
CA GLN C 46 3.99 51.00 -28.06
C GLN C 46 3.73 49.54 -27.75
N VAL C 47 2.69 49.00 -28.39
CA VAL C 47 2.33 47.59 -28.29
C VAL C 47 1.73 47.31 -29.64
N ASN C 48 1.74 46.04 -30.03
CA ASN C 48 1.16 45.67 -31.32
C ASN C 48 -0.32 45.39 -31.15
N GLY C 49 -1.10 45.69 -32.19
CA GLY C 49 -2.52 45.44 -32.10
C GLY C 49 -3.40 46.08 -33.16
N ILE C 50 -4.70 46.00 -32.93
CA ILE C 50 -5.67 46.56 -33.85
C ILE C 50 -6.35 47.74 -33.21
N ILE C 51 -6.53 48.81 -33.97
CA ILE C 51 -7.21 49.98 -33.43
C ILE C 51 -8.68 49.69 -33.26
N LEU C 52 -9.21 49.73 -32.04
CA LEU C 52 -10.64 49.52 -31.87
C LEU C 52 -11.33 50.85 -32.13
N LYS C 53 -11.04 51.83 -31.30
CA LYS C 53 -11.66 53.14 -31.46
C LYS C 53 -10.64 54.25 -31.52
N ARG C 54 -11.02 55.33 -32.21
CA ARG C 54 -10.17 56.51 -32.33
C ARG C 54 -10.97 57.63 -31.69
N LEU C 55 -10.97 57.67 -30.36
CA LEU C 55 -11.76 58.66 -29.63
C LEU C 55 -11.37 60.14 -29.58
N PHE C 56 -11.26 60.79 -30.73
CA PHE C 56 -10.95 62.20 -30.76
C PHE C 56 -11.34 62.77 -32.11
N LYS C 57 -11.80 64.02 -32.12
CA LYS C 57 -12.25 64.64 -33.35
C LYS C 57 -11.08 65.25 -34.11
N GLU C 58 -10.87 64.84 -35.35
CA GLU C 58 -9.78 65.40 -36.10
C GLU C 58 -9.97 66.91 -36.09
N GLY C 59 -8.93 67.63 -35.67
CA GLY C 59 -9.00 69.08 -35.61
C GLY C 59 -9.47 69.64 -34.28
N SER C 60 -9.69 68.78 -33.28
CA SER C 60 -10.15 69.27 -31.99
C SER C 60 -9.00 69.63 -31.05
N ASP C 61 -9.33 69.88 -29.79
CA ASP C 61 -8.35 70.22 -28.78
C ASP C 61 -8.30 69.09 -27.78
N VAL C 62 -7.11 68.55 -27.54
CA VAL C 62 -6.95 67.47 -26.58
C VAL C 62 -6.05 67.91 -25.44
N LYS C 63 -6.26 67.31 -24.28
CA LYS C 63 -5.46 67.62 -23.10
C LYS C 63 -4.41 66.53 -22.93
N ALA C 64 -3.21 66.92 -22.54
CA ALA C 64 -2.17 65.92 -22.34
C ALA C 64 -2.68 64.88 -21.33
N GLY C 65 -2.53 63.59 -21.68
CA GLY C 65 -2.99 62.52 -20.81
C GLY C 65 -4.32 61.94 -21.24
N GLN C 66 -4.93 62.59 -22.23
CA GLN C 66 -6.23 62.20 -22.78
C GLN C 66 -6.09 61.00 -23.69
N GLN C 67 -6.91 59.98 -23.49
CA GLN C 67 -6.86 58.80 -24.36
C GLN C 67 -7.23 59.22 -25.77
N LEU C 68 -6.38 58.90 -26.74
CA LEU C 68 -6.66 59.26 -28.12
C LEU C 68 -7.11 58.08 -28.97
N TYR C 69 -6.61 56.90 -28.61
CA TYR C 69 -6.93 55.67 -29.31
C TYR C 69 -7.14 54.57 -28.32
N GLN C 70 -7.63 53.44 -28.80
CA GLN C 70 -7.84 52.28 -27.96
C GLN C 70 -7.50 51.05 -28.76
N ILE C 71 -6.40 50.40 -28.42
CA ILE C 71 -5.99 49.21 -29.10
C ILE C 71 -6.75 48.03 -28.51
N ASP C 72 -7.28 47.15 -29.34
CA ASP C 72 -8.04 46.01 -28.84
C ASP C 72 -7.20 45.33 -27.76
N PRO C 73 -7.62 45.45 -26.50
CA PRO C 73 -6.99 44.92 -25.31
C PRO C 73 -7.36 43.52 -24.92
N ALA C 74 -8.28 42.96 -25.67
CA ALA C 74 -8.79 41.63 -25.37
C ALA C 74 -7.74 40.63 -24.88
N THR C 75 -6.66 40.45 -25.62
CA THR C 75 -5.64 39.48 -25.24
C THR C 75 -4.66 39.98 -24.19
N TYR C 76 -4.30 41.26 -24.26
CA TYR C 76 -3.39 41.84 -23.27
C TYR C 76 -4.07 41.73 -21.92
N GLU C 77 -5.33 42.16 -21.87
CA GLU C 77 -6.07 42.07 -20.63
C GLU C 77 -6.13 40.62 -20.20
N ALA C 78 -6.19 39.72 -21.18
CA ALA C 78 -6.26 38.30 -20.91
C ALA C 78 -4.95 37.77 -20.37
N ASP C 79 -3.85 38.08 -21.06
CA ASP C 79 -2.54 37.62 -20.64
C ASP C 79 -2.22 38.13 -19.23
N TYR C 80 -2.63 39.35 -18.96
CA TYR C 80 -2.38 39.94 -17.66
C TYR C 80 -3.08 39.18 -16.56
N GLN C 81 -4.37 38.93 -16.74
CA GLN C 81 -5.13 38.21 -15.73
C GLN C 81 -4.52 36.84 -15.58
N SER C 82 -4.09 36.28 -16.70
CA SER C 82 -3.47 34.96 -16.69
C SER C 82 -2.20 35.00 -15.83
N ALA C 83 -1.33 35.95 -16.15
CA ALA C 83 -0.09 36.11 -15.42
C ALA C 83 -0.36 36.18 -13.93
N GLN C 84 -1.20 37.14 -13.53
CA GLN C 84 -1.52 37.29 -12.11
C GLN C 84 -2.00 36.00 -11.46
N ALA C 85 -2.74 35.20 -12.21
CA ALA C 85 -3.23 33.94 -11.67
C ALA C 85 -2.00 33.14 -11.27
N ASN C 86 -1.12 32.97 -12.25
CA ASN C 86 0.12 32.24 -12.06
C ASN C 86 0.90 32.74 -10.86
N LEU C 87 1.17 34.03 -10.81
CA LEU C 87 1.92 34.60 -9.69
C LEU C 87 1.27 34.24 -8.38
N ALA C 88 -0.01 34.56 -8.25
CA ALA C 88 -0.74 34.27 -7.01
C ALA C 88 -0.44 32.83 -6.59
N SER C 89 -0.40 31.94 -7.57
CA SER C 89 -0.10 30.53 -7.31
C SER C 89 1.33 30.35 -6.77
N THR C 90 2.31 30.51 -7.65
CA THR C 90 3.71 30.36 -7.31
C THR C 90 4.08 31.08 -6.03
N GLN C 91 3.61 32.31 -5.86
CA GLN C 91 3.94 33.05 -4.66
C GLN C 91 3.62 32.24 -3.42
N GLU C 92 2.38 31.79 -3.33
CA GLU C 92 1.95 31.00 -2.18
C GLU C 92 2.91 29.83 -2.04
N GLN C 93 3.00 29.03 -3.10
CA GLN C 93 3.88 27.86 -3.16
C GLN C 93 5.22 28.15 -2.51
N ALA C 94 5.83 29.28 -2.88
CA ALA C 94 7.11 29.70 -2.34
C ALA C 94 7.00 29.97 -0.86
N GLN C 95 6.20 30.98 -0.50
CA GLN C 95 6.02 31.35 0.90
C GLN C 95 5.86 30.13 1.80
N ARG C 96 5.22 29.09 1.29
CA ARG C 96 5.05 27.89 2.10
C ARG C 96 6.40 27.19 2.23
N TYR C 97 7.00 26.86 1.08
CA TYR C 97 8.31 26.21 1.06
C TYR C 97 9.35 26.95 1.89
N LYS C 98 9.18 28.26 2.04
CA LYS C 98 10.15 29.03 2.80
C LYS C 98 10.14 28.62 4.25
N LEU C 99 9.00 28.08 4.70
CA LEU C 99 8.91 27.66 6.09
C LEU C 99 9.23 26.19 6.25
N LEU C 100 9.27 25.45 5.14
CA LEU C 100 9.58 24.03 5.21
C LEU C 100 11.08 23.76 5.29
N VAL C 101 11.87 24.56 4.59
CA VAL C 101 13.32 24.40 4.66
C VAL C 101 13.69 24.81 6.07
N ALA C 102 12.97 25.81 6.58
CA ALA C 102 13.20 26.31 7.93
C ALA C 102 13.15 25.17 8.91
N ASP C 103 12.45 24.09 8.54
CA ASP C 103 12.33 22.93 9.40
C ASP C 103 12.85 21.66 8.72
N GLN C 104 13.80 21.82 7.82
CA GLN C 104 14.40 20.69 7.10
C GLN C 104 13.34 19.86 6.34
N ALA C 105 12.09 20.27 6.44
CA ALA C 105 11.00 19.57 5.79
C ALA C 105 11.18 19.48 4.27
N VAL C 106 12.07 20.30 3.75
CA VAL C 106 12.30 20.32 2.31
C VAL C 106 13.73 20.80 2.01
N SER C 107 14.34 20.24 0.98
CA SER C 107 15.71 20.59 0.59
C SER C 107 15.83 22.03 0.13
N LYS C 108 17.02 22.59 0.33
CA LYS C 108 17.26 23.97 -0.09
C LYS C 108 17.03 24.07 -1.58
N GLN C 109 17.29 22.97 -2.29
CA GLN C 109 17.13 22.94 -3.74
C GLN C 109 15.68 23.20 -4.12
N GLN C 110 14.78 22.49 -3.45
CA GLN C 110 13.36 22.65 -3.71
C GLN C 110 12.93 24.08 -3.43
N TYR C 111 13.26 24.61 -2.25
CA TYR C 111 12.87 25.98 -1.94
C TYR C 111 13.44 26.94 -2.97
N ALA C 112 14.62 26.60 -3.47
CA ALA C 112 15.26 27.42 -4.47
C ALA C 112 14.39 27.42 -5.72
N ASP C 113 14.18 26.24 -6.30
CA ASP C 113 13.37 26.12 -7.50
C ASP C 113 12.05 26.85 -7.32
N ALA C 114 11.50 26.77 -6.12
CA ALA C 114 10.25 27.43 -5.82
C ALA C 114 10.43 28.93 -5.98
N ASN C 115 11.20 29.53 -5.08
CA ASN C 115 11.41 30.96 -5.14
C ASN C 115 11.83 31.39 -6.53
N ALA C 116 12.40 30.46 -7.27
CA ALA C 116 12.84 30.74 -8.63
C ALA C 116 11.63 31.06 -9.50
N ALA C 117 10.68 30.13 -9.53
CA ALA C 117 9.47 30.32 -10.33
C ALA C 117 8.71 31.55 -9.86
N TYR C 118 8.67 31.76 -8.55
CA TYR C 118 7.97 32.90 -7.99
C TYR C 118 8.49 34.18 -8.61
N LEU C 119 9.80 34.30 -8.71
CA LEU C 119 10.41 35.49 -9.29
C LEU C 119 10.03 35.62 -10.75
N GLN C 120 10.09 34.50 -11.46
CA GLN C 120 9.76 34.50 -12.89
C GLN C 120 8.36 35.06 -13.09
N SER C 121 7.43 34.61 -12.25
CA SER C 121 6.06 35.05 -12.34
C SER C 121 5.99 36.55 -12.11
N LYS C 122 6.41 36.97 -10.93
CA LYS C 122 6.40 38.38 -10.57
C LYS C 122 6.92 39.17 -11.76
N ALA C 123 7.92 38.64 -12.43
CA ALA C 123 8.49 39.31 -13.58
C ALA C 123 7.44 39.46 -14.68
N ALA C 124 6.91 38.32 -15.10
CA ALA C 124 5.90 38.23 -16.16
C ALA C 124 4.70 39.13 -15.95
N VAL C 125 4.21 39.18 -14.72
CA VAL C 125 3.06 40.02 -14.41
C VAL C 125 3.37 41.45 -14.70
N GLU C 126 4.53 41.91 -14.22
CA GLU C 126 4.92 43.29 -14.42
C GLU C 126 4.99 43.64 -15.89
N GLN C 127 5.51 42.73 -16.69
CA GLN C 127 5.60 42.96 -18.12
C GLN C 127 4.21 42.97 -18.74
N ALA C 128 3.34 42.10 -18.24
CA ALA C 128 1.96 42.02 -18.73
C ALA C 128 1.29 43.35 -18.45
N ARG C 129 1.44 43.82 -17.22
CA ARG C 129 0.85 45.09 -16.78
C ARG C 129 1.23 46.23 -17.70
N ILE C 130 2.51 46.33 -18.00
CA ILE C 130 2.99 47.39 -18.86
C ILE C 130 2.36 47.35 -20.25
N ASN C 131 2.33 46.16 -20.88
CA ASN C 131 1.73 46.07 -22.22
C ASN C 131 0.26 46.45 -22.19
N LEU C 132 -0.45 46.00 -21.17
CA LEU C 132 -1.86 46.33 -21.08
C LEU C 132 -2.02 47.83 -21.03
N ARG C 133 -1.22 48.48 -20.18
CA ARG C 133 -1.28 49.93 -20.02
C ARG C 133 -1.10 50.64 -21.34
N TYR C 134 -0.20 50.13 -22.18
CA TYR C 134 0.04 50.76 -23.46
C TYR C 134 -1.10 50.64 -24.48
N THR C 135 -2.11 49.84 -24.17
CA THR C 135 -3.24 49.71 -25.10
C THR C 135 -4.03 50.99 -25.12
N LYS C 136 -3.85 51.82 -24.09
CA LYS C 136 -4.54 53.11 -24.08
C LYS C 136 -3.55 54.15 -24.53
N VAL C 137 -3.73 54.61 -25.77
CA VAL C 137 -2.84 55.59 -26.37
C VAL C 137 -3.30 57.00 -26.07
N LEU C 138 -2.60 57.65 -25.14
CA LEU C 138 -2.97 59.02 -24.73
C LEU C 138 -2.06 60.09 -25.30
N SER C 139 -2.61 61.29 -25.39
CA SER C 139 -1.87 62.44 -25.90
C SER C 139 -0.80 62.92 -24.92
N PRO C 140 0.44 63.10 -25.40
CA PRO C 140 1.56 63.54 -24.56
C PRO C 140 1.45 64.97 -24.07
N ILE C 141 0.97 65.87 -24.92
CA ILE C 141 0.85 67.26 -24.53
C ILE C 141 -0.56 67.74 -24.85
N SER C 142 -0.97 68.87 -24.29
CA SER C 142 -2.29 69.40 -24.60
C SER C 142 -2.13 70.32 -25.80
N GLY C 143 -3.16 70.40 -26.62
CA GLY C 143 -3.07 71.24 -27.80
C GLY C 143 -4.06 70.80 -28.85
N ARG C 144 -3.80 71.19 -30.09
CA ARG C 144 -4.67 70.84 -31.21
C ARG C 144 -4.14 69.60 -31.90
N ILE C 145 -5.06 68.70 -32.26
CA ILE C 145 -4.72 67.46 -32.94
C ILE C 145 -5.49 67.47 -34.26
N GLY C 146 -4.88 66.96 -35.31
CA GLY C 146 -5.54 66.95 -36.61
C GLY C 146 -5.81 65.59 -37.22
N ARG C 147 -5.74 65.52 -38.55
CA ARG C 147 -5.97 64.28 -39.29
C ARG C 147 -5.26 63.08 -38.70
N SER C 148 -6.02 62.04 -38.35
CA SER C 148 -5.44 60.81 -37.81
C SER C 148 -4.96 59.96 -38.99
N ALA C 149 -3.66 59.70 -39.07
CA ALA C 149 -3.10 58.92 -40.18
C ALA C 149 -3.32 57.41 -40.06
N VAL C 150 -4.24 57.00 -39.21
CA VAL C 150 -4.52 55.59 -39.01
C VAL C 150 -6.02 55.34 -38.93
N THR C 151 -6.52 54.42 -39.75
CA THR C 151 -7.96 54.12 -39.79
C THR C 151 -8.40 53.15 -38.73
N GLU C 152 -9.70 53.17 -38.41
CA GLU C 152 -10.23 52.25 -37.42
C GLU C 152 -9.82 50.86 -37.89
N GLY C 153 -9.55 49.97 -36.95
CA GLY C 153 -9.17 48.62 -37.32
C GLY C 153 -7.78 48.47 -37.88
N ALA C 154 -7.13 49.57 -38.23
CA ALA C 154 -5.77 49.49 -38.76
C ALA C 154 -4.85 48.67 -37.85
N LEU C 155 -3.70 48.28 -38.38
CA LEU C 155 -2.76 47.50 -37.60
C LEU C 155 -1.61 48.36 -37.08
N VAL C 156 -1.36 48.37 -35.78
CA VAL C 156 -0.27 49.16 -35.23
C VAL C 156 0.85 48.31 -34.67
N THR C 157 2.07 48.67 -35.04
CA THR C 157 3.23 47.92 -34.57
C THR C 157 4.15 48.78 -33.72
N ASN C 158 4.53 48.26 -32.56
CA ASN C 158 5.42 48.97 -31.68
C ASN C 158 6.77 49.16 -32.37
N GLY C 159 7.21 50.41 -32.48
CA GLY C 159 8.46 50.68 -33.16
C GLY C 159 8.27 51.05 -34.61
N GLN C 160 7.02 51.04 -35.06
CA GLN C 160 6.73 51.37 -36.44
C GLN C 160 7.17 52.79 -36.76
N ALA C 161 7.53 53.02 -38.01
CA ALA C 161 8.00 54.30 -38.49
C ALA C 161 7.04 55.45 -38.35
N ASN C 162 5.94 55.41 -39.10
CA ASN C 162 4.95 56.49 -39.09
C ASN C 162 4.10 56.65 -37.83
N ALA C 163 3.75 57.88 -37.52
CA ALA C 163 2.96 58.13 -36.33
C ALA C 163 1.47 58.20 -36.58
N MET C 164 0.72 57.87 -35.55
CA MET C 164 -0.73 57.87 -35.61
C MET C 164 -1.30 59.28 -35.78
N ALA C 165 -1.07 60.15 -34.79
CA ALA C 165 -1.55 61.53 -34.84
C ALA C 165 -0.42 62.48 -34.46
N THR C 166 -0.69 63.79 -34.53
CA THR C 166 0.33 64.80 -34.20
C THR C 166 -0.25 66.06 -33.55
N VAL C 167 -0.19 66.11 -32.21
CA VAL C 167 -0.70 67.26 -31.44
C VAL C 167 0.22 68.48 -31.44
N GLN C 168 -0.34 69.65 -31.72
CA GLN C 168 0.42 70.89 -31.74
C GLN C 168 -0.23 71.92 -30.83
N GLN C 169 0.59 72.70 -30.13
CA GLN C 169 0.08 73.75 -29.25
C GLN C 169 0.15 75.01 -30.11
N LEU C 170 -0.97 75.71 -30.20
CA LEU C 170 -1.01 76.91 -31.04
C LEU C 170 -1.30 78.20 -30.28
N ASP C 171 -1.51 78.05 -28.96
CA ASP C 171 -1.78 79.19 -28.10
C ASP C 171 -0.95 78.99 -26.82
N PRO C 172 0.11 79.78 -26.65
CA PRO C 172 0.60 80.85 -27.52
C PRO C 172 1.20 80.28 -28.79
N ILE C 173 1.64 81.15 -29.68
CA ILE C 173 2.25 80.69 -30.92
C ILE C 173 3.52 81.46 -31.20
N TYR C 174 4.52 80.78 -31.74
CA TYR C 174 5.79 81.42 -32.04
C TYR C 174 5.78 82.07 -33.41
N VAL C 175 6.69 83.02 -33.58
CA VAL C 175 6.89 83.69 -34.84
C VAL C 175 8.40 83.74 -34.95
N ASP C 176 8.95 82.84 -35.76
CA ASP C 176 10.40 82.76 -35.96
C ASP C 176 10.85 83.90 -36.87
N VAL C 177 11.70 84.76 -36.33
CA VAL C 177 12.23 85.90 -37.08
C VAL C 177 13.72 85.74 -37.29
N THR C 178 14.20 86.08 -38.48
CA THR C 178 15.62 85.97 -38.79
C THR C 178 16.26 87.29 -39.18
N GLN C 179 17.31 87.65 -38.46
CA GLN C 179 18.05 88.89 -38.68
C GLN C 179 19.55 88.58 -38.72
N PRO C 180 20.34 89.47 -39.33
CA PRO C 180 21.79 89.26 -39.40
C PRO C 180 22.37 89.47 -37.99
N SER C 181 23.25 88.56 -37.58
CA SER C 181 23.85 88.63 -36.26
C SER C 181 24.09 90.04 -35.74
N THR C 182 24.55 90.93 -36.61
CA THR C 182 24.82 92.32 -36.23
C THR C 182 23.54 93.01 -35.79
N ALA C 183 22.54 92.99 -36.66
CA ALA C 183 21.25 93.62 -36.40
C ALA C 183 20.67 93.20 -35.06
N LEU C 184 20.86 91.93 -34.70
CA LEU C 184 20.34 91.43 -33.43
C LEU C 184 21.06 92.14 -32.29
N LEU C 185 22.37 92.31 -32.44
CA LEU C 185 23.15 92.96 -31.40
C LEU C 185 22.62 94.37 -31.22
N ARG C 186 22.40 95.06 -32.34
CA ARG C 186 21.87 96.42 -32.33
C ARG C 186 20.64 96.51 -31.43
N LEU C 187 19.64 95.71 -31.76
CA LEU C 187 18.39 95.70 -31.00
C LEU C 187 18.65 95.34 -29.55
N ARG C 188 19.61 94.45 -29.31
CA ARG C 188 19.92 94.05 -27.95
C ARG C 188 20.39 95.26 -27.17
N ARG C 189 21.07 96.17 -27.87
CA ARG C 189 21.55 97.39 -27.22
C ARG C 189 20.34 98.30 -26.99
N GLU C 190 19.63 98.61 -28.08
CA GLU C 190 18.45 99.46 -28.01
C GLU C 190 17.55 99.09 -26.85
N LEU C 191 17.59 97.83 -26.45
CA LEU C 191 16.77 97.38 -25.35
C LEU C 191 17.43 97.77 -24.04
N ALA C 192 18.73 97.45 -23.93
CA ALA C 192 19.51 97.76 -22.73
C ALA C 192 19.40 99.24 -22.34
N SER C 193 19.45 100.11 -23.35
CA SER C 193 19.33 101.54 -23.10
C SER C 193 17.88 101.85 -22.75
N GLY C 194 17.04 102.03 -23.77
CA GLY C 194 15.63 102.32 -23.53
C GLY C 194 14.85 102.57 -24.80
N GLN C 195 15.57 102.68 -25.92
CA GLN C 195 14.95 102.95 -27.21
C GLN C 195 13.84 101.97 -27.56
N LEU C 196 13.77 100.85 -26.82
CA LEU C 196 12.77 99.80 -27.04
C LEU C 196 11.83 99.56 -25.85
N GLU C 197 10.58 99.21 -26.15
CA GLU C 197 9.58 98.96 -25.11
C GLU C 197 9.86 97.65 -24.40
N ARG C 198 10.62 97.69 -23.32
CA ARG C 198 10.93 96.47 -22.58
C ARG C 198 9.67 95.66 -22.28
N ALA C 199 9.61 94.46 -22.85
CA ALA C 199 8.47 93.57 -22.66
C ALA C 199 8.75 92.62 -21.49
N GLY C 200 10.01 92.23 -21.36
CA GLY C 200 10.38 91.33 -20.27
C GLY C 200 11.86 91.43 -19.98
N ASP C 201 12.33 90.68 -18.99
CA ASP C 201 13.74 90.70 -18.61
C ASP C 201 14.68 90.72 -19.81
N ASN C 202 14.24 90.20 -20.95
CA ASN C 202 15.09 90.19 -22.13
C ASN C 202 14.32 90.27 -23.45
N ALA C 203 13.06 90.70 -23.37
CA ALA C 203 12.25 90.81 -24.58
C ALA C 203 11.60 92.18 -24.71
N ALA C 204 11.31 92.56 -25.95
CA ALA C 204 10.67 93.83 -26.25
C ALA C 204 9.22 93.59 -26.68
N LYS C 205 8.35 94.58 -26.45
CA LYS C 205 6.96 94.43 -26.84
C LYS C 205 6.88 94.56 -28.36
N VAL C 206 6.01 93.79 -28.99
CA VAL C 206 5.87 93.81 -30.45
C VAL C 206 4.47 93.54 -30.96
N SER C 207 4.16 94.09 -32.13
CA SER C 207 2.85 93.89 -32.75
C SER C 207 3.09 93.05 -34.00
N LEU C 208 2.04 92.37 -34.46
CA LEU C 208 2.17 91.52 -35.64
C LEU C 208 1.29 91.97 -36.80
N LYS C 209 1.86 91.98 -38.00
CA LYS C 209 1.15 92.39 -39.21
C LYS C 209 1.00 91.19 -40.13
N LEU C 210 -0.22 90.65 -40.22
CA LEU C 210 -0.50 89.48 -41.05
C LEU C 210 -0.09 89.65 -42.52
N GLU C 211 -0.10 88.54 -43.25
CA GLU C 211 0.30 88.56 -44.66
C GLU C 211 -0.61 89.39 -45.55
N ASP C 212 -1.91 89.39 -45.25
CA ASP C 212 -2.87 90.16 -46.02
C ASP C 212 -2.57 91.64 -45.85
N GLY C 213 -2.07 91.99 -44.66
CA GLY C 213 -1.75 93.37 -44.38
C GLY C 213 -2.42 93.83 -43.10
N SER C 214 -3.43 93.09 -42.67
CA SER C 214 -4.16 93.42 -41.45
C SER C 214 -3.29 93.41 -40.19
N GLN C 215 -3.66 94.22 -39.22
CA GLN C 215 -2.93 94.30 -37.96
C GLN C 215 -3.52 93.27 -37.00
N TYR C 216 -2.70 92.36 -36.50
CA TYR C 216 -3.19 91.37 -35.56
C TYR C 216 -3.59 92.08 -34.28
N PRO C 217 -4.86 91.95 -33.87
CA PRO C 217 -5.42 92.55 -32.66
C PRO C 217 -4.61 92.46 -31.38
N LEU C 218 -3.87 91.37 -31.19
CA LEU C 218 -3.10 91.24 -29.94
C LEU C 218 -1.62 91.58 -30.07
N GLU C 219 -0.97 91.75 -28.92
CA GLU C 219 0.44 92.09 -28.90
C GLU C 219 1.26 91.02 -28.17
N GLY C 220 2.47 90.77 -28.66
CA GLY C 220 3.32 89.77 -28.04
C GLY C 220 4.75 90.21 -27.74
N ARG C 221 5.48 89.35 -27.03
CA ARG C 221 6.86 89.61 -26.67
C ARG C 221 7.86 89.02 -27.64
N LEU C 222 8.90 89.78 -27.93
CA LEU C 222 9.94 89.31 -28.83
C LEU C 222 11.21 89.03 -28.05
N GLU C 223 11.35 87.78 -27.59
CA GLU C 223 12.53 87.36 -26.83
C GLU C 223 13.78 87.47 -27.70
N PHE C 224 14.85 88.02 -27.14
CA PHE C 224 16.08 88.22 -27.89
C PHE C 224 17.09 87.09 -27.81
N SER C 225 16.82 86.11 -26.95
CA SER C 225 17.72 84.97 -26.81
C SER C 225 17.77 84.24 -28.14
N GLU C 226 18.97 84.03 -28.67
CA GLU C 226 19.10 83.35 -29.96
C GLU C 226 18.67 81.90 -29.83
N VAL C 227 18.01 81.40 -30.86
CA VAL C 227 17.55 80.02 -30.84
C VAL C 227 18.33 79.21 -31.85
N SER C 228 18.80 79.86 -32.90
CA SER C 228 19.55 79.16 -33.92
C SER C 228 20.33 80.11 -34.81
N VAL C 229 21.50 79.68 -35.24
CA VAL C 229 22.34 80.49 -36.11
C VAL C 229 22.75 79.68 -37.32
N ASP C 230 22.78 80.36 -38.47
CA ASP C 230 23.17 79.71 -39.72
C ASP C 230 24.63 80.04 -39.92
N GLU C 231 25.52 79.23 -39.35
CA GLU C 231 26.96 79.44 -39.46
C GLU C 231 27.34 79.82 -40.90
N GLY C 232 26.54 79.37 -41.86
CA GLY C 232 26.79 79.71 -43.26
C GLY C 232 26.53 81.17 -43.53
N THR C 233 25.25 81.53 -43.61
CA THR C 233 24.85 82.91 -43.86
C THR C 233 25.16 83.80 -42.66
N GLY C 234 25.45 83.17 -41.52
CA GLY C 234 25.76 83.92 -40.31
C GLY C 234 24.52 84.55 -39.68
N SER C 235 23.35 84.27 -40.26
CA SER C 235 22.09 84.80 -39.76
C SER C 235 21.64 84.18 -38.45
N VAL C 236 20.86 84.91 -37.69
CA VAL C 236 20.36 84.45 -36.41
C VAL C 236 18.85 84.37 -36.43
N THR C 237 18.29 83.42 -35.69
CA THR C 237 16.85 83.27 -35.64
C THR C 237 16.37 83.40 -34.21
N ILE C 238 15.46 84.35 -33.99
CA ILE C 238 14.89 84.55 -32.67
C ILE C 238 13.39 84.35 -32.74
N ARG C 239 12.76 84.19 -31.59
CA ARG C 239 11.32 83.93 -31.53
C ARG C 239 10.46 84.98 -30.83
N ALA C 240 9.32 85.27 -31.44
CA ALA C 240 8.35 86.20 -30.87
C ALA C 240 7.21 85.32 -30.38
N VAL C 241 6.58 85.70 -29.28
CA VAL C 241 5.48 84.91 -28.73
C VAL C 241 4.18 85.68 -28.63
N PHE C 242 3.24 85.36 -29.51
CA PHE C 242 1.94 86.02 -29.54
C PHE C 242 0.82 85.13 -29.01
N PRO C 243 -0.23 85.75 -28.42
CA PRO C 243 -1.36 84.98 -27.90
C PRO C 243 -2.27 84.61 -29.06
N ASN C 244 -2.82 83.41 -29.04
CA ASN C 244 -3.69 82.96 -30.12
C ASN C 244 -4.85 82.18 -29.53
N PRO C 245 -5.68 82.85 -28.72
CA PRO C 245 -6.85 82.25 -28.06
C PRO C 245 -8.03 81.89 -28.96
N ASN C 246 -8.09 82.45 -30.16
CA ASN C 246 -9.18 82.14 -31.07
C ASN C 246 -8.64 81.39 -32.27
N ASN C 247 -7.41 80.90 -32.14
CA ASN C 247 -6.75 80.16 -33.19
C ASN C 247 -6.76 80.87 -34.54
N GLU C 248 -6.77 82.20 -34.50
CA GLU C 248 -6.75 82.99 -35.73
C GLU C 248 -5.41 82.75 -36.44
N LEU C 249 -4.37 82.50 -35.65
CA LEU C 249 -3.04 82.27 -36.21
C LEU C 249 -2.70 80.79 -36.34
N LEU C 250 -2.20 80.42 -37.51
CA LEU C 250 -1.83 79.02 -37.78
C LEU C 250 -0.42 78.93 -38.29
N PRO C 251 0.26 77.82 -38.00
CA PRO C 251 1.64 77.59 -38.45
C PRO C 251 1.80 77.80 -39.94
N GLY C 252 2.96 78.32 -40.35
CA GLY C 252 3.21 78.53 -41.76
C GLY C 252 2.93 79.92 -42.29
N MET C 253 2.15 80.70 -41.57
CA MET C 253 1.82 82.05 -42.01
C MET C 253 3.08 82.90 -42.17
N PHE C 254 3.16 83.67 -43.25
CA PHE C 254 4.30 84.56 -43.48
C PHE C 254 3.84 85.89 -42.87
N VAL C 255 4.53 86.35 -41.84
CA VAL C 255 4.15 87.60 -41.19
C VAL C 255 5.33 88.52 -40.93
N HIS C 256 5.05 89.65 -40.30
CA HIS C 256 6.06 90.64 -39.95
C HIS C 256 5.85 91.15 -38.54
N ALA C 257 6.91 91.09 -37.74
CA ALA C 257 6.85 91.58 -36.38
C ALA C 257 7.23 93.05 -36.49
N GLN C 258 6.47 93.91 -35.83
CA GLN C 258 6.74 95.33 -35.88
C GLN C 258 7.32 95.81 -34.56
N LEU C 259 8.49 96.43 -34.61
CA LEU C 259 9.16 96.91 -33.42
C LEU C 259 9.17 98.44 -33.31
N GLN C 260 8.74 98.94 -32.15
CA GLN C 260 8.71 100.37 -31.91
C GLN C 260 10.04 100.78 -31.28
N GLU C 261 10.84 101.52 -32.05
CA GLU C 261 12.16 101.95 -31.59
C GLU C 261 12.14 103.40 -31.07
N GLY C 262 10.99 103.84 -30.58
CA GLY C 262 10.86 105.19 -30.05
C GLY C 262 10.74 106.27 -31.12
N VAL C 263 10.45 107.49 -30.68
CA VAL C 263 10.32 108.62 -31.59
C VAL C 263 11.43 109.64 -31.38
N LYS C 264 12.04 110.08 -32.48
CA LYS C 264 13.13 111.05 -32.43
C LYS C 264 12.56 112.47 -32.44
N GLN C 265 12.93 113.26 -31.43
CA GLN C 265 12.47 114.64 -31.30
C GLN C 265 12.52 115.37 -32.64
N LYS C 266 13.74 115.63 -33.12
CA LYS C 266 13.96 116.31 -34.39
C LYS C 266 15.38 116.02 -34.87
N ALA C 267 15.49 115.35 -36.01
CA ALA C 267 16.78 115.02 -36.58
C ALA C 267 16.83 115.34 -38.07
N ILE C 268 18.02 115.20 -38.65
CA ILE C 268 18.21 115.47 -40.07
C ILE C 268 18.11 114.21 -40.91
N LEU C 269 17.30 114.27 -41.97
CA LEU C 269 17.13 113.13 -42.87
C LEU C 269 17.74 113.45 -44.23
N ALA C 270 19.05 113.26 -44.35
CA ALA C 270 19.77 113.53 -45.59
C ALA C 270 19.56 112.46 -46.65
N PRO C 271 19.00 112.84 -47.81
CA PRO C 271 18.74 111.91 -48.91
C PRO C 271 19.99 111.16 -49.38
N GLN C 272 19.80 109.87 -49.73
CA GLN C 272 20.90 109.03 -50.19
C GLN C 272 21.48 109.54 -51.50
N GLN C 273 20.71 110.35 -52.22
CA GLN C 273 21.15 110.90 -53.48
C GLN C 273 22.28 111.92 -53.26
N GLY C 274 22.72 112.05 -52.01
CA GLY C 274 23.78 112.98 -51.68
C GLY C 274 24.74 112.45 -50.62
N VAL C 275 24.84 111.13 -50.52
CA VAL C 275 25.73 110.48 -49.56
C VAL C 275 26.41 109.27 -50.20
N THR C 276 27.58 108.91 -49.69
CA THR C 276 28.34 107.78 -50.21
C THR C 276 28.89 106.92 -49.08
N ARG C 277 29.17 105.66 -49.37
CA ARG C 277 29.72 104.73 -48.36
C ARG C 277 31.03 104.11 -48.81
N ASP C 278 32.14 104.75 -48.47
CA ASP C 278 33.47 104.25 -48.84
C ASP C 278 33.85 103.08 -47.93
N LEU C 279 34.63 102.16 -48.47
CA LEU C 279 35.06 100.97 -47.72
C LEU C 279 33.82 100.14 -47.39
N LYS C 280 32.73 100.42 -48.11
CA LYS C 280 31.47 99.73 -47.90
C LYS C 280 31.06 99.84 -46.44
N GLY C 281 31.00 101.08 -45.93
CA GLY C 281 30.62 101.29 -44.55
C GLY C 281 30.66 102.75 -44.14
N GLN C 282 31.86 103.32 -44.05
CA GLN C 282 32.05 104.71 -43.65
C GLN C 282 31.20 105.67 -44.50
N ALA C 283 30.45 106.52 -43.83
CA ALA C 283 29.58 107.48 -44.52
C ALA C 283 30.21 108.87 -44.61
N THR C 284 30.34 109.37 -45.82
CA THR C 284 30.93 110.69 -46.06
C THR C 284 30.01 111.53 -46.95
N ALA C 285 29.88 112.81 -46.61
CA ALA C 285 29.04 113.72 -47.38
C ALA C 285 29.80 114.99 -47.78
N LEU C 286 29.22 115.73 -48.72
CA LEU C 286 29.82 116.98 -49.21
C LEU C 286 28.83 118.14 -49.09
N VAL C 287 29.15 119.10 -48.24
CA VAL C 287 28.29 120.27 -48.02
C VAL C 287 29.04 121.58 -48.22
N VAL C 288 28.28 122.66 -48.45
CA VAL C 288 28.86 123.99 -48.64
C VAL C 288 28.63 124.88 -47.42
N ASN C 289 29.72 125.36 -46.83
CA ASN C 289 29.65 126.22 -45.65
C ASN C 289 29.15 127.63 -45.95
N ALA C 290 29.07 128.46 -44.92
CA ALA C 290 28.61 129.84 -45.06
C ALA C 290 29.53 130.64 -45.97
N GLN C 291 30.80 130.24 -46.01
CA GLN C 291 31.80 130.90 -46.83
C GLN C 291 31.69 130.42 -48.28
N ASN C 292 30.49 129.96 -48.66
CA ASN C 292 30.24 129.45 -50.01
C ASN C 292 31.28 128.44 -50.47
N LYS C 293 32.01 127.88 -49.52
CA LYS C 293 33.05 126.88 -49.81
C LYS C 293 32.60 125.50 -49.37
N VAL C 294 32.96 124.47 -50.15
CA VAL C 294 32.59 123.10 -49.84
C VAL C 294 33.55 122.45 -48.84
N GLU C 295 32.99 121.65 -47.95
CA GLU C 295 33.76 120.95 -46.93
C GLU C 295 33.49 119.44 -46.99
N LEU C 296 34.22 118.67 -46.19
CA LEU C 296 34.06 117.23 -46.14
C LEU C 296 33.87 116.74 -44.71
N ARG C 297 32.62 116.52 -44.32
CA ARG C 297 32.31 116.04 -42.98
C ARG C 297 31.81 114.60 -43.00
N VAL C 298 32.26 113.82 -42.03
CA VAL C 298 31.88 112.41 -41.93
C VAL C 298 30.61 112.26 -41.10
N ILE C 299 29.55 111.74 -41.72
CA ILE C 299 28.27 111.55 -41.05
C ILE C 299 28.11 110.13 -40.50
N LYS C 300 27.17 109.98 -39.57
CA LYS C 300 26.90 108.69 -38.96
C LYS C 300 25.45 108.27 -39.21
N ALA C 301 25.12 108.06 -40.47
CA ALA C 301 23.76 107.64 -40.85
C ALA C 301 23.69 106.12 -40.90
N ASP C 302 22.78 105.54 -40.13
CA ASP C 302 22.62 104.09 -40.07
C ASP C 302 21.31 103.59 -40.69
N ARG C 303 20.18 104.16 -40.25
CA ARG C 303 18.87 103.76 -40.75
C ARG C 303 18.61 104.24 -42.18
N VAL C 304 17.44 103.91 -42.71
CA VAL C 304 17.05 104.30 -44.07
C VAL C 304 15.53 104.50 -44.14
N ILE C 305 15.10 105.76 -44.18
CA ILE C 305 13.67 106.08 -44.24
C ILE C 305 13.26 106.60 -45.62
N GLY C 306 12.46 105.82 -46.33
CA GLY C 306 12.02 106.22 -47.66
C GLY C 306 13.15 106.24 -48.67
N ASP C 307 13.75 107.40 -48.85
CA ASP C 307 14.86 107.57 -49.79
C ASP C 307 15.96 108.37 -49.11
N LYS C 308 15.71 108.77 -47.87
CA LYS C 308 16.66 109.55 -47.09
C LYS C 308 17.30 108.70 -45.99
N TRP C 309 18.41 109.20 -45.44
CA TRP C 309 19.13 108.49 -44.37
C TRP C 309 19.15 109.33 -43.10
N LEU C 310 18.77 108.71 -41.98
CA LEU C 310 18.76 109.40 -40.69
C LEU C 310 20.17 109.56 -40.14
N VAL C 311 20.75 110.75 -40.35
CA VAL C 311 22.09 111.04 -39.87
C VAL C 311 22.05 111.31 -38.36
N THR C 312 22.66 110.42 -37.58
CA THR C 312 22.69 110.55 -36.13
C THR C 312 23.68 111.62 -35.68
N GLU C 313 24.80 111.70 -36.40
CA GLU C 313 25.84 112.69 -36.07
C GLU C 313 26.76 112.91 -37.26
N GLY C 314 26.66 114.09 -37.87
CA GLY C 314 27.48 114.42 -39.01
C GLY C 314 27.02 115.67 -39.74
N LEU C 315 25.73 115.95 -39.65
CA LEU C 315 25.14 117.13 -40.29
C LEU C 315 24.05 117.71 -39.40
N ASN C 316 24.22 118.96 -38.99
CA ASN C 316 23.26 119.64 -38.13
C ASN C 316 22.16 120.33 -38.94
N ALA C 317 21.21 120.93 -38.24
CA ALA C 317 20.09 121.62 -38.88
C ALA C 317 20.53 122.90 -39.61
N GLY C 318 20.22 122.96 -40.90
CA GLY C 318 20.58 124.13 -41.69
C GLY C 318 21.53 123.83 -42.83
N ASP C 319 22.56 123.04 -42.56
CA ASP C 319 23.55 122.68 -43.56
C ASP C 319 22.96 122.42 -44.95
N LYS C 320 23.76 122.66 -45.97
CA LYS C 320 23.34 122.46 -47.36
C LYS C 320 24.05 121.24 -47.94
N ILE C 321 23.28 120.24 -48.32
CA ILE C 321 23.84 119.01 -48.88
C ILE C 321 23.84 119.03 -50.42
N ILE C 322 25.02 118.87 -50.99
CA ILE C 322 25.18 118.86 -52.45
C ILE C 322 24.70 117.54 -53.05
N THR C 323 23.61 117.60 -53.80
CA THR C 323 23.03 116.41 -54.43
C THR C 323 23.37 116.34 -55.92
N GLU C 324 22.94 117.35 -56.68
CA GLU C 324 23.19 117.41 -58.11
C GLU C 324 24.40 118.28 -58.43
N GLY C 325 25.57 117.66 -58.50
CA GLY C 325 26.79 118.40 -58.81
C GLY C 325 28.05 117.72 -58.31
N LEU C 326 27.88 116.65 -57.54
CA LEU C 326 29.03 115.91 -57.00
C LEU C 326 29.64 115.02 -58.08
N GLN C 327 29.02 115.01 -59.26
CA GLN C 327 29.50 114.22 -60.38
C GLN C 327 30.90 114.64 -60.80
N PHE C 328 31.31 115.84 -60.37
CA PHE C 328 32.62 116.39 -60.68
C PHE C 328 32.90 117.62 -59.81
N VAL C 329 33.60 117.41 -58.71
CA VAL C 329 33.93 118.49 -57.78
C VAL C 329 35.08 118.11 -56.85
N GLN C 330 35.26 118.89 -55.79
CA GLN C 330 36.31 118.64 -54.81
C GLN C 330 36.14 119.60 -53.62
N PRO C 331 36.57 119.16 -52.42
CA PRO C 331 36.46 119.96 -51.20
C PRO C 331 37.52 121.07 -51.12
N GLY C 332 37.10 122.26 -50.68
CA GLY C 332 38.01 123.38 -50.56
C GLY C 332 37.80 124.41 -51.65
N VAL C 333 36.73 124.24 -52.43
CA VAL C 333 36.40 125.15 -53.52
C VAL C 333 35.02 125.77 -53.29
N GLU C 334 34.78 126.92 -53.93
CA GLU C 334 33.50 127.61 -53.79
C GLU C 334 32.58 127.27 -54.97
N VAL C 335 31.29 127.53 -54.81
CA VAL C 335 30.32 127.24 -55.86
C VAL C 335 29.01 127.99 -55.67
N LYS C 336 28.07 127.77 -56.59
CA LYS C 336 26.77 128.43 -56.55
C LYS C 336 25.71 127.49 -55.99
N THR C 337 24.70 128.06 -55.34
CA THR C 337 23.63 127.28 -54.74
C THR C 337 22.33 127.35 -55.55
N VAL C 338 22.07 126.28 -56.31
CA VAL C 338 20.87 126.20 -57.12
C VAL C 338 20.01 125.03 -56.66
N PRO C 339 18.87 125.33 -55.98
CA PRO C 339 17.96 124.29 -55.47
C PRO C 339 17.71 123.15 -56.46
N GLU D 30 -15.36 80.27 -56.57
CA GLU D 30 -15.48 78.80 -56.32
C GLU D 30 -14.20 78.23 -55.71
N LEU D 31 -14.36 77.31 -54.76
CA LEU D 31 -13.22 76.69 -54.08
C LEU D 31 -13.00 75.24 -54.53
N PRO D 32 -11.88 74.97 -55.22
CA PRO D 32 -11.52 73.65 -55.71
C PRO D 32 -11.08 72.71 -54.60
N GLY D 33 -11.45 71.44 -54.74
CA GLY D 33 -11.09 70.44 -53.74
C GLY D 33 -11.41 69.03 -54.21
N ARG D 34 -11.15 68.04 -53.36
CA ARG D 34 -11.43 66.65 -53.70
C ARG D 34 -12.41 66.04 -52.73
N THR D 35 -13.26 65.16 -53.23
CA THR D 35 -14.24 64.50 -52.38
C THR D 35 -13.52 63.41 -51.60
N ASN D 36 -13.96 63.15 -50.38
CA ASN D 36 -13.30 62.10 -49.61
C ASN D 36 -14.18 61.38 -48.60
N ALA D 37 -13.85 60.12 -48.35
CA ALA D 37 -14.61 59.31 -47.41
C ALA D 37 -14.83 60.02 -46.09
N PHE D 38 -16.02 59.86 -45.53
CA PHE D 38 -16.32 60.48 -44.25
C PHE D 38 -15.57 59.72 -43.18
N ARG D 39 -15.62 58.39 -43.26
CA ARG D 39 -14.95 57.55 -42.29
C ARG D 39 -14.43 56.27 -42.97
N ILE D 40 -13.23 55.82 -42.61
CA ILE D 40 -12.66 54.62 -43.20
C ILE D 40 -12.18 53.61 -42.17
N ALA D 41 -12.38 52.33 -42.46
CA ALA D 41 -11.95 51.26 -41.57
C ALA D 41 -11.33 50.11 -42.35
N GLU D 42 -10.46 49.35 -41.71
CA GLU D 42 -9.81 48.22 -42.35
C GLU D 42 -10.32 46.94 -41.69
N VAL D 43 -10.40 45.87 -42.45
CA VAL D 43 -10.85 44.60 -41.91
C VAL D 43 -9.61 43.70 -41.82
N ARG D 44 -9.35 43.15 -40.64
CA ARG D 44 -8.18 42.30 -40.44
C ARG D 44 -8.41 41.12 -39.51
N PRO D 45 -7.65 40.03 -39.72
CA PRO D 45 -7.81 38.86 -38.87
C PRO D 45 -7.08 39.04 -37.53
N GLN D 46 -7.55 38.36 -36.49
CA GLN D 46 -6.92 38.46 -35.19
C GLN D 46 -6.66 37.06 -34.63
N VAL D 47 -6.80 36.06 -35.48
CA VAL D 47 -6.52 34.68 -35.11
C VAL D 47 -6.05 34.04 -36.40
N ASN D 48 -5.28 32.98 -36.28
CA ASN D 48 -4.81 32.34 -37.49
C ASN D 48 -5.81 31.31 -37.97
N GLY D 49 -5.89 31.14 -39.28
CA GLY D 49 -6.82 30.15 -39.80
C GLY D 49 -7.05 30.21 -41.29
N ILE D 50 -8.05 29.44 -41.70
CA ILE D 50 -8.46 29.38 -43.11
C ILE D 50 -9.81 30.05 -43.30
N ILE D 51 -9.94 30.87 -44.34
CA ILE D 51 -11.22 31.50 -44.61
C ILE D 51 -12.26 30.45 -45.09
N LEU D 52 -13.35 30.26 -44.37
CA LEU D 52 -14.35 29.31 -44.83
C LEU D 52 -15.22 30.06 -45.79
N LYS D 53 -15.90 31.09 -45.30
CA LYS D 53 -16.79 31.86 -46.14
C LYS D 53 -16.54 33.34 -46.08
N ARG D 54 -16.86 34.04 -47.16
CA ARG D 54 -16.71 35.49 -47.24
C ARG D 54 -18.11 36.03 -47.44
N LEU D 55 -18.91 36.06 -46.38
CA LEU D 55 -20.29 36.52 -46.46
C LEU D 55 -20.67 37.98 -46.71
N PHE D 56 -20.21 38.57 -47.81
CA PHE D 56 -20.58 39.95 -48.13
C PHE D 56 -20.31 40.18 -49.60
N LYS D 57 -21.13 41.02 -50.22
CA LYS D 57 -21.00 41.28 -51.65
C LYS D 57 -20.03 42.40 -51.95
N GLU D 58 -18.97 42.11 -52.68
CA GLU D 58 -18.01 43.16 -52.99
C GLU D 58 -18.78 44.32 -53.59
N GLY D 59 -18.63 45.48 -52.98
CA GLY D 59 -19.32 46.66 -53.45
C GLY D 59 -20.64 46.92 -52.75
N SER D 60 -20.99 46.12 -51.74
CA SER D 60 -22.25 46.33 -51.05
C SER D 60 -22.17 47.30 -49.86
N ASP D 61 -23.22 47.35 -49.05
CA ASP D 61 -23.24 48.20 -47.88
C ASP D 61 -23.31 47.28 -46.68
N VAL D 62 -22.42 47.47 -45.72
CA VAL D 62 -22.41 46.65 -44.52
C VAL D 62 -22.63 47.52 -43.31
N LYS D 63 -23.15 46.92 -42.25
CA LYS D 63 -23.40 47.64 -41.00
C LYS D 63 -22.32 47.27 -40.02
N ALA D 64 -21.86 48.24 -39.23
CA ALA D 64 -20.83 47.96 -38.24
C ALA D 64 -21.33 46.83 -37.33
N GLY D 65 -20.49 45.80 -37.15
CA GLY D 65 -20.85 44.68 -36.32
C GLY D 65 -21.27 43.46 -37.14
N GLN D 66 -21.41 43.69 -38.44
CA GLN D 66 -21.83 42.65 -39.36
C GLN D 66 -20.71 41.66 -39.67
N GLN D 67 -20.97 40.37 -39.54
CA GLN D 67 -19.94 39.39 -39.85
C GLN D 67 -19.59 39.51 -41.32
N LEU D 68 -18.30 39.65 -41.60
CA LEU D 68 -17.85 39.79 -42.98
C LEU D 68 -17.16 38.55 -43.48
N TYR D 69 -16.55 37.82 -42.56
CA TYR D 69 -15.84 36.59 -42.90
C TYR D 69 -16.06 35.57 -41.83
N GLN D 70 -15.65 34.34 -42.11
CA GLN D 70 -15.78 33.26 -41.15
C GLN D 70 -14.55 32.39 -41.27
N ILE D 71 -13.73 32.37 -40.24
CA ILE D 71 -12.53 31.59 -40.25
C ILE D 71 -12.91 30.23 -39.73
N ASP D 72 -12.46 29.18 -40.40
CA ASP D 72 -12.79 27.83 -39.96
C ASP D 72 -12.53 27.74 -38.47
N PRO D 73 -13.60 27.60 -37.67
CA PRO D 73 -13.63 27.51 -36.20
C PRO D 73 -13.60 26.12 -35.65
N ALA D 74 -13.69 25.17 -36.53
CA ALA D 74 -13.73 23.79 -36.10
C ALA D 74 -12.88 23.51 -34.86
N THR D 75 -11.61 23.84 -34.94
CA THR D 75 -10.69 23.58 -33.83
C THR D 75 -10.81 24.54 -32.66
N TYR D 76 -10.96 25.83 -32.95
CA TYR D 76 -11.12 26.80 -31.89
C TYR D 76 -12.33 26.41 -31.07
N GLU D 77 -13.45 26.12 -31.73
CA GLU D 77 -14.65 25.74 -31.03
C GLU D 77 -14.33 24.49 -30.23
N ALA D 78 -13.47 23.66 -30.79
CA ALA D 78 -13.08 22.42 -30.15
C ALA D 78 -12.24 22.63 -28.93
N ASP D 79 -11.21 23.45 -29.07
CA ASP D 79 -10.30 23.75 -27.96
C ASP D 79 -11.07 24.40 -26.81
N TYR D 80 -12.00 25.28 -27.16
CA TYR D 80 -12.80 25.97 -26.17
C TYR D 80 -13.65 25.02 -25.36
N GLN D 81 -14.34 24.11 -26.03
CA GLN D 81 -15.18 23.16 -25.31
C GLN D 81 -14.26 22.31 -24.47
N SER D 82 -13.09 21.99 -25.03
CA SER D 82 -12.12 21.17 -24.31
C SER D 82 -11.69 21.89 -23.03
N ALA D 83 -11.27 23.13 -23.20
CA ALA D 83 -10.86 23.94 -22.07
C ALA D 83 -11.92 23.91 -20.98
N GLN D 84 -13.13 24.33 -21.30
CA GLN D 84 -14.21 24.35 -20.32
C GLN D 84 -14.42 23.00 -19.62
N ALA D 85 -14.19 21.92 -20.34
CA ALA D 85 -14.36 20.62 -19.73
C ALA D 85 -13.39 20.58 -18.58
N ASN D 86 -12.13 20.83 -18.91
CA ASN D 86 -11.03 20.85 -17.95
C ASN D 86 -11.33 21.74 -16.73
N LEU D 87 -11.69 22.99 -16.98
CA LEU D 87 -12.00 23.90 -15.90
C LEU D 87 -13.05 23.30 -14.99
N ALA D 88 -14.20 22.98 -15.56
CA ALA D 88 -15.29 22.38 -14.80
C ALA D 88 -14.73 21.31 -13.86
N SER D 89 -13.79 20.52 -14.36
CA SER D 89 -13.16 19.48 -13.58
C SER D 89 -12.38 20.06 -12.42
N THR D 90 -11.23 20.65 -12.74
CA THR D 90 -10.33 21.25 -11.75
C THR D 90 -11.07 22.13 -10.76
N GLN D 91 -11.98 22.98 -11.23
CA GLN D 91 -12.71 23.83 -10.32
C GLN D 91 -13.31 23.01 -9.18
N GLU D 92 -14.09 22.01 -9.53
CA GLU D 92 -14.71 21.15 -8.52
C GLU D 92 -13.62 20.64 -7.59
N GLN D 93 -12.65 19.92 -8.18
CA GLN D 93 -11.50 19.38 -7.45
C GLN D 93 -10.99 20.33 -6.39
N ALA D 94 -10.84 21.60 -6.78
CA ALA D 94 -10.35 22.63 -5.87
C ALA D 94 -11.39 22.89 -4.78
N GLN D 95 -12.57 23.37 -5.16
CA GLN D 95 -13.63 23.65 -4.20
C GLN D 95 -13.76 22.56 -3.14
N ARG D 96 -13.53 21.31 -3.53
CA ARG D 96 -13.62 20.22 -2.56
C ARG D 96 -12.42 20.30 -1.63
N TYR D 97 -11.21 20.31 -2.19
CA TYR D 97 -10.00 20.40 -1.40
C TYR D 97 -10.00 21.59 -0.46
N LYS D 98 -10.75 22.64 -0.83
CA LYS D 98 -10.78 23.84 0.01
C LYS D 98 -11.45 23.56 1.34
N LEU D 99 -12.29 22.54 1.37
CA LEU D 99 -12.97 22.19 2.62
C LEU D 99 -12.23 21.08 3.36
N LEU D 100 -11.27 20.43 2.69
CA LEU D 100 -10.50 19.35 3.32
C LEU D 100 -9.34 19.87 4.16
N VAL D 101 -8.70 20.95 3.70
CA VAL D 101 -7.62 21.54 4.49
C VAL D 101 -8.32 22.14 5.70
N ALA D 102 -9.52 22.67 5.46
CA ALA D 102 -10.31 23.27 6.53
C ALA D 102 -10.45 22.29 7.69
N ASP D 103 -10.29 21.00 7.41
CA ASP D 103 -10.39 19.99 8.43
C ASP D 103 -9.14 19.12 8.51
N GLN D 104 -8.00 19.71 8.14
CA GLN D 104 -6.72 19.01 8.18
C GLN D 104 -6.71 17.74 7.33
N ALA D 105 -7.86 17.43 6.72
CA ALA D 105 -8.01 16.25 5.87
C ALA D 105 -7.00 16.20 4.73
N VAL D 106 -6.39 17.33 4.42
CA VAL D 106 -5.42 17.42 3.34
C VAL D 106 -4.42 18.55 3.59
N SER D 107 -3.16 18.31 3.24
CA SER D 107 -2.10 19.29 3.43
C SER D 107 -2.35 20.58 2.66
N LYS D 108 -1.77 21.68 3.15
CA LYS D 108 -1.90 22.98 2.51
C LYS D 108 -1.27 22.91 1.14
N GLN D 109 -0.28 22.03 1.00
CA GLN D 109 0.42 21.85 -0.25
C GLN D 109 -0.55 21.35 -1.32
N GLN D 110 -1.24 20.27 -0.99
CA GLN D 110 -2.22 19.69 -1.90
C GLN D 110 -3.27 20.71 -2.32
N TYR D 111 -3.91 21.37 -1.35
CA TYR D 111 -4.91 22.36 -1.70
C TYR D 111 -4.30 23.45 -2.58
N ALA D 112 -3.02 23.71 -2.38
CA ALA D 112 -2.31 24.71 -3.15
C ALA D 112 -2.25 24.22 -4.58
N ASP D 113 -1.58 23.10 -4.79
CA ASP D 113 -1.47 22.51 -6.12
C ASP D 113 -2.83 22.48 -6.81
N ALA D 114 -3.86 22.19 -6.04
CA ALA D 114 -5.21 22.13 -6.57
C ALA D 114 -5.60 23.51 -7.09
N ASN D 115 -5.77 24.46 -6.18
CA ASN D 115 -6.17 25.80 -6.58
C ASN D 115 -5.24 26.36 -7.65
N ALA D 116 -4.06 25.75 -7.76
CA ALA D 116 -3.08 26.16 -8.76
C ALA D 116 -3.59 25.81 -10.14
N ALA D 117 -3.90 24.53 -10.33
CA ALA D 117 -4.43 24.04 -11.61
C ALA D 117 -5.75 24.72 -11.94
N TYR D 118 -6.59 24.94 -10.92
CA TYR D 118 -7.87 25.58 -11.13
C TYR D 118 -7.68 26.92 -11.82
N LEU D 119 -6.70 27.68 -11.36
CA LEU D 119 -6.41 28.99 -11.93
C LEU D 119 -5.90 28.84 -13.36
N GLN D 120 -5.01 27.89 -13.56
CA GLN D 120 -4.46 27.65 -14.88
C GLN D 120 -5.60 27.42 -15.86
N SER D 121 -6.54 26.57 -15.46
CA SER D 121 -7.70 26.25 -16.28
C SER D 121 -8.46 27.53 -16.61
N LYS D 122 -9.04 28.13 -15.58
CA LYS D 122 -9.80 29.35 -15.75
C LYS D 122 -9.08 30.29 -16.72
N ALA D 123 -7.76 30.26 -16.69
CA ALA D 123 -6.96 31.10 -17.55
C ALA D 123 -7.17 30.65 -18.99
N ALA D 124 -6.83 29.38 -19.24
CA ALA D 124 -6.94 28.76 -20.57
C ALA D 124 -8.29 28.97 -21.22
N VAL D 125 -9.36 28.76 -20.46
CA VAL D 125 -10.69 28.92 -21.00
C VAL D 125 -10.87 30.32 -21.55
N GLU D 126 -10.53 31.32 -20.76
CA GLU D 126 -10.70 32.70 -21.20
C GLU D 126 -9.95 32.96 -22.48
N GLN D 127 -8.78 32.36 -22.62
CA GLN D 127 -7.99 32.57 -23.81
C GLN D 127 -8.64 31.85 -24.98
N ALA D 128 -9.20 30.68 -24.71
CA ALA D 128 -9.89 29.90 -25.73
C ALA D 128 -11.08 30.72 -26.21
N ARG D 129 -11.88 31.19 -25.26
CA ARG D 129 -13.04 32.01 -25.58
C ARG D 129 -12.69 33.14 -26.53
N ILE D 130 -11.65 33.88 -26.23
CA ILE D 130 -11.23 35.01 -27.05
C ILE D 130 -10.85 34.60 -28.49
N ASN D 131 -10.08 33.53 -28.65
CA ASN D 131 -9.72 33.11 -30.00
C ASN D 131 -10.97 32.70 -30.78
N LEU D 132 -11.85 31.97 -30.14
CA LEU D 132 -13.06 31.57 -30.84
C LEU D 132 -13.82 32.80 -31.32
N ARG D 133 -13.99 33.77 -30.44
CA ARG D 133 -14.71 34.97 -30.80
C ARG D 133 -14.12 35.62 -32.03
N TYR D 134 -12.81 35.57 -32.15
CA TYR D 134 -12.18 36.22 -33.29
C TYR D 134 -12.38 35.52 -34.62
N THR D 135 -12.96 34.32 -34.59
CA THR D 135 -13.19 33.59 -35.84
C THR D 135 -14.28 34.24 -36.66
N LYS D 136 -15.07 35.12 -36.06
CA LYS D 136 -16.10 35.78 -36.84
C LYS D 136 -15.68 37.22 -37.14
N VAL D 137 -14.90 37.41 -38.20
CA VAL D 137 -14.44 38.73 -38.57
C VAL D 137 -15.63 39.66 -38.76
N LEU D 138 -15.69 40.76 -38.03
CA LEU D 138 -16.81 41.69 -38.16
C LEU D 138 -16.38 43.01 -38.74
N SER D 139 -17.32 43.80 -39.25
CA SER D 139 -16.98 45.11 -39.78
C SER D 139 -17.01 46.14 -38.66
N PRO D 140 -15.92 46.91 -38.49
CA PRO D 140 -15.84 47.92 -37.43
C PRO D 140 -16.82 49.08 -37.58
N ILE D 141 -17.09 49.50 -38.81
CA ILE D 141 -18.03 50.58 -39.03
C ILE D 141 -19.11 50.17 -40.01
N SER D 142 -20.00 51.11 -40.33
CA SER D 142 -21.05 50.85 -41.29
C SER D 142 -20.65 51.70 -42.47
N GLY D 143 -20.84 51.15 -43.66
CA GLY D 143 -20.47 51.87 -44.86
C GLY D 143 -20.42 50.94 -46.06
N ARG D 144 -19.68 51.36 -47.07
CA ARG D 144 -19.56 50.60 -48.29
C ARG D 144 -18.25 49.87 -48.34
N ILE D 145 -18.31 48.55 -48.26
CA ILE D 145 -17.11 47.74 -48.34
C ILE D 145 -16.99 47.36 -49.82
N GLY D 146 -15.77 47.24 -50.31
CA GLY D 146 -15.57 46.91 -51.71
C GLY D 146 -15.00 45.52 -51.94
N ARG D 147 -14.02 45.43 -52.84
CA ARG D 147 -13.38 44.17 -53.17
C ARG D 147 -12.73 43.52 -51.94
N SER D 148 -12.82 42.19 -51.83
CA SER D 148 -12.19 41.47 -50.72
C SER D 148 -10.80 41.06 -51.15
N ALA D 149 -9.77 41.58 -50.47
CA ALA D 149 -8.39 41.30 -50.83
C ALA D 149 -8.00 39.85 -50.65
N VAL D 150 -8.56 39.20 -49.64
CA VAL D 150 -8.27 37.80 -49.41
C VAL D 150 -9.37 36.99 -50.13
N THR D 151 -9.10 35.72 -50.44
CA THR D 151 -10.08 34.90 -51.13
C THR D 151 -10.53 33.76 -50.25
N GLU D 152 -11.63 33.12 -50.62
CA GLU D 152 -12.14 32.00 -49.85
C GLU D 152 -11.02 30.98 -49.71
N GLY D 153 -11.06 30.21 -48.64
CA GLY D 153 -10.06 29.19 -48.44
C GLY D 153 -8.63 29.67 -48.25
N ALA D 154 -8.44 30.98 -48.30
CA ALA D 154 -7.11 31.57 -48.11
C ALA D 154 -6.66 31.43 -46.65
N LEU D 155 -5.35 31.53 -46.45
CA LEU D 155 -4.77 31.42 -45.12
C LEU D 155 -4.59 32.80 -44.48
N VAL D 156 -5.08 32.99 -43.26
CA VAL D 156 -4.87 34.28 -42.60
C VAL D 156 -4.08 34.19 -41.29
N THR D 157 -3.21 35.16 -41.08
CA THR D 157 -2.40 35.16 -39.87
C THR D 157 -2.60 36.41 -39.05
N ASN D 158 -2.59 36.28 -37.73
CA ASN D 158 -2.78 37.45 -36.87
C ASN D 158 -1.60 38.40 -37.03
N GLY D 159 -1.89 39.69 -37.12
CA GLY D 159 -0.82 40.65 -37.25
C GLY D 159 -0.19 40.70 -38.62
N GLN D 160 -0.78 39.98 -39.57
CA GLN D 160 -0.29 39.97 -40.94
C GLN D 160 -0.44 41.37 -41.55
N ALA D 161 0.47 41.71 -42.44
CA ALA D 161 0.52 43.03 -43.08
C ALA D 161 -0.75 43.54 -43.73
N ASN D 162 -1.04 42.98 -44.90
CA ASN D 162 -2.19 43.34 -45.72
C ASN D 162 -3.57 43.10 -45.11
N ALA D 163 -4.48 44.05 -45.33
CA ALA D 163 -5.84 43.91 -44.81
C ALA D 163 -6.70 43.03 -45.71
N MET D 164 -7.79 42.52 -45.14
CA MET D 164 -8.69 41.66 -45.87
C MET D 164 -9.63 42.49 -46.73
N ALA D 165 -10.20 43.54 -46.14
CA ALA D 165 -11.13 44.40 -46.86
C ALA D 165 -11.12 45.79 -46.23
N THR D 166 -11.85 46.72 -46.83
CA THR D 166 -11.90 48.10 -46.34
C THR D 166 -13.28 48.72 -46.47
N VAL D 167 -13.89 49.12 -45.35
CA VAL D 167 -15.21 49.74 -45.37
C VAL D 167 -15.10 51.27 -45.35
N GLN D 168 -15.82 51.95 -46.23
CA GLN D 168 -15.79 53.42 -46.26
C GLN D 168 -17.22 53.96 -46.15
N GLN D 169 -17.37 55.07 -45.45
CA GLN D 169 -18.68 55.69 -45.29
C GLN D 169 -18.74 56.77 -46.38
N LEU D 170 -19.69 56.67 -47.31
CA LEU D 170 -19.78 57.67 -48.37
C LEU D 170 -20.94 58.63 -48.24
N ASP D 171 -21.68 58.52 -47.14
CA ASP D 171 -22.78 59.40 -46.86
C ASP D 171 -22.80 59.62 -45.36
N PRO D 172 -22.50 60.84 -44.89
CA PRO D 172 -22.16 62.02 -45.70
C PRO D 172 -20.81 61.82 -46.33
N ILE D 173 -20.35 62.78 -47.11
CA ILE D 173 -19.04 62.67 -47.72
C ILE D 173 -18.30 63.97 -47.39
N TYR D 174 -17.01 64.02 -47.69
CA TYR D 174 -16.25 65.22 -47.41
C TYR D 174 -15.71 65.81 -48.69
N VAL D 175 -15.32 67.07 -48.61
CA VAL D 175 -14.72 67.76 -49.74
C VAL D 175 -13.61 68.62 -49.17
N ASP D 176 -12.40 68.08 -49.10
CA ASP D 176 -11.25 68.80 -48.58
C ASP D 176 -10.88 69.94 -49.49
N VAL D 177 -11.04 71.16 -48.98
CA VAL D 177 -10.71 72.37 -49.73
C VAL D 177 -9.41 73.00 -49.24
N THR D 178 -8.48 73.24 -50.17
CA THR D 178 -7.20 73.85 -49.82
C THR D 178 -7.21 75.33 -50.15
N GLN D 179 -7.08 76.16 -49.11
CA GLN D 179 -7.08 77.59 -49.28
C GLN D 179 -5.87 78.28 -48.66
N PRO D 180 -5.44 79.40 -49.27
CA PRO D 180 -4.29 80.16 -48.78
C PRO D 180 -4.51 80.60 -47.34
N SER D 181 -3.42 80.69 -46.59
CA SER D 181 -3.44 81.06 -45.17
C SER D 181 -4.51 82.08 -44.78
N THR D 182 -4.34 83.30 -45.26
CA THR D 182 -5.26 84.39 -44.96
C THR D 182 -6.62 84.25 -45.64
N ALA D 183 -6.63 83.58 -46.79
CA ALA D 183 -7.85 83.37 -47.54
C ALA D 183 -8.92 82.82 -46.61
N LEU D 184 -8.50 81.94 -45.71
CA LEU D 184 -9.41 81.32 -44.75
C LEU D 184 -10.00 82.34 -43.77
N LEU D 185 -9.12 83.01 -43.04
CA LEU D 185 -9.50 84.01 -42.05
C LEU D 185 -10.47 85.05 -42.61
N ARG D 186 -10.31 85.38 -43.90
CA ARG D 186 -11.19 86.35 -44.53
C ARG D 186 -12.61 85.79 -44.49
N LEU D 187 -12.79 84.65 -45.16
CA LEU D 187 -14.07 83.97 -45.21
C LEU D 187 -14.60 83.73 -43.81
N ARG D 188 -13.69 83.58 -42.85
CA ARG D 188 -14.09 83.34 -41.48
C ARG D 188 -14.80 84.58 -40.97
N ARG D 189 -14.24 85.74 -41.28
CA ARG D 189 -14.82 87.01 -40.88
C ARG D 189 -16.21 87.08 -41.48
N GLU D 190 -16.25 86.95 -42.80
CA GLU D 190 -17.49 86.98 -43.56
C GLU D 190 -18.58 86.13 -42.89
N LEU D 191 -18.18 85.01 -42.31
CA LEU D 191 -19.14 84.15 -41.62
C LEU D 191 -19.79 84.98 -40.52
N ALA D 192 -18.94 85.62 -39.72
CA ALA D 192 -19.39 86.45 -38.60
C ALA D 192 -20.30 87.58 -39.04
N SER D 193 -19.77 88.50 -39.85
CA SER D 193 -20.53 89.64 -40.32
C SER D 193 -21.93 89.22 -40.74
N GLY D 194 -22.04 88.54 -41.87
CA GLY D 194 -23.33 88.10 -42.36
C GLY D 194 -23.27 87.92 -43.86
N GLN D 195 -22.17 88.37 -44.44
CA GLN D 195 -21.95 88.26 -45.87
C GLN D 195 -22.02 86.81 -46.33
N LEU D 196 -21.86 85.88 -45.39
CA LEU D 196 -21.91 84.44 -45.66
C LEU D 196 -23.15 83.82 -45.01
N GLU D 197 -23.91 83.07 -45.79
CA GLU D 197 -25.14 82.43 -45.30
C GLU D 197 -24.85 81.35 -44.27
N ARG D 198 -24.87 81.71 -42.99
CA ARG D 198 -24.59 80.76 -41.92
C ARG D 198 -25.22 79.39 -42.15
N ALA D 199 -24.42 78.35 -41.95
CA ALA D 199 -24.87 76.97 -42.13
C ALA D 199 -24.81 76.23 -40.79
N GLY D 200 -23.94 76.69 -39.91
CA GLY D 200 -23.79 76.08 -38.61
C GLY D 200 -23.11 77.05 -37.68
N ASP D 201 -22.96 76.69 -36.40
CA ASP D 201 -22.31 77.55 -35.43
C ASP D 201 -20.93 78.02 -35.87
N ASN D 202 -20.42 77.46 -36.97
CA ASN D 202 -19.10 77.86 -37.47
C ASN D 202 -18.87 77.45 -38.92
N ALA D 203 -19.95 77.16 -39.63
CA ALA D 203 -19.84 76.76 -41.04
C ALA D 203 -20.86 77.50 -41.90
N ALA D 204 -20.49 77.77 -43.14
CA ALA D 204 -21.36 78.46 -44.08
C ALA D 204 -21.99 77.49 -45.08
N LYS D 205 -23.21 77.79 -45.53
CA LYS D 205 -23.87 76.92 -46.51
C LYS D 205 -23.13 77.01 -47.84
N VAL D 206 -23.00 75.88 -48.53
CA VAL D 206 -22.31 75.88 -49.83
C VAL D 206 -22.85 74.85 -50.81
N SER D 207 -22.43 74.99 -52.06
CA SER D 207 -22.87 74.07 -53.11
C SER D 207 -21.66 73.40 -53.72
N LEU D 208 -21.91 72.40 -54.55
CA LEU D 208 -20.85 71.64 -55.18
C LEU D 208 -21.06 71.59 -56.69
N LYS D 209 -19.96 71.69 -57.44
CA LYS D 209 -20.01 71.66 -58.89
C LYS D 209 -19.07 70.55 -59.39
N LEU D 210 -19.64 69.42 -59.77
CA LEU D 210 -18.86 68.27 -60.24
C LEU D 210 -17.94 68.60 -61.40
N GLU D 211 -16.79 67.92 -61.43
CA GLU D 211 -15.75 68.10 -62.46
C GLU D 211 -16.25 68.25 -63.89
N ASP D 212 -17.36 67.59 -64.21
CA ASP D 212 -17.94 67.66 -65.55
C ASP D 212 -18.44 69.07 -65.77
N GLY D 213 -18.88 69.70 -64.69
CA GLY D 213 -19.39 71.06 -64.77
C GLY D 213 -20.86 71.13 -64.42
N SER D 214 -21.39 70.09 -63.78
CA SER D 214 -22.80 70.08 -63.41
C SER D 214 -23.01 70.47 -61.95
N GLN D 215 -24.22 70.91 -61.64
CA GLN D 215 -24.56 71.36 -60.30
C GLN D 215 -25.11 70.22 -59.43
N TYR D 216 -24.32 69.76 -58.47
CA TYR D 216 -24.77 68.71 -57.59
C TYR D 216 -26.03 69.24 -56.92
N PRO D 217 -27.16 68.54 -57.11
CA PRO D 217 -28.47 68.89 -56.56
C PRO D 217 -28.52 69.34 -55.10
N LEU D 218 -28.15 68.48 -54.17
CA LEU D 218 -28.21 68.87 -52.76
C LEU D 218 -27.10 69.85 -52.37
N GLU D 219 -27.16 70.32 -51.13
CA GLU D 219 -26.18 71.28 -50.63
C GLU D 219 -25.79 70.94 -49.19
N GLY D 220 -24.63 71.44 -48.76
CA GLY D 220 -24.18 71.16 -47.41
C GLY D 220 -23.25 72.17 -46.75
N ARG D 221 -22.82 71.80 -45.53
CA ARG D 221 -21.94 72.61 -44.70
C ARG D 221 -20.53 72.86 -45.24
N LEU D 222 -19.78 73.62 -44.46
CA LEU D 222 -18.39 73.95 -44.74
C LEU D 222 -17.75 74.41 -43.43
N GLU D 223 -17.57 73.48 -42.51
CA GLU D 223 -16.98 73.80 -41.22
C GLU D 223 -15.70 74.59 -41.45
N PHE D 224 -15.57 75.74 -40.81
CA PHE D 224 -14.40 76.58 -40.98
C PHE D 224 -13.25 76.18 -40.07
N SER D 225 -13.52 75.21 -39.19
CA SER D 225 -12.50 74.71 -38.29
C SER D 225 -11.42 74.06 -39.12
N GLU D 226 -10.16 74.39 -38.85
CA GLU D 226 -9.05 73.83 -39.60
C GLU D 226 -8.89 72.33 -39.37
N VAL D 227 -8.50 71.63 -40.42
CA VAL D 227 -8.30 70.19 -40.34
C VAL D 227 -6.79 69.92 -40.36
N SER D 228 -6.08 70.63 -41.23
CA SER D 228 -4.64 70.44 -41.32
C SER D 228 -3.97 71.58 -42.09
N VAL D 229 -2.71 71.85 -41.75
CA VAL D 229 -1.93 72.90 -42.40
C VAL D 229 -0.60 72.36 -42.88
N ASP D 230 0.03 73.07 -43.81
CA ASP D 230 1.32 72.68 -44.35
C ASP D 230 2.37 73.66 -43.85
N GLU D 231 3.08 73.28 -42.78
CA GLU D 231 4.11 74.13 -42.20
C GLU D 231 4.92 74.87 -43.27
N GLY D 232 5.33 74.14 -44.30
CA GLY D 232 6.09 74.75 -45.38
C GLY D 232 5.27 75.75 -46.16
N THR D 233 4.63 75.30 -47.24
CA THR D 233 3.80 76.15 -48.08
C THR D 233 2.97 77.12 -47.25
N GLY D 234 2.23 76.58 -46.28
CA GLY D 234 1.42 77.43 -45.42
C GLY D 234 -0.08 77.39 -45.69
N SER D 235 -0.47 76.69 -46.75
CA SER D 235 -1.87 76.56 -47.15
C SER D 235 -2.71 75.72 -46.19
N VAL D 236 -3.79 76.30 -45.67
CA VAL D 236 -4.67 75.59 -44.74
C VAL D 236 -5.71 74.79 -45.49
N THR D 237 -6.13 73.68 -44.90
CA THR D 237 -7.15 72.84 -45.52
C THR D 237 -8.32 72.57 -44.61
N ILE D 238 -9.52 72.94 -45.07
CA ILE D 238 -10.73 72.70 -44.32
C ILE D 238 -11.63 71.86 -45.21
N ARG D 239 -12.51 71.10 -44.59
CA ARG D 239 -13.39 70.23 -45.34
C ARG D 239 -14.88 70.57 -45.20
N ALA D 240 -15.60 70.40 -46.29
CA ALA D 240 -17.04 70.65 -46.31
C ALA D 240 -17.73 69.32 -46.00
N VAL D 241 -19.05 69.32 -45.98
CA VAL D 241 -19.80 68.09 -45.70
C VAL D 241 -21.09 68.00 -46.50
N PHE D 242 -21.03 67.40 -47.68
CA PHE D 242 -22.20 67.22 -48.53
C PHE D 242 -22.79 65.82 -48.39
N PRO D 243 -24.13 65.73 -48.43
CA PRO D 243 -24.83 64.44 -48.32
C PRO D 243 -24.76 63.70 -49.65
N ASN D 244 -24.51 62.39 -49.60
CA ASN D 244 -24.41 61.56 -50.80
C ASN D 244 -25.24 60.31 -50.57
N PRO D 245 -26.57 60.44 -50.63
CA PRO D 245 -27.54 59.35 -50.43
C PRO D 245 -27.66 58.34 -51.57
N ASN D 246 -27.12 58.67 -52.73
CA ASN D 246 -27.20 57.76 -53.86
C ASN D 246 -25.81 57.41 -54.33
N ASN D 247 -24.85 57.49 -53.42
CA ASN D 247 -23.47 57.18 -53.77
C ASN D 247 -23.18 57.85 -55.12
N GLU D 248 -23.73 59.04 -55.30
CA GLU D 248 -23.54 59.79 -56.53
C GLU D 248 -22.10 60.30 -56.58
N LEU D 249 -21.54 60.60 -55.41
CA LEU D 249 -20.19 61.12 -55.33
C LEU D 249 -19.22 60.07 -54.83
N LEU D 250 -18.02 60.09 -55.36
CA LEU D 250 -17.02 59.11 -54.95
C LEU D 250 -15.66 59.75 -54.67
N PRO D 251 -14.92 59.18 -53.72
CA PRO D 251 -13.61 59.65 -53.33
C PRO D 251 -12.67 59.83 -54.51
N GLY D 252 -12.24 61.06 -54.75
CA GLY D 252 -11.33 61.30 -55.86
C GLY D 252 -11.82 62.31 -56.87
N MET D 253 -13.07 62.74 -56.74
CA MET D 253 -13.63 63.72 -57.67
C MET D 253 -12.97 65.08 -57.44
N PHE D 254 -12.47 65.68 -58.52
CA PHE D 254 -11.81 66.99 -58.45
C PHE D 254 -12.85 68.11 -58.52
N VAL D 255 -13.83 68.05 -57.63
CA VAL D 255 -14.91 69.04 -57.57
C VAL D 255 -14.52 70.45 -57.15
N HIS D 256 -15.53 71.32 -57.15
CA HIS D 256 -15.39 72.73 -56.76
C HIS D 256 -16.49 73.10 -55.77
N ALA D 257 -16.10 73.72 -54.68
CA ALA D 257 -17.04 74.15 -53.65
C ALA D 257 -17.47 75.57 -54.00
N GLN D 258 -18.77 75.80 -54.07
CA GLN D 258 -19.28 77.12 -54.42
C GLN D 258 -19.88 77.83 -53.22
N LEU D 259 -19.49 79.08 -53.03
CA LEU D 259 -20.01 79.90 -51.94
C LEU D 259 -20.23 81.31 -52.47
N PRO E 13 -1.55 81.03 -106.75
CA PRO E 13 -1.74 79.70 -106.11
C PRO E 13 -3.13 79.55 -105.49
N GLU E 14 -3.87 78.54 -105.94
CA GLU E 14 -5.21 78.28 -105.43
C GLU E 14 -5.43 76.79 -105.18
N VAL E 15 -6.30 76.48 -104.22
CA VAL E 15 -6.60 75.10 -103.87
C VAL E 15 -8.11 74.90 -103.66
N GLY E 16 -8.51 73.65 -103.52
CA GLY E 16 -9.92 73.34 -103.30
C GLY E 16 -10.18 72.89 -101.88
N ILE E 17 -10.27 73.85 -100.97
CA ILE E 17 -10.53 73.56 -99.56
C ILE E 17 -12.00 73.21 -99.32
N VAL E 18 -12.25 72.43 -98.28
CA VAL E 18 -13.60 72.03 -97.92
C VAL E 18 -13.88 72.46 -96.48
N THR E 19 -15.03 73.09 -96.27
CA THR E 19 -15.42 73.56 -94.95
C THR E 19 -15.87 72.40 -94.06
N LEU E 20 -15.07 72.09 -93.05
CA LEU E 20 -15.39 71.01 -92.12
C LEU E 20 -16.50 71.43 -91.17
N GLU E 21 -17.52 70.58 -91.04
CA GLU E 21 -18.65 70.87 -90.17
C GLU E 21 -19.06 69.64 -89.34
N ALA E 22 -19.53 69.87 -88.13
CA ALA E 22 -19.95 68.79 -87.24
C ALA E 22 -21.18 68.06 -87.80
N GLN E 23 -21.03 66.76 -87.99
CA GLN E 23 -22.11 65.94 -88.52
C GLN E 23 -22.62 64.91 -87.51
N THR E 24 -23.84 64.45 -87.74
CA THR E 24 -24.47 63.46 -86.86
C THR E 24 -24.07 62.04 -87.26
N VAL E 25 -23.68 61.26 -86.26
CA VAL E 25 -23.28 59.87 -86.46
C VAL E 25 -23.72 59.05 -85.24
N THR E 26 -24.06 57.79 -85.49
CA THR E 26 -24.49 56.89 -84.43
C THR E 26 -23.40 55.82 -84.21
N LEU E 27 -22.72 55.89 -83.06
CA LEU E 27 -21.67 54.94 -82.75
C LEU E 27 -21.83 54.35 -81.36
N ASN E 28 -21.08 53.27 -81.09
CA ASN E 28 -21.12 52.59 -79.81
C ASN E 28 -19.98 53.03 -78.91
N THR E 29 -20.23 53.02 -77.61
CA THR E 29 -19.23 53.41 -76.63
C THR E 29 -18.40 52.18 -76.32
N GLU E 30 -17.09 52.39 -76.37
CA GLU E 30 -16.18 51.31 -76.09
C GLU E 30 -15.51 51.48 -74.73
N LEU E 31 -15.99 50.70 -73.77
CA LEU E 31 -15.43 50.72 -72.42
C LEU E 31 -14.38 49.63 -72.31
N PRO E 32 -13.11 50.02 -72.20
CA PRO E 32 -12.01 49.06 -72.08
C PRO E 32 -11.99 48.35 -70.72
N GLY E 33 -11.49 47.12 -70.70
CA GLY E 33 -11.45 46.39 -69.45
C GLY E 33 -10.78 45.03 -69.56
N ARG E 34 -10.63 44.36 -68.43
CA ARG E 34 -10.01 43.05 -68.38
C ARG E 34 -10.97 42.03 -67.78
N THR E 35 -10.86 40.79 -68.24
CA THR E 35 -11.71 39.73 -67.75
C THR E 35 -11.15 39.19 -66.45
N ASN E 36 -12.03 38.80 -65.53
CA ASN E 36 -11.60 38.26 -64.26
C ASN E 36 -12.52 37.17 -63.78
N ALA E 37 -12.00 36.28 -62.96
CA ALA E 37 -12.79 35.20 -62.45
C ALA E 37 -13.99 35.72 -61.67
N PHE E 38 -15.08 34.99 -61.75
CA PHE E 38 -16.28 35.37 -61.06
C PHE E 38 -16.04 35.17 -59.58
N ARG E 39 -15.32 34.10 -59.21
CA ARG E 39 -15.04 33.79 -57.81
C ARG E 39 -13.76 32.93 -57.71
N ILE E 40 -12.91 33.20 -56.72
CA ILE E 40 -11.67 32.41 -56.57
C ILE E 40 -11.49 31.80 -55.19
N ALA E 41 -10.91 30.61 -55.14
CA ALA E 41 -10.66 29.97 -53.85
C ALA E 41 -9.32 29.25 -53.91
N GLU E 42 -8.73 29.03 -52.72
CA GLU E 42 -7.45 28.35 -52.63
C GLU E 42 -7.63 27.04 -51.91
N VAL E 43 -6.84 26.04 -52.29
CA VAL E 43 -6.94 24.73 -51.64
C VAL E 43 -5.74 24.59 -50.71
N ARG E 44 -5.98 24.28 -49.43
CA ARG E 44 -4.92 24.18 -48.45
C ARG E 44 -5.08 23.07 -47.44
N PRO E 45 -3.98 22.52 -46.94
CA PRO E 45 -4.07 21.44 -45.95
C PRO E 45 -4.30 21.98 -44.55
N GLN E 46 -4.98 21.21 -43.71
CA GLN E 46 -5.28 21.65 -42.36
C GLN E 46 -4.89 20.60 -41.37
N VAL E 47 -4.09 19.64 -41.82
CA VAL E 47 -3.53 18.60 -40.96
C VAL E 47 -2.23 18.27 -41.62
N ASN E 48 -1.28 17.73 -40.86
CA ASN E 48 0.00 17.41 -41.44
C ASN E 48 -0.04 16.00 -42.00
N GLY E 49 0.68 15.78 -43.09
CA GLY E 49 0.70 14.45 -43.65
C GLY E 49 1.32 14.35 -45.01
N ILE E 50 1.22 13.15 -45.58
CA ILE E 50 1.72 12.86 -46.91
C ILE E 50 0.54 12.76 -47.89
N ILE E 51 0.71 13.31 -49.08
CA ILE E 51 -0.34 13.22 -50.10
C ILE E 51 -0.39 11.78 -50.62
N LEU E 52 -1.51 11.08 -50.49
CA LEU E 52 -1.60 9.74 -51.04
C LEU E 52 -2.00 9.89 -52.49
N LYS E 53 -3.16 10.47 -52.72
CA LYS E 53 -3.66 10.64 -54.07
C LYS E 53 -4.11 12.05 -54.33
N ARG E 54 -4.03 12.46 -55.60
CA ARG E 54 -4.49 13.77 -56.01
C ARG E 54 -5.61 13.48 -57.01
N LEU E 55 -6.81 13.18 -56.51
CA LEU E 55 -7.94 12.85 -57.37
C LEU E 55 -8.68 13.91 -58.20
N PHE E 56 -7.98 14.63 -59.07
CA PHE E 56 -8.62 15.61 -59.92
C PHE E 56 -7.72 15.91 -61.11
N LYS E 57 -8.32 16.15 -62.26
CA LYS E 57 -7.55 16.42 -63.45
C LYS E 57 -7.13 17.87 -63.54
N GLU E 58 -5.83 18.14 -63.63
CA GLU E 58 -5.41 19.53 -63.74
C GLU E 58 -6.15 20.12 -64.92
N GLY E 59 -6.80 21.25 -64.68
CA GLY E 59 -7.55 21.92 -65.74
C GLY E 59 -9.01 21.49 -65.86
N SER E 60 -9.48 20.64 -64.94
CA SER E 60 -10.85 20.18 -65.02
C SER E 60 -11.83 21.07 -64.29
N ASP E 61 -13.07 20.60 -64.14
CA ASP E 61 -14.09 21.34 -63.43
C ASP E 61 -14.42 20.55 -62.18
N VAL E 62 -14.37 21.20 -61.03
CA VAL E 62 -14.69 20.50 -59.78
C VAL E 62 -15.89 21.18 -59.15
N LYS E 63 -16.60 20.44 -58.33
CA LYS E 63 -17.74 20.97 -57.64
C LYS E 63 -17.35 21.29 -56.20
N ALA E 64 -17.89 22.36 -55.64
CA ALA E 64 -17.61 22.68 -54.26
C ALA E 64 -17.99 21.49 -53.37
N GLY E 65 -17.05 21.02 -52.55
CA GLY E 65 -17.30 19.91 -51.65
C GLY E 65 -16.69 18.63 -52.15
N GLN E 66 -16.13 18.71 -53.35
CA GLN E 66 -15.51 17.56 -54.00
C GLN E 66 -14.12 17.26 -53.42
N GLN E 67 -13.85 16.01 -53.06
CA GLN E 67 -12.53 15.67 -52.55
C GLN E 67 -11.50 15.91 -53.64
N LEU E 68 -10.47 16.71 -53.34
CA LEU E 68 -9.44 17.01 -54.33
C LEU E 68 -8.16 16.25 -54.07
N TYR E 69 -7.88 16.00 -52.79
CA TYR E 69 -6.69 15.29 -52.36
C TYR E 69 -7.04 14.32 -51.26
N GLN E 70 -6.10 13.42 -50.97
CA GLN E 70 -6.29 12.45 -49.90
C GLN E 70 -4.98 12.35 -49.16
N ILE E 71 -4.97 12.82 -47.91
CA ILE E 71 -3.76 12.75 -47.12
C ILE E 71 -3.78 11.38 -46.46
N ASP E 72 -2.63 10.70 -46.44
CA ASP E 72 -2.54 9.38 -45.83
C ASP E 72 -3.15 9.49 -44.44
N PRO E 73 -4.32 8.87 -44.23
CA PRO E 73 -5.12 8.83 -43.01
C PRO E 73 -4.85 7.69 -42.06
N ALA E 74 -4.00 6.77 -42.49
CA ALA E 74 -3.67 5.60 -41.70
C ALA E 74 -3.64 5.81 -40.18
N THR E 75 -2.81 6.75 -39.74
CA THR E 75 -2.69 7.02 -38.32
C THR E 75 -3.84 7.83 -37.73
N TYR E 76 -4.31 8.84 -38.46
CA TYR E 76 -5.43 9.66 -38.00
C TYR E 76 -6.60 8.73 -37.77
N GLU E 77 -6.89 7.87 -38.74
CA GLU E 77 -7.97 6.92 -38.60
C GLU E 77 -7.68 6.07 -37.37
N ALA E 78 -6.41 5.76 -37.18
CA ALA E 78 -5.98 4.94 -36.04
C ALA E 78 -6.17 5.64 -34.70
N ASP E 79 -5.67 6.87 -34.59
CA ASP E 79 -5.79 7.62 -33.35
C ASP E 79 -7.27 7.81 -32.99
N TYR E 80 -8.10 8.05 -33.99
CA TYR E 80 -9.51 8.26 -33.77
C TYR E 80 -10.18 7.05 -33.19
N GLN E 81 -9.93 5.90 -33.78
CA GLN E 81 -10.54 4.68 -33.27
C GLN E 81 -10.02 4.46 -31.86
N SER E 82 -8.73 4.79 -31.68
CA SER E 82 -8.12 4.63 -30.37
C SER E 82 -8.86 5.50 -29.37
N ALA E 83 -8.95 6.79 -29.70
CA ALA E 83 -9.63 7.75 -28.84
C ALA E 83 -10.99 7.22 -28.42
N GLN E 84 -11.82 6.89 -29.41
CA GLN E 84 -13.16 6.39 -29.13
C GLN E 84 -13.17 5.19 -28.20
N ALA E 85 -12.16 4.34 -28.32
CA ALA E 85 -12.10 3.17 -27.46
C ALA E 85 -12.03 3.68 -26.03
N ASN E 86 -11.07 4.58 -25.82
CA ASN E 86 -10.84 5.19 -24.52
C ASN E 86 -12.10 5.81 -23.96
N LEU E 87 -12.73 6.69 -24.74
CA LEU E 87 -13.96 7.34 -24.31
C LEU E 87 -14.98 6.32 -23.85
N ALA E 88 -15.32 5.41 -24.74
CA ALA E 88 -16.29 4.36 -24.43
C ALA E 88 -15.98 3.78 -23.06
N SER E 89 -14.70 3.60 -22.78
CA SER E 89 -14.28 3.07 -21.49
C SER E 89 -14.60 4.05 -20.35
N THR E 90 -13.84 5.15 -20.29
CA THR E 90 -14.02 6.16 -19.26
C THR E 90 -15.47 6.57 -19.06
N GLN E 91 -16.21 6.76 -20.16
CA GLN E 91 -17.59 7.15 -20.02
C GLN E 91 -18.33 6.20 -19.10
N GLU E 92 -18.27 4.91 -19.41
CA GLU E 92 -18.93 3.90 -18.61
C GLU E 92 -18.48 4.06 -17.17
N GLN E 93 -17.16 3.99 -16.98
CA GLN E 93 -16.54 4.14 -15.66
C GLN E 93 -17.19 5.26 -14.87
N ALA E 94 -17.38 6.40 -15.53
CA ALA E 94 -17.99 7.55 -14.90
C ALA E 94 -19.44 7.28 -14.56
N GLN E 95 -20.25 7.05 -15.58
CA GLN E 95 -21.67 6.77 -15.38
C GLN E 95 -21.90 5.82 -14.20
N ARG E 96 -20.99 4.86 -14.01
CA ARG E 96 -21.16 3.93 -12.91
C ARG E 96 -20.89 4.67 -11.60
N TYR E 97 -19.71 5.27 -11.49
CA TYR E 97 -19.33 6.02 -10.30
C TYR E 97 -20.35 7.10 -9.92
N LYS E 98 -21.12 7.57 -10.91
CA LYS E 98 -22.09 8.61 -10.62
C LYS E 98 -23.20 8.07 -9.75
N LEU E 99 -23.41 6.76 -9.80
CA LEU E 99 -24.45 6.14 -8.99
C LEU E 99 -23.90 5.61 -7.67
N LEU E 100 -22.58 5.55 -7.56
CA LEU E 100 -21.95 5.06 -6.33
C LEU E 100 -21.83 6.16 -5.26
N VAL E 101 -21.56 7.39 -5.69
CA VAL E 101 -21.48 8.48 -4.74
C VAL E 101 -22.90 8.69 -4.27
N ALA E 102 -23.85 8.50 -5.19
CA ALA E 102 -25.26 8.64 -4.89
C ALA E 102 -25.61 7.79 -3.66
N ASP E 103 -24.82 6.75 -3.42
CA ASP E 103 -25.06 5.86 -2.29
C ASP E 103 -23.86 5.80 -1.36
N GLN E 104 -23.08 6.88 -1.31
CA GLN E 104 -21.91 6.94 -0.45
C GLN E 104 -20.89 5.82 -0.74
N ALA E 105 -21.22 4.95 -1.69
CA ALA E 105 -20.35 3.83 -2.05
C ALA E 105 -18.98 4.26 -2.51
N VAL E 106 -18.84 5.55 -2.84
CA VAL E 106 -17.57 6.07 -3.31
C VAL E 106 -17.45 7.57 -3.00
N SER E 107 -16.24 8.01 -2.66
CA SER E 107 -16.00 9.41 -2.31
C SER E 107 -16.27 10.36 -3.47
N LYS E 108 -16.60 11.60 -3.14
CA LYS E 108 -16.86 12.62 -4.14
C LYS E 108 -15.61 12.83 -4.96
N GLN E 109 -14.46 12.61 -4.32
CA GLN E 109 -13.18 12.76 -4.98
C GLN E 109 -13.07 11.79 -6.14
N GLN E 110 -13.31 10.51 -5.84
CA GLN E 110 -13.24 9.48 -6.85
C GLN E 110 -14.15 9.79 -8.03
N TYR E 111 -15.43 10.06 -7.75
CA TYR E 111 -16.35 10.37 -8.83
C TYR E 111 -15.86 11.57 -9.61
N ALA E 112 -15.20 12.48 -8.91
CA ALA E 112 -14.66 13.66 -9.57
C ALA E 112 -13.60 13.21 -10.56
N ASP E 113 -12.55 12.59 -10.04
CA ASP E 113 -11.47 12.10 -10.89
C ASP E 113 -12.03 11.34 -12.08
N ALA E 114 -13.10 10.59 -11.84
CA ALA E 114 -13.74 9.81 -12.89
C ALA E 114 -14.29 10.73 -13.96
N ASN E 115 -15.31 11.48 -13.62
CA ASN E 115 -15.91 12.40 -14.58
C ASN E 115 -14.85 13.30 -15.22
N ALA E 116 -13.72 13.46 -14.51
CA ALA E 116 -12.61 14.27 -15.02
C ALA E 116 -12.05 13.61 -16.27
N ALA E 117 -11.62 12.36 -16.14
CA ALA E 117 -11.07 11.62 -17.27
C ALA E 117 -12.10 11.50 -18.39
N TYR E 118 -13.36 11.29 -18.02
CA TYR E 118 -14.41 11.16 -19.01
C TYR E 118 -14.43 12.38 -19.91
N LEU E 119 -14.34 13.56 -19.32
CA LEU E 119 -14.35 14.79 -20.09
C LEU E 119 -13.12 14.87 -20.98
N GLN E 120 -11.99 14.49 -20.43
CA GLN E 120 -10.74 14.54 -21.18
C GLN E 120 -10.89 13.71 -22.44
N SER E 121 -11.46 12.51 -22.28
CA SER E 121 -11.65 11.60 -23.40
C SER E 121 -12.53 12.27 -24.45
N LYS E 122 -13.76 12.55 -24.05
CA LYS E 122 -14.71 13.19 -24.94
C LYS E 122 -14.02 14.30 -25.72
N ALA E 123 -13.13 15.00 -25.04
CA ALA E 123 -12.38 16.07 -25.68
C ALA E 123 -11.51 15.50 -26.79
N ALA E 124 -10.63 14.59 -26.41
CA ALA E 124 -9.71 13.95 -27.32
C ALA E 124 -10.38 13.40 -28.57
N VAL E 125 -11.49 12.71 -28.37
CA VAL E 125 -12.21 12.13 -29.50
C VAL E 125 -12.60 13.18 -30.50
N GLU E 126 -13.23 14.25 -30.03
CA GLU E 126 -13.65 15.32 -30.91
C GLU E 126 -12.48 15.87 -31.71
N GLN E 127 -11.33 16.00 -31.08
CA GLN E 127 -10.16 16.52 -31.75
C GLN E 127 -9.66 15.51 -32.78
N ALA E 128 -9.77 14.23 -32.43
CA ALA E 128 -9.34 13.19 -33.34
C ALA E 128 -10.23 13.22 -34.56
N ARG E 129 -11.54 13.33 -34.32
CA ARG E 129 -12.52 13.38 -35.38
C ARG E 129 -12.20 14.48 -36.36
N ILE E 130 -11.92 15.66 -35.84
CA ILE E 130 -11.61 16.77 -36.71
C ILE E 130 -10.39 16.56 -37.59
N ASN E 131 -9.32 16.01 -37.02
CA ASN E 131 -8.12 15.79 -37.81
C ASN E 131 -8.34 14.77 -38.90
N LEU E 132 -9.10 13.73 -38.58
CA LEU E 132 -9.39 12.70 -39.58
C LEU E 132 -10.14 13.33 -40.74
N ARG E 133 -11.15 14.13 -40.41
CA ARG E 133 -11.96 14.80 -41.40
C ARG E 133 -11.10 15.61 -42.36
N TYR E 134 -10.09 16.28 -41.81
CA TYR E 134 -9.26 17.09 -42.68
C TYR E 134 -8.36 16.30 -43.63
N THR E 135 -8.30 14.98 -43.49
CA THR E 135 -7.46 14.21 -44.38
C THR E 135 -8.04 14.18 -45.77
N LYS E 136 -9.32 14.52 -45.91
CA LYS E 136 -9.93 14.55 -47.24
C LYS E 136 -10.05 16.01 -47.62
N VAL E 137 -9.13 16.47 -48.45
CA VAL E 137 -9.12 17.86 -48.87
C VAL E 137 -10.18 18.13 -49.91
N LEU E 138 -11.05 19.10 -49.65
CA LEU E 138 -12.14 19.37 -50.60
C LEU E 138 -11.97 20.70 -51.29
N SER E 139 -12.80 20.95 -52.29
CA SER E 139 -12.76 22.23 -53.01
C SER E 139 -13.71 23.20 -52.31
N PRO E 140 -13.22 24.35 -51.89
CA PRO E 140 -14.11 25.28 -51.21
C PRO E 140 -15.25 25.76 -52.09
N ILE E 141 -15.02 25.90 -53.39
CA ILE E 141 -16.07 26.36 -54.26
C ILE E 141 -16.18 25.51 -55.52
N SER E 142 -16.93 25.98 -56.51
CA SER E 142 -17.04 25.25 -57.75
C SER E 142 -16.49 26.14 -58.80
N GLY E 143 -15.69 25.58 -59.67
CA GLY E 143 -15.06 26.34 -60.73
C GLY E 143 -14.04 25.45 -61.42
N ARG E 144 -13.19 26.07 -62.23
CA ARG E 144 -12.16 25.32 -62.93
C ARG E 144 -10.95 25.28 -62.02
N ILE E 145 -10.36 24.11 -61.87
CA ILE E 145 -9.18 23.96 -61.03
C ILE E 145 -8.02 23.79 -61.98
N GLY E 146 -6.89 24.40 -61.65
CA GLY E 146 -5.71 24.31 -62.52
C GLY E 146 -4.72 23.23 -62.13
N ARG E 147 -3.44 23.54 -62.31
CA ARG E 147 -2.39 22.58 -62.00
C ARG E 147 -2.35 22.37 -60.50
N SER E 148 -1.97 21.18 -60.06
CA SER E 148 -1.84 20.88 -58.64
C SER E 148 -0.43 21.27 -58.29
N ALA E 149 -0.27 22.28 -57.43
CA ALA E 149 1.06 22.75 -57.06
C ALA E 149 1.80 21.77 -56.16
N VAL E 150 1.18 20.64 -55.90
CA VAL E 150 1.77 19.63 -55.05
C VAL E 150 1.78 18.29 -55.74
N THR E 151 2.86 17.55 -55.54
CA THR E 151 3.01 16.22 -56.15
C THR E 151 2.47 15.14 -55.24
N GLU E 152 2.06 14.01 -55.81
CA GLU E 152 1.56 12.95 -54.96
C GLU E 152 2.76 12.59 -54.11
N GLY E 153 2.52 12.02 -52.93
CA GLY E 153 3.63 11.66 -52.08
C GLY E 153 4.29 12.83 -51.37
N ALA E 154 4.02 14.06 -51.83
CA ALA E 154 4.60 15.23 -51.21
C ALA E 154 4.20 15.30 -49.75
N LEU E 155 4.84 16.20 -49.02
CA LEU E 155 4.55 16.33 -47.60
C LEU E 155 3.91 17.67 -47.32
N VAL E 156 2.69 17.66 -46.80
CA VAL E 156 2.02 18.91 -46.50
C VAL E 156 1.84 19.07 -45.01
N THR E 157 1.93 20.32 -44.55
CA THR E 157 1.73 20.62 -43.15
C THR E 157 0.79 21.81 -43.00
N ASN E 158 -0.03 21.75 -41.95
CA ASN E 158 -0.99 22.81 -41.64
C ASN E 158 -0.23 24.11 -41.66
N GLY E 159 -0.92 25.23 -41.70
CA GLY E 159 -0.25 26.51 -41.71
C GLY E 159 0.63 26.76 -42.90
N GLN E 160 1.06 25.70 -43.55
CA GLN E 160 1.90 25.78 -44.73
C GLN E 160 1.70 27.12 -45.45
N ALA E 161 2.75 27.69 -46.02
CA ALA E 161 2.58 29.00 -46.66
C ALA E 161 2.03 28.97 -48.08
N ASN E 162 2.24 27.88 -48.81
CA ASN E 162 1.75 27.81 -50.18
C ASN E 162 0.46 27.04 -50.36
N ALA E 163 -0.40 27.53 -51.25
CA ALA E 163 -1.67 26.84 -51.49
C ALA E 163 -1.37 25.63 -52.33
N MET E 164 -2.12 24.56 -52.12
CA MET E 164 -1.92 23.34 -52.89
C MET E 164 -2.41 23.52 -54.32
N ALA E 165 -3.51 24.24 -54.47
CA ALA E 165 -4.12 24.48 -55.78
C ALA E 165 -5.17 25.57 -55.66
N THR E 166 -5.54 26.18 -56.78
CA THR E 166 -6.54 27.23 -56.73
C THR E 166 -7.64 27.11 -57.79
N VAL E 167 -8.87 26.94 -57.31
CA VAL E 167 -10.08 26.80 -58.12
C VAL E 167 -10.64 28.16 -58.57
N GLN E 168 -11.01 28.27 -59.85
CA GLN E 168 -11.53 29.52 -60.40
C GLN E 168 -12.82 29.34 -61.22
N GLN E 169 -13.91 29.92 -60.72
CA GLN E 169 -15.21 29.89 -61.39
C GLN E 169 -15.22 30.91 -62.53
N LEU E 170 -15.29 30.42 -63.79
CA LEU E 170 -15.27 31.30 -64.96
C LEU E 170 -16.57 31.45 -65.77
N ASP E 171 -17.68 30.97 -65.23
CA ASP E 171 -18.96 31.09 -65.89
C ASP E 171 -19.98 31.40 -64.82
N PRO E 172 -20.46 32.65 -64.76
CA PRO E 172 -20.16 33.77 -65.64
C PRO E 172 -18.74 34.23 -65.41
N ILE E 173 -18.31 35.22 -66.16
CA ILE E 173 -16.98 35.78 -66.00
C ILE E 173 -17.16 37.28 -65.86
N TYR E 174 -16.30 37.93 -65.09
CA TYR E 174 -16.44 39.37 -64.92
C TYR E 174 -15.61 40.08 -65.94
N VAL E 175 -15.93 41.36 -66.10
CA VAL E 175 -15.17 42.23 -66.97
C VAL E 175 -15.06 43.53 -66.20
N ASP E 176 -13.89 43.78 -65.62
CA ASP E 176 -13.64 44.99 -64.86
C ASP E 176 -13.47 46.16 -65.81
N VAL E 177 -14.33 47.16 -65.65
CA VAL E 177 -14.31 48.34 -66.50
C VAL E 177 -14.02 49.55 -65.62
N THR E 178 -13.04 50.35 -66.05
CA THR E 178 -12.64 51.54 -65.31
C THR E 178 -13.02 52.80 -66.07
N GLN E 179 -13.79 53.67 -65.42
CA GLN E 179 -14.24 54.92 -66.01
C GLN E 179 -14.07 56.07 -65.04
N PRO E 180 -13.78 57.28 -65.56
CA PRO E 180 -13.60 58.44 -64.68
C PRO E 180 -14.94 58.79 -64.02
N SER E 181 -14.92 58.99 -62.71
CA SER E 181 -16.11 59.32 -61.94
C SER E 181 -17.25 59.90 -62.74
N THR E 182 -17.00 61.05 -63.36
CA THR E 182 -18.02 61.73 -64.16
C THR E 182 -18.67 60.80 -65.16
N ALA E 183 -17.84 60.18 -65.99
CA ALA E 183 -18.31 59.25 -67.02
C ALA E 183 -19.34 58.29 -66.45
N LEU E 184 -19.02 57.67 -65.32
CA LEU E 184 -19.92 56.74 -64.68
C LEU E 184 -21.22 57.46 -64.37
N LEU E 185 -21.10 58.66 -63.82
CA LEU E 185 -22.26 59.45 -63.47
C LEU E 185 -23.14 59.69 -64.71
N ARG E 186 -22.49 59.95 -65.83
CA ARG E 186 -23.21 60.17 -67.09
C ARG E 186 -24.05 58.96 -67.43
N LEU E 187 -23.40 57.81 -67.54
CA LEU E 187 -24.07 56.56 -67.88
C LEU E 187 -25.20 56.25 -66.91
N ARG E 188 -24.99 56.50 -65.63
CA ARG E 188 -26.01 56.22 -64.64
C ARG E 188 -27.26 57.02 -64.97
N ARG E 189 -27.05 58.24 -65.46
CA ARG E 189 -28.13 59.14 -65.84
C ARG E 189 -28.91 58.48 -66.98
N GLU E 190 -28.21 58.28 -68.08
CA GLU E 190 -28.78 57.67 -69.28
C GLU E 190 -29.58 56.42 -68.96
N LEU E 191 -29.13 55.65 -67.97
CA LEU E 191 -29.86 54.46 -67.62
C LEU E 191 -31.24 54.85 -67.12
N ALA E 192 -31.26 55.66 -66.05
CA ALA E 192 -32.50 56.12 -65.45
C ALA E 192 -33.35 56.82 -66.50
N SER E 193 -32.70 57.65 -67.32
CA SER E 193 -33.38 58.36 -68.39
C SER E 193 -34.17 57.37 -69.24
N GLY E 194 -33.44 56.62 -70.06
CA GLY E 194 -34.05 55.64 -70.92
C GLY E 194 -33.18 55.48 -72.15
N GLN E 195 -32.17 56.34 -72.24
CA GLN E 195 -31.24 56.35 -73.36
C GLN E 195 -30.36 55.09 -73.46
N LEU E 196 -30.43 54.22 -72.46
CA LEU E 196 -29.63 52.99 -72.45
C LEU E 196 -30.47 51.73 -72.32
N GLU E 197 -30.04 50.66 -73.02
CA GLU E 197 -30.76 49.39 -72.98
C GLU E 197 -30.76 48.78 -71.59
N ARG E 198 -31.80 49.02 -70.82
CA ARG E 198 -31.87 48.50 -69.46
C ARG E 198 -31.77 46.98 -69.40
N ALA E 199 -30.69 46.50 -68.80
CA ALA E 199 -30.45 45.07 -68.65
C ALA E 199 -31.03 44.62 -67.32
N GLY E 200 -30.86 45.45 -66.29
CA GLY E 200 -31.37 45.12 -64.98
C GLY E 200 -31.66 46.37 -64.17
N ASP E 201 -32.22 46.19 -62.98
CA ASP E 201 -32.56 47.30 -62.09
C ASP E 201 -31.47 48.36 -61.99
N ASN E 202 -30.23 47.99 -62.29
CA ASN E 202 -29.15 48.95 -62.24
C ASN E 202 -28.04 48.73 -63.27
N ALA E 203 -28.32 47.85 -64.24
CA ALA E 203 -27.35 47.56 -65.28
C ALA E 203 -27.95 47.66 -66.67
N ALA E 204 -27.08 47.91 -67.65
CA ALA E 204 -27.49 48.01 -69.04
C ALA E 204 -26.92 46.84 -69.83
N LYS E 205 -27.66 46.37 -70.84
CA LYS E 205 -27.20 45.26 -71.69
C LYS E 205 -25.94 45.72 -72.38
N VAL E 206 -24.99 44.80 -72.59
CA VAL E 206 -23.72 45.14 -73.23
C VAL E 206 -23.16 43.97 -74.01
N SER E 207 -22.34 44.29 -75.02
CA SER E 207 -21.71 43.29 -75.86
C SER E 207 -20.21 43.38 -75.62
N LEU E 208 -19.46 42.35 -76.01
CA LEU E 208 -18.03 42.36 -75.79
C LEU E 208 -17.23 42.18 -77.06
N LYS E 209 -16.13 42.92 -77.19
CA LYS E 209 -15.27 42.82 -78.35
C LYS E 209 -13.87 42.41 -77.88
N LEU E 210 -13.44 41.23 -78.31
CA LEU E 210 -12.14 40.69 -77.91
C LEU E 210 -10.95 41.46 -78.46
N GLU E 211 -9.77 41.19 -77.93
CA GLU E 211 -8.54 41.87 -78.35
C GLU E 211 -8.19 41.66 -79.82
N ASP E 212 -8.72 40.62 -80.42
CA ASP E 212 -8.41 40.34 -81.82
C ASP E 212 -9.45 41.03 -82.70
N GLY E 213 -10.40 41.70 -82.05
CA GLY E 213 -11.45 42.39 -82.78
C GLY E 213 -12.72 41.58 -82.90
N SER E 214 -12.63 40.26 -82.67
CA SER E 214 -13.79 39.38 -82.77
C SER E 214 -14.93 39.89 -81.89
N GLN E 215 -16.15 39.49 -82.21
CA GLN E 215 -17.32 39.91 -81.44
C GLN E 215 -17.84 38.71 -80.65
N TYR E 216 -17.66 38.74 -79.34
CA TYR E 216 -18.14 37.64 -78.51
C TYR E 216 -19.65 37.46 -78.72
N PRO E 217 -20.07 36.27 -79.13
CA PRO E 217 -21.49 35.99 -79.36
C PRO E 217 -22.46 36.38 -78.25
N LEU E 218 -22.31 35.82 -77.06
CA LEU E 218 -23.24 36.13 -75.98
C LEU E 218 -23.21 37.58 -75.52
N GLU E 219 -24.32 37.99 -74.92
CA GLU E 219 -24.47 39.35 -74.43
C GLU E 219 -24.54 39.34 -72.90
N GLY E 220 -24.11 40.43 -72.27
CA GLY E 220 -24.14 40.47 -70.82
C GLY E 220 -24.48 41.77 -70.15
N ARG E 221 -24.70 41.70 -68.84
CA ARG E 221 -25.03 42.83 -67.97
C ARG E 221 -23.84 43.69 -67.58
N LEU E 222 -24.03 45.00 -67.53
CA LEU E 222 -22.97 45.90 -67.07
C LEU E 222 -23.49 46.60 -65.84
N GLU E 223 -23.33 45.98 -64.67
CA GLU E 223 -23.77 46.55 -63.40
C GLU E 223 -23.11 47.90 -63.12
N PHE E 224 -23.87 48.87 -62.63
CA PHE E 224 -23.32 50.20 -62.37
C PHE E 224 -22.86 50.49 -60.93
N SER E 225 -23.18 49.58 -60.01
CA SER E 225 -22.74 49.74 -58.63
C SER E 225 -21.22 49.70 -58.63
N GLU E 226 -20.59 50.75 -58.14
CA GLU E 226 -19.12 50.83 -58.09
C GLU E 226 -18.56 49.73 -57.22
N VAL E 227 -17.39 49.23 -57.59
CA VAL E 227 -16.76 48.17 -56.81
C VAL E 227 -15.50 48.69 -56.11
N SER E 228 -14.79 49.62 -56.76
CA SER E 228 -13.58 50.18 -56.19
C SER E 228 -13.32 51.55 -56.79
N VAL E 229 -12.60 52.38 -56.05
CA VAL E 229 -12.26 53.71 -56.52
C VAL E 229 -10.79 54.00 -56.26
N ASP E 230 -10.10 54.50 -57.27
CA ASP E 230 -8.69 54.86 -57.14
C ASP E 230 -8.70 56.30 -56.66
N GLU E 231 -8.88 56.49 -55.35
CA GLU E 231 -8.94 57.83 -54.76
C GLU E 231 -7.79 58.68 -55.24
N GLY E 232 -6.75 58.04 -55.77
CA GLY E 232 -5.61 58.77 -56.29
C GLY E 232 -5.98 59.48 -57.57
N THR E 233 -6.42 58.70 -58.57
CA THR E 233 -6.80 59.26 -59.87
C THR E 233 -8.31 59.52 -59.93
N GLY E 234 -8.99 59.21 -58.83
CA GLY E 234 -10.44 59.41 -58.77
C GLY E 234 -11.24 58.46 -59.65
N SER E 235 -10.54 57.67 -60.45
CA SER E 235 -11.16 56.70 -61.35
C SER E 235 -12.06 55.70 -60.62
N VAL E 236 -13.07 55.21 -61.31
CA VAL E 236 -13.97 54.24 -60.71
C VAL E 236 -13.97 52.95 -61.52
N THR E 237 -14.21 51.84 -60.84
CA THR E 237 -14.25 50.55 -61.52
C THR E 237 -15.55 49.84 -61.27
N ILE E 238 -16.21 49.48 -62.36
CA ILE E 238 -17.46 48.76 -62.31
C ILE E 238 -17.28 47.45 -63.06
N ARG E 239 -18.20 46.52 -62.87
CA ARG E 239 -18.11 45.22 -63.50
C ARG E 239 -19.23 44.80 -64.45
N ALA E 240 -18.84 44.22 -65.56
CA ALA E 240 -19.78 43.69 -66.52
C ALA E 240 -19.81 42.18 -66.22
N VAL E 241 -20.93 41.52 -66.48
CA VAL E 241 -21.02 40.08 -66.25
C VAL E 241 -21.49 39.29 -67.49
N PHE E 242 -20.56 38.63 -68.16
CA PHE E 242 -20.87 37.85 -69.35
C PHE E 242 -20.95 36.35 -69.11
N PRO E 243 -21.80 35.65 -69.89
CA PRO E 243 -21.93 34.20 -69.72
C PRO E 243 -20.76 33.59 -70.50
N ASN E 244 -20.18 32.52 -69.96
CA ASN E 244 -19.01 31.91 -70.58
C ASN E 244 -19.14 30.42 -70.40
N PRO E 245 -20.13 29.80 -71.06
CA PRO E 245 -20.41 28.36 -70.98
C PRO E 245 -19.47 27.44 -71.74
N ASN E 246 -18.64 28.01 -72.59
CA ASN E 246 -17.73 27.16 -73.35
C ASN E 246 -16.28 27.44 -73.00
N ASN E 247 -16.10 28.28 -71.99
CA ASN E 247 -14.78 28.67 -71.54
C ASN E 247 -13.98 29.41 -72.60
N GLU E 248 -14.68 30.02 -73.54
CA GLU E 248 -13.99 30.76 -74.57
C GLU E 248 -13.31 31.94 -73.91
N LEU E 249 -13.90 32.42 -72.83
CA LEU E 249 -13.35 33.56 -72.12
C LEU E 249 -12.45 33.14 -70.98
N LEU E 250 -11.28 33.76 -70.88
CA LEU E 250 -10.32 33.45 -69.81
C LEU E 250 -9.87 34.75 -69.18
N PRO E 251 -9.50 34.71 -67.89
CA PRO E 251 -9.04 35.91 -67.18
C PRO E 251 -7.82 36.55 -67.81
N GLY E 252 -7.70 37.85 -67.65
CA GLY E 252 -6.54 38.54 -68.18
C GLY E 252 -6.64 39.06 -69.60
N MET E 253 -7.78 38.84 -70.23
CA MET E 253 -7.98 39.30 -71.60
C MET E 253 -8.30 40.78 -71.60
N PHE E 254 -7.60 41.55 -72.42
CA PHE E 254 -7.87 42.99 -72.52
C PHE E 254 -9.02 43.08 -73.50
N VAL E 255 -10.15 43.63 -73.05
CA VAL E 255 -11.33 43.73 -73.92
C VAL E 255 -12.05 45.05 -73.81
N HIS E 256 -13.09 45.21 -74.64
CA HIS E 256 -13.91 46.42 -74.64
C HIS E 256 -15.36 46.03 -74.51
N ALA E 257 -16.07 46.67 -73.60
CA ALA E 257 -17.48 46.42 -73.42
C ALA E 257 -18.14 47.46 -74.31
N GLN E 258 -18.95 47.01 -75.25
CA GLN E 258 -19.61 47.93 -76.16
C GLN E 258 -21.00 48.30 -75.67
N LEU E 259 -21.24 49.61 -75.57
CA LEU E 259 -22.52 50.13 -75.11
C LEU E 259 -23.03 51.17 -76.13
N GLN E 260 -24.34 51.19 -76.40
CA GLN E 260 -24.87 52.19 -77.33
C GLN E 260 -25.68 53.23 -76.56
N GLU E 261 -25.13 54.44 -76.46
CA GLU E 261 -25.80 55.51 -75.74
C GLU E 261 -26.73 56.28 -76.68
N GLY E 262 -27.97 56.47 -76.26
CA GLY E 262 -28.94 57.18 -77.08
C GLY E 262 -28.91 58.69 -77.08
N VAL E 263 -27.92 59.26 -77.78
CA VAL E 263 -27.75 60.71 -77.90
C VAL E 263 -27.00 61.02 -79.18
N LYS E 264 -27.42 62.06 -79.90
CA LYS E 264 -26.76 62.46 -81.15
C LYS E 264 -25.29 62.79 -80.91
N GLN E 265 -24.38 62.18 -81.69
CA GLN E 265 -22.93 62.44 -81.55
C GLN E 265 -22.34 63.10 -82.79
N LYS E 266 -21.76 64.27 -82.62
CA LYS E 266 -21.16 65.01 -83.73
C LYS E 266 -19.64 64.96 -83.68
N ALA E 267 -19.02 64.72 -84.84
CA ALA E 267 -17.56 64.65 -84.94
C ALA E 267 -17.09 65.00 -86.35
N ILE E 268 -15.88 65.54 -86.45
CA ILE E 268 -15.33 65.93 -87.75
C ILE E 268 -14.93 64.70 -88.56
N LEU E 269 -15.52 64.56 -89.74
CA LEU E 269 -15.21 63.44 -90.63
C LEU E 269 -14.49 63.96 -91.88
N ALA E 270 -13.18 64.16 -91.74
CA ALA E 270 -12.36 64.65 -92.85
C ALA E 270 -12.09 63.59 -93.91
N PRO E 271 -12.52 63.84 -95.15
CA PRO E 271 -12.32 62.90 -96.26
C PRO E 271 -10.85 62.54 -96.47
N GLN E 272 -10.59 61.28 -96.82
CA GLN E 272 -9.23 60.80 -97.04
C GLN E 272 -8.58 61.46 -98.24
N GLN E 273 -9.41 62.07 -99.10
CA GLN E 273 -8.91 62.74 -100.29
C GLN E 273 -8.11 64.00 -99.92
N GLY E 274 -7.95 64.20 -98.61
CA GLY E 274 -7.20 65.35 -98.12
C GLY E 274 -6.34 65.05 -96.91
N VAL E 275 -5.84 63.81 -96.84
CA VAL E 275 -4.99 63.38 -95.73
C VAL E 275 -3.93 62.36 -96.21
N THR E 276 -2.83 62.27 -95.48
CA THR E 276 -1.75 61.33 -95.83
C THR E 276 -1.23 60.62 -94.58
N ARG E 277 -0.61 59.45 -94.78
CA ARG E 277 -0.06 58.68 -93.66
C ARG E 277 1.42 58.39 -93.85
N ASP E 278 2.27 59.27 -93.33
CA ASP E 278 3.72 59.10 -93.43
C ASP E 278 4.20 58.04 -92.45
N LEU E 279 5.27 57.33 -92.82
CA LEU E 279 5.81 56.28 -91.98
C LEU E 279 4.77 55.17 -91.82
N LYS E 280 3.80 55.17 -92.73
CA LYS E 280 2.71 54.20 -92.72
C LYS E 280 2.01 54.18 -91.36
N GLY E 281 1.57 55.34 -90.91
CA GLY E 281 0.89 55.44 -89.63
C GLY E 281 0.51 56.86 -89.26
N GLN E 282 1.52 57.70 -89.00
CA GLN E 282 1.30 59.09 -88.62
C GLN E 282 0.42 59.82 -89.63
N ALA E 283 -0.61 60.49 -89.12
CA ALA E 283 -1.55 61.23 -89.97
C ALA E 283 -1.23 62.73 -89.99
N THR E 284 -1.01 63.26 -91.19
CA THR E 284 -0.69 64.68 -91.36
C THR E 284 -1.59 65.30 -92.43
N ALA E 285 -2.08 66.51 -92.15
CA ALA E 285 -2.95 67.22 -93.09
C ALA E 285 -2.46 68.64 -93.38
N LEU E 286 -3.01 69.23 -94.42
CA LEU E 286 -2.64 70.59 -94.81
C LEU E 286 -3.88 71.47 -94.93
N VAL E 287 -3.98 72.47 -94.05
CA VAL E 287 -5.12 73.38 -94.04
C VAL E 287 -4.66 74.83 -94.16
N VAL E 288 -5.58 75.71 -94.53
CA VAL E 288 -5.26 77.12 -94.68
C VAL E 288 -5.82 77.93 -93.51
N ASN E 289 -4.93 78.61 -92.78
CA ASN E 289 -5.33 79.41 -91.63
C ASN E 289 -6.07 80.68 -92.04
N ALA E 290 -6.49 81.46 -91.04
CA ALA E 290 -7.20 82.71 -91.28
C ALA E 290 -6.34 83.69 -92.06
N GLN E 291 -5.03 83.58 -91.89
CA GLN E 291 -4.08 84.46 -92.57
C GLN E 291 -3.88 83.98 -94.02
N ASN E 292 -4.88 83.27 -94.55
CA ASN E 292 -4.83 82.74 -95.92
C ASN E 292 -3.54 81.99 -96.22
N LYS E 293 -2.83 81.59 -95.16
CA LYS E 293 -1.58 80.85 -95.30
C LYS E 293 -1.80 79.40 -94.89
N VAL E 294 -1.11 78.47 -95.58
CA VAL E 294 -1.23 77.05 -95.28
C VAL E 294 -0.35 76.62 -94.10
N GLU E 295 -0.93 75.85 -93.18
CA GLU E 295 -0.23 75.34 -92.00
C GLU E 295 -0.12 73.83 -92.06
N LEU E 296 0.60 73.25 -91.11
CA LEU E 296 0.79 71.80 -91.04
C LEU E 296 0.46 71.25 -89.65
N ARG E 297 -0.76 70.73 -89.50
CA ARG E 297 -1.19 70.16 -88.23
C ARG E 297 -1.35 68.65 -88.30
N VAL E 298 -0.93 67.96 -87.24
CA VAL E 298 -1.02 66.52 -87.17
C VAL E 298 -2.36 66.09 -86.57
N ILE E 299 -3.11 65.29 -87.32
CA ILE E 299 -4.43 64.82 -86.88
C ILE E 299 -4.37 63.39 -86.32
N LYS E 300 -5.42 63.02 -85.56
CA LYS E 300 -5.50 61.69 -84.96
C LYS E 300 -6.72 60.91 -85.45
N ALA E 301 -6.78 60.67 -86.76
CA ALA E 301 -7.88 59.94 -87.36
C ALA E 301 -7.56 58.45 -87.37
N ASP E 302 -8.45 57.65 -86.79
CA ASP E 302 -8.23 56.22 -86.71
C ASP E 302 -9.21 55.38 -87.53
N ARG E 303 -10.51 55.65 -87.37
CA ARG E 303 -11.53 54.90 -88.09
C ARG E 303 -11.66 55.35 -89.55
N VAL E 304 -12.52 54.66 -90.29
CA VAL E 304 -12.75 54.98 -91.70
C VAL E 304 -14.23 54.76 -92.05
N ILE E 305 -14.98 55.85 -92.17
CA ILE E 305 -16.40 55.78 -92.50
C ILE E 305 -16.66 56.23 -93.94
N GLY E 306 -17.12 55.30 -94.77
CA GLY E 306 -17.40 55.62 -96.16
C GLY E 306 -16.15 55.95 -96.95
N ASP E 307 -15.83 57.23 -97.02
CA ASP E 307 -14.65 57.70 -97.74
C ASP E 307 -13.93 58.75 -96.90
N LYS E 308 -14.51 59.05 -95.74
CA LYS E 308 -13.95 60.04 -94.82
C LYS E 308 -13.33 59.36 -93.60
N TRP E 309 -12.50 60.12 -92.87
CA TRP E 309 -11.83 59.61 -91.68
C TRP E 309 -12.25 60.37 -90.42
N LEU E 310 -12.63 59.63 -89.37
CA LEU E 310 -13.06 60.22 -88.12
C LEU E 310 -11.87 60.76 -87.33
N VAL E 311 -11.62 62.05 -87.46
CA VAL E 311 -10.52 62.71 -86.75
C VAL E 311 -10.90 62.92 -85.29
N THR E 312 -10.26 62.17 -84.40
CA THR E 312 -10.52 62.26 -82.96
C THR E 312 -9.95 63.55 -82.36
N GLU E 313 -8.78 63.94 -82.84
CA GLU E 313 -8.12 65.16 -82.36
C GLU E 313 -7.08 65.65 -83.38
N GLY E 314 -7.40 66.78 -84.01
CA GLY E 314 -6.50 67.35 -85.00
C GLY E 314 -7.17 68.41 -85.83
N LEU E 315 -8.49 68.29 -86.02
CA LEU E 315 -9.27 69.25 -86.79
C LEU E 315 -10.64 69.52 -86.15
N ASN E 316 -10.86 70.77 -85.73
CA ASN E 316 -12.12 71.17 -85.11
C ASN E 316 -13.14 71.59 -86.16
N ALA E 317 -14.34 71.97 -85.70
CA ALA E 317 -15.40 72.40 -86.60
C ALA E 317 -15.12 73.76 -87.20
N GLY E 318 -15.17 73.83 -88.54
CA GLY E 318 -14.92 75.09 -89.22
C GLY E 318 -13.70 75.08 -90.12
N ASP E 319 -12.62 74.47 -89.64
CA ASP E 319 -11.37 74.39 -90.39
C ASP E 319 -11.57 74.07 -91.88
N LYS E 320 -10.65 74.54 -92.71
CA LYS E 320 -10.71 74.31 -94.15
C LYS E 320 -9.64 73.30 -94.56
N ILE E 321 -10.07 72.16 -95.08
CA ILE E 321 -9.14 71.10 -95.49
C ILE E 321 -8.82 71.17 -96.98
N ILE E 322 -7.53 71.31 -97.29
CA ILE E 322 -7.07 71.39 -98.68
C ILE E 322 -7.08 70.02 -99.35
N THR E 323 -7.97 69.85 -100.33
CA THR E 323 -8.09 68.59 -101.06
C THR E 323 -7.42 68.66 -102.43
N GLU E 324 -7.90 69.58 -103.27
CA GLU E 324 -7.37 69.76 -104.61
C GLU E 324 -6.35 70.90 -104.66
N GLY E 325 -5.07 70.55 -104.47
CA GLY E 325 -4.02 71.56 -104.50
C GLY E 325 -2.77 71.10 -103.79
N LEU E 326 -2.79 69.87 -103.27
CA LEU E 326 -1.64 69.33 -102.57
C LEU E 326 -0.68 68.62 -103.53
N GLN E 327 -1.10 68.50 -104.79
CA GLN E 327 -0.29 67.85 -105.80
C GLN E 327 1.04 68.59 -106.00
N PHE E 328 1.10 69.82 -105.50
CA PHE E 328 2.29 70.64 -105.61
C PHE E 328 2.16 71.88 -104.73
N VAL E 329 2.68 71.78 -103.50
CA VAL E 329 2.60 72.89 -102.55
C VAL E 329 3.65 72.76 -101.44
N GLN E 330 3.48 73.54 -100.38
CA GLN E 330 4.39 73.53 -99.24
C GLN E 330 3.83 74.38 -98.10
N PRO E 331 4.12 74.00 -96.84
CA PRO E 331 3.64 74.73 -95.67
C PRO E 331 4.34 76.08 -95.47
N GLY E 332 3.55 77.15 -95.46
CA GLY E 332 4.10 78.48 -95.28
C GLY E 332 3.79 79.45 -96.39
N VAL E 333 2.91 79.05 -97.31
CA VAL E 333 2.54 79.90 -98.44
C VAL E 333 1.04 80.23 -98.41
N GLU E 334 0.65 81.29 -99.12
CA GLU E 334 -0.75 81.70 -99.17
C GLU E 334 -1.40 81.20 -100.46
N VAL E 335 -2.73 81.16 -100.49
CA VAL E 335 -3.45 80.70 -101.66
C VAL E 335 -4.90 81.17 -101.67
N LYS E 336 -5.64 80.77 -102.72
CA LYS E 336 -7.05 81.14 -102.87
C LYS E 336 -7.95 79.97 -102.44
N THR E 337 -9.12 80.31 -101.92
CA THR E 337 -10.07 79.30 -101.46
C THR E 337 -11.23 79.10 -102.44
N VAL E 338 -11.17 78.03 -103.23
CA VAL E 338 -12.21 77.72 -104.20
C VAL E 338 -12.86 76.37 -103.85
N PRO E 339 -14.11 76.40 -103.36
CA PRO E 339 -14.85 75.20 -102.97
C PRO E 339 -14.73 74.05 -103.97
N PRO F 13 3.62 62.45 -110.07
CA PRO F 13 3.48 61.51 -108.92
C PRO F 13 3.60 60.05 -109.37
N GLU F 14 4.56 59.34 -108.79
CA GLU F 14 4.78 57.94 -109.12
C GLU F 14 5.02 57.11 -107.87
N VAL F 15 4.68 55.83 -107.93
CA VAL F 15 4.86 54.92 -106.80
C VAL F 15 5.38 53.56 -107.27
N GLY F 16 5.72 52.70 -106.32
CA GLY F 16 6.22 51.38 -106.64
C GLY F 16 5.22 50.30 -106.29
N ILE F 17 4.29 50.03 -107.22
CA ILE F 17 3.24 49.04 -107.01
C ILE F 17 3.67 47.61 -107.35
N VAL F 18 3.00 46.65 -106.73
CA VAL F 18 3.28 45.23 -106.95
C VAL F 18 1.99 44.52 -107.36
N THR F 19 2.06 43.75 -108.44
CA THR F 19 0.89 43.03 -108.94
C THR F 19 0.53 41.85 -108.05
N LEU F 20 -0.61 41.95 -107.39
CA LEU F 20 -1.07 40.88 -106.50
C LEU F 20 -1.61 39.72 -107.32
N GLU F 21 -1.15 38.51 -107.01
CA GLU F 21 -1.58 37.32 -107.74
C GLU F 21 -1.87 36.15 -106.79
N ALA F 22 -2.86 35.34 -107.14
CA ALA F 22 -3.25 34.19 -106.34
C ALA F 22 -2.15 33.13 -106.25
N GLN F 23 -1.74 32.80 -105.04
CA GLN F 23 -0.70 31.80 -104.80
C GLN F 23 -1.29 30.64 -104.00
N THR F 24 -0.64 29.48 -104.03
CA THR F 24 -1.14 28.32 -103.28
C THR F 24 -0.26 28.15 -102.05
N VAL F 25 -0.78 28.52 -100.88
CA VAL F 25 -0.02 28.43 -99.63
C VAL F 25 -0.63 27.44 -98.62
N THR F 26 0.22 26.79 -97.83
CA THR F 26 -0.20 25.82 -96.81
C THR F 26 -0.24 26.55 -95.46
N LEU F 27 -1.26 26.25 -94.64
CA LEU F 27 -1.41 26.89 -93.34
C LEU F 27 -0.91 26.05 -92.17
N ASN F 28 0.28 26.39 -91.67
CA ASN F 28 0.87 25.67 -90.55
C ASN F 28 1.39 26.63 -89.50
N THR F 29 1.16 26.30 -88.23
CA THR F 29 1.59 27.14 -87.11
C THR F 29 2.51 26.40 -86.14
N GLU F 30 3.52 27.09 -85.64
CA GLU F 30 4.47 26.51 -84.70
C GLU F 30 4.27 27.06 -83.30
N LEU F 31 3.98 26.16 -82.36
CA LEU F 31 3.76 26.52 -80.97
C LEU F 31 4.93 26.09 -80.08
N PRO F 32 5.75 27.05 -79.65
CA PRO F 32 6.90 26.73 -78.79
C PRO F 32 6.47 26.26 -77.41
N GLY F 33 7.28 25.39 -76.80
CA GLY F 33 6.96 24.88 -75.49
C GLY F 33 8.05 24.02 -74.88
N ARG F 34 7.86 23.63 -73.63
CA ARG F 34 8.83 22.80 -72.93
C ARG F 34 8.19 21.46 -72.58
N THR F 35 9.01 20.43 -72.55
CA THR F 35 8.53 19.09 -72.22
C THR F 35 8.42 19.00 -70.72
N ASN F 36 7.50 18.18 -70.23
CA ASN F 36 7.33 18.02 -68.80
C ASN F 36 6.82 16.64 -68.46
N ALA F 37 7.17 16.16 -67.28
CA ALA F 37 6.75 14.84 -66.87
C ALA F 37 5.24 14.76 -66.89
N PHE F 38 4.74 13.60 -67.32
CA PHE F 38 3.31 13.36 -67.37
C PHE F 38 2.78 13.33 -65.95
N ARG F 39 3.61 12.86 -65.03
CA ARG F 39 3.22 12.77 -63.64
C ARG F 39 4.46 12.67 -62.74
N ILE F 40 4.42 13.34 -61.59
CA ILE F 40 5.55 13.33 -60.68
C ILE F 40 5.18 12.98 -59.25
N ALA F 41 6.04 12.22 -58.59
CA ALA F 41 5.81 11.84 -57.20
C ALA F 41 7.11 11.90 -56.39
N GLU F 42 6.97 12.11 -55.09
CA GLU F 42 8.11 12.18 -54.19
C GLU F 42 8.09 10.97 -53.29
N VAL F 43 9.28 10.50 -52.91
CA VAL F 43 9.39 9.34 -52.03
C VAL F 43 9.83 9.86 -50.68
N ARG F 44 9.08 9.54 -49.62
CA ARG F 44 9.39 10.03 -48.28
C ARG F 44 9.14 9.01 -47.20
N PRO F 45 9.85 9.13 -46.07
CA PRO F 45 9.66 8.19 -44.96
C PRO F 45 8.48 8.58 -44.08
N GLN F 46 7.84 7.60 -43.46
CA GLN F 46 6.71 7.88 -42.59
C GLN F 46 6.85 7.24 -41.23
N VAL F 47 8.08 6.85 -40.91
CA VAL F 47 8.46 6.26 -39.63
C VAL F 47 9.92 6.63 -39.50
N ASN F 48 10.40 6.70 -38.27
CA ASN F 48 11.80 7.03 -38.06
C ASN F 48 12.63 5.78 -38.12
N GLY F 49 13.87 5.91 -38.57
CA GLY F 49 14.73 4.75 -38.66
C GLY F 49 15.98 4.89 -39.49
N ILE F 50 16.65 3.76 -39.69
CA ILE F 50 17.88 3.72 -40.46
C ILE F 50 17.64 2.98 -41.76
N ILE F 51 18.19 3.51 -42.85
CA ILE F 51 18.02 2.86 -44.13
C ILE F 51 18.85 1.59 -44.17
N LEU F 52 18.22 0.43 -44.33
CA LEU F 52 19.01 -0.80 -44.43
C LEU F 52 19.46 -0.93 -45.87
N LYS F 53 18.49 -1.08 -46.76
CA LYS F 53 18.81 -1.23 -48.17
C LYS F 53 18.06 -0.23 -49.06
N ARG F 54 18.66 0.09 -50.19
CA ARG F 54 18.05 0.99 -51.16
C ARG F 54 17.87 0.15 -52.41
N LEU F 55 16.87 -0.72 -52.43
CA LEU F 55 16.65 -1.61 -53.56
C LEU F 55 16.14 -1.10 -54.91
N PHE F 56 16.83 -0.14 -55.51
CA PHE F 56 16.45 0.33 -56.84
C PHE F 56 17.66 1.00 -57.50
N LYS F 57 17.76 0.85 -58.81
CA LYS F 57 18.88 1.42 -59.55
C LYS F 57 18.63 2.88 -59.92
N GLU F 58 19.47 3.78 -59.44
CA GLU F 58 19.29 5.18 -59.78
C GLU F 58 19.17 5.28 -61.30
N GLY F 59 18.10 5.91 -61.75
CA GLY F 59 17.87 6.07 -63.17
C GLY F 59 17.04 4.97 -63.80
N SER F 60 16.61 3.99 -63.01
CA SER F 60 15.82 2.89 -63.58
C SER F 60 14.31 3.19 -63.66
N ASP F 61 13.53 2.17 -63.99
CA ASP F 61 12.08 2.30 -64.09
C ASP F 61 11.46 1.51 -62.97
N VAL F 62 10.61 2.16 -62.18
CA VAL F 62 9.94 1.49 -61.07
C VAL F 62 8.44 1.49 -61.28
N LYS F 63 7.77 0.48 -60.74
CA LYS F 63 6.33 0.38 -60.85
C LYS F 63 5.71 0.88 -59.55
N ALA F 64 4.57 1.54 -59.66
CA ALA F 64 3.93 2.03 -58.46
C ALA F 64 3.66 0.83 -57.54
N GLY F 65 4.01 0.97 -56.25
CA GLY F 65 3.81 -0.10 -55.30
C GLY F 65 5.06 -0.89 -55.02
N GLN F 66 6.08 -0.63 -55.83
CA GLN F 66 7.38 -1.31 -55.73
C GLN F 66 8.20 -0.82 -54.54
N GLN F 67 8.70 -1.74 -53.72
CA GLN F 67 9.51 -1.32 -52.58
C GLN F 67 10.76 -0.62 -53.09
N LEU F 68 11.03 0.57 -52.57
CA LEU F 68 12.20 1.32 -53.01
C LEU F 68 13.28 1.36 -51.97
N TYR F 69 12.86 1.28 -50.71
CA TYR F 69 13.78 1.31 -49.59
C TYR F 69 13.30 0.34 -48.54
N GLN F 70 14.15 0.10 -47.55
CA GLN F 70 13.84 -0.79 -46.46
C GLN F 70 14.44 -0.20 -45.21
N ILE F 71 13.59 0.26 -44.32
CA ILE F 71 14.06 0.85 -43.08
C ILE F 71 14.25 -0.31 -42.11
N ASP F 72 15.33 -0.29 -41.35
CA ASP F 72 15.59 -1.36 -40.40
C ASP F 72 14.33 -1.54 -39.55
N PRO F 73 13.61 -2.65 -39.77
CA PRO F 73 12.37 -3.03 -39.09
C PRO F 73 12.59 -3.75 -37.78
N ALA F 74 13.83 -3.78 -37.37
CA ALA F 74 14.22 -4.48 -36.16
C ALA F 74 13.34 -4.19 -34.97
N THR F 75 13.26 -2.92 -34.57
CA THR F 75 12.47 -2.57 -33.40
C THR F 75 10.98 -2.53 -33.68
N TYR F 76 10.61 -1.97 -34.83
CA TYR F 76 9.20 -1.89 -35.17
C TYR F 76 8.64 -3.30 -35.17
N GLU F 77 9.34 -4.20 -35.84
CA GLU F 77 8.89 -5.59 -35.91
C GLU F 77 8.84 -6.14 -34.50
N ALA F 78 9.74 -5.66 -33.65
CA ALA F 78 9.81 -6.09 -32.26
C ALA F 78 8.64 -5.56 -31.43
N ASP F 79 8.38 -4.25 -31.54
CA ASP F 79 7.30 -3.65 -30.80
C ASP F 79 5.97 -4.26 -31.22
N TYR F 80 5.83 -4.53 -32.49
CA TYR F 80 4.60 -5.11 -32.99
C TYR F 80 4.34 -6.47 -32.38
N GLN F 81 5.36 -7.35 -32.42
CA GLN F 81 5.20 -8.68 -31.88
C GLN F 81 4.92 -8.55 -30.40
N SER F 82 5.55 -7.56 -29.78
CA SER F 82 5.35 -7.32 -28.36
C SER F 82 3.90 -6.97 -28.12
N ALA F 83 3.42 -5.95 -28.84
CA ALA F 83 2.04 -5.50 -28.74
C ALA F 83 1.08 -6.67 -28.83
N GLN F 84 1.17 -7.43 -29.91
CA GLN F 84 0.29 -8.58 -30.10
C GLN F 84 0.31 -9.57 -28.95
N ALA F 85 1.48 -9.71 -28.34
CA ALA F 85 1.61 -10.63 -27.21
C ALA F 85 0.66 -10.12 -26.14
N ASN F 86 0.83 -8.85 -25.82
CA ASN F 86 0.02 -8.19 -24.82
C ASN F 86 -1.47 -8.34 -25.09
N LEU F 87 -1.90 -7.96 -26.29
CA LEU F 87 -3.30 -8.06 -26.67
C LEU F 87 -3.80 -9.48 -26.44
N ALA F 88 -3.12 -10.45 -27.05
CA ALA F 88 -3.51 -11.86 -26.89
C ALA F 88 -3.80 -12.15 -25.43
N SER F 89 -3.00 -11.56 -24.55
CA SER F 89 -3.16 -11.75 -23.12
C SER F 89 -4.42 -11.09 -22.59
N THR F 90 -4.43 -9.76 -22.58
CA THR F 90 -5.56 -8.98 -22.11
C THR F 90 -6.88 -9.43 -22.72
N GLN F 91 -6.89 -9.71 -24.02
CA GLN F 91 -8.11 -10.14 -24.66
C GLN F 91 -8.71 -11.33 -23.92
N GLU F 92 -7.92 -12.37 -23.75
CA GLU F 92 -8.38 -13.56 -23.05
C GLU F 92 -8.91 -13.13 -21.69
N GLN F 93 -8.05 -12.47 -20.92
CA GLN F 93 -8.39 -11.96 -19.59
C GLN F 93 -9.79 -11.36 -19.56
N ALA F 94 -10.08 -10.51 -20.54
CA ALA F 94 -11.37 -9.86 -20.65
C ALA F 94 -12.46 -10.88 -20.93
N GLN F 95 -12.38 -11.55 -22.08
CA GLN F 95 -13.36 -12.56 -22.45
C GLN F 95 -13.74 -13.45 -21.27
N ARG F 96 -12.79 -13.75 -20.41
CA ARG F 96 -13.09 -14.59 -19.25
C ARG F 96 -13.94 -13.79 -18.26
N TYR F 97 -13.43 -12.63 -17.86
CA TYR F 97 -14.13 -11.76 -16.93
C TYR F 97 -15.54 -11.41 -17.41
N LYS F 98 -15.77 -11.45 -18.71
CA LYS F 98 -17.08 -11.12 -19.24
C LYS F 98 -18.11 -12.16 -18.83
N LEU F 99 -17.64 -13.37 -18.53
CA LEU F 99 -18.55 -14.44 -18.13
C LEU F 99 -18.63 -14.54 -16.62
N LEU F 100 -17.72 -13.87 -15.92
CA LEU F 100 -17.73 -13.90 -14.46
C LEU F 100 -18.71 -12.89 -13.87
N VAL F 101 -18.83 -11.73 -14.50
CA VAL F 101 -19.78 -10.73 -14.02
C VAL F 101 -21.14 -11.33 -14.29
N ALA F 102 -21.23 -12.04 -15.41
CA ALA F 102 -22.47 -12.69 -15.83
C ALA F 102 -23.00 -13.56 -14.69
N ASP F 103 -22.10 -13.99 -13.81
CA ASP F 103 -22.49 -14.82 -12.68
C ASP F 103 -22.10 -14.19 -11.35
N GLN F 104 -22.05 -12.86 -11.32
CA GLN F 104 -21.70 -12.13 -10.10
C GLN F 104 -20.33 -12.53 -9.54
N ALA F 105 -19.67 -13.48 -10.20
CA ALA F 105 -18.37 -13.96 -9.76
C ALA F 105 -17.33 -12.84 -9.69
N VAL F 106 -17.64 -11.70 -10.31
CA VAL F 106 -16.70 -10.58 -10.30
C VAL F 106 -17.47 -9.26 -10.46
N SER F 107 -16.98 -8.21 -9.78
CA SER F 107 -17.62 -6.90 -9.82
C SER F 107 -17.61 -6.29 -11.22
N LYS F 108 -18.57 -5.42 -11.47
CA LYS F 108 -18.67 -4.75 -12.77
C LYS F 108 -17.42 -3.90 -12.95
N GLN F 109 -16.86 -3.44 -11.83
CA GLN F 109 -15.65 -2.62 -11.86
C GLN F 109 -14.51 -3.39 -12.47
N GLN F 110 -14.29 -4.60 -11.94
CA GLN F 110 -13.22 -5.45 -12.43
C GLN F 110 -13.37 -5.73 -13.91
N TYR F 111 -14.55 -6.19 -14.34
CA TYR F 111 -14.76 -6.47 -15.75
C TYR F 111 -14.51 -5.22 -16.56
N ALA F 112 -14.83 -4.07 -15.99
CA ALA F 112 -14.62 -2.81 -16.67
C ALA F 112 -13.13 -2.62 -16.88
N ASP F 113 -12.39 -2.56 -15.78
CA ASP F 113 -10.94 -2.39 -15.85
C ASP F 113 -10.33 -3.37 -16.86
N ALA F 114 -10.88 -4.57 -16.89
CA ALA F 114 -10.40 -5.60 -17.81
C ALA F 114 -10.63 -5.14 -19.25
N ASN F 115 -11.89 -5.09 -19.66
CA ASN F 115 -12.22 -4.68 -21.02
C ASN F 115 -11.54 -3.36 -21.36
N ALA F 116 -11.15 -2.62 -20.34
CA ALA F 116 -10.47 -1.34 -20.52
C ALA F 116 -9.09 -1.60 -21.13
N ALA F 117 -8.32 -2.43 -20.44
CA ALA F 117 -6.97 -2.76 -20.89
C ALA F 117 -7.03 -3.45 -22.24
N TYR F 118 -8.03 -4.32 -22.42
CA TYR F 118 -8.19 -5.02 -23.69
C TYR F 118 -8.26 -4.03 -24.83
N LEU F 119 -9.04 -2.99 -24.65
CA LEU F 119 -9.18 -1.97 -25.68
C LEU F 119 -7.86 -1.24 -25.91
N GLN F 120 -7.19 -0.90 -24.81
CA GLN F 120 -5.90 -0.21 -24.91
C GLN F 120 -4.94 -1.01 -25.78
N SER F 121 -4.90 -2.32 -25.53
CA SER F 121 -4.02 -3.22 -26.27
C SER F 121 -4.38 -3.18 -27.74
N LYS F 122 -5.61 -3.61 -28.04
CA LYS F 122 -6.10 -3.64 -29.42
C LYS F 122 -5.70 -2.35 -30.12
N ALA F 123 -5.70 -1.26 -29.37
CA ALA F 123 -5.33 0.04 -29.91
C ALA F 123 -3.86 0.02 -30.28
N ALA F 124 -3.02 -0.26 -29.29
CA ALA F 124 -1.56 -0.31 -29.46
C ALA F 124 -1.11 -1.19 -30.62
N VAL F 125 -1.70 -2.37 -30.73
CA VAL F 125 -1.35 -3.27 -31.81
C VAL F 125 -1.56 -2.61 -33.15
N GLU F 126 -2.74 -2.06 -33.35
CA GLU F 126 -3.06 -1.40 -34.61
C GLU F 126 -2.06 -0.31 -34.96
N GLN F 127 -1.64 0.44 -33.95
CA GLN F 127 -0.68 1.49 -34.19
C GLN F 127 0.68 0.88 -34.52
N ALA F 128 1.01 -0.22 -33.85
CA ALA F 128 2.27 -0.92 -34.08
C ALA F 128 2.30 -1.40 -35.52
N ARG F 129 1.21 -2.06 -35.93
CA ARG F 129 1.07 -2.58 -37.27
C ARG F 129 1.34 -1.50 -38.31
N ILE F 130 0.73 -0.34 -38.12
CA ILE F 130 0.89 0.75 -39.07
C ILE F 130 2.34 1.20 -39.20
N ASN F 131 3.02 1.41 -38.08
CA ASN F 131 4.42 1.85 -38.15
C ASN F 131 5.29 0.82 -38.86
N LEU F 132 5.05 -0.45 -38.58
CA LEU F 132 5.84 -1.49 -39.21
C LEU F 132 5.65 -1.41 -40.71
N ARG F 133 4.40 -1.32 -41.14
CA ARG F 133 4.09 -1.25 -42.56
C ARG F 133 4.85 -0.13 -43.23
N TYR F 134 5.01 0.99 -42.54
CA TYR F 134 5.70 2.12 -43.14
C TYR F 134 7.20 1.93 -43.27
N THR F 135 7.74 0.85 -42.73
CA THR F 135 9.19 0.63 -42.85
C THR F 135 9.53 0.25 -44.28
N LYS F 136 8.55 -0.25 -45.04
CA LYS F 136 8.77 -0.61 -46.43
C LYS F 136 8.33 0.50 -47.37
N VAL F 137 9.20 1.47 -47.59
CA VAL F 137 8.90 2.55 -48.51
C VAL F 137 8.53 1.97 -49.87
N LEU F 138 7.45 2.48 -50.47
CA LEU F 138 7.02 2.00 -51.78
C LEU F 138 6.88 3.17 -52.75
N SER F 139 6.97 2.89 -54.04
CA SER F 139 6.84 3.96 -55.01
C SER F 139 5.38 4.32 -55.24
N PRO F 140 5.04 5.60 -55.00
CA PRO F 140 3.69 6.05 -55.18
C PRO F 140 3.20 5.90 -56.61
N ILE F 141 4.11 5.98 -57.58
CA ILE F 141 3.69 5.85 -58.98
C ILE F 141 4.69 5.10 -59.83
N SER F 142 4.32 4.79 -61.07
CA SER F 142 5.22 4.10 -61.99
C SER F 142 5.96 5.17 -62.75
N GLY F 143 7.22 4.90 -63.07
CA GLY F 143 8.02 5.87 -63.80
C GLY F 143 9.50 5.69 -63.63
N ARG F 144 10.24 6.71 -64.03
CA ARG F 144 11.70 6.73 -63.95
C ARG F 144 12.11 7.44 -62.68
N ILE F 145 12.77 6.71 -61.81
CA ILE F 145 13.25 7.26 -60.54
C ILE F 145 14.70 7.67 -60.70
N GLY F 146 15.04 8.83 -60.16
CA GLY F 146 16.40 9.33 -60.29
C GLY F 146 17.41 8.89 -59.25
N ARG F 147 18.26 9.83 -58.87
CA ARG F 147 19.32 9.60 -57.90
C ARG F 147 18.82 9.73 -56.46
N SER F 148 18.99 8.67 -55.68
CA SER F 148 18.58 8.68 -54.27
C SER F 148 19.41 9.64 -53.44
N ALA F 149 18.77 10.62 -52.83
CA ALA F 149 19.45 11.61 -52.01
C ALA F 149 19.68 11.06 -50.61
N VAL F 150 19.67 9.74 -50.48
CA VAL F 150 19.90 9.11 -49.20
C VAL F 150 20.61 7.80 -49.43
N THR F 151 21.65 7.58 -48.62
CA THR F 151 22.45 6.37 -48.74
C THR F 151 22.25 5.41 -47.58
N GLU F 152 22.27 4.12 -47.89
CA GLU F 152 22.10 3.07 -46.89
C GLU F 152 22.87 3.41 -45.64
N GLY F 153 22.27 3.15 -44.48
CA GLY F 153 22.92 3.45 -43.23
C GLY F 153 22.52 4.81 -42.70
N ALA F 154 21.89 5.62 -43.55
CA ALA F 154 21.46 6.95 -43.13
C ALA F 154 20.24 6.90 -42.21
N LEU F 155 20.07 7.98 -41.45
CA LEU F 155 18.96 8.08 -40.51
C LEU F 155 17.86 8.96 -41.08
N VAL F 156 16.68 8.37 -41.26
CA VAL F 156 15.53 9.10 -41.81
C VAL F 156 14.42 9.34 -40.77
N THR F 157 13.87 10.54 -40.76
CA THR F 157 12.78 10.85 -39.84
C THR F 157 11.45 11.24 -40.50
N ASN F 158 10.39 10.65 -39.98
CA ASN F 158 9.03 10.89 -40.42
C ASN F 158 8.74 12.36 -40.20
N GLY F 159 8.60 13.12 -41.27
CA GLY F 159 8.33 14.54 -41.12
C GLY F 159 9.46 15.33 -41.70
N GLN F 160 10.59 14.67 -41.95
CA GLN F 160 11.77 15.33 -42.50
C GLN F 160 11.44 16.12 -43.75
N ALA F 161 12.03 17.31 -43.86
CA ALA F 161 11.80 18.20 -45.00
C ALA F 161 12.22 17.62 -46.34
N ASN F 162 13.51 17.34 -46.50
CA ASN F 162 14.00 16.78 -47.76
C ASN F 162 13.39 15.44 -48.06
N ALA F 163 13.28 15.13 -49.35
CA ALA F 163 12.68 13.89 -49.81
C ALA F 163 13.69 12.87 -50.32
N MET F 164 13.51 11.62 -49.92
CA MET F 164 14.41 10.56 -50.34
C MET F 164 14.64 10.43 -51.85
N ALA F 165 13.59 10.11 -52.61
CA ALA F 165 13.74 9.97 -54.06
C ALA F 165 12.57 10.61 -54.80
N THR F 166 12.65 10.66 -56.13
CA THR F 166 11.60 11.21 -56.98
C THR F 166 11.34 10.41 -58.26
N VAL F 167 10.14 9.84 -58.38
CA VAL F 167 9.79 9.08 -59.57
C VAL F 167 9.13 10.00 -60.59
N GLN F 168 9.20 9.63 -61.87
CA GLN F 168 8.60 10.43 -62.94
C GLN F 168 8.11 9.60 -64.11
N GLN F 169 6.89 9.86 -64.53
CA GLN F 169 6.31 9.18 -65.67
C GLN F 169 6.72 10.01 -66.88
N LEU F 170 7.37 9.36 -67.85
CA LEU F 170 7.85 10.07 -69.03
C LEU F 170 7.22 9.61 -70.32
N ASP F 171 6.34 8.62 -70.22
CA ASP F 171 5.63 8.10 -71.37
C ASP F 171 4.21 7.86 -70.93
N PRO F 172 3.26 8.68 -71.42
CA PRO F 172 3.42 9.79 -72.37
C PRO F 172 4.16 10.94 -71.74
N ILE F 173 4.36 12.00 -72.49
CA ILE F 173 5.03 13.17 -71.96
C ILE F 173 4.33 14.44 -72.42
N TYR F 174 4.24 15.43 -71.55
CA TYR F 174 3.59 16.68 -71.89
C TYR F 174 4.53 17.64 -72.54
N VAL F 175 3.93 18.58 -73.26
CA VAL F 175 4.66 19.65 -73.91
C VAL F 175 3.78 20.83 -73.60
N ASP F 176 4.21 21.64 -72.64
CA ASP F 176 3.46 22.81 -72.23
C ASP F 176 3.68 23.94 -73.24
N VAL F 177 2.58 24.36 -73.87
CA VAL F 177 2.62 25.43 -74.86
C VAL F 177 1.88 26.65 -74.35
N THR F 178 2.43 27.83 -74.60
CA THR F 178 1.81 29.07 -74.16
C THR F 178 1.47 30.01 -75.30
N GLN F 179 0.21 30.42 -75.37
CA GLN F 179 -0.27 31.31 -76.41
C GLN F 179 -1.14 32.40 -75.77
N PRO F 180 -1.34 33.53 -76.48
CA PRO F 180 -2.17 34.63 -75.96
C PRO F 180 -3.63 34.17 -75.98
N SER F 181 -4.33 34.40 -74.89
CA SER F 181 -5.73 34.01 -74.76
C SER F 181 -6.53 34.08 -76.05
N THR F 182 -6.28 35.12 -76.85
CA THR F 182 -6.99 35.28 -78.13
C THR F 182 -6.65 34.16 -79.09
N ALA F 183 -5.35 33.96 -79.32
CA ALA F 183 -4.84 32.94 -80.21
C ALA F 183 -5.44 31.57 -79.91
N LEU F 184 -5.60 31.26 -78.63
CA LEU F 184 -6.17 29.98 -78.23
C LEU F 184 -7.63 29.89 -78.67
N LEU F 185 -8.33 31.00 -78.56
CA LEU F 185 -9.73 31.03 -78.96
C LEU F 185 -9.80 30.74 -80.45
N ARG F 186 -8.93 31.42 -81.20
CA ARG F 186 -8.84 31.25 -82.64
C ARG F 186 -8.80 29.76 -82.99
N LEU F 187 -7.76 29.09 -82.50
CA LEU F 187 -7.58 27.67 -82.77
C LEU F 187 -8.78 26.86 -82.31
N ARG F 188 -9.37 27.26 -81.20
CA ARG F 188 -10.54 26.55 -80.68
C ARG F 188 -11.65 26.59 -81.72
N ARG F 189 -11.70 27.68 -82.49
CA ARG F 189 -12.69 27.83 -83.52
C ARG F 189 -12.29 26.96 -84.70
N GLU F 190 -11.07 27.16 -85.20
CA GLU F 190 -10.56 26.38 -86.31
C GLU F 190 -10.83 24.91 -86.10
N LEU F 191 -10.91 24.48 -84.85
CA LEU F 191 -11.18 23.09 -84.57
C LEU F 191 -12.66 22.80 -84.76
N ALA F 192 -13.50 23.63 -84.14
CA ALA F 192 -14.95 23.47 -84.22
C ALA F 192 -15.45 23.39 -85.65
N SER F 193 -14.85 24.21 -86.52
CA SER F 193 -15.21 24.20 -87.93
C SER F 193 -14.62 22.94 -88.56
N GLY F 194 -13.36 23.01 -88.96
CA GLY F 194 -12.71 21.85 -89.57
C GLY F 194 -11.31 22.15 -90.04
N GLN F 195 -10.93 23.42 -90.04
CA GLN F 195 -9.60 23.81 -90.50
C GLN F 195 -8.46 23.05 -89.78
N LEU F 196 -8.81 22.33 -88.72
CA LEU F 196 -7.84 21.57 -87.93
C LEU F 196 -8.12 20.06 -87.90
N GLU F 197 -7.04 19.27 -87.84
CA GLU F 197 -7.16 17.82 -87.81
C GLU F 197 -7.63 17.33 -86.44
N ARG F 198 -8.94 17.21 -86.25
CA ARG F 198 -9.48 16.76 -84.98
C ARG F 198 -8.77 15.50 -84.48
N ALA F 199 -8.10 15.63 -83.34
CA ALA F 199 -7.37 14.52 -82.73
C ALA F 199 -8.26 13.82 -81.70
N GLY F 200 -9.07 14.60 -81.01
CA GLY F 200 -9.96 14.05 -80.01
C GLY F 200 -11.14 14.97 -79.76
N ASP F 201 -12.05 14.54 -78.87
CA ASP F 201 -13.23 15.34 -78.54
C ASP F 201 -12.91 16.83 -78.41
N ASN F 202 -11.69 17.17 -78.01
CA ASN F 202 -11.30 18.57 -77.86
C ASN F 202 -9.84 18.88 -78.19
N ALA F 203 -9.18 17.94 -78.86
CA ALA F 203 -7.77 18.14 -79.23
C ALA F 203 -7.52 17.96 -80.72
N ALA F 204 -6.45 18.58 -81.20
CA ALA F 204 -6.07 18.52 -82.61
C ALA F 204 -4.80 17.68 -82.71
N LYS F 205 -4.60 17.04 -83.87
CA LYS F 205 -3.40 16.24 -84.09
C LYS F 205 -2.22 17.19 -84.28
N VAL F 206 -1.06 16.82 -83.74
CA VAL F 206 0.12 17.66 -83.85
C VAL F 206 1.42 16.88 -83.93
N SER F 207 2.42 17.50 -84.56
CA SER F 207 3.75 16.91 -84.70
C SER F 207 4.71 17.76 -83.87
N LEU F 208 5.82 17.16 -83.45
CA LEU F 208 6.81 17.88 -82.64
C LEU F 208 8.15 18.05 -83.33
N LYS F 209 8.73 19.24 -83.23
CA LYS F 209 10.02 19.53 -83.84
C LYS F 209 11.02 19.83 -82.72
N LEU F 210 11.94 18.89 -82.49
CA LEU F 210 12.95 19.04 -81.44
C LEU F 210 13.79 20.30 -81.55
N GLU F 211 14.56 20.58 -80.50
CA GLU F 211 15.40 21.78 -80.46
C GLU F 211 16.48 21.82 -81.52
N ASP F 212 17.07 20.66 -81.80
CA ASP F 212 18.11 20.58 -82.82
C ASP F 212 17.52 20.94 -84.18
N GLY F 213 16.24 20.60 -84.37
CA GLY F 213 15.57 20.88 -85.63
C GLY F 213 14.94 19.62 -86.20
N SER F 214 15.36 18.46 -85.68
CA SER F 214 14.83 17.20 -86.16
C SER F 214 13.34 17.04 -85.89
N GLN F 215 12.69 16.26 -86.74
CA GLN F 215 11.26 16.00 -86.63
C GLN F 215 11.08 14.77 -85.73
N TYR F 216 10.35 14.94 -84.63
CA TYR F 216 10.11 13.80 -83.75
C TYR F 216 9.26 12.78 -84.49
N PRO F 217 9.78 11.55 -84.63
CA PRO F 217 9.11 10.45 -85.32
C PRO F 217 7.63 10.21 -85.01
N LEU F 218 7.20 10.48 -83.79
CA LEU F 218 5.80 10.24 -83.45
C LEU F 218 4.91 11.47 -83.43
N GLU F 219 3.61 11.24 -83.40
CA GLU F 219 2.62 12.32 -83.40
C GLU F 219 1.76 12.30 -82.15
N GLY F 220 1.45 13.49 -81.63
CA GLY F 220 0.63 13.58 -80.45
C GLY F 220 -0.57 14.51 -80.51
N ARG F 221 -1.41 14.44 -79.48
CA ARG F 221 -2.62 15.26 -79.39
C ARG F 221 -2.37 16.56 -78.64
N LEU F 222 -2.95 17.65 -79.12
CA LEU F 222 -2.82 18.94 -78.46
C LEU F 222 -4.17 19.31 -77.87
N GLU F 223 -4.37 18.96 -76.59
CA GLU F 223 -5.60 19.25 -75.87
C GLU F 223 -5.76 20.76 -75.71
N PHE F 224 -6.95 21.27 -75.99
CA PHE F 224 -7.20 22.72 -75.92
C PHE F 224 -7.69 23.24 -74.58
N SER F 225 -8.01 22.34 -73.67
CA SER F 225 -8.47 22.73 -72.35
C SER F 225 -7.35 23.52 -71.68
N GLU F 226 -7.66 24.72 -71.20
CA GLU F 226 -6.65 25.56 -70.54
C GLU F 226 -6.24 24.92 -69.24
N VAL F 227 -4.95 25.00 -68.93
CA VAL F 227 -4.45 24.41 -67.69
C VAL F 227 -4.00 25.51 -66.74
N SER F 228 -3.67 26.67 -67.30
CA SER F 228 -3.24 27.78 -66.48
C SER F 228 -3.20 29.08 -67.27
N VAL F 229 -3.47 30.18 -66.58
CA VAL F 229 -3.46 31.48 -67.23
C VAL F 229 -2.63 32.43 -66.38
N ASP F 230 -1.92 33.32 -67.04
CA ASP F 230 -1.10 34.29 -66.35
C ASP F 230 -1.91 35.57 -66.34
N GLU F 231 -2.79 35.73 -65.35
CA GLU F 231 -3.62 36.93 -65.26
C GLU F 231 -2.80 38.20 -65.58
N GLY F 232 -1.50 38.14 -65.32
CA GLY F 232 -0.65 39.28 -65.62
C GLY F 232 -0.54 39.50 -67.11
N THR F 233 0.26 38.66 -67.76
CA THR F 233 0.46 38.73 -69.21
C THR F 233 -0.80 38.33 -69.95
N GLY F 234 -1.73 37.71 -69.24
CA GLY F 234 -2.98 37.27 -69.85
C GLY F 234 -2.80 36.05 -70.73
N SER F 235 -1.58 35.50 -70.76
CA SER F 235 -1.27 34.33 -71.57
C SER F 235 -1.86 33.04 -71.03
N VAL F 236 -2.10 32.10 -71.92
CA VAL F 236 -2.68 30.81 -71.54
C VAL F 236 -1.68 29.70 -71.79
N THR F 237 -1.78 28.64 -71.00
CA THR F 237 -0.89 27.50 -71.17
C THR F 237 -1.70 26.24 -71.35
N ILE F 238 -1.47 25.58 -72.49
CA ILE F 238 -2.14 24.33 -72.79
C ILE F 238 -1.10 23.22 -72.97
N ARG F 239 -1.55 21.99 -72.91
CA ARG F 239 -0.66 20.85 -73.01
C ARG F 239 -0.86 19.91 -74.20
N ALA F 240 0.27 19.51 -74.79
CA ALA F 240 0.27 18.57 -75.89
C ALA F 240 0.75 17.26 -75.27
N VAL F 241 0.24 16.14 -75.74
CA VAL F 241 0.65 14.85 -75.20
C VAL F 241 1.23 13.93 -76.26
N PHE F 242 2.54 13.73 -76.21
CA PHE F 242 3.26 12.88 -77.16
C PHE F 242 3.71 11.56 -76.54
N PRO F 243 3.80 10.50 -77.36
CA PRO F 243 4.24 9.19 -76.89
C PRO F 243 5.77 9.23 -76.78
N ASN F 244 6.31 8.61 -75.74
CA ASN F 244 7.75 8.60 -75.52
C ASN F 244 8.16 7.22 -75.02
N PRO F 245 7.95 6.18 -75.86
CA PRO F 245 8.27 4.79 -75.55
C PRO F 245 9.76 4.42 -75.48
N ASN F 246 10.61 5.24 -76.07
CA ASN F 246 12.05 4.94 -76.04
C ASN F 246 12.75 6.01 -75.22
N ASN F 247 11.96 6.76 -74.46
CA ASN F 247 12.48 7.82 -73.61
C ASN F 247 13.35 8.82 -74.34
N GLU F 248 13.13 8.97 -75.64
CA GLU F 248 13.90 9.93 -76.43
C GLU F 248 13.66 11.34 -75.89
N LEU F 249 12.46 11.57 -75.39
CA LEU F 249 12.09 12.88 -74.86
C LEU F 249 12.23 12.98 -73.35
N LEU F 250 12.88 14.03 -72.90
CA LEU F 250 13.09 14.25 -71.47
C LEU F 250 12.61 15.64 -71.06
N PRO F 251 12.19 15.78 -69.81
CA PRO F 251 11.72 17.07 -69.28
C PRO F 251 12.72 18.18 -69.50
N GLY F 252 12.23 19.40 -69.75
CA GLY F 252 13.13 20.52 -69.94
C GLY F 252 13.45 20.88 -71.37
N MET F 253 13.26 19.94 -72.30
CA MET F 253 13.56 20.20 -73.70
C MET F 253 12.72 21.37 -74.25
N PHE F 254 13.37 22.26 -75.00
CA PHE F 254 12.68 23.39 -75.62
C PHE F 254 12.27 22.90 -77.00
N VAL F 255 10.98 22.83 -77.25
CA VAL F 255 10.50 22.33 -78.54
C VAL F 255 9.41 23.20 -79.15
N HIS F 256 8.89 22.74 -80.29
CA HIS F 256 7.81 23.44 -80.99
C HIS F 256 6.78 22.45 -81.49
N ALA F 257 5.52 22.70 -81.16
CA ALA F 257 4.45 21.85 -81.63
C ALA F 257 4.05 22.43 -82.97
N GLN F 258 3.82 21.58 -83.96
CA GLN F 258 3.45 22.05 -85.27
C GLN F 258 2.00 21.70 -85.57
N LEU F 259 1.22 22.73 -85.89
CA LEU F 259 -0.20 22.56 -86.18
C LEU F 259 -0.55 22.72 -87.66
N GLN F 260 -1.26 21.74 -88.19
CA GLN F 260 -1.69 21.77 -89.58
C GLN F 260 -3.06 22.43 -89.65
N GLU F 261 -3.10 23.63 -90.20
CA GLU F 261 -4.34 24.38 -90.31
C GLU F 261 -4.97 24.29 -91.70
N GLY F 262 -4.72 23.17 -92.37
CA GLY F 262 -5.27 22.96 -93.70
C GLY F 262 -4.56 23.73 -94.81
N VAL F 263 -4.93 23.45 -96.05
CA VAL F 263 -4.34 24.10 -97.21
C VAL F 263 -5.37 24.98 -97.92
N LYS F 264 -4.97 26.20 -98.23
CA LYS F 264 -5.84 27.16 -98.91
C LYS F 264 -5.70 27.07 -100.42
N GLN F 265 -6.82 27.24 -101.12
CA GLN F 265 -6.83 27.15 -102.57
C GLN F 265 -5.88 28.16 -103.22
N LYS F 266 -6.28 29.43 -103.20
CA LYS F 266 -5.48 30.50 -103.78
C LYS F 266 -5.91 31.82 -103.17
N ALA F 267 -4.97 32.47 -102.48
CA ALA F 267 -5.26 33.75 -101.84
C ALA F 267 -4.15 34.76 -102.14
N ILE F 268 -4.37 36.00 -101.71
CA ILE F 268 -3.42 37.08 -101.93
C ILE F 268 -2.52 37.28 -100.71
N LEU F 269 -1.21 37.32 -100.95
CA LEU F 269 -0.24 37.53 -99.88
C LEU F 269 0.44 38.89 -100.03
N ALA F 270 -0.23 39.92 -99.54
CA ALA F 270 0.27 41.29 -99.63
C ALA F 270 1.39 41.57 -98.63
N PRO F 271 2.58 41.93 -99.13
CA PRO F 271 3.75 42.23 -98.28
C PRO F 271 3.47 43.33 -97.25
N GLN F 272 4.02 43.16 -96.05
CA GLN F 272 3.85 44.14 -94.97
C GLN F 272 4.46 45.48 -95.32
N GLN F 273 5.37 45.48 -96.28
CA GLN F 273 6.04 46.70 -96.72
C GLN F 273 5.06 47.63 -97.43
N GLY F 274 3.78 47.22 -97.46
CA GLY F 274 2.76 48.02 -98.11
C GLY F 274 1.44 48.01 -97.37
N VAL F 275 1.49 47.76 -96.06
CA VAL F 275 0.28 47.72 -95.26
C VAL F 275 0.54 48.41 -93.91
N THR F 276 -0.52 48.92 -93.28
CA THR F 276 -0.39 49.60 -92.00
C THR F 276 -1.50 49.16 -91.04
N ARG F 277 -1.26 49.31 -89.74
CA ARG F 277 -2.25 48.93 -88.73
C ARG F 277 -2.59 50.11 -87.82
N ASP F 278 -3.63 50.86 -88.17
CA ASP F 278 -4.05 52.01 -87.37
C ASP F 278 -4.83 51.53 -86.15
N LEU F 279 -4.74 52.28 -85.06
CA LEU F 279 -5.42 51.93 -83.81
C LEU F 279 -4.82 50.62 -83.30
N LYS F 280 -3.65 50.27 -83.81
CA LYS F 280 -2.97 49.04 -83.43
C LYS F 280 -3.89 47.84 -83.65
N GLY F 281 -4.42 47.73 -84.86
CA GLY F 281 -5.31 46.64 -85.17
C GLY F 281 -5.86 46.69 -86.59
N GLN F 282 -6.73 47.67 -86.85
CA GLN F 282 -7.33 47.82 -88.17
C GLN F 282 -6.29 47.88 -89.28
N ALA F 283 -6.51 47.06 -90.32
CA ALA F 283 -5.59 46.99 -91.45
C ALA F 283 -6.09 47.80 -92.64
N THR F 284 -5.27 48.75 -93.10
CA THR F 284 -5.62 49.59 -94.23
C THR F 284 -4.49 49.60 -95.25
N ALA F 285 -4.86 49.54 -96.53
CA ALA F 285 -3.88 49.54 -97.62
C ALA F 285 -4.20 50.60 -98.67
N LEU F 286 -3.21 50.87 -99.52
CA LEU F 286 -3.37 51.87 -100.57
C LEU F 286 -3.03 51.26 -101.93
N VAL F 287 -4.03 51.16 -102.81
CA VAL F 287 -3.84 50.59 -104.14
C VAL F 287 -4.30 51.53 -105.24
N VAL F 288 -3.83 51.29 -106.47
CA VAL F 288 -4.20 52.11 -107.63
C VAL F 288 -5.16 51.35 -108.56
N ASN F 289 -6.34 51.93 -108.77
CA ASN F 289 -7.36 51.32 -109.62
C ASN F 289 -7.01 51.40 -111.10
N ALA F 290 -7.89 50.85 -111.94
CA ALA F 290 -7.69 50.84 -113.38
C ALA F 290 -7.65 52.26 -113.94
N GLN F 291 -8.32 53.18 -113.25
CA GLN F 291 -8.36 54.58 -113.67
C GLN F 291 -7.08 55.30 -113.22
N ASN F 292 -6.01 54.52 -113.02
CA ASN F 292 -4.72 55.06 -112.59
C ASN F 292 -4.83 55.95 -111.35
N LYS F 293 -5.95 55.82 -110.64
CA LYS F 293 -6.19 56.62 -109.43
C LYS F 293 -6.08 55.73 -108.19
N VAL F 294 -5.54 56.30 -107.12
CA VAL F 294 -5.38 55.55 -105.87
C VAL F 294 -6.64 55.54 -105.02
N GLU F 295 -6.89 54.41 -104.38
CA GLU F 295 -8.06 54.25 -103.53
C GLU F 295 -7.64 53.80 -102.13
N LEU F 296 -8.61 53.72 -101.22
CA LEU F 296 -8.35 53.29 -99.85
C LEU F 296 -9.29 52.18 -99.43
N ARG F 297 -8.81 50.94 -99.51
CA ARG F 297 -9.62 49.79 -99.12
C ARG F 297 -9.10 49.14 -97.83
N VAL F 298 -10.03 48.74 -96.98
CA VAL F 298 -9.68 48.10 -95.72
C VAL F 298 -9.55 46.58 -95.88
N ILE F 299 -8.37 46.05 -95.60
CA ILE F 299 -8.11 44.63 -95.72
C ILE F 299 -8.24 43.90 -94.39
N LYS F 300 -8.39 42.58 -94.47
CA LYS F 300 -8.53 41.77 -93.28
C LYS F 300 -7.41 40.73 -93.22
N ALA F 301 -6.18 41.21 -93.10
CA ALA F 301 -5.01 40.33 -93.01
C ALA F 301 -4.72 40.00 -91.55
N ASP F 302 -4.69 38.71 -91.22
CA ASP F 302 -4.44 38.29 -89.85
C ASP F 302 -3.11 37.55 -89.66
N ARG F 303 -2.85 36.54 -90.50
CA ARG F 303 -1.61 35.77 -90.41
C ARG F 303 -0.41 36.53 -90.94
N VAL F 304 0.77 35.90 -90.84
CA VAL F 304 2.00 36.50 -91.33
C VAL F 304 2.94 35.43 -91.87
N ILE F 305 3.06 35.36 -93.19
CA ILE F 305 3.92 34.37 -93.83
C ILE F 305 5.17 35.01 -94.44
N GLY F 306 6.33 34.67 -93.88
CA GLY F 306 7.58 35.22 -94.37
C GLY F 306 7.71 36.71 -94.10
N ASP F 307 7.31 37.50 -95.09
CA ASP F 307 7.37 38.96 -94.96
C ASP F 307 6.06 39.54 -95.48
N LYS F 308 5.17 38.67 -95.95
CA LYS F 308 3.89 39.07 -96.49
C LYS F 308 2.75 38.72 -95.52
N TRP F 309 1.59 39.33 -95.74
CA TRP F 309 0.41 39.10 -94.90
C TRP F 309 -0.73 38.48 -95.72
N LEU F 310 -1.30 37.40 -95.20
CA LEU F 310 -2.42 36.72 -95.87
C LEU F 310 -3.72 37.50 -95.71
N VAL F 311 -4.04 38.30 -96.73
CA VAL F 311 -5.28 39.08 -96.71
C VAL F 311 -6.48 38.18 -96.99
N THR F 312 -7.32 37.99 -95.98
CA THR F 312 -8.50 37.15 -96.12
C THR F 312 -9.60 37.84 -96.92
N GLU F 313 -9.73 39.16 -96.74
CA GLU F 313 -10.73 39.93 -97.47
C GLU F 313 -10.39 41.42 -97.44
N GLY F 314 -9.99 41.94 -98.61
CA GLY F 314 -9.64 43.34 -98.72
C GLY F 314 -8.98 43.68 -100.04
N LEU F 315 -8.31 42.68 -100.63
CA LEU F 315 -7.61 42.85 -101.90
C LEU F 315 -7.77 41.58 -102.72
N ASN F 316 -8.36 41.70 -103.91
CA ASN F 316 -8.56 40.55 -104.79
C ASN F 316 -7.35 40.34 -105.70
N ALA F 317 -7.42 39.30 -106.54
CA ALA F 317 -6.33 38.98 -107.46
C ALA F 317 -6.21 40.00 -108.59
N GLY F 318 -5.03 40.57 -108.73
CA GLY F 318 -4.79 41.55 -109.77
C GLY F 318 -4.42 42.94 -109.26
N ASP F 319 -5.12 43.38 -108.21
CA ASP F 319 -4.87 44.69 -107.62
C ASP F 319 -3.39 45.05 -107.53
N LYS F 320 -3.10 46.34 -107.56
CA LYS F 320 -1.73 46.83 -107.48
C LYS F 320 -1.50 47.50 -106.12
N ILE F 321 -0.60 46.94 -105.32
CA ILE F 321 -0.31 47.48 -103.99
C ILE F 321 0.89 48.41 -103.99
N ILE F 322 0.67 49.65 -103.54
CA ILE F 322 1.72 50.66 -103.49
C ILE F 322 2.66 50.40 -102.31
N THR F 323 3.90 50.05 -102.62
CA THR F 323 4.91 49.77 -101.60
C THR F 323 5.88 50.93 -101.44
N GLU F 324 6.60 51.25 -102.51
CA GLU F 324 7.57 52.34 -102.51
C GLU F 324 6.97 53.64 -103.06
N GLY F 325 6.42 54.46 -102.17
CA GLY F 325 5.84 55.71 -102.61
C GLY F 325 4.78 56.25 -101.65
N LEU F 326 4.41 55.44 -100.66
CA LEU F 326 3.41 55.84 -99.68
C LEU F 326 4.02 56.82 -98.67
N GLN F 327 5.33 57.05 -98.80
CA GLN F 327 6.04 57.96 -97.90
C GLN F 327 5.48 59.38 -97.99
N PHE F 328 4.72 59.64 -99.07
CA PHE F 328 4.12 60.95 -99.28
C PHE F 328 3.09 60.87 -100.40
N VAL F 329 1.82 60.67 -100.04
CA VAL F 329 0.74 60.57 -101.02
C VAL F 329 -0.63 60.81 -100.38
N GLN F 330 -1.68 60.44 -101.11
CA GLN F 330 -3.05 60.60 -100.63
C GLN F 330 -4.03 59.92 -101.59
N PRO F 331 -5.16 59.41 -101.07
CA PRO F 331 -6.18 58.74 -101.89
C PRO F 331 -7.04 59.70 -102.72
N GLY F 332 -7.28 59.35 -103.98
CA GLY F 332 -8.07 60.20 -104.84
C GLY F 332 -7.24 60.89 -105.90
N VAL F 333 -5.96 60.53 -105.97
CA VAL F 333 -5.03 61.12 -106.94
C VAL F 333 -4.49 60.05 -107.88
N GLU F 334 -3.99 60.46 -109.04
CA GLU F 334 -3.43 59.53 -110.02
C GLU F 334 -1.90 59.49 -109.90
N VAL F 335 -1.30 58.45 -110.44
CA VAL F 335 0.15 58.31 -110.39
C VAL F 335 0.69 57.33 -111.44
N LYS F 336 2.00 57.13 -111.44
CA LYS F 336 2.67 56.23 -112.38
C LYS F 336 2.99 54.89 -111.72
N THR F 337 2.97 53.83 -112.52
CA THR F 337 3.25 52.49 -112.01
C THR F 337 4.65 52.00 -112.38
N VAL F 338 5.57 52.06 -111.41
CA VAL F 338 6.94 51.62 -111.62
C VAL F 338 7.26 50.46 -110.68
N PRO F 339 7.37 49.24 -111.23
CA PRO F 339 7.66 48.02 -110.45
C PRO F 339 8.76 48.20 -109.40
N PRO G 13 4.30 -103.24 29.39
CA PRO G 13 4.46 -101.95 28.67
C PRO G 13 4.25 -102.12 27.16
N GLU G 14 3.28 -101.37 26.62
CA GLU G 14 2.99 -101.43 25.20
C GLU G 14 2.77 -100.03 24.63
N VAL G 15 3.06 -99.86 23.34
CA VAL G 15 2.91 -98.58 22.67
C VAL G 15 2.31 -98.76 21.28
N GLY G 16 1.99 -97.65 20.62
CA GLY G 16 1.42 -97.71 19.29
C GLY G 16 2.40 -97.21 18.23
N ILE G 17 3.27 -98.10 17.78
CA ILE G 17 4.29 -97.76 16.79
C ILE G 17 3.78 -97.81 15.35
N VAL G 18 4.45 -97.05 14.48
CA VAL G 18 4.10 -96.98 13.07
C VAL G 18 5.34 -97.30 12.23
N THR G 19 5.18 -98.23 11.29
CA THR G 19 6.28 -98.64 10.42
C THR G 19 6.64 -97.55 9.40
N LEU G 20 7.82 -96.96 9.56
CA LEU G 20 8.29 -95.92 8.66
C LEU G 20 8.74 -96.54 7.33
N GLU G 21 8.23 -95.99 6.23
CA GLU G 21 8.57 -96.50 4.90
C GLU G 21 8.85 -95.36 3.92
N ALA G 22 9.79 -95.60 3.01
CA ALA G 22 10.18 -94.61 2.01
C ALA G 22 9.05 -94.29 1.04
N GLN G 23 8.71 -93.00 0.94
CA GLN G 23 7.65 -92.54 0.04
C GLN G 23 8.26 -91.55 -0.96
N THR G 24 7.55 -91.33 -2.07
CA THR G 24 8.02 -90.39 -3.09
C THR G 24 7.18 -89.11 -3.01
N VAL G 25 7.77 -88.06 -2.43
CA VAL G 25 7.06 -86.80 -2.27
C VAL G 25 7.62 -85.65 -3.12
N THR G 26 6.71 -84.86 -3.68
CA THR G 26 7.08 -83.70 -4.50
C THR G 26 7.15 -82.48 -3.58
N LEU G 27 8.20 -81.67 -3.74
CA LEU G 27 8.39 -80.48 -2.91
C LEU G 27 7.93 -79.19 -3.59
N ASN G 28 6.76 -78.68 -3.16
CA ASN G 28 6.21 -77.46 -3.71
C ASN G 28 5.73 -76.53 -2.59
N THR G 29 6.03 -75.23 -2.71
CA THR G 29 5.64 -74.24 -1.70
C THR G 29 4.78 -73.12 -2.29
N GLU G 30 3.77 -72.69 -1.53
CA GLU G 30 2.89 -71.63 -1.97
C GLU G 30 3.13 -70.34 -1.20
N LEU G 31 3.48 -69.28 -1.94
CA LEU G 31 3.74 -67.98 -1.35
C LEU G 31 2.61 -67.01 -1.66
N PRO G 32 1.82 -66.66 -0.64
CA PRO G 32 0.70 -65.73 -0.82
C PRO G 32 1.18 -64.30 -1.08
N GLY G 33 0.39 -63.54 -1.82
CA GLY G 33 0.77 -62.17 -2.11
C GLY G 33 -0.28 -61.41 -2.88
N ARG G 34 -0.03 -60.11 -3.08
CA ARG G 34 -0.95 -59.27 -3.83
C ARG G 34 -0.30 -58.73 -5.09
N THR G 35 -1.10 -58.53 -6.11
CA THR G 35 -0.61 -58.01 -7.37
C THR G 35 -0.43 -56.51 -7.22
N ASN G 36 0.52 -55.95 -7.96
CA ASN G 36 0.76 -54.51 -7.90
C ASN G 36 1.28 -53.99 -9.23
N ALA G 37 0.92 -52.76 -9.55
CA ALA G 37 1.36 -52.17 -10.80
C ALA G 37 2.88 -52.21 -10.91
N PHE G 38 3.35 -52.47 -12.11
CA PHE G 38 4.78 -52.51 -12.36
C PHE G 38 5.30 -51.10 -12.18
N ARG G 39 4.46 -50.13 -12.59
CA ARG G 39 4.84 -48.72 -12.53
C ARG G 39 3.68 -47.71 -12.60
N ILE G 40 3.76 -46.64 -11.81
CA ILE G 40 2.71 -45.63 -11.78
C ILE G 40 3.23 -44.20 -11.96
N ALA G 41 2.47 -43.39 -12.68
CA ALA G 41 2.85 -42.00 -12.91
C ALA G 41 1.63 -41.10 -12.82
N GLU G 42 1.87 -39.82 -12.53
CA GLU G 42 0.79 -38.85 -12.42
C GLU G 42 0.95 -37.83 -13.53
N VAL G 43 -0.17 -37.31 -14.01
CA VAL G 43 -0.14 -36.32 -15.08
C VAL G 43 -0.49 -34.98 -14.43
N ARG G 44 0.37 -33.98 -14.62
CA ARG G 44 0.16 -32.67 -14.02
C ARG G 44 0.56 -31.51 -14.90
N PRO G 45 -0.08 -30.36 -14.72
CA PRO G 45 0.26 -29.18 -15.53
C PRO G 45 1.49 -28.48 -14.98
N GLN G 46 2.20 -27.77 -15.85
CA GLN G 46 3.39 -27.06 -15.42
C GLN G 46 3.39 -25.63 -15.93
N VAL G 47 2.23 -25.20 -16.39
CA VAL G 47 2.01 -23.82 -16.86
C VAL G 47 0.56 -23.60 -16.56
N ASN G 48 0.16 -22.35 -16.37
CA ASN G 48 -1.23 -22.05 -16.08
C ASN G 48 -1.97 -21.91 -17.38
N GLY G 49 -3.25 -22.28 -17.36
CA GLY G 49 -4.04 -22.16 -18.57
C GLY G 49 -5.37 -22.88 -18.57
N ILE G 50 -5.99 -22.90 -19.74
CA ILE G 50 -7.28 -23.54 -19.92
C ILE G 50 -7.09 -24.79 -20.77
N ILE G 51 -7.77 -25.85 -20.39
CA ILE G 51 -7.68 -27.09 -21.15
C ILE G 51 -8.45 -26.93 -22.46
N LEU G 52 -7.78 -27.03 -23.60
CA LEU G 52 -8.51 -26.94 -24.86
C LEU G 52 -9.07 -28.32 -25.16
N LYS G 53 -8.18 -29.29 -25.34
CA LYS G 53 -8.61 -30.64 -25.64
C LYS G 53 -7.97 -31.67 -24.72
N ARG G 54 -8.67 -32.79 -24.56
CA ARG G 54 -8.20 -33.89 -23.72
C ARG G 54 -8.07 -35.09 -24.65
N LEU G 55 -7.05 -35.08 -25.48
CA LEU G 55 -6.85 -36.14 -26.46
C LEU G 55 -6.49 -37.57 -26.06
N PHE G 56 -7.29 -38.20 -25.21
CA PHE G 56 -7.04 -39.59 -24.85
C PHE G 56 -8.33 -40.20 -24.32
N LYS G 57 -8.53 -41.49 -24.58
CA LYS G 57 -9.74 -42.17 -24.15
C LYS G 57 -9.61 -42.70 -22.73
N GLU G 58 -10.47 -42.23 -21.84
CA GLU G 58 -10.41 -42.71 -20.47
C GLU G 58 -10.43 -44.24 -20.52
N GLY G 59 -9.43 -44.85 -19.89
CA GLY G 59 -9.34 -46.30 -19.87
C GLY G 59 -8.50 -46.87 -20.99
N SER G 60 -7.93 -46.03 -21.85
CA SER G 60 -7.13 -46.55 -22.96
C SER G 60 -5.67 -46.81 -22.60
N ASP G 61 -4.86 -47.09 -23.61
CA ASP G 61 -3.44 -47.35 -23.40
C ASP G 61 -2.68 -46.20 -24.06
N VAL G 62 -1.79 -45.58 -23.30
CA VAL G 62 -1.00 -44.47 -23.83
C VAL G 62 0.47 -44.83 -23.78
N LYS G 63 1.23 -44.21 -24.67
CA LYS G 63 2.67 -44.44 -24.73
C LYS G 63 3.37 -43.26 -24.08
N ALA G 64 4.44 -43.54 -23.35
CA ALA G 64 5.17 -42.46 -22.71
C ALA G 64 5.58 -41.45 -23.79
N GLY G 65 5.31 -40.17 -23.55
CA GLY G 65 5.66 -39.12 -24.50
C GLY G 65 4.49 -38.69 -25.33
N GLN G 66 3.39 -39.41 -25.19
CA GLN G 66 2.16 -39.13 -25.92
C GLN G 66 1.41 -37.93 -25.37
N GLN G 67 1.05 -36.98 -26.23
CA GLN G 67 0.30 -35.82 -25.74
C GLN G 67 -1.03 -36.27 -25.16
N LEU G 68 -1.32 -35.88 -23.92
CA LEU G 68 -2.57 -36.27 -23.29
C LEU G 68 -3.56 -35.12 -23.18
N TYR G 69 -3.04 -33.91 -23.12
CA TYR G 69 -3.86 -32.72 -23.01
C TYR G 69 -3.24 -31.62 -23.83
N GLN G 70 -4.01 -30.56 -24.03
CA GLN G 70 -3.52 -29.42 -24.79
C GLN G 70 -4.05 -28.19 -24.10
N ILE G 71 -3.14 -27.42 -23.52
CA ILE G 71 -3.54 -26.20 -22.84
C ILE G 71 -3.56 -25.10 -23.89
N ASP G 72 -4.60 -24.27 -23.87
CA ASP G 72 -4.70 -23.20 -24.85
C ASP G 72 -3.36 -22.47 -24.88
N PRO G 73 -2.60 -22.62 -25.97
CA PRO G 73 -1.28 -22.04 -26.22
C PRO G 73 -1.30 -20.66 -26.81
N ALA G 74 -2.50 -20.19 -27.02
CA ALA G 74 -2.68 -18.89 -27.61
C ALA G 74 -1.70 -17.80 -27.14
N THR G 75 -1.65 -17.56 -25.84
CA THR G 75 -0.80 -16.52 -25.30
C THR G 75 0.67 -16.89 -25.19
N TYR G 76 0.93 -18.11 -24.75
CA TYR G 76 2.30 -18.59 -24.62
C TYR G 76 2.96 -18.48 -25.98
N GLU G 77 2.28 -18.99 -26.99
CA GLU G 77 2.80 -18.94 -28.35
C GLU G 77 3.02 -17.47 -28.72
N ALA G 78 2.12 -16.64 -28.22
CA ALA G 78 2.19 -15.20 -28.50
C ALA G 78 3.35 -14.54 -27.78
N ASP G 79 3.51 -14.82 -26.50
CA ASP G 79 4.60 -14.21 -25.73
C ASP G 79 5.93 -14.63 -26.31
N TYR G 80 6.02 -15.90 -26.71
CA TYR G 80 7.25 -16.43 -27.29
C TYR G 80 7.64 -15.71 -28.58
N GLN G 81 6.69 -15.56 -29.51
CA GLN G 81 7.00 -14.87 -30.75
C GLN G 81 7.39 -13.45 -30.40
N SER G 82 6.71 -12.90 -29.40
CA SER G 82 6.98 -11.54 -28.96
C SER G 82 8.41 -11.45 -28.50
N ALA G 83 8.76 -12.36 -27.59
CA ALA G 83 10.11 -12.42 -27.02
C ALA G 83 11.15 -12.42 -28.11
N GLN G 84 11.08 -13.40 -29.00
CA GLN G 84 12.03 -13.53 -30.11
C GLN G 84 12.13 -12.26 -30.94
N ALA G 85 11.01 -11.57 -31.13
CA ALA G 85 11.03 -10.34 -31.89
C ALA G 85 12.01 -9.42 -31.20
N ASN G 86 11.76 -9.23 -29.91
CA ASN G 86 12.58 -8.37 -29.07
C ASN G 86 14.06 -8.74 -29.15
N LEU G 87 14.37 -10.01 -28.92
CA LEU G 87 15.75 -10.47 -28.97
C LEU G 87 16.38 -10.12 -30.31
N ALA G 88 15.75 -10.57 -31.39
CA ALA G 88 16.25 -10.28 -32.73
C ALA G 88 16.65 -8.81 -32.81
N SER G 89 15.84 -7.95 -32.21
CA SER G 89 16.10 -6.51 -32.21
C SER G 89 17.35 -6.16 -31.41
N THR G 90 17.26 -6.32 -30.09
CA THR G 90 18.36 -6.02 -29.18
C THR G 90 19.67 -6.66 -29.63
N GLN G 91 19.63 -7.92 -30.04
CA GLN G 91 20.84 -8.58 -30.48
C GLN G 91 21.57 -7.76 -31.53
N GLU G 92 20.85 -7.42 -32.59
CA GLU G 92 21.42 -6.62 -33.67
C GLU G 92 22.00 -5.34 -33.08
N GLN G 93 21.17 -4.62 -32.32
CA GLN G 93 21.57 -3.38 -31.66
C GLN G 93 22.91 -3.52 -30.97
N ALA G 94 23.06 -4.61 -30.23
CA ALA G 94 24.29 -4.91 -29.51
C ALA G 94 25.44 -5.15 -30.48
N GLN G 95 25.33 -6.19 -31.30
CA GLN G 95 26.35 -6.51 -32.28
C GLN G 95 26.88 -5.28 -33.00
N ARG G 96 26.01 -4.30 -33.26
CA ARG G 96 26.44 -3.09 -33.93
C ARG G 96 27.30 -2.25 -32.98
N TYR G 97 26.76 -1.97 -31.81
CA TYR G 97 27.46 -1.19 -30.81
C TYR G 97 28.80 -1.79 -30.44
N LYS G 98 28.93 -3.12 -30.59
CA LYS G 98 30.18 -3.78 -30.25
C LYS G 98 31.29 -3.32 -31.18
N LEU G 99 30.93 -2.87 -32.36
CA LEU G 99 31.93 -2.41 -33.31
C LEU G 99 32.14 -0.92 -33.22
N LEU G 100 31.22 -0.22 -32.56
CA LEU G 100 31.35 1.22 -32.42
C LEU G 100 32.30 1.61 -31.27
N VAL G 101 32.27 0.87 -30.18
CA VAL G 101 33.19 1.15 -29.08
C VAL G 101 34.57 0.84 -29.64
N ALA G 102 34.63 -0.21 -30.46
CA ALA G 102 35.87 -0.64 -31.06
C ALA G 102 36.55 0.53 -31.76
N ASP G 103 35.74 1.51 -32.14
CA ASP G 103 36.26 2.70 -32.81
C ASP G 103 35.94 3.99 -32.05
N GLN G 104 35.78 3.89 -30.73
CA GLN G 104 35.48 5.04 -29.89
C GLN G 104 34.20 5.74 -30.30
N ALA G 105 33.55 5.25 -31.35
CA ALA G 105 32.31 5.84 -31.86
C ALA G 105 31.21 5.88 -30.81
N VAL G 106 31.38 5.14 -29.72
CA VAL G 106 30.37 5.09 -28.68
C VAL G 106 31.02 4.71 -27.35
N SER G 107 30.52 5.29 -26.27
CA SER G 107 31.05 5.05 -24.92
C SER G 107 30.92 3.61 -24.47
N LYS G 108 31.83 3.17 -23.61
CA LYS G 108 31.76 1.81 -23.09
C LYS G 108 30.43 1.63 -22.38
N GLN G 109 29.94 2.71 -21.78
CA GLN G 109 28.69 2.67 -21.06
C GLN G 109 27.56 2.27 -21.98
N GLN G 110 27.49 2.93 -23.13
CA GLN G 110 26.44 2.63 -24.10
C GLN G 110 26.49 1.19 -24.54
N TYR G 111 27.66 0.72 -24.95
CA TYR G 111 27.79 -0.66 -25.37
C TYR G 111 27.38 -1.59 -24.25
N ALA G 112 27.68 -1.19 -23.02
CA ALA G 112 27.32 -1.98 -21.86
C ALA G 112 25.80 -2.10 -21.77
N ASP G 113 25.13 -0.96 -21.69
CA ASP G 113 23.67 -0.95 -21.61
C ASP G 113 23.10 -1.79 -22.73
N ALA G 114 23.73 -1.71 -23.90
CA ALA G 114 23.27 -2.47 -25.05
C ALA G 114 23.34 -3.96 -24.77
N ASN G 115 24.57 -4.46 -24.64
CA ASN G 115 24.77 -5.88 -24.36
C ASN G 115 23.95 -6.31 -23.16
N ALA G 116 23.62 -5.36 -22.30
CA ALA G 116 22.84 -5.64 -21.12
C ALA G 116 21.45 -6.10 -21.54
N ALA G 117 20.77 -5.27 -22.32
CA ALA G 117 19.43 -5.58 -22.81
C ALA G 117 19.44 -6.85 -23.63
N TYR G 118 20.49 -7.03 -24.43
CA TYR G 118 20.60 -8.21 -25.27
C TYR G 118 20.52 -9.46 -24.42
N LEU G 119 21.24 -9.47 -23.31
CA LEU G 119 21.22 -10.62 -22.43
C LEU G 119 19.85 -10.82 -21.81
N GLN G 120 19.23 -9.73 -21.37
CA GLN G 120 17.90 -9.81 -20.78
C GLN G 120 16.95 -10.49 -21.77
N SER G 121 17.02 -10.08 -23.04
CA SER G 121 16.17 -10.64 -24.08
C SER G 121 16.41 -12.13 -24.19
N LYS G 122 17.64 -12.48 -24.55
CA LYS G 122 18.04 -13.88 -24.69
C LYS G 122 17.49 -14.68 -23.52
N ALA G 123 17.48 -14.07 -22.35
CA ALA G 123 16.97 -14.72 -21.16
C ALA G 123 15.47 -14.98 -21.32
N ALA G 124 14.73 -13.90 -21.53
CA ALA G 124 13.28 -13.95 -21.70
C ALA G 124 12.82 -14.99 -22.71
N VAL G 125 13.48 -15.00 -23.87
CA VAL G 125 13.13 -15.93 -24.92
C VAL G 125 13.18 -17.36 -24.42
N GLU G 126 14.29 -17.70 -23.80
CA GLU G 126 14.46 -19.04 -23.28
C GLU G 126 13.36 -19.42 -22.33
N GLN G 127 12.97 -18.49 -21.48
CA GLN G 127 11.91 -18.77 -20.52
C GLN G 127 10.58 -18.94 -21.24
N ALA G 128 10.39 -18.14 -22.30
CA ALA G 128 9.18 -18.19 -23.10
C ALA G 128 9.09 -19.55 -23.75
N ARG G 129 10.19 -19.95 -24.36
CA ARG G 129 10.28 -21.23 -25.02
C ARG G 129 9.85 -22.37 -24.10
N ILE G 130 10.39 -22.37 -22.89
CA ILE G 130 10.07 -23.41 -21.93
C ILE G 130 8.58 -23.45 -21.59
N ASN G 131 7.98 -22.30 -21.34
CA ASN G 131 6.56 -22.29 -21.00
C ASN G 131 5.69 -22.80 -22.13
N LEU G 132 6.04 -22.41 -23.35
CA LEU G 132 5.28 -22.87 -24.49
C LEU G 132 5.35 -24.38 -24.57
N ARG G 133 6.56 -24.92 -24.46
CA ARG G 133 6.77 -26.36 -24.53
C ARG G 133 5.89 -27.09 -23.53
N TYR G 134 5.70 -26.50 -22.36
CA TYR G 134 4.91 -27.17 -21.34
C TYR G 134 3.43 -27.18 -21.62
N THR G 135 3.00 -26.49 -22.67
CA THR G 135 1.57 -26.48 -23.02
C THR G 135 1.09 -27.82 -23.56
N LYS G 136 1.99 -28.70 -23.99
CA LYS G 136 1.54 -29.99 -24.47
C LYS G 136 1.82 -31.00 -23.36
N VAL G 137 0.79 -31.31 -22.60
CA VAL G 137 0.92 -32.24 -21.51
C VAL G 137 1.09 -33.67 -21.97
N LEU G 138 2.32 -34.18 -21.90
CA LEU G 138 2.60 -35.56 -22.33
C LEU G 138 2.56 -36.57 -21.19
N SER G 139 2.46 -37.83 -21.56
CA SER G 139 2.42 -38.90 -20.57
C SER G 139 3.83 -39.23 -20.10
N PRO G 140 4.01 -39.36 -18.78
CA PRO G 140 5.33 -39.68 -18.28
C PRO G 140 5.76 -41.10 -18.64
N ILE G 141 4.80 -42.03 -18.61
CA ILE G 141 5.09 -43.42 -18.95
C ILE G 141 4.08 -44.01 -19.93
N SER G 142 4.12 -45.33 -20.07
CA SER G 142 3.21 -46.06 -20.96
C SER G 142 2.36 -46.97 -20.11
N GLY G 143 1.07 -47.03 -20.42
CA GLY G 143 0.19 -47.88 -19.65
C GLY G 143 -1.26 -47.45 -19.75
N ARG G 144 -2.06 -48.05 -18.88
CA ARG G 144 -3.49 -47.78 -18.84
C ARG G 144 -3.81 -46.52 -18.05
N ILE G 145 -4.23 -45.46 -18.75
CA ILE G 145 -4.59 -44.23 -18.08
C ILE G 145 -6.03 -44.36 -17.58
N GLY G 146 -6.41 -43.55 -16.61
CA GLY G 146 -7.76 -43.66 -16.09
C GLY G 146 -8.63 -42.48 -16.46
N ARG G 147 -9.56 -42.15 -15.58
CA ARG G 147 -10.49 -41.05 -15.79
C ARG G 147 -9.77 -39.71 -15.66
N SER G 148 -10.00 -38.83 -16.62
CA SER G 148 -9.39 -37.49 -16.63
C SER G 148 -10.07 -36.56 -15.64
N ALA G 149 -9.64 -36.60 -14.38
CA ALA G 149 -10.23 -35.76 -13.35
C ALA G 149 -10.27 -34.26 -13.66
N VAL G 150 -10.33 -33.92 -14.94
CA VAL G 150 -10.40 -32.54 -15.38
C VAL G 150 -11.08 -32.49 -16.75
N THR G 151 -12.08 -31.62 -16.87
CA THR G 151 -12.86 -31.46 -18.10
C THR G 151 -12.39 -30.36 -19.03
N GLU G 152 -12.56 -30.59 -20.34
CA GLU G 152 -12.15 -29.61 -21.35
C GLU G 152 -12.79 -28.26 -21.04
N GLY G 153 -11.99 -27.21 -21.11
CA GLY G 153 -12.49 -25.87 -20.82
C GLY G 153 -12.15 -25.43 -19.41
N ALA G 154 -11.95 -26.40 -18.53
CA ALA G 154 -11.63 -26.12 -17.14
C ALA G 154 -10.23 -25.54 -17.03
N LEU G 155 -10.08 -24.56 -16.13
CA LEU G 155 -8.77 -23.97 -15.95
C LEU G 155 -7.91 -24.81 -15.03
N VAL G 156 -6.63 -24.93 -15.39
CA VAL G 156 -5.66 -25.68 -14.61
C VAL G 156 -4.46 -24.78 -14.39
N THR G 157 -3.80 -24.98 -13.26
CA THR G 157 -2.65 -24.17 -12.94
C THR G 157 -1.46 -24.95 -12.41
N ASN G 158 -0.28 -24.53 -12.87
CA ASN G 158 0.96 -25.14 -12.44
C ASN G 158 1.01 -25.03 -10.93
N GLY G 159 1.43 -26.10 -10.25
CA GLY G 159 1.49 -26.08 -8.79
C GLY G 159 0.27 -26.80 -8.23
N GLN G 160 -0.78 -26.81 -9.03
CA GLN G 160 -2.05 -27.47 -8.72
C GLN G 160 -1.87 -28.69 -7.82
N ALA G 161 -2.55 -28.71 -6.69
CA ALA G 161 -2.43 -29.85 -5.77
C ALA G 161 -2.88 -31.16 -6.39
N ASN G 162 -4.07 -31.17 -6.99
CA ASN G 162 -4.58 -32.39 -7.61
C ASN G 162 -3.98 -32.67 -8.99
N ALA G 163 -3.84 -33.95 -9.30
CA ALA G 163 -3.28 -34.36 -10.59
C ALA G 163 -4.42 -34.52 -11.57
N MET G 164 -4.16 -34.20 -12.83
CA MET G 164 -5.17 -34.32 -13.88
C MET G 164 -5.50 -35.80 -14.14
N ALA G 165 -4.51 -36.66 -14.09
CA ALA G 165 -4.72 -38.08 -14.33
C ALA G 165 -3.53 -38.95 -13.98
N THR G 166 -3.80 -40.24 -13.78
CA THR G 166 -2.76 -41.20 -13.44
C THR G 166 -2.63 -42.25 -14.53
N VAL G 167 -1.45 -42.84 -14.63
CA VAL G 167 -1.19 -43.86 -15.63
C VAL G 167 -0.46 -45.03 -15.00
N GLN G 168 -1.05 -46.21 -15.09
CA GLN G 168 -0.42 -47.39 -14.53
C GLN G 168 0.02 -48.32 -15.64
N GLN G 169 1.03 -49.13 -15.35
CA GLN G 169 1.55 -50.10 -16.31
C GLN G 169 1.30 -51.45 -15.68
N LEU G 170 0.50 -52.26 -16.35
CA LEU G 170 0.13 -53.58 -15.84
C LEU G 170 0.94 -54.75 -16.36
N ASP G 171 1.60 -54.54 -17.50
CA ASP G 171 2.38 -55.59 -18.13
C ASP G 171 3.84 -55.18 -18.27
N PRO G 172 4.75 -55.84 -17.55
CA PRO G 172 4.49 -56.96 -16.63
C PRO G 172 3.78 -56.48 -15.40
N ILE G 173 3.54 -57.38 -14.45
CA ILE G 173 2.88 -57.00 -13.22
C ILE G 173 3.55 -57.68 -12.03
N TYR G 174 3.67 -56.96 -10.93
CA TYR G 174 4.31 -57.48 -9.74
C TYR G 174 3.36 -58.26 -8.87
N VAL G 175 3.94 -59.14 -8.07
CA VAL G 175 3.19 -59.92 -7.10
C VAL G 175 4.08 -59.83 -5.87
N ASP G 176 3.68 -58.98 -4.93
CA ASP G 176 4.44 -58.79 -3.70
C ASP G 176 4.17 -59.95 -2.75
N VAL G 177 5.23 -60.69 -2.43
CA VAL G 177 5.12 -61.83 -1.53
C VAL G 177 5.87 -61.54 -0.25
N THR G 178 5.30 -61.97 0.87
CA THR G 178 5.93 -61.76 2.16
C THR G 178 6.22 -63.05 2.92
N GLN G 179 7.49 -63.23 3.28
CA GLN G 179 7.95 -64.40 4.02
C GLN G 179 8.82 -63.98 5.19
N PRO G 180 8.98 -64.86 6.19
CA PRO G 180 9.81 -64.55 7.36
C PRO G 180 11.27 -64.55 6.93
N SER G 181 12.03 -63.54 7.34
CA SER G 181 13.43 -63.40 6.98
C SER G 181 14.16 -64.74 6.84
N THR G 182 13.89 -65.66 7.76
CA THR G 182 14.52 -66.97 7.74
C THR G 182 14.17 -67.73 6.46
N ALA G 183 12.87 -67.91 6.24
CA ALA G 183 12.35 -68.61 5.08
C ALA G 183 12.95 -68.12 3.77
N LEU G 184 13.17 -66.82 3.68
CA LEU G 184 13.76 -66.22 2.49
C LEU G 184 15.17 -66.73 2.32
N LEU G 185 15.90 -66.82 3.44
CA LEU G 185 17.28 -67.30 3.36
C LEU G 185 17.26 -68.73 2.87
N ARG G 186 16.36 -69.53 3.41
CA ARG G 186 16.22 -70.93 3.00
C ARG G 186 16.16 -71.03 1.49
N LEU G 187 15.15 -70.38 0.91
CA LEU G 187 14.97 -70.39 -0.53
C LEU G 187 16.19 -69.88 -1.25
N ARG G 188 16.84 -68.87 -0.68
CA ARG G 188 18.03 -68.31 -1.31
C ARG G 188 19.08 -69.40 -1.45
N ARG G 189 19.11 -70.31 -0.48
CA ARG G 189 20.06 -71.41 -0.51
C ARG G 189 19.61 -72.43 -1.53
N GLU G 190 18.37 -72.90 -1.40
CA GLU G 190 17.81 -73.86 -2.33
C GLU G 190 18.09 -73.45 -3.77
N LEU G 191 18.24 -72.16 -4.01
CA LEU G 191 18.53 -71.68 -5.36
C LEU G 191 20.00 -71.89 -5.67
N ALA G 192 20.85 -71.43 -4.74
CA ALA G 192 22.30 -71.54 -4.88
C ALA G 192 22.72 -72.97 -5.22
N SER G 193 22.11 -73.93 -4.53
CA SER G 193 22.40 -75.34 -4.76
C SER G 193 21.80 -75.74 -6.12
N GLY G 194 20.51 -76.10 -6.11
CA GLY G 194 19.86 -76.49 -7.34
C GLY G 194 18.42 -76.92 -7.14
N GLN G 195 18.04 -77.12 -5.88
CA GLN G 195 16.68 -77.55 -5.56
C GLN G 195 15.60 -76.70 -6.21
N LEU G 196 15.98 -75.53 -6.72
CA LEU G 196 15.05 -74.59 -7.36
C LEU G 196 15.33 -74.34 -8.84
N GLU G 197 14.27 -74.12 -9.62
CA GLU G 197 14.39 -73.87 -11.05
C GLU G 197 14.93 -72.47 -11.32
N ARG G 198 16.24 -72.33 -11.38
CA ARG G 198 16.85 -71.02 -11.62
C ARG G 198 16.18 -70.32 -12.80
N ALA G 199 15.55 -69.18 -12.51
CA ALA G 199 14.85 -68.38 -13.52
C ALA G 199 15.78 -67.29 -14.04
N GLY G 200 16.65 -66.78 -13.15
CA GLY G 200 17.57 -65.74 -13.55
C GLY G 200 18.75 -65.68 -12.60
N ASP G 201 19.71 -64.79 -12.88
CA ASP G 201 20.89 -64.63 -12.04
C ASP G 201 20.58 -64.72 -10.55
N ASN G 202 19.36 -64.33 -10.16
CA ASN G 202 18.98 -64.38 -8.75
C ASN G 202 17.50 -64.68 -8.50
N ALA G 203 16.80 -65.17 -9.51
CA ALA G 203 15.39 -65.49 -9.37
C ALA G 203 15.07 -66.91 -9.77
N ALA G 204 13.98 -67.44 -9.23
CA ALA G 204 13.52 -68.79 -9.53
C ALA G 204 12.26 -68.72 -10.37
N LYS G 205 12.01 -69.75 -11.18
CA LYS G 205 10.82 -69.79 -12.02
C LYS G 205 9.62 -70.06 -11.12
N VAL G 206 8.47 -69.45 -11.41
CA VAL G 206 7.28 -69.64 -10.59
C VAL G 206 5.98 -69.52 -11.36
N SER G 207 4.96 -70.20 -10.85
CA SER G 207 3.64 -70.19 -11.45
C SER G 207 2.71 -69.45 -10.49
N LEU G 208 1.61 -68.92 -11.00
CA LEU G 208 0.68 -68.18 -10.16
C LEU G 208 -0.71 -68.83 -10.11
N LYS G 209 -1.28 -68.89 -8.92
CA LYS G 209 -2.59 -69.48 -8.69
C LYS G 209 -3.55 -68.38 -8.23
N LEU G 210 -4.45 -67.97 -9.12
CA LEU G 210 -5.42 -66.92 -8.82
C LEU G 210 -6.26 -67.19 -7.58
N GLU G 211 -7.00 -66.17 -7.14
CA GLU G 211 -7.84 -66.26 -5.95
C GLU G 211 -8.97 -67.27 -6.07
N ASP G 212 -9.58 -67.34 -7.26
CA ASP G 212 -10.66 -68.29 -7.48
C ASP G 212 -10.11 -69.71 -7.36
N GLY G 213 -8.85 -69.89 -7.73
CA GLY G 213 -8.23 -71.19 -7.65
C GLY G 213 -7.61 -71.60 -8.98
N SER G 214 -8.02 -70.93 -10.05
CA SER G 214 -7.50 -71.23 -11.38
C SER G 214 -6.00 -71.01 -11.48
N GLN G 215 -5.37 -71.74 -12.39
CA GLN G 215 -3.93 -71.63 -12.62
C GLN G 215 -3.71 -70.58 -13.70
N TYR G 216 -2.92 -69.55 -13.38
CA TYR G 216 -2.64 -68.51 -14.37
C TYR G 216 -1.82 -69.11 -15.50
N PRO G 217 -2.34 -69.04 -16.73
CA PRO G 217 -1.70 -69.56 -17.94
C PRO G 217 -0.21 -69.28 -18.13
N LEU G 218 0.28 -68.15 -17.66
CA LEU G 218 1.69 -67.84 -17.86
C LEU G 218 2.57 -68.04 -16.63
N GLU G 219 3.88 -68.06 -16.85
CA GLU G 219 4.84 -68.25 -15.78
C GLU G 219 5.77 -67.04 -15.62
N GLY G 220 6.12 -66.74 -14.38
CA GLY G 220 6.98 -65.60 -14.12
C GLY G 220 8.17 -65.88 -13.21
N ARG G 221 9.04 -64.87 -13.09
CA ARG G 221 10.24 -64.97 -12.27
C ARG G 221 10.03 -64.41 -10.87
N LEU G 222 10.58 -65.08 -9.87
CA LEU G 222 10.47 -64.63 -8.49
C LEU G 222 11.84 -64.15 -8.03
N GLU G 223 12.10 -62.85 -8.19
CA GLU G 223 13.37 -62.28 -7.79
C GLU G 223 13.50 -62.36 -6.26
N PHE G 224 14.68 -62.75 -5.79
CA PHE G 224 14.91 -62.91 -4.35
C PHE G 224 15.45 -61.69 -3.63
N SER G 225 15.81 -60.66 -4.40
CA SER G 225 16.33 -59.43 -3.82
C SER G 225 15.23 -58.84 -2.93
N GLU G 226 15.55 -58.57 -1.67
CA GLU G 226 14.56 -58.03 -0.73
C GLU G 226 14.21 -56.61 -1.16
N VAL G 227 12.94 -56.26 -1.04
CA VAL G 227 12.48 -54.94 -1.42
C VAL G 227 12.05 -54.13 -0.19
N SER G 228 11.70 -54.84 0.87
CA SER G 228 11.28 -54.16 2.10
C SER G 228 11.22 -55.15 3.24
N VAL G 229 11.55 -54.66 4.43
CA VAL G 229 11.51 -55.49 5.62
C VAL G 229 10.70 -54.77 6.69
N ASP G 230 9.96 -55.54 7.46
CA ASP G 230 9.16 -54.95 8.53
C ASP G 230 9.95 -55.18 9.81
N GLU G 231 10.87 -54.26 10.12
CA GLU G 231 11.70 -54.37 11.30
C GLU G 231 10.88 -54.82 12.52
N GLY G 232 9.58 -54.54 12.50
CA GLY G 232 8.71 -54.96 13.59
C GLY G 232 8.53 -56.47 13.57
N THR G 233 7.71 -56.96 12.64
CA THR G 233 7.46 -58.40 12.52
C THR G 233 8.70 -59.13 12.00
N GLY G 234 9.66 -58.37 11.49
CA GLY G 234 10.88 -58.97 10.96
C GLY G 234 10.68 -59.63 9.61
N SER G 235 9.46 -59.52 9.08
CA SER G 235 9.11 -60.12 7.79
C SER G 235 9.75 -59.40 6.60
N VAL G 236 9.95 -60.14 5.51
CA VAL G 236 10.54 -59.57 4.31
C VAL G 236 9.54 -59.62 3.18
N THR G 237 9.68 -58.70 2.24
CA THR G 237 8.78 -58.64 1.10
C THR G 237 9.59 -58.68 -0.18
N ILE G 238 9.32 -59.69 -1.01
CA ILE G 238 9.99 -59.85 -2.28
C ILE G 238 8.96 -59.77 -3.40
N ARG G 239 9.43 -59.59 -4.62
CA ARG G 239 8.54 -59.49 -5.76
C ARG G 239 8.68 -60.51 -6.87
N ALA G 240 7.54 -60.94 -7.38
CA ALA G 240 7.49 -61.90 -8.47
C ALA G 240 7.03 -61.08 -9.67
N VAL G 241 7.55 -61.38 -10.85
CA VAL G 241 7.17 -60.65 -12.04
C VAL G 241 6.53 -61.53 -13.10
N PHE G 242 5.23 -61.39 -13.28
CA PHE G 242 4.48 -62.17 -14.27
C PHE G 242 4.06 -61.33 -15.48
N PRO G 243 3.94 -61.98 -16.66
CA PRO G 243 3.53 -61.27 -17.88
C PRO G 243 2.02 -61.11 -17.84
N ASN G 244 1.53 -59.95 -18.28
CA ASN G 244 0.09 -59.68 -18.28
C ASN G 244 -0.28 -58.96 -19.56
N PRO G 245 -0.10 -59.63 -20.71
CA PRO G 245 -0.39 -59.07 -22.04
C PRO G 245 -1.88 -58.91 -22.39
N ASN G 246 -2.76 -59.57 -21.66
CA ASN G 246 -4.19 -59.45 -21.94
C ASN G 246 -4.87 -58.77 -20.77
N ASN G 247 -4.07 -58.18 -19.90
CA ASN G 247 -4.57 -57.48 -18.72
C ASN G 247 -5.48 -58.33 -17.86
N GLU G 248 -5.30 -59.64 -17.89
CA GLU G 248 -6.10 -60.54 -17.08
C GLU G 248 -5.85 -60.26 -15.61
N LEU G 249 -4.63 -59.83 -15.30
CA LEU G 249 -4.26 -59.54 -13.92
C LEU G 249 -4.34 -58.06 -13.61
N LEU G 250 -4.96 -57.74 -12.48
CA LEU G 250 -5.10 -56.36 -12.05
C LEU G 250 -4.63 -56.19 -10.61
N PRO G 251 -4.15 -54.99 -10.27
CA PRO G 251 -3.66 -54.69 -8.93
C PRO G 251 -4.68 -55.02 -7.84
N GLY G 252 -4.19 -55.49 -6.70
CA GLY G 252 -5.09 -55.79 -5.59
C GLY G 252 -5.50 -57.25 -5.46
N MET G 253 -5.34 -58.03 -6.52
CA MET G 253 -5.71 -59.44 -6.48
C MET G 253 -4.91 -60.19 -5.42
N PHE G 254 -5.60 -61.05 -4.67
CA PHE G 254 -4.93 -61.84 -3.64
C PHE G 254 -4.58 -63.15 -4.34
N VAL G 255 -3.28 -63.43 -4.47
CA VAL G 255 -2.86 -64.65 -5.16
C VAL G 255 -1.79 -65.42 -4.40
N HIS G 256 -1.33 -66.51 -5.02
CA HIS G 256 -0.30 -67.34 -4.43
C HIS G 256 0.72 -67.74 -5.47
N ALA G 257 1.99 -67.52 -5.17
CA ALA G 257 3.06 -67.89 -6.07
C ALA G 257 3.40 -69.32 -5.70
N GLN G 258 3.57 -70.17 -6.70
CA GLN G 258 3.87 -71.57 -6.44
C GLN G 258 5.31 -71.86 -6.84
N LEU G 259 6.08 -72.36 -5.89
CA LEU G 259 7.48 -72.67 -6.13
C LEU G 259 7.76 -74.17 -6.18
N GLN G 260 8.45 -74.59 -7.23
CA GLN G 260 8.82 -75.99 -7.41
C GLN G 260 10.19 -76.22 -6.76
N GLU G 261 10.20 -76.95 -5.65
CA GLU G 261 11.43 -77.23 -4.91
C GLU G 261 12.02 -78.60 -5.23
N GLY G 262 11.73 -79.10 -6.44
CA GLY G 262 12.25 -80.39 -6.86
C GLY G 262 11.49 -81.58 -6.28
N VAL G 263 11.82 -82.77 -6.76
CA VAL G 263 11.17 -84.00 -6.29
C VAL G 263 12.16 -84.87 -5.53
N LYS G 264 11.75 -85.36 -4.36
CA LYS G 264 12.60 -86.20 -3.53
C LYS G 264 12.48 -87.67 -3.90
N GLN G 265 13.62 -88.33 -4.02
CA GLN G 265 13.64 -89.73 -4.38
C GLN G 265 12.72 -90.54 -3.46
N LYS G 266 13.17 -90.77 -2.24
CA LYS G 266 12.40 -91.52 -1.25
C LYS G 266 12.91 -91.18 0.14
N ALA G 267 12.04 -90.58 0.96
CA ALA G 267 12.41 -90.22 2.32
C ALA G 267 11.34 -90.62 3.32
N ILE G 268 11.64 -90.47 4.60
CA ILE G 268 10.71 -90.82 5.65
C ILE G 268 9.88 -89.62 6.13
N LEU G 269 8.57 -89.81 6.19
CA LEU G 269 7.66 -88.75 6.63
C LEU G 269 7.03 -89.13 7.97
N ALA G 270 7.78 -88.88 9.04
CA ALA G 270 7.32 -89.20 10.40
C ALA G 270 6.27 -88.22 10.92
N PRO G 271 5.06 -88.72 11.23
CA PRO G 271 3.96 -87.89 11.74
C PRO G 271 4.33 -87.10 13.00
N GLN G 272 3.83 -85.86 13.09
CA GLN G 272 4.10 -84.98 14.22
C GLN G 272 3.52 -85.56 15.51
N GLN G 273 2.56 -86.47 15.38
CA GLN G 273 1.94 -87.08 16.54
C GLN G 273 2.92 -88.01 17.27
N GLY G 274 4.16 -88.02 16.79
CA GLY G 274 5.19 -88.85 17.39
C GLY G 274 6.55 -88.20 17.45
N VAL G 275 6.56 -86.87 17.46
CA VAL G 275 7.81 -86.10 17.51
C VAL G 275 7.64 -84.90 18.44
N THR G 276 8.75 -84.43 19.02
CA THR G 276 8.73 -83.29 19.93
C THR G 276 9.87 -82.31 19.62
N ARG G 277 9.70 -81.06 20.02
CA ARG G 277 10.73 -80.04 19.78
C ARG G 277 11.16 -79.36 21.09
N ASP G 278 12.19 -79.91 21.72
CA ASP G 278 12.72 -79.35 22.96
C ASP G 278 13.53 -78.10 22.68
N LEU G 279 13.54 -77.17 23.62
CA LEU G 279 14.26 -75.91 23.47
C LEU G 279 13.64 -75.13 22.31
N LYS G 280 12.43 -75.54 21.93
CA LYS G 280 11.70 -74.90 20.83
C LYS G 280 12.56 -74.92 19.57
N GLY G 281 13.03 -76.12 19.21
CA GLY G 281 13.88 -76.26 18.04
C GLY G 281 14.35 -77.68 17.80
N GLN G 282 15.25 -78.16 18.67
CA GLN G 282 15.79 -79.51 18.54
C GLN G 282 14.69 -80.57 18.44
N ALA G 283 14.80 -81.43 17.43
CA ALA G 283 13.82 -82.48 17.21
C ALA G 283 14.29 -83.82 17.76
N THR G 284 13.49 -84.42 18.65
CA THR G 284 13.82 -85.70 19.25
C THR G 284 12.64 -86.66 19.13
N ALA G 285 12.95 -87.93 18.81
CA ALA G 285 11.91 -88.96 18.65
C ALA G 285 12.21 -90.20 19.48
N LEU G 286 11.20 -91.04 19.65
CA LEU G 286 11.32 -92.27 20.43
C LEU G 286 10.89 -93.47 19.59
N VAL G 287 11.84 -94.36 19.29
CA VAL G 287 11.56 -95.54 18.48
C VAL G 287 12.01 -96.83 19.19
N VAL G 288 11.47 -97.96 18.76
CA VAL G 288 11.81 -99.26 19.33
C VAL G 288 12.68 -100.08 18.37
N ASN G 289 13.87 -100.44 18.82
CA ASN G 289 14.81 -101.22 18.02
C ASN G 289 14.38 -102.67 17.82
N ALA G 290 15.20 -103.42 17.09
CA ALA G 290 14.93 -104.83 16.84
C ALA G 290 14.91 -105.64 18.13
N GLN G 291 15.66 -105.17 19.12
CA GLN G 291 15.74 -105.83 20.42
C GLN G 291 14.52 -105.47 21.27
N ASN G 292 13.43 -105.10 20.60
CA ASN G 292 12.18 -104.72 21.27
C ASN G 292 12.39 -103.69 22.36
N LYS G 293 13.54 -103.00 22.31
CA LYS G 293 13.87 -101.98 23.29
C LYS G 293 13.80 -100.58 22.66
N VAL G 294 13.33 -99.61 23.44
CA VAL G 294 13.20 -98.23 22.96
C VAL G 294 14.51 -97.45 23.05
N GLU G 295 14.76 -96.62 22.05
CA GLU G 295 15.97 -95.80 21.99
C GLU G 295 15.60 -94.33 21.82
N LEU G 296 16.61 -93.46 21.86
CA LEU G 296 16.39 -92.03 21.71
C LEU G 296 17.31 -91.45 20.64
N ARG G 297 16.79 -91.28 19.43
CA ARG G 297 17.57 -90.73 18.33
C ARG G 297 17.10 -89.32 17.96
N VAL G 298 18.05 -88.44 17.69
CA VAL G 298 17.75 -87.05 17.31
C VAL G 298 17.55 -86.93 15.81
N ILE G 299 16.35 -86.52 15.40
CA ILE G 299 16.03 -86.37 13.99
C ILE G 299 16.21 -84.93 13.51
N LYS G 300 16.29 -84.77 12.19
CA LYS G 300 16.46 -83.46 11.58
C LYS G 300 15.31 -83.13 10.63
N ALA G 301 14.10 -83.04 11.20
CA ALA G 301 12.91 -82.74 10.41
C ALA G 301 12.67 -81.22 10.38
N ASP G 302 12.63 -80.65 9.18
CA ASP G 302 12.42 -79.22 9.03
C ASP G 302 11.07 -78.85 8.42
N ARG G 303 10.74 -79.45 7.27
CA ARG G 303 9.47 -79.17 6.60
C ARG G 303 8.26 -79.77 7.31
N VAL G 304 7.08 -79.54 6.75
CA VAL G 304 5.84 -80.06 7.32
C VAL G 304 4.82 -80.36 6.21
N ILE G 305 4.64 -81.64 5.91
CA ILE G 305 3.71 -82.06 4.86
C ILE G 305 2.45 -82.70 5.44
N GLY G 306 1.31 -82.04 5.27
CA GLY G 306 0.06 -82.56 5.78
C GLY G 306 0.02 -82.58 7.30
N ASP G 307 0.37 -83.72 7.88
CA ASP G 307 0.38 -83.88 9.33
C ASP G 307 1.69 -84.56 9.74
N LYS G 308 2.51 -84.89 8.75
CA LYS G 308 3.79 -85.54 8.98
C LYS G 308 4.96 -84.58 8.76
N TRP G 309 6.13 -84.96 9.25
CA TRP G 309 7.33 -84.14 9.11
C TRP G 309 8.42 -84.87 8.31
N LEU G 310 8.97 -84.20 7.31
CA LEU G 310 10.00 -84.78 6.47
C LEU G 310 11.34 -84.82 7.19
N VAL G 311 11.66 -85.98 7.78
CA VAL G 311 12.91 -86.16 8.50
C VAL G 311 14.06 -86.31 7.48
N THR G 312 14.95 -85.33 7.45
CA THR G 312 16.09 -85.36 6.54
C THR G 312 17.17 -86.32 7.02
N GLU G 313 17.36 -86.40 8.34
CA GLU G 313 18.36 -87.29 8.92
C GLU G 313 18.07 -87.54 10.39
N GLY G 314 17.65 -88.77 10.71
CA GLY G 314 17.34 -89.12 12.07
C GLY G 314 16.62 -90.44 12.19
N LEU G 315 15.87 -90.79 11.14
CA LEU G 315 15.13 -92.05 11.10
C LEU G 315 15.17 -92.64 9.69
N ASN G 316 15.72 -93.85 9.56
CA ASN G 316 15.83 -94.51 8.27
C ASN G 316 14.57 -95.32 7.96
N ALA G 317 14.55 -95.94 6.78
CA ALA G 317 13.41 -96.74 6.34
C ALA G 317 13.26 -98.04 7.14
N GLY G 318 12.09 -98.23 7.73
CA GLY G 318 11.84 -99.43 8.51
C GLY G 318 11.55 -99.16 9.98
N ASP G 319 12.32 -98.26 10.59
CA ASP G 319 12.16 -97.93 12.00
C ASP G 319 10.70 -97.80 12.44
N LYS G 320 10.46 -98.07 13.71
CA LYS G 320 9.11 -98.01 14.28
C LYS G 320 9.00 -96.80 15.20
N ILE G 321 8.13 -95.86 14.84
CA ILE G 321 7.93 -94.65 15.63
C ILE G 321 6.77 -94.78 16.61
N ILE G 322 7.07 -94.58 17.90
CA ILE G 322 6.06 -94.68 18.95
C ILE G 322 5.17 -93.42 18.97
N THR G 323 3.90 -93.61 18.62
CA THR G 323 2.94 -92.51 18.59
C THR G 323 2.01 -92.52 19.81
N GLU G 324 1.26 -93.61 19.96
CA GLU G 324 0.32 -93.76 21.07
C GLU G 324 0.94 -94.57 22.21
N GLY G 325 1.57 -93.90 23.16
CA GLY G 325 2.20 -94.57 24.28
C GLY G 325 3.31 -93.79 24.93
N LEU G 326 3.70 -92.67 24.30
CA LEU G 326 4.77 -91.83 24.82
C LEU G 326 4.25 -90.99 25.99
N GLN G 327 2.95 -91.11 26.28
CA GLN G 327 2.33 -90.37 27.37
C GLN G 327 2.95 -90.74 28.71
N PHE G 328 3.65 -91.87 28.74
CA PHE G 328 4.31 -92.36 29.95
C PHE G 328 5.27 -93.50 29.61
N VAL G 329 6.55 -93.16 29.42
CA VAL G 329 7.56 -94.16 29.09
C VAL G 329 8.97 -93.64 29.37
N GLN G 330 9.96 -94.32 28.82
CA GLN G 330 11.36 -93.93 28.99
C GLN G 330 12.26 -94.81 28.10
N PRO G 331 13.40 -94.25 27.65
CA PRO G 331 14.34 -94.98 26.78
C PRO G 331 15.19 -96.00 27.53
N GLY G 332 15.36 -97.18 26.95
CA GLY G 332 16.14 -98.23 27.58
C GLY G 332 15.28 -99.35 28.10
N VAL G 333 13.99 -99.30 27.80
CA VAL G 333 13.03 -100.30 28.24
C VAL G 333 12.39 -101.00 27.04
N GLU G 334 11.86 -102.20 27.27
CA GLU G 334 11.21 -102.96 26.20
C GLU G 334 9.69 -102.77 26.26
N VAL G 335 9.01 -103.07 25.15
CA VAL G 335 7.55 -102.93 25.08
C VAL G 335 6.93 -103.75 23.97
N LYS G 336 5.61 -103.67 23.85
CA LYS G 336 4.87 -104.40 22.83
C LYS G 336 4.52 -103.49 21.65
N THR G 337 4.44 -104.07 20.45
CA THR G 337 4.14 -103.32 19.23
C THR G 337 2.69 -103.53 18.76
N VAL G 338 1.84 -102.54 19.05
CA VAL G 338 0.44 -102.59 18.65
C VAL G 338 0.13 -101.44 17.69
N PRO G 339 -0.06 -101.75 16.39
CA PRO G 339 -0.35 -100.75 15.37
C PRO G 339 -1.38 -99.71 15.79
N PRO H 13 9.73 -102.81 47.90
CA PRO H 13 9.93 -101.94 46.72
C PRO H 13 11.33 -101.34 46.67
N GLU H 14 12.07 -101.64 45.59
CA GLU H 14 13.43 -101.14 45.42
C GLU H 14 13.66 -100.63 43.99
N VAL H 15 14.56 -99.66 43.85
CA VAL H 15 14.88 -99.09 42.54
C VAL H 15 16.38 -98.89 42.38
N GLY H 16 16.80 -98.56 41.16
CA GLY H 16 18.20 -98.34 40.89
C GLY H 16 18.52 -96.87 40.69
N ILE H 17 18.63 -96.13 41.79
CA ILE H 17 18.93 -94.71 41.73
C ILE H 17 20.40 -94.45 41.43
N VAL H 18 20.67 -93.29 40.83
CA VAL H 18 22.03 -92.90 40.49
C VAL H 18 22.36 -91.56 41.15
N THR H 19 23.51 -91.49 41.81
CA THR H 19 23.94 -90.28 42.49
C THR H 19 24.44 -89.23 41.50
N LEU H 20 23.65 -88.16 41.36
CA LEU H 20 23.99 -87.07 40.44
C LEU H 20 25.14 -86.24 41.02
N GLU H 21 26.15 -85.99 40.20
CA GLU H 21 27.31 -85.21 40.63
C GLU H 21 27.74 -84.21 39.55
N ALA H 22 28.26 -83.06 39.98
CA ALA H 22 28.70 -82.03 39.06
C ALA H 22 29.91 -82.49 38.24
N GLN H 23 29.77 -82.48 36.92
CA GLN H 23 30.84 -82.91 36.03
C GLN H 23 31.39 -81.75 35.19
N THR H 24 32.60 -81.93 34.69
CA THR H 24 33.25 -80.91 33.86
C THR H 24 32.84 -81.04 32.38
N VAL H 25 32.48 -79.90 31.78
CA VAL H 25 32.06 -79.85 30.37
C VAL H 25 32.50 -78.52 29.74
N THR H 26 32.64 -78.51 28.41
CA THR H 26 33.05 -77.32 27.65
C THR H 26 31.95 -76.90 26.66
N LEU H 27 31.32 -75.75 26.92
CA LEU H 27 30.26 -75.25 26.06
C LEU H 27 30.45 -73.79 25.67
N ASN H 28 29.67 -73.37 24.68
CA ASN H 28 29.73 -72.00 24.18
C ASN H 28 28.63 -71.13 24.77
N THR H 29 28.93 -69.85 24.94
CA THR H 29 27.97 -68.90 25.48
C THR H 29 27.14 -68.39 24.32
N GLU H 30 25.83 -68.40 24.51
CA GLU H 30 24.89 -67.95 23.50
C GLU H 30 24.31 -66.59 23.87
N LEU H 31 24.79 -65.53 23.23
CA LEU H 31 24.29 -64.19 23.50
C LEU H 31 23.18 -63.88 22.50
N PRO H 32 21.93 -63.76 22.98
CA PRO H 32 20.81 -63.46 22.08
C PRO H 32 20.82 -62.02 21.58
N GLY H 33 20.26 -61.79 20.40
CA GLY H 33 20.25 -60.44 19.85
C GLY H 33 19.52 -60.31 18.53
N ARG H 34 19.38 -59.07 18.06
CA ARG H 34 18.70 -58.81 16.81
C ARG H 34 19.66 -58.12 15.83
N THR H 35 19.44 -58.36 14.55
CA THR H 35 20.28 -57.75 13.52
C THR H 35 19.75 -56.36 13.21
N ASN H 36 20.64 -55.42 12.93
CA ASN H 36 20.23 -54.06 12.63
C ASN H 36 21.11 -53.46 11.58
N ALA H 37 20.58 -52.50 10.84
CA ALA H 37 21.34 -51.84 9.79
C ALA H 37 22.56 -51.17 10.37
N PHE H 38 23.65 -51.18 9.62
CA PHE H 38 24.84 -50.53 10.09
C PHE H 38 24.61 -49.02 10.10
N ARG H 39 23.67 -48.52 9.29
CA ARG H 39 23.40 -47.07 9.20
C ARG H 39 22.13 -46.77 8.35
N ILE H 40 21.36 -45.75 8.73
CA ILE H 40 20.14 -45.44 7.99
C ILE H 40 20.02 -43.99 7.57
N ALA H 41 19.46 -43.75 6.40
CA ALA H 41 19.28 -42.39 5.93
C ALA H 41 17.93 -42.24 5.23
N GLU H 42 17.46 -41.01 5.11
CA GLU H 42 16.19 -40.72 4.48
C GLU H 42 16.47 -39.88 3.25
N VAL H 43 15.61 -40.01 2.24
CA VAL H 43 15.76 -39.25 1.02
C VAL H 43 14.63 -38.23 1.02
N ARG H 44 14.96 -36.96 0.82
CA ARG H 44 13.96 -35.91 0.83
C ARG H 44 14.23 -34.79 -0.14
N PRO H 45 13.18 -34.12 -0.60
CA PRO H 45 13.36 -33.00 -1.54
C PRO H 45 13.74 -31.71 -0.81
N GLN H 46 14.45 -30.82 -1.50
CA GLN H 46 14.83 -29.57 -0.88
C GLN H 46 14.52 -28.41 -1.82
N VAL H 47 13.67 -28.69 -2.79
CA VAL H 47 13.17 -27.69 -3.73
C VAL H 47 11.82 -28.20 -4.12
N ASN H 48 10.93 -27.30 -4.56
CA ASN H 48 9.62 -27.74 -4.94
C ASN H 48 9.65 -28.09 -6.40
N GLY H 49 8.85 -29.10 -6.77
CA GLY H 49 8.79 -29.49 -8.17
C GLY H 49 8.05 -30.79 -8.45
N ILE H 50 8.18 -31.23 -9.70
CA ILE H 50 7.57 -32.46 -10.15
C ILE H 50 8.66 -33.49 -10.39
N ILE H 51 8.42 -34.72 -9.97
CA ILE H 51 9.39 -35.78 -10.20
C ILE H 51 9.41 -36.14 -11.68
N LEU H 52 10.54 -35.98 -12.38
CA LEU H 52 10.59 -36.38 -13.77
C LEU H 52 10.88 -37.87 -13.82
N LYS H 53 12.03 -38.26 -13.28
CA LYS H 53 12.43 -39.65 -13.28
C LYS H 53 12.84 -40.11 -11.91
N ARG H 54 12.68 -41.41 -11.67
CA ARG H 54 13.09 -42.01 -10.42
C ARG H 54 14.15 -43.03 -10.81
N LEU H 55 15.39 -42.58 -11.03
CA LEU H 55 16.46 -43.47 -11.48
C LEU H 55 17.12 -44.49 -10.54
N PHE H 56 16.35 -45.40 -9.96
CA PHE H 56 16.93 -46.41 -9.09
C PHE H 56 15.94 -47.55 -8.94
N LYS H 57 16.46 -48.76 -8.81
CA LYS H 57 15.60 -49.91 -8.71
C LYS H 57 15.18 -50.18 -7.28
N GLU H 58 13.89 -50.16 -7.01
CA GLU H 58 13.44 -50.43 -5.65
C GLU H 58 14.09 -51.72 -5.24
N GLY H 59 14.75 -51.70 -4.09
CA GLY H 59 15.41 -52.88 -3.59
C GLY H 59 16.86 -53.03 -4.03
N SER H 60 17.39 -52.07 -4.77
CA SER H 60 18.77 -52.19 -5.21
C SER H 60 19.81 -51.64 -4.23
N ASP H 61 21.06 -51.52 -4.67
CA ASP H 61 22.14 -50.99 -3.84
C ASP H 61 22.59 -49.69 -4.46
N VAL H 62 22.56 -48.62 -3.68
CA VAL H 62 22.99 -47.31 -4.18
C VAL H 62 24.23 -46.85 -3.42
N LYS H 63 25.01 -46.00 -4.07
CA LYS H 63 26.19 -45.47 -3.47
C LYS H 63 25.88 -44.06 -3.00
N ALA H 64 26.43 -43.65 -1.86
CA ALA H 64 26.19 -42.30 -1.36
C ALA H 64 26.70 -41.29 -2.42
N GLY H 65 25.81 -40.37 -2.81
CA GLY H 65 26.13 -39.36 -3.80
C GLY H 65 25.47 -39.66 -5.13
N GLN H 66 24.85 -40.82 -5.20
CA GLN H 66 24.20 -41.29 -6.41
C GLN H 66 22.85 -40.60 -6.63
N GLN H 67 22.64 -40.04 -7.82
CA GLN H 67 21.34 -39.40 -8.09
C GLN H 67 20.23 -40.44 -7.97
N LEU H 68 19.24 -40.15 -7.16
CA LEU H 68 18.13 -41.09 -6.99
C LEU H 68 16.86 -40.64 -7.70
N TYR H 69 16.69 -39.33 -7.84
CA TYR H 69 15.52 -38.76 -8.48
C TYR H 69 15.97 -37.59 -9.29
N GLN H 70 15.08 -37.11 -10.14
CA GLN H 70 15.33 -35.93 -10.95
C GLN H 70 14.08 -35.09 -10.97
N ILE H 71 14.16 -33.92 -10.36
CA ILE H 71 13.02 -33.02 -10.31
C ILE H 71 13.08 -32.18 -11.58
N ASP H 72 11.95 -32.00 -12.24
CA ASP H 72 11.93 -31.22 -13.46
C ASP H 72 12.63 -29.90 -13.21
N PRO H 73 13.78 -29.69 -13.84
CA PRO H 73 14.65 -28.51 -13.76
C PRO H 73 14.48 -27.37 -14.74
N ALA H 74 13.47 -27.39 -15.60
CA ALA H 74 13.31 -26.34 -16.61
C ALA H 74 13.52 -24.89 -16.18
N THR H 75 12.72 -24.44 -15.21
CA THR H 75 12.78 -23.06 -14.75
C THR H 75 13.99 -22.76 -13.90
N TYR H 76 14.33 -23.69 -13.00
CA TYR H 76 15.48 -23.50 -12.13
C TYR H 76 16.71 -23.29 -12.99
N GLU H 77 16.86 -24.17 -13.97
CA GLU H 77 17.98 -24.07 -14.89
C GLU H 77 17.88 -22.73 -15.60
N ALA H 78 16.67 -22.29 -15.87
CA ALA H 78 16.44 -21.03 -16.57
C ALA H 78 16.80 -19.84 -15.70
N ASP H 79 16.29 -19.82 -14.47
CA ASP H 79 16.58 -18.74 -13.54
C ASP H 79 18.08 -18.63 -13.31
N TYR H 80 18.74 -19.77 -13.19
CA TYR H 80 20.15 -19.77 -12.96
C TYR H 80 20.93 -19.16 -14.10
N GLN H 81 20.59 -19.53 -15.33
CA GLN H 81 21.30 -18.97 -16.48
C GLN H 81 21.01 -17.49 -16.52
N SER H 82 19.78 -17.14 -16.16
CA SER H 82 19.37 -15.74 -16.15
C SER H 82 20.23 -14.96 -15.14
N ALA H 83 20.22 -15.43 -13.89
CA ALA H 83 21.03 -14.82 -12.85
C ALA H 83 22.46 -14.59 -13.35
N GLN H 84 23.13 -15.65 -13.78
CA GLN H 84 24.49 -15.53 -14.24
C GLN H 84 24.67 -14.46 -15.31
N ALA H 85 23.66 -14.33 -16.16
CA ALA H 85 23.74 -13.33 -17.22
C ALA H 85 23.91 -12.01 -16.55
N ASN H 86 22.96 -11.74 -15.65
CA ASN H 86 22.94 -10.51 -14.86
C ASN H 86 24.28 -10.22 -14.16
N LEU H 87 24.74 -11.18 -13.35
CA LEU H 87 26.00 -11.01 -12.66
C LEU H 87 27.10 -10.63 -13.64
N ALA H 88 27.24 -11.43 -14.71
CA ALA H 88 28.29 -11.17 -15.70
C ALA H 88 28.25 -9.71 -16.11
N SER H 89 27.02 -9.19 -16.21
CA SER H 89 26.82 -7.80 -16.58
C SER H 89 27.29 -6.83 -15.49
N THR H 90 26.57 -6.79 -14.38
CA THR H 90 26.90 -5.93 -13.25
C THR H 90 28.37 -6.04 -12.86
N GLN H 91 28.91 -7.25 -12.77
CA GLN H 91 30.31 -7.40 -12.40
C GLN H 91 31.19 -6.49 -13.24
N GLU H 92 31.08 -6.63 -14.55
CA GLU H 92 31.88 -5.82 -15.45
C GLU H 92 31.65 -4.37 -15.11
N GLN H 93 30.38 -3.97 -15.14
CA GLN H 93 29.97 -2.59 -14.82
C GLN H 93 30.74 -2.04 -13.61
N ALA H 94 30.79 -2.85 -12.56
CA ALA H 94 31.48 -2.47 -11.35
C ALA H 94 32.96 -2.34 -11.61
N GLN H 95 33.61 -3.45 -11.96
CA GLN H 95 35.05 -3.45 -12.22
C GLN H 95 35.48 -2.22 -13.01
N ARG H 96 34.64 -1.76 -13.94
CA ARG H 96 34.99 -0.59 -14.72
C ARG H 96 34.92 0.65 -13.83
N TYR H 97 33.76 0.85 -13.19
CA TYR H 97 33.56 1.98 -12.29
C TYR H 97 34.62 2.07 -11.19
N LYS H 98 35.21 0.92 -10.84
CA LYS H 98 36.23 0.91 -9.79
C LYS H 98 37.49 1.64 -10.25
N LEU H 99 37.67 1.75 -11.56
CA LEU H 99 38.84 2.43 -12.08
C LEU H 99 38.51 3.88 -12.43
N LEU H 100 37.21 4.21 -12.48
CA LEU H 100 36.80 5.56 -12.78
C LEU H 100 36.86 6.47 -11.56
N VAL H 101 36.49 5.95 -10.40
CA VAL H 101 36.55 6.75 -9.18
C VAL H 101 38.02 6.99 -8.92
N ALA H 102 38.82 5.98 -9.25
CA ALA H 102 40.26 6.05 -9.09
C ALA H 102 40.81 7.29 -9.78
N ASP H 103 40.07 7.78 -10.78
CA ASP H 103 40.48 8.96 -11.52
C ASP H 103 39.42 10.06 -11.45
N GLN H 104 38.66 10.11 -10.37
CA GLN H 104 37.63 11.13 -10.19
C GLN H 104 36.61 11.15 -11.33
N ALA H 105 36.79 10.27 -12.31
CA ALA H 105 35.91 10.19 -13.46
C ALA H 105 34.45 9.87 -13.06
N VAL H 106 34.27 9.40 -11.85
CA VAL H 106 32.93 9.06 -11.37
C VAL H 106 32.85 9.18 -9.84
N SER H 107 31.71 9.67 -9.35
CA SER H 107 31.50 9.88 -7.93
C SER H 107 31.59 8.58 -7.13
N LYS H 108 31.96 8.69 -5.85
CA LYS H 108 32.05 7.53 -4.99
C LYS H 108 30.65 6.92 -4.87
N GLN H 109 29.63 7.78 -4.98
CA GLN H 109 28.26 7.33 -4.89
C GLN H 109 27.97 6.32 -5.99
N GLN H 110 28.29 6.72 -7.22
CA GLN H 110 28.08 5.87 -8.38
C GLN H 110 28.78 4.53 -8.21
N TYR H 111 30.08 4.56 -7.96
CA TYR H 111 30.83 3.32 -7.78
C TYR H 111 30.21 2.47 -6.70
N ALA H 112 29.64 3.12 -5.69
CA ALA H 112 29.01 2.40 -4.59
C ALA H 112 27.78 1.69 -5.15
N ASP H 113 26.83 2.46 -5.69
CA ASP H 113 25.64 1.87 -6.26
C ASP H 113 26.04 0.70 -7.16
N ALA H 114 27.13 0.89 -7.89
CA ALA H 114 27.60 -0.14 -8.80
C ALA H 114 27.94 -1.40 -8.01
N ASN H 115 29.02 -1.31 -7.25
CA ASN H 115 29.47 -2.45 -6.45
C ASN H 115 28.30 -3.02 -5.62
N ALA H 116 27.30 -2.19 -5.40
CA ALA H 116 26.13 -2.63 -4.64
C ALA H 116 25.38 -3.69 -5.44
N ALA H 117 24.98 -3.34 -6.66
CA ALA H 117 24.26 -4.26 -7.52
C ALA H 117 25.12 -5.51 -7.79
N TYR H 118 26.41 -5.32 -8.00
CA TYR H 118 27.29 -6.43 -8.24
C TYR H 118 27.17 -7.48 -7.15
N LEU H 119 27.11 -7.02 -5.90
CA LEU H 119 26.99 -7.92 -4.77
C LEU H 119 25.63 -8.60 -4.75
N GLN H 120 24.59 -7.83 -5.07
CA GLN H 120 23.25 -8.40 -5.11
C GLN H 120 23.22 -9.54 -6.11
N SER H 121 23.78 -9.31 -7.29
CA SER H 121 23.82 -10.33 -8.32
C SER H 121 24.51 -11.55 -7.77
N LYS H 122 25.80 -11.41 -7.50
CA LYS H 122 26.61 -12.50 -6.99
C LYS H 122 25.81 -13.31 -6.00
N ALA H 123 24.99 -12.61 -5.23
CA ALA H 123 24.17 -13.25 -4.22
C ALA H 123 23.12 -14.14 -4.90
N ALA H 124 22.33 -13.52 -5.77
CA ALA H 124 21.27 -14.20 -6.51
C ALA H 124 21.74 -15.45 -7.23
N VAL H 125 22.87 -15.35 -7.93
CA VAL H 125 23.41 -16.49 -8.64
C VAL H 125 23.61 -17.64 -7.69
N GLU H 126 24.30 -17.40 -6.59
CA GLU H 126 24.58 -18.46 -5.62
C GLU H 126 23.31 -19.11 -5.14
N GLN H 127 22.26 -18.33 -5.00
CA GLN H 127 21.00 -18.87 -4.54
C GLN H 127 20.35 -19.67 -5.65
N ALA H 128 20.54 -19.23 -6.88
CA ALA H 128 19.98 -19.92 -8.03
C ALA H 128 20.68 -21.27 -8.14
N ARG H 129 22.01 -21.25 -8.06
CA ARG H 129 22.83 -22.43 -8.14
C ARG H 129 22.34 -23.49 -7.17
N ILE H 130 22.08 -23.08 -5.94
CA ILE H 130 21.64 -24.01 -4.93
C ILE H 130 20.31 -24.65 -5.23
N ASN H 131 19.35 -23.89 -5.69
CA ASN H 131 18.06 -24.49 -5.99
C ASN H 131 18.15 -25.47 -7.15
N LEU H 132 18.94 -25.13 -8.16
CA LEU H 132 19.12 -26.00 -9.29
C LEU H 132 19.69 -27.33 -8.83
N ARG H 133 20.74 -27.26 -8.04
CA ARG H 133 21.38 -28.43 -7.51
C ARG H 133 20.38 -29.34 -6.82
N TYR H 134 19.46 -28.75 -6.06
CA TYR H 134 18.52 -29.58 -5.35
C TYR H 134 17.54 -30.32 -6.25
N THR H 135 17.52 -30.00 -7.54
CA THR H 135 16.57 -30.65 -8.44
C THR H 135 16.99 -32.09 -8.64
N LYS H 136 18.24 -32.43 -8.27
CA LYS H 136 18.76 -33.82 -8.37
C LYS H 136 18.81 -34.51 -7.00
N VAL H 137 17.74 -35.14 -6.56
CA VAL H 137 17.78 -35.79 -5.25
C VAL H 137 18.84 -36.87 -5.16
N LEU H 138 19.71 -36.82 -4.17
CA LEU H 138 20.78 -37.83 -4.04
C LEU H 138 20.62 -38.70 -2.82
N SER H 139 21.34 -39.81 -2.79
CA SER H 139 21.29 -40.68 -1.63
C SER H 139 22.37 -40.20 -0.67
N PRO H 140 22.01 -39.96 0.59
CA PRO H 140 22.92 -39.50 1.62
C PRO H 140 23.95 -40.54 2.04
N ILE H 141 23.67 -41.81 1.77
CA ILE H 141 24.62 -42.82 2.19
C ILE H 141 24.61 -44.04 1.27
N SER H 142 25.74 -44.73 1.18
CA SER H 142 25.81 -45.94 0.38
C SER H 142 25.06 -46.95 1.21
N GLY H 143 24.21 -47.75 0.57
CA GLY H 143 23.43 -48.74 1.29
C GLY H 143 22.37 -49.31 0.35
N ARG H 144 21.46 -50.10 0.90
CA ARG H 144 20.39 -50.69 0.12
C ARG H 144 19.19 -49.75 0.23
N ILE H 145 18.52 -49.47 -0.89
CA ILE H 145 17.37 -48.58 -0.92
C ILE H 145 16.13 -49.36 -1.27
N GLY H 146 15.07 -49.21 -0.47
CA GLY H 146 13.83 -49.96 -0.69
C GLY H 146 12.78 -49.39 -1.63
N ARG H 147 11.53 -49.59 -1.27
CA ARG H 147 10.42 -49.10 -2.08
C ARG H 147 10.47 -47.59 -2.14
N SER H 148 10.05 -47.01 -3.26
CA SER H 148 10.01 -45.56 -3.39
C SER H 148 8.63 -45.08 -3.01
N ALA H 149 8.55 -44.15 -2.05
CA ALA H 149 7.25 -43.65 -1.60
C ALA H 149 6.67 -42.52 -2.45
N VAL H 150 7.19 -42.33 -3.65
CA VAL H 150 6.71 -41.25 -4.51
C VAL H 150 6.64 -41.64 -5.97
N THR H 151 5.46 -41.52 -6.56
CA THR H 151 5.28 -41.88 -7.95
C THR H 151 5.98 -40.87 -8.83
N GLU H 152 6.36 -41.28 -10.03
CA GLU H 152 7.02 -40.36 -10.94
C GLU H 152 5.96 -39.35 -11.33
N GLY H 153 6.39 -38.18 -11.77
CA GLY H 153 5.45 -37.14 -12.18
C GLY H 153 4.67 -36.52 -11.03
N ALA H 154 4.92 -36.99 -9.81
CA ALA H 154 4.23 -36.45 -8.65
C ALA H 154 4.80 -35.09 -8.27
N LEU H 155 4.17 -34.47 -7.28
CA LEU H 155 4.60 -33.14 -6.85
C LEU H 155 5.25 -33.19 -5.48
N VAL H 156 6.48 -32.70 -5.38
CA VAL H 156 7.16 -32.69 -4.08
C VAL H 156 7.47 -31.28 -3.63
N THR H 157 7.45 -31.11 -2.31
CA THR H 157 7.71 -29.81 -1.71
C THR H 157 8.79 -29.83 -0.63
N ASN H 158 9.71 -28.88 -0.78
CA ASN H 158 10.78 -28.72 0.18
C ASN H 158 10.13 -28.59 1.53
N GLY H 159 10.44 -29.48 2.46
CA GLY H 159 9.84 -29.40 3.77
C GLY H 159 8.76 -30.43 4.01
N GLN H 160 8.28 -31.05 2.95
CA GLN H 160 7.23 -32.04 3.12
C GLN H 160 7.55 -33.01 4.25
N ALA H 161 6.55 -33.38 5.02
CA ALA H 161 6.76 -34.30 6.13
C ALA H 161 7.25 -35.70 5.75
N ASN H 162 6.65 -36.30 4.73
CA ASN H 162 7.04 -37.65 4.30
C ASN H 162 8.33 -37.82 3.48
N ALA H 163 9.09 -38.86 3.82
CA ALA H 163 10.32 -39.14 3.09
C ALA H 163 10.02 -39.91 1.80
N MET H 164 10.82 -39.63 0.76
CA MET H 164 10.64 -40.27 -0.52
C MET H 164 11.10 -41.72 -0.50
N ALA H 165 12.26 -41.97 0.11
CA ALA H 165 12.83 -43.31 0.18
C ALA H 165 13.77 -43.47 1.37
N THR H 166 14.29 -44.68 1.56
CA THR H 166 15.19 -44.93 2.69
C THR H 166 16.35 -45.87 2.43
N VAL H 167 17.57 -45.39 2.60
CA VAL H 167 18.75 -46.20 2.38
C VAL H 167 19.23 -46.86 3.67
N GLN H 168 19.57 -48.13 3.63
CA GLN H 168 20.09 -48.84 4.83
C GLN H 168 21.30 -49.64 4.46
N GLN H 169 22.44 -49.31 5.06
CA GLN H 169 23.70 -50.01 4.84
C GLN H 169 23.57 -51.35 5.55
N LEU H 170 23.76 -52.44 4.83
CA LEU H 170 23.60 -53.76 5.44
C LEU H 170 24.87 -54.62 5.51
N ASP H 171 25.98 -54.11 4.97
CA ASP H 171 27.27 -54.79 4.98
C ASP H 171 28.30 -53.77 5.43
N PRO H 172 28.83 -53.92 6.65
CA PRO H 172 28.55 -54.99 7.61
C PRO H 172 27.18 -54.78 8.16
N ILE H 173 26.77 -55.66 9.05
CA ILE H 173 25.46 -55.52 9.66
C ILE H 173 25.68 -55.65 11.16
N TYR H 174 24.88 -54.96 11.97
CA TYR H 174 25.04 -55.02 13.40
C TYR H 174 24.19 -56.10 13.99
N VAL H 175 24.56 -56.50 15.19
CA VAL H 175 23.80 -57.47 15.94
C VAL H 175 23.80 -56.91 17.35
N ASP H 176 22.67 -56.33 17.74
CA ASP H 176 22.51 -55.74 19.07
C ASP H 176 22.36 -56.87 20.09
N VAL H 177 23.26 -56.87 21.06
CA VAL H 177 23.25 -57.87 22.12
C VAL H 177 23.06 -57.19 23.47
N THR H 178 22.08 -57.67 24.22
CA THR H 178 21.78 -57.13 25.55
C THR H 178 22.16 -58.10 26.65
N GLN H 179 23.00 -57.64 27.57
CA GLN H 179 23.48 -58.43 28.68
C GLN H 179 23.39 -57.64 29.99
N PRO H 180 23.12 -58.33 31.11
CA PRO H 180 23.03 -57.63 32.40
C PRO H 180 24.41 -57.09 32.79
N SER H 181 24.45 -55.81 33.20
CA SER H 181 25.68 -55.13 33.57
C SER H 181 26.82 -56.05 33.97
N THR H 182 26.61 -56.82 35.03
CA THR H 182 27.62 -57.76 35.52
C THR H 182 28.18 -58.62 34.42
N ALA H 183 27.29 -59.33 33.72
CA ALA H 183 27.67 -60.21 32.62
C ALA H 183 28.70 -59.53 31.72
N LEU H 184 28.38 -58.32 31.28
CA LEU H 184 29.29 -57.57 30.42
C LEU H 184 30.62 -57.41 31.12
N LEU H 185 30.57 -57.06 32.40
CA LEU H 185 31.77 -56.86 33.18
C LEU H 185 32.60 -58.13 33.19
N ARG H 186 31.93 -59.28 33.33
CA ARG H 186 32.60 -60.57 33.31
C ARG H 186 33.39 -60.73 32.01
N LEU H 187 32.68 -60.70 30.89
CA LEU H 187 33.29 -60.86 29.59
C LEU H 187 34.43 -59.88 29.37
N ARG H 188 34.27 -58.66 29.83
CA ARG H 188 35.33 -57.67 29.63
C ARG H 188 36.59 -58.15 30.32
N ARG H 189 36.42 -58.81 31.47
CA ARG H 189 37.55 -59.33 32.23
C ARG H 189 38.26 -60.39 31.40
N GLU H 190 37.50 -61.43 31.05
CA GLU H 190 38.01 -62.54 30.25
C GLU H 190 38.76 -62.05 29.02
N LEU H 191 38.32 -60.95 28.42
CA LEU H 191 39.03 -60.44 27.26
C LEU H 191 40.42 -60.02 27.68
N ALA H 192 40.51 -59.10 28.64
CA ALA H 192 41.78 -58.61 29.14
C ALA H 192 42.62 -59.78 29.64
N SER H 193 41.96 -60.69 30.35
CA SER H 193 42.63 -61.88 30.87
C SER H 193 43.34 -62.58 29.73
N GLY H 194 42.56 -63.25 28.89
CA GLY H 194 43.09 -63.98 27.75
C GLY H 194 42.18 -65.13 27.45
N GLN H 195 41.20 -65.33 28.33
CA GLN H 195 40.23 -66.41 28.22
C GLN H 195 39.30 -66.28 27.00
N LEU H 196 39.40 -65.17 26.28
CA LEU H 196 38.56 -64.94 25.11
C LEU H 196 39.34 -64.64 23.84
N GLU H 197 38.87 -65.17 22.72
CA GLU H 197 39.53 -64.96 21.42
C GLU H 197 39.54 -63.50 21.04
N ARG H 198 40.62 -62.80 21.34
CA ARG H 198 40.71 -61.38 21.03
C ARG H 198 40.53 -61.08 19.55
N ALA H 199 39.46 -60.37 19.22
CA ALA H 199 39.16 -59.99 17.85
C ALA H 199 39.78 -58.63 17.58
N GLY H 200 39.69 -57.74 18.56
CA GLY H 200 40.26 -56.42 18.40
C GLY H 200 40.61 -55.81 19.76
N ASP H 201 41.20 -54.63 19.73
CA ASP H 201 41.60 -53.92 20.95
C ASP H 201 40.56 -53.97 22.05
N ASN H 202 39.30 -54.17 21.69
CA ASN H 202 38.25 -54.22 22.70
C ASN H 202 37.13 -55.20 22.39
N ALA H 203 37.31 -56.00 21.34
CA ALA H 203 36.29 -56.97 20.95
C ALA H 203 36.85 -58.38 20.79
N ALA H 204 35.98 -59.36 20.93
CA ALA H 204 36.36 -60.77 20.79
C ALA H 204 35.71 -61.36 19.55
N LYS H 205 36.40 -62.30 18.90
CA LYS H 205 35.85 -62.95 17.72
C LYS H 205 34.56 -63.65 18.12
N VAL H 206 33.60 -63.72 17.20
CA VAL H 206 32.32 -64.36 17.50
C VAL H 206 31.66 -64.94 16.25
N SER H 207 30.83 -65.94 16.44
CA SER H 207 30.12 -66.58 15.35
C SER H 207 28.63 -66.33 15.55
N LEU H 208 27.84 -66.52 14.50
CA LEU H 208 26.42 -66.27 14.61
C LEU H 208 25.57 -67.49 14.25
N LYS H 209 24.51 -67.71 15.02
CA LYS H 209 23.60 -68.82 14.78
C LYS H 209 22.20 -68.25 14.50
N LEU H 210 21.71 -68.44 13.28
CA LEU H 210 20.39 -67.92 12.88
C LEU H 210 19.23 -68.55 13.63
N GLU H 211 18.05 -67.96 13.49
CA GLU H 211 16.82 -68.44 14.13
C GLU H 211 16.42 -69.85 13.73
N ASP H 212 16.86 -70.30 12.56
CA ASP H 212 16.52 -71.64 12.11
C ASP H 212 17.57 -72.65 12.60
N GLY H 213 18.56 -72.15 13.33
CA GLY H 213 19.59 -73.02 13.84
C GLY H 213 20.83 -73.02 12.99
N SER H 214 20.70 -72.61 11.73
CA SER H 214 21.83 -72.56 10.81
C SER H 214 23.02 -71.81 11.40
N GLN H 215 24.21 -72.11 10.89
CA GLN H 215 25.43 -71.44 11.35
C GLN H 215 25.93 -70.49 10.27
N TYR H 216 25.79 -69.20 10.49
CA TYR H 216 26.25 -68.24 9.51
C TYR H 216 27.73 -68.42 9.26
N PRO H 217 28.11 -68.69 8.02
CA PRO H 217 29.51 -68.89 7.60
C PRO H 217 30.54 -67.91 8.13
N LEU H 218 30.42 -66.64 7.75
CA LEU H 218 31.39 -65.64 8.18
C LEU H 218 31.45 -65.42 9.71
N GLU H 219 32.60 -64.93 10.16
CA GLU H 219 32.81 -64.67 11.58
C GLU H 219 32.95 -63.16 11.80
N GLY H 220 32.55 -62.68 12.97
CA GLY H 220 32.64 -61.26 13.24
C GLY H 220 33.05 -60.80 14.63
N ARG H 221 33.29 -59.50 14.75
CA ARG H 221 33.70 -58.84 16.00
C ARG H 221 32.55 -58.57 16.95
N LEU H 222 32.79 -58.70 18.24
CA LEU H 222 31.79 -58.36 19.24
C LEU H 222 32.43 -57.28 20.09
N GLU H 223 32.23 -56.03 19.69
CA GLU H 223 32.77 -54.86 20.39
C GLU H 223 32.16 -54.78 21.78
N PHE H 224 32.97 -54.45 22.78
CA PHE H 224 32.48 -54.39 24.14
C PHE H 224 32.10 -52.99 24.66
N SER H 225 32.41 -51.96 23.90
CA SER H 225 32.05 -50.61 24.32
C SER H 225 30.53 -50.55 24.33
N GLU H 226 29.95 -50.18 25.49
CA GLU H 226 28.51 -50.11 25.64
C GLU H 226 27.92 -49.07 24.69
N VAL H 227 26.70 -49.32 24.22
CA VAL H 227 26.05 -48.38 23.32
C VAL H 227 24.84 -47.73 23.99
N SER H 228 24.17 -48.48 24.86
CA SER H 228 23.02 -47.95 25.55
C SER H 228 22.78 -48.77 26.81
N VAL H 229 22.12 -48.14 27.79
CA VAL H 229 21.81 -48.83 29.04
C VAL H 229 20.38 -48.59 29.43
N ASP H 230 19.68 -49.65 29.80
CA ASP H 230 18.29 -49.52 30.22
C ASP H 230 18.34 -49.25 31.72
N GLU H 231 18.61 -48.01 32.10
CA GLU H 231 18.70 -47.64 33.51
C GLU H 231 17.57 -48.21 34.34
N GLY H 232 16.48 -48.59 33.65
CA GLY H 232 15.35 -49.18 34.33
C GLY H 232 15.71 -50.56 34.83
N THR H 233 16.08 -51.45 33.91
CA THR H 233 16.45 -52.81 34.25
C THR H 233 17.96 -52.94 34.44
N GLY H 234 18.68 -51.84 34.28
CA GLY H 234 20.13 -51.88 34.42
C GLY H 234 20.85 -52.59 33.29
N SER H 235 20.10 -53.25 32.42
CA SER H 235 20.65 -54.00 31.28
C SER H 235 21.55 -53.14 30.39
N VAL H 236 22.51 -53.78 29.73
CA VAL H 236 23.41 -53.08 28.82
C VAL H 236 23.30 -53.66 27.43
N THR H 237 23.52 -52.83 26.42
CA THR H 237 23.45 -53.28 25.04
C THR H 237 24.75 -53.01 24.30
N ILE H 238 25.34 -54.06 23.77
CA ILE H 238 26.58 -53.95 22.99
C ILE H 238 26.30 -54.49 21.60
N ARG H 239 27.20 -54.19 20.67
CA ARG H 239 27.01 -54.63 19.30
C ARG H 239 28.09 -55.50 18.70
N ALA H 240 27.65 -56.49 17.95
CA ALA H 240 28.54 -57.38 17.24
C ALA H 240 28.53 -56.85 15.81
N VAL H 241 29.61 -57.04 15.07
CA VAL H 241 29.66 -56.59 13.70
C VAL H 241 30.05 -57.69 12.72
N PHE H 242 29.05 -58.23 12.03
CA PHE H 242 29.27 -59.29 11.06
C PHE H 242 29.31 -58.82 9.61
N PRO H 243 30.13 -59.49 8.76
CA PRO H 243 30.24 -59.11 7.35
C PRO H 243 29.04 -59.75 6.63
N ASN H 244 28.42 -59.00 5.74
CA ASN H 244 27.25 -59.50 5.04
C ASN H 244 27.30 -59.10 3.58
N PRO H 245 28.25 -59.64 2.82
CA PRO H 245 28.44 -59.35 1.41
C PRO H 245 27.44 -59.96 0.43
N ASN H 246 26.60 -60.89 0.88
CA ASN H 246 25.65 -61.49 -0.04
C ASN H 246 24.22 -61.17 0.38
N ASN H 247 24.09 -60.30 1.37
CA ASN H 247 22.79 -59.89 1.86
C ASN H 247 22.01 -61.01 2.50
N GLU H 248 22.69 -62.07 2.88
CA GLU H 248 21.99 -63.17 3.51
C GLU H 248 21.39 -62.69 4.81
N LEU H 249 22.02 -61.68 5.40
CA LEU H 249 21.54 -61.14 6.66
C LEU H 249 20.65 -59.92 6.48
N LEU H 250 19.51 -59.90 7.16
CA LEU H 250 18.60 -58.76 7.08
C LEU H 250 18.23 -58.32 8.49
N PRO H 251 17.89 -57.04 8.64
CA PRO H 251 17.51 -56.50 9.96
C PRO H 251 16.30 -57.20 10.54
N GLY H 252 16.21 -57.22 11.86
CA GLY H 252 15.06 -57.83 12.50
C GLY H 252 15.14 -59.32 12.78
N MET H 253 16.27 -59.92 12.43
CA MET H 253 16.44 -61.35 12.66
C MET H 253 16.82 -61.59 14.12
N PHE H 254 16.13 -62.52 14.78
CA PHE H 254 16.44 -62.86 16.17
C PHE H 254 17.55 -63.90 16.07
N VAL H 255 18.71 -63.58 16.63
CA VAL H 255 19.85 -64.48 16.54
C VAL H 255 20.64 -64.61 17.83
N HIS H 256 21.65 -65.46 17.82
CA HIS H 256 22.50 -65.67 18.97
C HIS H 256 23.96 -65.54 18.57
N ALA H 257 24.70 -64.72 19.29
CA ALA H 257 26.11 -64.55 19.01
C ALA H 257 26.75 -65.63 19.85
N GLN H 258 27.55 -66.50 19.24
CA GLN H 258 28.19 -67.56 19.98
C GLN H 258 29.62 -67.19 20.38
N LEU H 259 29.91 -67.31 21.66
CA LEU H 259 31.24 -66.99 22.19
C LEU H 259 31.73 -68.16 23.08
N GLN H 260 33.03 -68.49 23.08
CA GLN H 260 33.55 -69.58 23.94
C GLN H 260 34.43 -69.02 25.05
N GLU H 261 33.92 -69.07 26.28
CA GLU H 261 34.67 -68.56 27.43
C GLU H 261 35.58 -69.63 28.02
N GLY H 262 36.85 -69.28 28.22
CA GLY H 262 37.82 -70.22 28.75
C GLY H 262 37.84 -70.44 30.26
N VAL H 263 36.85 -71.19 30.76
CA VAL H 263 36.73 -71.51 32.19
C VAL H 263 35.93 -72.80 32.34
N LYS H 264 36.35 -73.66 33.27
CA LYS H 264 35.67 -74.94 33.51
C LYS H 264 34.21 -74.74 33.95
N GLN H 265 33.30 -75.55 33.41
CA GLN H 265 31.87 -75.44 33.73
C GLN H 265 31.24 -76.77 34.18
N LYS H 266 30.66 -76.77 35.37
CA LYS H 266 30.02 -77.97 35.93
C LYS H 266 28.50 -77.88 35.88
N ALA H 267 27.85 -78.96 35.45
CA ALA H 267 26.39 -79.00 35.37
C ALA H 267 25.89 -80.43 35.48
N ILE H 268 24.66 -80.59 35.99
CA ILE H 268 24.07 -81.91 36.15
C ILE H 268 23.64 -82.49 34.80
N LEU H 269 24.20 -83.66 34.47
CA LEU H 269 23.89 -84.34 33.22
C LEU H 269 23.13 -85.64 33.51
N ALA H 270 21.83 -85.51 33.75
CA ALA H 270 20.98 -86.65 34.06
C ALA H 270 20.68 -87.52 32.84
N PRO H 271 21.09 -88.80 32.87
CA PRO H 271 20.86 -89.73 31.75
C PRO H 271 19.37 -89.82 31.37
N GLN H 272 19.11 -89.96 30.08
CA GLN H 272 17.75 -90.04 29.58
C GLN H 272 17.06 -91.33 30.03
N GLN H 273 17.85 -92.29 30.47
CA GLN H 273 17.32 -93.57 30.94
C GLN H 273 16.52 -93.39 32.23
N GLY H 274 16.39 -92.13 32.66
CA GLY H 274 15.64 -91.84 33.88
C GLY H 274 14.82 -90.56 33.79
N VAL H 275 14.33 -90.25 32.59
CA VAL H 275 13.52 -89.07 32.35
C VAL H 275 12.47 -89.34 31.27
N THR H 276 11.38 -88.58 31.30
CA THR H 276 10.31 -88.74 30.31
C THR H 276 9.81 -87.39 29.81
N ARG H 277 9.18 -87.39 28.62
CA ARG H 277 8.67 -86.15 28.04
C ARG H 277 7.19 -86.24 27.73
N ASP H 278 6.35 -85.85 28.69
CA ASP H 278 4.90 -85.87 28.52
C ASP H 278 4.46 -84.72 27.63
N LEU H 279 3.37 -84.93 26.88
CA LEU H 279 2.85 -83.93 25.97
C LEU H 279 3.90 -83.60 24.91
N LYS H 280 4.85 -84.52 24.74
CA LYS H 280 5.94 -84.37 23.78
C LYS H 280 6.68 -83.05 23.98
N GLY H 281 7.13 -82.82 25.21
CA GLY H 281 7.83 -81.59 25.52
C GLY H 281 8.22 -81.46 26.98
N GLN H 282 7.22 -81.32 27.85
CA GLN H 282 7.44 -81.19 29.29
C GLN H 282 8.30 -82.33 29.85
N ALA H 283 9.34 -81.96 30.59
CA ALA H 283 10.24 -82.94 31.19
C ALA H 283 9.91 -83.21 32.66
N THR H 284 9.67 -84.48 32.98
CA THR H 284 9.34 -84.87 34.34
C THR H 284 10.20 -86.05 34.77
N ALA H 285 10.69 -86.00 36.01
CA ALA H 285 11.53 -87.06 36.55
C ALA H 285 11.03 -87.57 37.91
N LEU H 286 11.55 -88.71 38.32
CA LEU H 286 11.17 -89.32 39.60
C LEU H 286 12.41 -89.62 40.45
N VAL H 287 12.54 -88.91 41.57
CA VAL H 287 13.67 -89.09 42.47
C VAL H 287 13.20 -89.43 43.88
N VAL H 288 14.10 -89.96 44.70
CA VAL H 288 13.78 -90.33 46.07
C VAL H 288 14.37 -89.32 47.07
N ASN H 289 13.49 -88.69 47.84
CA ASN H 289 13.91 -87.69 48.84
C ASN H 289 14.64 -88.34 50.01
N ALA H 290 15.09 -87.50 50.94
CA ALA H 290 15.80 -87.97 52.13
C ALA H 290 14.91 -88.87 52.97
N GLN H 291 13.60 -88.65 52.89
CA GLN H 291 12.63 -89.44 53.64
C GLN H 291 12.39 -90.78 52.95
N ASN H 292 13.37 -91.21 52.15
CA ASN H 292 13.29 -92.47 51.41
C ASN H 292 12.00 -92.60 50.61
N LYS H 293 11.33 -91.48 50.39
CA LYS H 293 10.09 -91.45 49.63
C LYS H 293 10.31 -90.82 48.27
N VAL H 294 9.59 -91.30 47.25
CA VAL H 294 9.73 -90.78 45.90
C VAL H 294 8.88 -89.53 45.67
N GLU H 295 9.50 -88.52 45.05
CA GLU H 295 8.83 -87.26 44.76
C GLU H 295 8.72 -87.06 43.25
N LEU H 296 8.03 -85.99 42.85
CA LEU H 296 7.85 -85.69 41.43
C LEU H 296 8.22 -84.24 41.13
N ARG H 297 9.43 -84.04 40.61
CA ARG H 297 9.90 -82.70 40.28
C ARG H 297 10.08 -82.53 38.77
N VAL H 298 9.68 -81.36 38.27
CA VAL H 298 9.80 -81.05 36.85
C VAL H 298 11.16 -80.43 36.54
N ILE H 299 11.89 -81.04 35.62
CA ILE H 299 13.21 -80.56 35.22
C ILE H 299 13.18 -79.76 33.92
N LYS H 300 14.24 -79.01 33.67
CA LYS H 300 14.34 -78.20 32.46
C LYS H 300 15.54 -78.59 31.60
N ALA H 301 15.56 -79.85 31.16
CA ALA H 301 16.65 -80.35 30.33
C ALA H 301 16.33 -80.08 28.86
N ASP H 302 17.25 -79.42 28.17
CA ASP H 302 17.05 -79.08 26.76
C ASP H 302 18.01 -79.77 25.79
N ARG H 303 19.31 -79.71 26.10
CA ARG H 303 20.32 -80.33 25.26
C ARG H 303 20.43 -81.85 25.46
N VAL H 304 21.24 -82.49 24.64
CA VAL H 304 21.45 -83.94 24.71
C VAL H 304 22.90 -84.29 24.43
N ILE H 305 23.65 -84.58 25.49
CA ILE H 305 25.06 -84.94 25.36
C ILE H 305 25.27 -86.44 25.57
N GLY H 306 25.72 -87.13 24.52
CA GLY H 306 25.96 -88.56 24.60
C GLY H 306 24.69 -89.36 24.79
N ASP H 307 24.35 -89.63 26.05
CA ASP H 307 23.15 -90.38 26.39
C ASP H 307 22.45 -89.71 27.57
N LYS H 308 23.06 -88.64 28.07
CA LYS H 308 22.52 -87.88 29.19
C LYS H 308 21.92 -86.56 28.73
N TRP H 309 21.14 -85.93 29.59
CA TRP H 309 20.50 -84.65 29.28
C TRP H 309 20.94 -83.55 30.25
N LEU H 310 21.35 -82.41 29.67
CA LEU H 310 21.80 -81.27 30.47
C LEU H 310 20.64 -80.55 31.14
N VAL H 311 20.39 -80.88 32.39
CA VAL H 311 19.30 -80.26 33.15
C VAL H 311 19.72 -78.86 33.61
N THR H 312 19.11 -77.85 33.02
CA THR H 312 19.40 -76.46 33.34
C THR H 312 18.85 -76.07 34.71
N GLU H 313 17.65 -76.57 35.02
CA GLU H 313 17.00 -76.27 36.29
C GLU H 313 15.96 -77.33 36.62
N GLY H 314 16.25 -78.15 37.61
CA GLY H 314 15.32 -79.20 38.02
C GLY H 314 15.96 -80.22 38.94
N LEU H 315 17.27 -80.40 38.80
CA LEU H 315 18.01 -81.34 39.62
C LEU H 315 19.39 -80.80 39.99
N ASN H 316 19.62 -80.61 41.29
CA ASN H 316 20.90 -80.09 41.77
C ASN H 316 21.89 -81.22 42.02
N ALA H 317 23.09 -80.87 42.47
CA ALA H 317 24.13 -81.86 42.73
C ALA H 317 23.82 -82.68 43.99
N GLY H 318 23.86 -84.00 43.85
CA GLY H 318 23.59 -84.88 44.98
C GLY H 318 22.34 -85.73 44.82
N ASP H 319 21.28 -85.13 44.28
CA ASP H 319 20.01 -85.82 44.09
C ASP H 319 20.17 -87.23 43.52
N LYS H 320 19.22 -88.11 43.85
CA LYS H 320 19.24 -89.49 43.39
C LYS H 320 18.16 -89.69 42.32
N ILE H 321 18.59 -90.02 41.10
CA ILE H 321 17.66 -90.24 39.99
C ILE H 321 17.29 -91.71 39.80
N ILE H 322 16.00 -92.01 39.91
CA ILE H 322 15.51 -93.37 39.75
C ILE H 322 15.50 -93.80 38.28
N THR H 323 16.35 -94.77 37.95
CA THR H 323 16.46 -95.28 36.60
C THR H 323 15.75 -96.63 36.44
N GLU H 324 16.21 -97.62 37.20
CA GLU H 324 15.63 -98.95 37.15
C GLU H 324 14.61 -99.16 38.27
N GLY H 325 13.34 -98.88 37.96
CA GLY H 325 12.29 -99.04 38.95
C GLY H 325 11.05 -98.23 38.63
N LEU H 326 11.09 -97.52 37.50
CA LEU H 326 9.97 -96.70 37.08
C LEU H 326 8.98 -97.51 36.23
N GLN H 327 9.37 -98.74 35.89
CA GLN H 327 8.53 -99.63 35.08
C GLN H 327 7.20 -99.91 35.78
N PHE H 328 7.15 -99.61 37.07
CA PHE H 328 5.94 -99.83 37.87
C PHE H 328 6.09 -99.17 39.24
N VAL H 329 5.64 -97.92 39.34
CA VAL H 329 5.73 -97.17 40.59
C VAL H 329 4.72 -96.03 40.64
N GLN H 330 4.90 -95.12 41.60
CA GLN H 330 4.02 -93.97 41.77
C GLN H 330 4.61 -93.01 42.80
N PRO H 331 4.33 -91.70 42.64
CA PRO H 331 4.84 -90.67 43.55
C PRO H 331 4.15 -90.67 44.92
N GLY H 332 4.93 -90.87 45.97
CA GLY H 332 4.37 -90.89 47.32
C GLY H 332 4.65 -92.17 48.09
N VAL H 333 5.52 -93.02 47.54
CA VAL H 333 5.86 -94.29 48.19
C VAL H 333 7.35 -94.35 48.51
N GLU H 334 7.73 -95.23 49.43
CA GLU H 334 9.13 -95.40 49.83
C GLU H 334 9.74 -96.61 49.13
N VAL H 335 11.07 -96.66 49.09
CA VAL H 335 11.77 -97.76 48.44
C VAL H 335 13.22 -97.89 48.90
N LYS H 336 13.93 -98.87 48.33
CA LYS H 336 15.33 -99.12 48.66
C LYS H 336 16.24 -98.53 47.58
N THR H 337 17.43 -98.09 48.00
CA THR H 337 18.40 -97.50 47.07
C THR H 337 19.53 -98.46 46.72
N VAL H 338 19.45 -99.05 45.54
CA VAL H 338 20.47 -99.99 45.07
C VAL H 338 21.13 -99.44 43.80
N PRO H 339 22.39 -99.00 43.90
CA PRO H 339 23.16 -98.44 42.78
C PRO H 339 23.04 -99.23 41.47
N PRO I 13 16.49 -74.34 88.60
CA PRO I 13 16.52 -73.35 87.49
C PRO I 13 17.91 -73.27 86.86
N GLU I 14 17.96 -73.50 85.55
CA GLU I 14 19.23 -73.45 84.83
C GLU I 14 19.06 -72.72 83.50
N VAL I 15 20.15 -72.12 83.02
CA VAL I 15 20.13 -71.38 81.76
C VAL I 15 21.39 -71.67 80.95
N GLY I 16 21.43 -71.15 79.73
CA GLY I 16 22.58 -71.35 78.87
C GLY I 16 23.36 -70.06 78.67
N ILE I 17 24.27 -69.78 79.60
CA ILE I 17 25.07 -68.57 79.55
C ILE I 17 26.33 -68.69 78.68
N VAL I 18 26.80 -67.55 78.19
CA VAL I 18 27.99 -67.48 77.34
C VAL I 18 28.98 -66.50 77.95
N THR I 19 30.23 -66.95 78.11
CA THR I 19 31.27 -66.10 78.68
C THR I 19 31.70 -64.99 77.72
N LEU I 20 31.38 -63.75 78.09
CA LEU I 20 31.73 -62.59 77.26
C LEU I 20 33.22 -62.30 77.41
N GLU I 21 33.90 -62.15 76.28
CA GLU I 21 35.34 -61.87 76.28
C GLU I 21 35.71 -60.80 75.26
N ALA I 22 36.70 -59.98 75.61
CA ALA I 22 37.16 -58.90 74.73
C ALA I 22 37.77 -59.42 73.43
N GLN I 23 37.22 -58.98 72.31
CA GLN I 23 37.71 -59.38 70.99
C GLN I 23 38.20 -58.14 70.24
N THR I 24 39.04 -58.33 69.24
CA THR I 24 39.56 -57.21 68.45
C THR I 24 38.77 -57.17 67.14
N VAL I 25 37.83 -56.24 67.04
CA VAL I 25 36.99 -56.13 65.85
C VAL I 25 37.20 -54.87 65.04
N THR I 26 36.96 -55.03 63.75
CA THR I 26 37.11 -53.93 62.81
C THR I 26 35.72 -53.36 62.53
N LEU I 27 35.64 -52.03 62.51
CA LEU I 27 34.38 -51.34 62.26
C LEU I 27 34.22 -50.91 60.81
N ASN I 28 33.45 -51.69 60.04
CA ASN I 28 33.22 -51.41 58.63
C ASN I 28 31.73 -51.46 58.29
N THR I 29 31.27 -50.50 57.50
CA THR I 29 29.87 -50.42 57.12
C THR I 29 29.68 -50.44 55.59
N GLU I 30 28.63 -51.14 55.16
CA GLU I 30 28.31 -51.28 53.74
C GLU I 30 27.10 -50.45 53.36
N LEU I 31 27.28 -49.50 52.46
CA LEU I 31 26.20 -48.63 52.01
C LEU I 31 25.76 -48.97 50.59
N PRO I 32 24.61 -49.64 50.44
CA PRO I 32 24.13 -50.00 49.10
C PRO I 32 23.74 -48.77 48.27
N GLY I 33 23.90 -48.89 46.96
CA GLY I 33 23.55 -47.80 46.07
C GLY I 33 23.61 -48.15 44.60
N ARG I 34 23.19 -47.21 43.75
CA ARG I 34 23.21 -47.40 42.32
C ARG I 34 24.15 -46.41 41.70
N THR I 35 24.77 -46.80 40.60
CA THR I 35 25.70 -45.94 39.88
C THR I 35 24.88 -45.00 39.01
N ASN I 36 25.38 -43.80 38.78
CA ASN I 36 24.67 -42.86 37.92
C ASN I 36 25.61 -41.90 37.24
N ALA I 37 25.21 -41.43 36.07
CA ALA I 37 26.06 -40.53 35.32
C ALA I 37 26.43 -39.31 36.14
N PHE I 38 27.68 -38.88 36.00
CA PHE I 38 28.17 -37.72 36.72
C PHE I 38 27.50 -36.46 36.19
N ARG I 39 27.10 -36.46 34.93
CA ARG I 39 26.45 -35.29 34.33
C ARG I 39 25.79 -35.73 33.01
N ILE I 40 24.61 -35.19 32.72
CA ILE I 40 23.89 -35.55 31.51
C ILE I 40 23.44 -34.36 30.68
N ALA I 41 23.54 -34.49 29.36
CA ALA I 41 23.11 -33.43 28.45
C ALA I 41 22.34 -34.01 27.27
N GLU I 42 21.48 -33.19 26.67
CA GLU I 42 20.71 -33.59 25.52
C GLU I 42 21.18 -32.80 24.30
N VAL I 43 21.12 -33.41 23.12
CA VAL I 43 21.53 -32.75 21.89
C VAL I 43 20.25 -32.43 21.10
N ARG I 44 20.06 -31.17 20.72
CA ARG I 44 18.85 -30.76 20.03
C ARG I 44 19.08 -29.70 19.00
N PRO I 45 18.23 -29.65 17.98
CA PRO I 45 18.39 -28.63 16.93
C PRO I 45 17.82 -27.28 17.34
N GLN I 46 18.36 -26.22 16.76
CA GLN I 46 17.87 -24.89 17.07
C GLN I 46 17.59 -24.11 15.80
N VAL I 47 17.56 -24.82 14.67
CA VAL I 47 17.23 -24.25 13.37
C VAL I 47 16.56 -25.40 12.67
N ASN I 48 15.77 -25.11 11.66
CA ASN I 48 15.10 -26.16 10.92
C ASN I 48 15.96 -26.60 9.77
N GLY I 49 15.87 -27.86 9.39
CA GLY I 49 16.65 -28.32 8.25
C GLY I 49 16.79 -29.82 8.11
N ILE I 50 17.68 -30.21 7.20
CA ILE I 50 17.95 -31.61 6.95
C ILE I 50 19.33 -32.00 7.48
N ILE I 51 19.41 -33.16 8.12
CA ILE I 51 20.70 -33.63 8.61
C ILE I 51 21.59 -34.05 7.44
N LEU I 52 22.72 -33.40 7.23
CA LEU I 52 23.61 -33.83 6.17
C LEU I 52 24.43 -34.99 6.72
N LYS I 53 25.24 -34.70 7.73
CA LYS I 53 26.08 -35.72 8.30
C LYS I 53 25.92 -35.83 9.80
N ARG I 54 26.17 -37.03 10.33
CA ARG I 54 26.10 -37.27 11.76
C ARG I 54 27.51 -37.67 12.16
N LEU I 55 28.43 -36.72 12.23
CA LEU I 55 29.83 -37.02 12.56
C LEU I 55 30.28 -37.52 13.93
N PHE I 56 29.73 -38.63 14.42
CA PHE I 56 30.17 -39.17 15.70
C PHE I 56 29.79 -40.62 15.76
N LYS I 57 30.60 -41.42 16.44
CA LYS I 57 30.33 -42.84 16.51
C LYS I 57 29.42 -43.18 17.68
N GLU I 58 28.28 -43.77 17.40
CA GLU I 58 27.37 -44.14 18.48
C GLU I 58 28.17 -44.94 19.49
N GLY I 59 28.14 -44.50 20.73
CA GLY I 59 28.87 -45.19 21.77
C GLY I 59 30.27 -44.64 22.01
N SER I 60 30.67 -43.59 21.28
CA SER I 60 32.00 -43.05 21.48
C SER I 60 32.12 -42.03 22.61
N ASP I 61 33.24 -41.32 22.66
CA ASP I 61 33.46 -40.29 23.66
C ASP I 61 33.58 -38.97 22.93
N VAL I 62 32.80 -37.98 23.32
CA VAL I 62 32.85 -36.69 22.66
C VAL I 62 33.25 -35.63 23.67
N LYS I 63 33.87 -34.57 23.18
CA LYS I 63 34.29 -33.47 24.02
C LYS I 63 33.27 -32.35 23.88
N ALA I 64 32.98 -31.65 24.97
CA ALA I 64 32.04 -30.54 24.89
C ALA I 64 32.55 -29.54 23.84
N GLY I 65 31.68 -29.13 22.93
CA GLY I 65 32.05 -28.19 21.90
C GLY I 65 32.26 -28.86 20.54
N GLN I 66 32.31 -30.18 20.59
CA GLN I 66 32.53 -30.99 19.41
C GLN I 66 31.31 -31.06 18.50
N GLN I 67 31.48 -30.75 17.22
CA GLN I 67 30.34 -30.83 16.30
C GLN I 67 29.84 -32.27 16.26
N LEU I 68 28.55 -32.46 16.46
CA LEU I 68 28.00 -33.81 16.46
C LEU I 68 27.19 -34.09 15.20
N TYR I 69 26.60 -33.02 14.66
CA TYR I 69 25.78 -33.11 13.48
C TYR I 69 26.04 -31.91 12.60
N GLN I 70 25.55 -31.97 11.38
CA GLN I 70 25.71 -30.88 10.44
C GLN I 70 24.41 -30.78 9.67
N ILE I 71 23.70 -29.69 9.86
CA ILE I 71 22.44 -29.50 9.17
C ILE I 71 22.79 -28.85 7.85
N ASP I 72 22.15 -29.28 6.77
CA ASP I 72 22.46 -28.72 5.47
C ASP I 72 22.37 -27.19 5.58
N PRO I 73 23.51 -26.51 5.48
CA PRO I 73 23.68 -25.06 5.55
C PRO I 73 23.54 -24.33 4.24
N ALA I 74 23.38 -25.08 3.18
CA ALA I 74 23.29 -24.52 1.85
C ALA I 74 22.52 -23.21 1.79
N THR I 75 21.27 -23.24 2.25
CA THR I 75 20.44 -22.04 2.20
C THR I 75 20.77 -21.02 3.29
N TYR I 76 21.03 -21.51 4.51
CA TYR I 76 21.37 -20.59 5.60
C TYR I 76 22.60 -19.82 5.18
N GLU I 77 23.61 -20.53 4.70
CA GLU I 77 24.82 -19.88 4.27
C GLU I 77 24.49 -18.90 3.15
N ALA I 78 23.48 -19.26 2.36
CA ALA I 78 23.04 -18.44 1.23
C ALA I 78 22.32 -17.20 1.69
N ASP I 79 21.37 -17.36 2.61
CA ASP I 79 20.60 -16.24 3.12
C ASP I 79 21.53 -15.25 3.83
N TYR I 80 22.50 -15.78 4.53
CA TYR I 80 23.44 -14.95 5.24
C TYR I 80 24.24 -14.09 4.29
N GLN I 81 24.77 -14.69 3.24
CA GLN I 81 25.58 -13.93 2.29
C GLN I 81 24.68 -12.93 1.64
N SER I 82 23.44 -13.34 1.42
CA SER I 82 22.48 -12.45 0.79
C SER I 82 22.23 -11.24 1.70
N ALA I 83 21.93 -11.52 2.97
CA ALA I 83 21.70 -10.48 3.96
C ALA I 83 22.85 -9.50 3.94
N GLN I 84 24.06 -10.00 4.16
CA GLN I 84 25.25 -9.15 4.17
C GLN I 84 25.38 -8.26 2.94
N ALA I 85 24.96 -8.79 1.79
CA ALA I 85 25.03 -8.04 0.56
C ALA I 85 24.19 -6.81 0.75
N ASN I 86 22.93 -7.05 1.13
CA ASN I 86 21.95 -6.01 1.37
C ASN I 86 22.45 -4.97 2.36
N LEU I 87 22.91 -5.41 3.52
CA LEU I 87 23.43 -4.48 4.52
C LEU I 87 24.50 -3.60 3.90
N ALA I 88 25.53 -4.23 3.36
CA ALA I 88 26.63 -3.50 2.73
C ALA I 88 26.08 -2.37 1.85
N SER I 89 24.98 -2.68 1.17
CA SER I 89 24.34 -1.72 0.30
C SER I 89 23.69 -0.57 1.08
N THR I 90 22.62 -0.88 1.80
CA THR I 90 21.89 0.09 2.60
C THR I 90 22.82 0.91 3.50
N GLN I 91 23.79 0.26 4.16
CA GLN I 91 24.69 0.99 5.02
C GLN I 91 25.29 2.17 4.29
N GLU I 92 25.91 1.89 3.16
CA GLU I 92 26.53 2.93 2.38
C GLU I 92 25.50 4.01 2.11
N GLN I 93 24.41 3.60 1.48
CA GLN I 93 23.30 4.49 1.14
C GLN I 93 23.00 5.45 2.27
N ALA I 94 22.95 4.92 3.49
CA ALA I 94 22.68 5.72 4.67
C ALA I 94 23.81 6.67 4.92
N GLN I 95 25.00 6.14 5.20
CA GLN I 95 26.18 6.96 5.47
C GLN I 95 26.28 8.15 4.50
N ARG I 96 25.84 7.94 3.27
CA ARG I 96 25.91 9.02 2.32
C ARG I 96 24.84 10.06 2.65
N TYR I 97 23.60 9.61 2.72
CA TYR I 97 22.47 10.47 3.07
C TYR I 97 22.69 11.22 4.38
N LYS I 98 23.52 10.69 5.27
CA LYS I 98 23.77 11.34 6.53
C LYS I 98 24.53 12.63 6.33
N LEU I 99 25.25 12.72 5.21
CA LEU I 99 26.01 13.92 4.93
C LEU I 99 25.24 14.86 4.03
N LEU I 100 24.16 14.37 3.41
CA LEU I 100 23.37 15.21 2.54
C LEU I 100 22.36 16.05 3.32
N VAL I 101 21.84 15.52 4.41
CA VAL I 101 20.90 16.30 5.22
C VAL I 101 21.73 17.36 5.85
N ALA I 102 22.96 16.98 6.19
CA ALA I 102 23.91 17.90 6.82
C ALA I 102 24.05 19.16 5.97
N ASP I 103 23.75 19.04 4.68
CA ASP I 103 23.83 20.17 3.79
C ASP I 103 22.50 20.47 3.10
N GLN I 104 21.40 20.15 3.77
CA GLN I 104 20.07 20.40 3.22
C GLN I 104 19.87 19.73 1.85
N ALA I 105 20.91 19.04 1.37
CA ALA I 105 20.83 18.38 0.07
C ALA I 105 19.70 17.37 0.01
N VAL I 106 19.19 16.97 1.17
CA VAL I 106 18.13 15.98 1.21
C VAL I 106 17.28 16.16 2.47
N SER I 107 15.99 15.93 2.35
CA SER I 107 15.07 16.08 3.48
C SER I 107 15.39 15.14 4.63
N LYS I 108 15.00 15.53 5.83
CA LYS I 108 15.22 14.69 6.99
C LYS I 108 14.45 13.39 6.82
N GLN I 109 13.34 13.47 6.10
CA GLN I 109 12.50 12.29 5.86
C GLN I 109 13.31 11.24 5.13
N GLN I 110 13.93 11.66 4.04
CA GLN I 110 14.74 10.78 3.22
C GLN I 110 15.83 10.13 4.06
N TYR I 111 16.62 10.94 4.75
CA TYR I 111 17.67 10.38 5.59
C TYR I 111 17.09 9.41 6.59
N ALA I 112 15.88 9.69 7.04
CA ALA I 112 15.22 8.83 8.01
C ALA I 112 14.93 7.48 7.37
N ASP I 113 14.20 7.51 6.26
CA ASP I 113 13.86 6.29 5.53
C ASP I 113 15.12 5.49 5.27
N ALA I 114 16.20 6.18 4.95
CA ALA I 114 17.47 5.53 4.69
C ALA I 114 17.92 4.81 5.96
N ASN I 115 18.31 5.57 6.97
CA ASN I 115 18.77 4.97 8.19
C ASN I 115 17.81 3.90 8.69
N ALA I 116 16.58 3.98 8.22
CA ALA I 116 15.56 3.02 8.64
C ALA I 116 15.88 1.65 8.06
N ALA I 117 16.10 1.63 6.74
CA ALA I 117 16.42 0.40 6.03
C ALA I 117 17.75 -0.13 6.54
N TYR I 118 18.70 0.76 6.76
CA TYR I 118 20.00 0.34 7.23
C TYR I 118 19.85 -0.48 8.48
N LEU I 119 19.00 -0.03 9.39
CA LEU I 119 18.80 -0.74 10.64
C LEU I 119 18.15 -2.08 10.42
N GLN I 120 17.18 -2.10 9.50
CA GLN I 120 16.47 -3.33 9.18
C GLN I 120 17.46 -4.39 8.70
N SER I 121 18.36 -3.99 7.81
CA SER I 121 19.39 -4.88 7.27
C SER I 121 20.26 -5.41 8.41
N LYS I 122 20.94 -4.50 9.10
CA LYS I 122 21.80 -4.87 10.21
C LYS I 122 21.07 -5.88 11.07
N ALA I 123 19.77 -5.71 11.19
CA ALA I 123 18.97 -6.65 11.99
C ALA I 123 18.96 -8.03 11.36
N ALA I 124 18.56 -8.06 10.10
CA ALA I 124 18.49 -9.28 9.31
C ALA I 124 19.78 -10.08 9.28
N VAL I 125 20.89 -9.38 9.07
CA VAL I 125 22.18 -10.04 9.04
C VAL I 125 22.45 -10.76 10.33
N GLU I 126 22.23 -10.09 11.44
CA GLU I 126 22.48 -10.70 12.73
C GLU I 126 21.68 -11.94 12.94
N GLN I 127 20.46 -11.94 12.47
CA GLN I 127 19.61 -13.10 12.62
C GLN I 127 20.10 -14.20 11.70
N ALA I 128 20.56 -13.79 10.50
CA ALA I 128 21.07 -14.74 9.53
C ALA I 128 22.23 -15.45 10.13
N ARG I 129 23.16 -14.65 10.67
CA ARG I 129 24.36 -15.18 11.30
C ARG I 129 24.07 -16.23 12.35
N ILE I 130 23.13 -15.93 13.23
CA ILE I 130 22.77 -16.86 14.29
C ILE I 130 22.20 -18.19 13.76
N ASN I 131 21.31 -18.13 12.78
CA ASN I 131 20.78 -19.37 12.23
C ASN I 131 21.89 -20.21 11.61
N LEU I 132 22.78 -19.56 10.87
CA LEU I 132 23.87 -20.28 10.24
C LEU I 132 24.71 -21.01 11.27
N ARG I 133 25.03 -20.29 12.34
CA ARG I 133 25.82 -20.85 13.41
C ARG I 133 25.16 -22.09 13.96
N TYR I 134 23.84 -22.09 14.02
CA TYR I 134 23.18 -23.25 14.58
C TYR I 134 23.17 -24.48 13.69
N THR I 135 23.65 -24.35 12.45
CA THR I 135 23.68 -25.51 11.56
C THR I 135 24.74 -26.49 12.03
N LYS I 136 25.66 -26.05 12.89
CA LYS I 136 26.66 -26.97 13.43
C LYS I 136 26.21 -27.26 14.87
N VAL I 137 25.71 -28.47 15.08
CA VAL I 137 25.22 -28.90 16.37
C VAL I 137 26.30 -29.42 17.30
N LEU I 138 26.77 -28.63 18.27
CA LEU I 138 27.84 -29.08 19.18
C LEU I 138 27.44 -29.79 20.48
N SER I 139 28.37 -30.52 21.09
CA SER I 139 28.06 -31.20 22.33
C SER I 139 28.07 -30.24 23.50
N PRO I 140 27.06 -30.31 24.36
CA PRO I 140 26.93 -29.46 25.54
C PRO I 140 28.06 -29.75 26.52
N ILE I 141 28.25 -31.02 26.81
CA ILE I 141 29.30 -31.40 27.74
C ILE I 141 30.27 -32.38 27.11
N SER I 142 31.03 -33.07 27.95
CA SER I 142 31.96 -34.07 27.50
C SER I 142 31.52 -35.27 28.26
N GLY I 143 31.49 -36.40 27.55
CA GLY I 143 31.01 -37.62 28.16
C GLY I 143 30.84 -38.61 27.03
N ARG I 144 30.02 -39.62 27.29
CA ARG I 144 29.76 -40.69 26.34
C ARG I 144 28.41 -40.54 25.65
N ILE I 145 28.44 -40.39 24.33
CA ILE I 145 27.25 -40.25 23.50
C ILE I 145 26.79 -41.62 23.02
N GLY I 146 25.48 -41.87 23.07
CA GLY I 146 24.97 -43.16 22.66
C GLY I 146 24.47 -43.22 21.23
N ARG I 147 23.39 -43.96 21.02
CA ARG I 147 22.83 -44.09 19.70
C ARG I 147 22.35 -42.70 19.28
N SER I 148 22.04 -42.52 18.00
CA SER I 148 21.54 -41.25 17.50
C SER I 148 20.08 -41.47 17.17
N ALA I 149 19.18 -40.79 17.87
CA ALA I 149 17.74 -40.97 17.62
C ALA I 149 17.33 -40.47 16.25
N VAL I 150 18.08 -39.53 15.71
CA VAL I 150 17.76 -38.97 14.40
C VAL I 150 18.64 -39.66 13.35
N THR I 151 18.17 -39.75 12.10
CA THR I 151 18.98 -40.38 11.06
C THR I 151 19.42 -39.32 10.06
N GLU I 152 20.48 -39.58 9.30
CA GLU I 152 20.91 -38.59 8.32
C GLU I 152 19.75 -38.32 7.37
N GLY I 153 19.84 -37.20 6.67
CA GLY I 153 18.80 -36.81 5.74
C GLY I 153 17.44 -36.67 6.41
N ALA I 154 17.41 -36.65 7.74
CA ALA I 154 16.16 -36.47 8.47
C ALA I 154 15.74 -35.00 8.49
N LEU I 155 14.49 -34.78 8.85
CA LEU I 155 13.95 -33.44 8.94
C LEU I 155 14.02 -33.08 10.41
N VAL I 156 14.61 -31.94 10.74
CA VAL I 156 14.67 -31.51 12.14
C VAL I 156 14.12 -30.12 12.22
N THR I 157 13.32 -29.87 13.24
CA THR I 157 12.82 -28.53 13.40
C THR I 157 13.14 -27.99 14.77
N ASN I 158 13.57 -26.74 14.79
CA ASN I 158 13.92 -26.08 16.03
C ASN I 158 12.67 -26.00 16.91
N GLY I 159 12.70 -26.63 18.06
CA GLY I 159 11.55 -26.62 18.91
C GLY I 159 11.02 -28.03 19.09
N GLN I 160 11.41 -28.92 18.18
CA GLN I 160 10.95 -30.30 18.23
C GLN I 160 11.08 -30.95 19.60
N ALA I 161 10.11 -31.79 19.94
CA ALA I 161 10.07 -32.48 21.22
C ALA I 161 11.29 -33.36 21.54
N ASN I 162 11.51 -34.36 20.72
CA ASN I 162 12.60 -35.30 20.92
C ASN I 162 14.03 -34.80 20.67
N ALA I 163 14.95 -35.32 21.47
CA ALA I 163 16.36 -34.96 21.34
C ALA I 163 17.05 -35.88 20.32
N MET I 164 17.95 -35.33 19.54
CA MET I 164 18.63 -36.13 18.56
C MET I 164 19.60 -37.15 19.20
N ALA I 165 20.13 -36.82 20.38
CA ALA I 165 21.08 -37.70 21.03
C ALA I 165 21.33 -37.29 22.49
N THR I 166 22.10 -38.09 23.22
CA THR I 166 22.39 -37.80 24.63
C THR I 166 23.77 -38.13 25.19
N VAL I 167 24.58 -37.10 25.45
CA VAL I 167 25.92 -37.29 26.00
C VAL I 167 25.86 -37.52 27.52
N GLN I 168 26.60 -38.50 28.05
CA GLN I 168 26.62 -38.77 29.50
C GLN I 168 28.04 -38.92 30.05
N GLN I 169 28.55 -37.92 30.76
CA GLN I 169 29.87 -38.04 31.39
C GLN I 169 29.83 -39.20 32.40
N LEU I 170 30.69 -40.20 32.19
CA LEU I 170 30.74 -41.36 33.05
C LEU I 170 32.00 -41.50 33.92
N ASP I 171 32.97 -40.62 33.71
CA ASP I 171 34.20 -40.62 34.51
C ASP I 171 34.41 -39.18 34.92
N PRO I 172 34.28 -38.86 36.22
CA PRO I 172 33.95 -39.73 37.36
C PRO I 172 32.56 -40.28 37.27
N ILE I 173 32.15 -41.09 38.23
CA ILE I 173 30.80 -41.61 38.20
C ILE I 173 30.23 -41.61 39.62
N TYR I 174 28.96 -41.28 39.75
CA TYR I 174 28.33 -41.23 41.06
C TYR I 174 27.78 -42.57 41.47
N VAL I 175 27.65 -42.72 42.78
CA VAL I 175 27.07 -43.91 43.37
C VAL I 175 26.13 -43.29 44.39
N ASP I 176 24.84 -43.30 44.08
CA ASP I 176 23.85 -42.72 44.95
C ASP I 176 23.52 -43.70 46.07
N VAL I 177 23.80 -43.27 47.31
CA VAL I 177 23.55 -44.08 48.50
C VAL I 177 22.46 -43.47 49.36
N THR I 178 21.56 -44.32 49.85
CA THR I 178 20.46 -43.86 50.69
C THR I 178 20.51 -44.46 52.08
N GLN I 179 20.46 -43.59 53.08
CA GLN I 179 20.49 -43.98 54.48
C GLN I 179 19.44 -43.17 55.26
N PRO I 180 19.02 -43.67 56.43
CA PRO I 180 18.04 -42.97 57.26
C PRO I 180 18.69 -41.71 57.82
N SER I 181 17.97 -40.59 57.75
CA SER I 181 18.48 -39.31 58.22
C SER I 181 19.37 -39.39 59.45
N THR I 182 19.03 -40.27 60.38
CA THR I 182 19.81 -40.44 61.61
C THR I 182 21.19 -41.01 61.32
N ALA I 183 21.21 -42.11 60.56
CA ALA I 183 22.44 -42.79 60.19
C ALA I 183 23.43 -41.83 59.53
N LEU I 184 22.92 -40.91 58.71
CA LEU I 184 23.79 -39.93 58.06
C LEU I 184 24.40 -38.96 59.09
N LEU I 185 23.61 -38.60 60.08
CA LEU I 185 24.07 -37.69 61.12
C LEU I 185 25.22 -38.41 61.83
N ARG I 186 24.97 -39.67 62.19
CA ARG I 186 25.96 -40.50 62.85
C ARG I 186 27.32 -40.39 62.16
N LEU I 187 27.37 -40.79 60.89
CA LEU I 187 28.60 -40.74 60.12
C LEU I 187 29.17 -39.34 60.07
N ARG I 188 28.30 -38.34 59.99
CA ARG I 188 28.76 -36.96 59.94
C ARG I 188 29.58 -36.64 61.19
N ARG I 189 29.20 -37.29 62.29
CA ARG I 189 29.88 -37.10 63.55
C ARG I 189 31.21 -37.87 63.47
N GLU I 190 31.12 -39.16 63.19
CA GLU I 190 32.30 -39.99 63.07
C GLU I 190 33.35 -39.32 62.21
N LEU I 191 32.93 -38.45 61.31
CA LEU I 191 33.89 -37.76 60.47
C LEU I 191 34.52 -36.60 61.22
N ALA I 192 33.68 -35.77 61.84
CA ALA I 192 34.14 -34.63 62.60
C ALA I 192 35.13 -35.00 63.70
N SER I 193 34.94 -36.19 64.29
CA SER I 193 35.85 -36.65 65.33
C SER I 193 37.09 -37.19 64.62
N GLY I 194 37.03 -38.43 64.17
CA GLY I 194 38.18 -39.02 63.48
C GLY I 194 37.97 -40.48 63.15
N GLN I 195 36.90 -41.08 63.67
CA GLN I 195 36.61 -42.48 63.42
C GLN I 195 36.52 -42.81 61.93
N LEU I 196 36.55 -41.78 61.08
CA LEU I 196 36.44 -41.93 59.63
C LEU I 196 37.64 -41.36 58.88
N GLU I 197 38.02 -42.02 57.78
CA GLU I 197 39.17 -41.57 56.97
C GLU I 197 38.82 -40.35 56.13
N ARG I 198 39.04 -39.16 56.69
CA ARG I 198 38.73 -37.93 55.97
C ARG I 198 39.26 -37.94 54.54
N ALA I 199 38.34 -37.88 53.59
CA ALA I 199 38.67 -37.87 52.16
C ALA I 199 38.76 -36.43 51.67
N GLY I 200 37.88 -35.57 52.16
CA GLY I 200 37.89 -34.18 51.76
C GLY I 200 37.25 -33.32 52.84
N ASP I 201 37.23 -32.00 52.61
CA ASP I 201 36.63 -31.06 53.56
C ASP I 201 35.34 -31.59 54.19
N ASN I 202 34.60 -32.42 53.45
CA ASN I 202 33.35 -32.97 53.98
C ASN I 202 33.04 -34.40 53.54
N ALA I 203 34.03 -35.08 52.98
CA ALA I 203 33.84 -36.46 52.53
C ALA I 203 34.83 -37.45 53.14
N ALA I 204 34.42 -38.71 53.20
CA ALA I 204 35.23 -39.78 53.75
C ALA I 204 35.70 -40.67 52.61
N LYS I 205 36.86 -41.31 52.78
CA LYS I 205 37.38 -42.21 51.75
C LYS I 205 36.56 -43.49 51.78
N VAL I 206 36.26 -44.03 50.60
CA VAL I 206 35.46 -45.24 50.50
C VAL I 206 35.87 -46.13 49.33
N SER I 207 35.58 -47.42 49.47
CA SER I 207 35.88 -48.40 48.45
C SER I 207 34.55 -48.94 47.95
N LEU I 208 34.54 -49.46 46.73
CA LEU I 208 33.30 -49.98 46.13
C LEU I 208 33.34 -51.48 45.87
N LYS I 209 32.22 -52.15 46.15
CA LYS I 209 32.13 -53.60 45.94
C LYS I 209 31.01 -53.85 44.93
N LEU I 210 31.41 -54.21 43.71
CA LEU I 210 30.46 -54.47 42.62
C LEU I 210 29.42 -55.52 42.97
N GLU I 211 28.42 -55.64 42.10
CA GLU I 211 27.31 -56.57 42.28
C GLU I 211 27.71 -58.03 42.31
N ASP I 212 28.68 -58.41 41.47
CA ASP I 212 29.13 -59.79 41.44
C ASP I 212 29.81 -60.14 42.77
N GLY I 213 30.42 -59.14 43.38
CA GLY I 213 31.09 -59.35 44.65
C GLY I 213 32.52 -58.87 44.60
N SER I 214 33.01 -58.59 43.39
CA SER I 214 34.38 -58.16 43.22
C SER I 214 34.64 -56.79 43.79
N GLN I 215 35.88 -56.58 44.21
CA GLN I 215 36.30 -55.31 44.78
C GLN I 215 36.73 -54.39 43.64
N TYR I 216 36.11 -53.23 43.53
CA TYR I 216 36.49 -52.31 42.47
C TYR I 216 37.88 -51.81 42.78
N PRO I 217 38.81 -52.00 41.84
CA PRO I 217 40.21 -51.60 41.97
C PRO I 217 40.49 -50.19 42.49
N LEU I 218 39.63 -49.23 42.17
CA LEU I 218 39.88 -47.87 42.64
C LEU I 218 39.08 -47.43 43.86
N GLU I 219 39.49 -46.30 44.44
CA GLU I 219 38.85 -45.78 45.63
C GLU I 219 38.28 -44.38 45.41
N GLY I 220 37.11 -44.14 45.99
CA GLY I 220 36.49 -42.83 45.82
C GLY I 220 36.03 -42.12 47.10
N ARG I 221 35.63 -40.86 46.94
CA ARG I 221 35.18 -40.04 48.03
C ARG I 221 33.68 -40.14 48.22
N LEU I 222 33.23 -40.16 49.47
CA LEU I 222 31.80 -40.21 49.77
C LEU I 222 31.42 -38.90 50.41
N GLU I 223 30.93 -37.97 49.60
CA GLU I 223 30.50 -36.64 50.04
C GLU I 223 29.26 -36.77 50.93
N PHE I 224 29.28 -36.07 52.06
CA PHE I 224 28.17 -36.15 53.01
C PHE I 224 27.07 -35.12 52.86
N SER I 225 27.27 -34.18 51.95
CA SER I 225 26.25 -33.18 51.69
C SER I 225 25.02 -33.89 51.13
N GLU I 226 23.87 -33.65 51.74
CA GLU I 226 22.62 -34.28 51.29
C GLU I 226 22.28 -33.74 49.93
N VAL I 227 21.77 -34.61 49.07
CA VAL I 227 21.38 -34.24 47.72
C VAL I 227 19.86 -34.30 47.60
N SER I 228 19.24 -35.14 48.42
CA SER I 228 17.80 -35.26 48.37
C SER I 228 17.27 -36.02 49.57
N VAL I 229 16.04 -35.72 49.96
CA VAL I 229 15.42 -36.40 51.09
C VAL I 229 14.03 -36.84 50.67
N ASP I 230 13.60 -37.96 51.21
CA ASP I 230 12.28 -38.49 50.93
C ASP I 230 11.43 -38.12 52.16
N GLU I 231 10.88 -36.90 52.18
CA GLU I 231 10.07 -36.47 53.32
C GLU I 231 9.12 -37.58 53.78
N GLY I 232 8.75 -38.46 52.86
CA GLY I 232 7.87 -39.57 53.21
C GLY I 232 8.60 -40.53 54.13
N THR I 233 9.49 -41.33 53.55
CA THR I 233 10.28 -42.32 54.29
C THR I 233 11.29 -41.62 55.21
N GLY I 234 11.51 -40.33 54.95
CA GLY I 234 12.45 -39.57 55.74
C GLY I 234 13.89 -39.92 55.43
N SER I 235 14.10 -40.77 54.42
CA SER I 235 15.44 -41.21 54.01
C SER I 235 16.22 -40.15 53.27
N VAL I 236 17.54 -40.22 53.40
CA VAL I 236 18.43 -39.25 52.76
C VAL I 236 19.24 -39.93 51.66
N THR I 237 19.60 -39.16 50.64
CA THR I 237 20.41 -39.69 49.56
C THR I 237 21.65 -38.86 49.37
N ILE I 238 22.79 -39.52 49.51
CA ILE I 238 24.08 -38.88 49.33
C ILE I 238 24.83 -39.57 48.21
N ARG I 239 25.83 -38.88 47.68
CA ARG I 239 26.62 -39.39 46.57
C ARG I 239 28.10 -39.68 46.80
N ALA I 240 28.53 -40.80 46.27
CA ALA I 240 29.92 -41.22 46.33
C ALA I 240 30.46 -40.95 44.93
N VAL I 241 31.71 -40.52 44.83
CA VAL I 241 32.31 -40.24 43.54
C VAL I 241 33.55 -41.09 43.27
N PHE I 242 33.41 -42.07 42.39
CA PHE I 242 34.52 -42.96 42.04
C PHE I 242 35.06 -42.73 40.63
N PRO I 243 36.37 -42.95 40.42
CA PRO I 243 37.00 -42.77 39.10
C PRO I 243 36.59 -43.96 38.23
N ASN I 244 36.36 -43.71 36.95
CA ASN I 244 35.91 -44.73 36.01
C ASN I 244 36.60 -44.44 34.68
N PRO I 245 37.95 -44.53 34.66
CA PRO I 245 38.79 -44.29 33.48
C PRO I 245 38.77 -45.34 32.37
N ASN I 246 38.33 -46.55 32.68
CA ASN I 246 38.26 -47.61 31.67
C ASN I 246 36.80 -47.96 31.46
N ASN I 247 35.93 -47.08 31.92
CA ASN I 247 34.50 -47.26 31.79
C ASN I 247 33.98 -48.59 32.31
N GLU I 248 34.69 -49.16 33.27
CA GLU I 248 34.28 -50.43 33.86
C GLU I 248 32.91 -50.27 34.48
N LEU I 249 32.66 -49.08 35.02
CA LEU I 249 31.39 -48.79 35.68
C LEU I 249 30.39 -48.09 34.80
N LEU I 250 29.16 -48.61 34.81
CA LEU I 250 28.09 -48.02 34.02
C LEU I 250 26.86 -47.74 34.86
N PRO I 251 26.07 -46.74 34.46
CA PRO I 251 24.85 -46.37 35.19
C PRO I 251 23.95 -47.57 35.40
N GLY I 252 23.27 -47.62 36.54
CA GLY I 252 22.35 -48.72 36.77
C GLY I 252 22.86 -49.84 37.63
N MET I 253 24.17 -49.96 37.74
CA MET I 253 24.76 -51.02 38.56
C MET I 253 24.37 -50.93 40.03
N PHE I 254 23.97 -52.07 40.61
CA PHE I 254 23.62 -52.13 42.03
C PHE I 254 24.93 -52.43 42.77
N VAL I 255 25.37 -51.52 43.63
CA VAL I 255 26.63 -51.72 44.33
C VAL I 255 26.54 -51.41 45.82
N HIS I 256 27.68 -51.46 46.49
CA HIS I 256 27.78 -51.16 47.92
C HIS I 256 29.06 -50.40 48.21
N ALA I 257 28.92 -49.25 48.87
CA ALA I 257 30.09 -48.46 49.22
C ALA I 257 30.53 -49.02 50.57
N GLN I 258 31.83 -49.17 50.77
CA GLN I 258 32.34 -49.71 52.03
C GLN I 258 33.05 -48.63 52.81
N LEU I 259 32.60 -48.42 54.05
CA LEU I 259 33.16 -47.41 54.91
C LEU I 259 34.01 -47.98 56.04
N GLN I 260 35.22 -47.43 56.17
CA GLN I 260 36.12 -47.86 57.22
C GLN I 260 35.92 -46.94 58.42
N GLU I 261 35.31 -47.49 59.47
CA GLU I 261 35.03 -46.72 60.68
C GLU I 261 36.08 -46.96 61.78
N GLY I 262 37.30 -47.31 61.36
CA GLY I 262 38.37 -47.55 62.32
C GLY I 262 38.32 -48.90 63.01
N VAL I 263 39.36 -49.22 63.77
CA VAL I 263 39.45 -50.48 64.49
C VAL I 263 39.39 -50.24 66.00
N LYS I 264 38.56 -51.01 66.68
CA LYS I 264 38.39 -50.89 68.14
C LYS I 264 39.36 -51.80 68.89
N GLN I 265 39.92 -51.27 69.98
CA GLN I 265 40.87 -52.02 70.80
C GLN I 265 40.34 -53.40 71.18
N LYS I 266 39.41 -53.43 72.12
CA LYS I 266 38.80 -54.68 72.57
C LYS I 266 37.46 -54.38 73.21
N ALA I 267 36.40 -54.93 72.62
CA ALA I 267 35.05 -54.73 73.14
C ALA I 267 34.28 -56.04 73.24
N ILE I 268 33.09 -55.97 73.81
CA ILE I 268 32.24 -57.15 73.97
C ILE I 268 31.20 -57.24 72.85
N LEU I 269 31.12 -58.42 72.23
CA LEU I 269 30.17 -58.66 71.15
C LEU I 269 29.11 -59.65 71.61
N ALA I 270 28.10 -59.14 72.30
CA ALA I 270 27.02 -59.97 72.82
C ALA I 270 26.01 -60.36 71.74
N PRO I 271 25.85 -61.68 71.48
CA PRO I 271 24.93 -62.21 70.48
C PRO I 271 23.47 -61.75 70.68
N GLN I 272 22.80 -61.46 69.57
CA GLN I 272 21.41 -61.01 69.61
C GLN I 272 20.49 -62.07 70.19
N GLN I 273 20.96 -63.31 70.19
CA GLN I 273 20.18 -64.43 70.73
C GLN I 273 20.05 -64.31 72.25
N GLY I 274 20.56 -63.21 72.79
CA GLY I 274 20.49 -62.99 74.22
C GLY I 274 20.25 -61.54 74.61
N VAL I 275 19.63 -60.79 73.70
CA VAL I 275 19.33 -59.37 73.94
C VAL I 275 17.94 -59.03 73.40
N THR I 276 17.32 -58.01 73.98
CA THR I 276 15.99 -57.58 73.55
C THR I 276 15.91 -56.07 73.44
N ARG I 277 14.96 -55.57 72.66
CA ARG I 277 14.79 -54.13 72.47
C ARG I 277 13.37 -53.69 72.82
N ASP I 278 13.16 -53.29 74.08
CA ASP I 278 11.85 -52.84 74.52
C ASP I 278 11.59 -51.43 74.02
N LEU I 279 10.32 -51.10 73.78
CA LEU I 279 9.94 -49.79 73.27
C LEU I 279 10.54 -49.60 71.89
N LYS I 280 10.96 -50.70 71.28
CA LYS I 280 11.57 -50.68 69.95
C LYS I 280 12.77 -49.74 69.95
N GLY I 281 13.68 -49.96 70.89
CA GLY I 281 14.86 -49.13 70.99
C GLY I 281 15.76 -49.50 72.16
N GLN I 282 15.30 -49.24 73.38
CA GLN I 282 16.07 -49.53 74.58
C GLN I 282 16.57 -50.98 74.61
N ALA I 283 17.85 -51.15 74.88
CA ALA I 283 18.47 -52.48 74.92
C ALA I 283 18.65 -52.97 76.35
N THR I 284 18.07 -54.13 76.65
CA THR I 284 18.16 -54.72 77.98
C THR I 284 18.62 -56.17 77.88
N ALA I 285 19.51 -56.57 78.79
CA ALA I 285 20.02 -57.94 78.80
C ALA I 285 19.89 -58.57 80.19
N LEU I 286 20.04 -59.90 80.24
CA LEU I 286 19.92 -60.64 81.50
C LEU I 286 21.19 -61.48 81.72
N VAL I 287 21.94 -61.15 82.76
CA VAL I 287 23.17 -61.86 83.08
C VAL I 287 23.18 -62.39 84.51
N VAL I 288 24.06 -63.36 84.77
CA VAL I 288 24.19 -63.95 86.11
C VAL I 288 25.48 -63.49 86.79
N ASN I 289 25.34 -62.85 87.95
CA ASN I 289 26.49 -62.35 88.71
C ASN I 289 27.28 -63.46 89.38
N ALA I 290 28.35 -63.07 90.06
CA ALA I 290 29.21 -64.03 90.75
C ALA I 290 28.44 -64.78 91.83
N GLN I 291 27.42 -64.13 92.38
CA GLN I 291 26.59 -64.74 93.43
C GLN I 291 25.56 -65.69 92.81
N ASN I 292 25.89 -66.20 91.62
CA ASN I 292 25.02 -67.12 90.89
C ASN I 292 23.58 -66.60 90.77
N LYS I 293 23.41 -65.29 90.97
CA LYS I 293 22.09 -64.66 90.88
C LYS I 293 22.01 -63.81 89.62
N VAL I 294 20.84 -63.82 88.98
CA VAL I 294 20.63 -63.05 87.76
C VAL I 294 20.30 -61.58 88.03
N GLU I 295 20.83 -60.70 87.18
CA GLU I 295 20.60 -59.27 87.31
C GLU I 295 20.03 -58.69 86.02
N LEU I 296 19.68 -57.41 86.05
CA LEU I 296 19.12 -56.75 84.89
C LEU I 296 19.88 -55.45 84.59
N ARG I 297 20.81 -55.52 83.64
CA ARG I 297 21.60 -54.35 83.26
C ARG I 297 21.23 -53.87 81.88
N VAL I 298 21.16 -52.55 81.72
CA VAL I 298 20.82 -51.94 80.43
C VAL I 298 22.08 -51.70 79.59
N ILE I 299 22.14 -52.32 78.42
CA ILE I 299 23.29 -52.19 77.53
C ILE I 299 23.06 -51.15 76.44
N LYS I 300 24.15 -50.69 75.84
CA LYS I 300 24.07 -49.69 74.78
C LYS I 300 24.69 -50.24 73.49
N ALA I 301 24.05 -51.28 72.94
CA ALA I 301 24.52 -51.90 71.69
C ALA I 301 23.83 -51.23 70.51
N ASP I 302 24.63 -50.70 69.58
CA ASP I 302 24.08 -50.02 68.41
C ASP I 302 24.34 -50.76 67.09
N ARG I 303 25.59 -51.12 66.84
CA ARG I 303 25.95 -51.82 65.60
C ARG I 303 25.51 -53.28 65.60
N VAL I 304 25.75 -53.97 64.50
CA VAL I 304 25.39 -55.38 64.37
C VAL I 304 26.42 -56.12 63.51
N ILE I 305 27.26 -56.92 64.15
CA ILE I 305 28.28 -57.67 63.44
C ILE I 305 27.97 -59.18 63.38
N GLY I 306 27.73 -59.68 62.18
CA GLY I 306 27.42 -61.09 62.00
C GLY I 306 26.08 -61.45 62.62
N ASP I 307 26.11 -61.92 63.86
CA ASP I 307 24.90 -62.29 64.58
C ASP I 307 24.96 -61.71 65.98
N LYS I 308 26.08 -61.05 66.28
CA LYS I 308 26.30 -60.44 67.59
C LYS I 308 26.15 -58.92 67.53
N TRP I 309 25.99 -58.30 68.71
CA TRP I 309 25.83 -56.85 68.81
C TRP I 309 26.98 -56.23 69.61
N LEU I 310 27.59 -55.18 69.05
CA LEU I 310 28.69 -54.50 69.72
C LEU I 310 28.20 -53.61 70.86
N VAL I 311 28.23 -54.14 72.08
CA VAL I 311 27.78 -53.40 73.25
C VAL I 311 28.84 -52.35 73.62
N THR I 312 28.49 -51.07 73.47
CA THR I 312 29.40 -49.98 73.78
C THR I 312 29.52 -49.75 75.29
N GLU I 313 28.43 -49.94 76.01
CA GLU I 313 28.41 -49.77 77.46
C GLU I 313 27.20 -50.46 78.08
N GLY I 314 27.44 -51.55 78.78
CA GLY I 314 26.36 -52.29 79.41
C GLY I 314 26.80 -53.64 79.95
N LEU I 315 27.84 -54.20 79.32
CA LEU I 315 28.38 -55.49 79.72
C LEU I 315 29.90 -55.49 79.56
N ASN I 316 30.62 -55.70 80.66
CA ASN I 316 32.08 -55.71 80.62
C ASN I 316 32.61 -57.10 80.29
N ALA I 317 33.94 -57.20 80.23
CA ALA I 317 34.60 -58.47 79.92
C ALA I 317 34.49 -59.48 81.05
N GLY I 318 33.92 -60.65 80.74
CA GLY I 318 33.77 -61.69 81.73
C GLY I 318 32.34 -62.08 82.00
N ASP I 319 31.46 -61.08 82.06
CA ASP I 319 30.04 -61.31 82.34
C ASP I 319 29.48 -62.52 81.59
N LYS I 320 28.45 -63.13 82.17
CA LYS I 320 27.81 -64.30 81.57
C LYS I 320 26.43 -63.92 81.05
N ILE I 321 26.24 -64.03 79.74
CA ILE I 321 24.97 -63.67 79.11
C ILE I 321 24.06 -64.89 78.92
N ILE I 322 22.86 -64.81 79.49
CA ILE I 322 21.88 -65.89 79.40
C ILE I 322 21.21 -65.91 78.03
N THR I 323 21.50 -66.95 77.25
CA THR I 323 20.94 -67.10 75.90
C THR I 323 19.79 -68.10 75.88
N GLU I 324 20.10 -69.35 76.23
CA GLU I 324 19.10 -70.42 76.25
C GLU I 324 18.53 -70.62 77.65
N GLY I 325 17.42 -69.94 77.93
CA GLY I 325 16.80 -70.07 79.24
C GLY I 325 15.96 -68.87 79.64
N LEU I 326 16.04 -67.80 78.85
CA LEU I 326 15.28 -66.59 79.12
C LEU I 326 13.81 -66.78 78.74
N GLN I 327 13.51 -67.93 78.15
CA GLN I 327 12.15 -68.26 77.73
C GLN I 327 11.19 -68.27 78.93
N PHE I 328 11.76 -68.36 80.13
CA PHE I 328 10.97 -68.37 81.36
C PHE I 328 11.88 -68.17 82.56
N VAL I 329 11.99 -66.91 83.01
CA VAL I 329 12.83 -66.57 84.16
C VAL I 329 12.45 -65.22 84.76
N GLN I 330 13.34 -64.68 85.60
CA GLN I 330 13.13 -63.38 86.24
C GLN I 330 14.39 -62.95 86.99
N PRO I 331 14.65 -61.63 87.08
CA PRO I 331 15.83 -61.10 87.77
C PRO I 331 15.71 -61.16 89.30
N GLY I 332 16.79 -61.58 89.95
CA GLY I 332 16.80 -61.68 91.40
C GLY I 332 16.78 -63.12 91.90
N VAL I 333 16.90 -64.06 90.97
CA VAL I 333 16.90 -65.48 91.30
C VAL I 333 18.23 -66.11 90.90
N GLU I 334 18.53 -67.27 91.49
CA GLU I 334 19.77 -67.97 91.19
C GLU I 334 19.50 -69.09 90.19
N VAL I 335 20.56 -69.58 89.54
CA VAL I 335 20.41 -70.65 88.56
C VAL I 335 21.72 -71.38 88.28
N LYS I 336 21.67 -72.35 87.36
CA LYS I 336 22.84 -73.14 86.99
C LYS I 336 23.44 -72.64 85.67
N THR I 337 24.75 -72.77 85.53
CA THR I 337 25.45 -72.33 84.32
C THR I 337 25.84 -73.49 83.41
N VAL I 338 25.07 -73.69 82.34
CA VAL I 338 25.33 -74.76 81.38
C VAL I 338 25.61 -74.16 80.00
N PRO I 339 26.88 -74.21 79.55
CA PRO I 339 27.30 -73.67 78.25
C PRO I 339 26.36 -73.99 77.09
N PRO J 13 -13.58 -58.39 107.25
CA PRO J 13 -13.27 -57.66 106.00
C PRO J 13 -11.89 -57.01 106.04
N GLU J 14 -11.04 -57.37 105.08
CA GLU J 14 -9.69 -56.82 105.00
C GLU J 14 -9.33 -56.44 103.56
N VAL J 15 -8.46 -55.45 103.42
CA VAL J 15 -8.02 -54.98 102.11
C VAL J 15 -6.52 -54.72 102.10
N GLY J 16 -5.98 -54.41 100.92
CA GLY J 16 -4.57 -54.14 100.78
C GLY J 16 -4.30 -52.68 100.49
N ILE J 17 -4.23 -51.87 101.55
CA ILE J 17 -4.01 -50.43 101.42
C ILE J 17 -2.54 -50.05 101.29
N VAL J 18 -2.30 -48.89 100.67
CA VAL J 18 -0.96 -48.36 100.47
C VAL J 18 -0.87 -46.95 101.03
N THR J 19 0.14 -46.71 101.86
CA THR J 19 0.34 -45.41 102.49
C THR J 19 0.81 -44.37 101.48
N LEU J 20 -0.04 -43.39 101.19
CA LEU J 20 0.28 -42.32 100.26
C LEU J 20 1.25 -41.34 100.92
N GLU J 21 2.34 -41.04 100.22
CA GLU J 21 3.34 -40.11 100.74
C GLU J 21 3.82 -39.13 99.66
N ALA J 22 4.10 -37.90 100.08
CA ALA J 22 4.56 -36.85 99.16
C ALA J 22 5.92 -37.18 98.54
N GLN J 23 5.97 -37.16 97.21
CA GLN J 23 7.20 -37.44 96.48
C GLN J 23 7.56 -36.22 95.61
N THR J 24 8.81 -36.15 95.19
CA THR J 24 9.25 -35.02 94.35
C THR J 24 9.41 -35.53 92.91
N VAL J 25 8.45 -35.18 92.05
CA VAL J 25 8.46 -35.63 90.65
C VAL J 25 8.57 -34.50 89.62
N THR J 26 9.00 -34.88 88.41
CA THR J 26 9.18 -33.92 87.33
C THR J 26 8.13 -34.09 86.23
N LEU J 27 7.58 -32.97 85.77
CA LEU J 27 6.55 -32.97 84.72
C LEU J 27 7.11 -32.66 83.33
N ASN J 28 7.26 -33.69 82.51
CA ASN J 28 7.78 -33.55 81.16
C ASN J 28 6.92 -34.31 80.15
N THR J 29 6.63 -33.68 79.01
CA THR J 29 5.81 -34.31 77.98
C THR J 29 6.53 -34.41 76.64
N GLU J 30 6.33 -35.52 75.93
CA GLU J 30 6.97 -35.70 74.63
C GLU J 30 5.96 -35.63 73.48
N LEU J 31 6.17 -34.67 72.60
CA LEU J 31 5.29 -34.48 71.44
C LEU J 31 5.94 -34.97 70.15
N PRO J 32 5.46 -36.09 69.62
CA PRO J 32 6.02 -36.64 68.38
C PRO J 32 5.71 -35.76 67.17
N GLY J 33 6.61 -35.77 66.18
CA GLY J 33 6.40 -34.95 65.00
C GLY J 33 7.43 -35.21 63.92
N ARG J 34 7.25 -34.58 62.76
CA ARG J 34 8.18 -34.74 61.66
C ARG J 34 8.79 -33.40 61.31
N THR J 35 10.03 -33.44 60.85
CA THR J 35 10.72 -32.22 60.49
C THR J 35 10.23 -31.76 59.14
N ASN J 36 10.26 -30.46 58.89
CA ASN J 36 9.82 -29.94 57.59
C ASN J 36 10.53 -28.67 57.22
N ALA J 37 10.73 -28.49 55.93
CA ALA J 37 11.40 -27.31 55.47
C ALA J 37 10.70 -26.07 55.99
N PHE J 38 11.49 -25.07 56.30
CA PHE J 38 10.97 -23.82 56.78
C PHE J 38 10.20 -23.12 55.66
N ARG J 39 10.68 -23.20 54.43
CA ARG J 39 10.06 -22.55 53.27
C ARG J 39 10.47 -23.30 51.99
N ILE J 40 9.51 -23.51 51.07
CA ILE J 40 9.82 -24.20 49.82
C ILE J 40 9.47 -23.41 48.57
N ALA J 41 10.29 -23.55 47.52
CA ALA J 41 10.03 -22.86 46.26
C ALA J 41 10.36 -23.78 45.09
N GLU J 42 9.77 -23.51 43.93
CA GLU J 42 10.02 -24.32 42.74
C GLU J 42 10.69 -23.44 41.72
N VAL J 43 11.54 -24.03 40.88
CA VAL J 43 12.22 -23.27 39.84
C VAL J 43 11.59 -23.67 38.52
N ARG J 44 11.16 -22.68 37.72
CA ARG J 44 10.47 -22.95 36.46
C ARG J 44 10.79 -21.98 35.36
N PRO J 45 10.70 -22.44 34.12
CA PRO J 45 10.98 -21.54 32.99
C PRO J 45 9.78 -20.63 32.63
N GLN J 46 10.04 -19.46 32.09
CA GLN J 46 8.99 -18.56 31.74
C GLN J 46 9.19 -18.07 30.35
N VAL J 47 10.08 -18.72 29.61
CA VAL J 47 10.31 -18.43 28.19
C VAL J 47 10.72 -19.77 27.64
N ASN J 48 10.53 -19.95 26.32
CA ASN J 48 10.88 -21.20 25.71
C ASN J 48 12.33 -21.14 25.27
N GLY J 49 13.01 -22.28 25.33
CA GLY J 49 14.39 -22.32 24.89
C GLY J 49 15.17 -23.56 25.29
N ILE J 50 16.47 -23.48 25.02
CA ILE J 50 17.38 -24.57 25.36
C ILE J 50 18.24 -24.19 26.55
N ILE J 51 18.44 -25.13 27.46
CA ILE J 51 19.30 -24.85 28.61
C ILE J 51 20.76 -24.78 28.15
N LEU J 52 21.44 -23.65 28.34
CA LEU J 52 22.85 -23.60 27.97
C LEU J 52 23.62 -24.15 29.16
N LYS J 53 23.52 -23.47 30.29
CA LYS J 53 24.26 -23.91 31.47
C LYS J 53 23.35 -24.04 32.66
N ARG J 54 23.75 -24.90 33.59
CA ARG J 54 23.03 -25.10 34.83
C ARG J 54 24.00 -24.71 35.93
N LEU J 55 24.18 -23.41 36.16
CA LEU J 55 25.13 -22.93 37.13
C LEU J 55 24.90 -23.09 38.63
N PHE J 56 24.72 -24.31 39.11
CA PHE J 56 24.57 -24.51 40.56
C PHE J 56 24.88 -25.97 40.89
N LYS J 57 25.41 -26.21 42.07
CA LYS J 57 25.78 -27.56 42.46
C LYS J 57 24.61 -28.27 43.09
N GLU J 58 24.22 -29.40 42.53
CA GLU J 58 23.10 -30.13 43.11
C GLU J 58 23.44 -30.38 44.54
N GLY J 59 22.56 -29.95 45.43
CA GLY J 59 22.77 -30.12 46.86
C GLY J 59 23.44 -28.95 47.53
N SER J 60 23.69 -27.87 46.79
CA SER J 60 24.33 -26.71 47.38
C SER J 60 23.38 -25.72 48.04
N ASP J 61 23.90 -24.55 48.42
CA ASP J 61 23.08 -23.53 49.04
C ASP J 61 23.03 -22.36 48.08
N VAL J 62 21.82 -21.93 47.72
CA VAL J 62 21.69 -20.81 46.79
C VAL J 62 20.99 -19.68 47.49
N LYS J 63 21.26 -18.47 47.05
CA LYS J 63 20.64 -17.30 47.62
C LYS J 63 19.50 -16.85 46.72
N ALA J 64 18.40 -16.39 47.30
CA ALA J 64 17.30 -15.90 46.49
C ALA J 64 17.81 -14.79 45.53
N GLY J 65 17.56 -14.94 44.24
CA GLY J 65 17.96 -13.96 43.25
C GLY J 65 19.15 -14.43 42.46
N GLN J 66 19.66 -15.59 42.88
CA GLN J 66 20.84 -16.17 42.25
C GLN J 66 20.50 -16.87 40.94
N GLN J 67 21.20 -16.54 39.87
CA GLN J 67 20.96 -17.22 38.60
C GLN J 67 21.21 -18.74 38.77
N LEU J 68 20.22 -19.55 38.42
CA LEU J 68 20.36 -21.00 38.54
C LEU J 68 20.57 -21.68 37.22
N TYR J 69 20.03 -21.10 36.17
CA TYR J 69 20.13 -21.64 34.83
C TYR J 69 20.31 -20.50 33.86
N GLN J 70 20.66 -20.85 32.63
CA GLN J 70 20.85 -19.86 31.58
C GLN J 70 20.27 -20.46 30.31
N ILE J 71 19.18 -19.89 29.82
CA ILE J 71 18.56 -20.39 28.63
C ILE J 71 19.24 -19.67 27.50
N ASP J 72 19.59 -20.39 26.43
CA ASP J 72 20.29 -19.80 25.29
C ASP J 72 19.51 -18.56 24.88
N PRO J 73 20.10 -17.38 25.11
CA PRO J 73 19.57 -16.05 24.83
C PRO J 73 19.88 -15.46 23.51
N ALA J 74 20.66 -16.19 22.75
CA ALA J 74 21.11 -15.74 21.45
C ALA J 74 20.08 -14.97 20.64
N THR J 75 18.91 -15.56 20.45
CA THR J 75 17.85 -14.91 19.68
C THR J 75 17.06 -13.87 20.46
N TYR J 76 16.76 -14.15 21.74
CA TYR J 76 16.06 -13.18 22.58
C TYR J 76 16.90 -11.91 22.62
N GLU J 77 18.19 -12.06 22.93
CA GLU J 77 19.05 -10.91 22.96
C GLU J 77 18.98 -10.22 21.60
N ALA J 78 18.92 -11.03 20.55
CA ALA J 78 18.88 -10.52 19.18
C ALA J 78 17.59 -9.77 18.86
N ASP J 79 16.46 -10.37 19.23
CA ASP J 79 15.17 -9.74 18.96
C ASP J 79 15.07 -8.40 19.72
N TYR J 80 15.59 -8.39 20.94
CA TYR J 80 15.56 -7.21 21.77
C TYR J 80 16.33 -6.09 21.14
N GLN J 81 17.56 -6.36 20.72
CA GLN J 81 18.36 -5.31 20.10
C GLN J 81 17.66 -4.86 18.84
N SER J 82 16.99 -5.80 18.19
CA SER J 82 16.29 -5.48 16.95
C SER J 82 15.16 -4.52 17.25
N ALA J 83 14.34 -4.92 18.23
CA ALA J 83 13.20 -4.11 18.68
C ALA J 83 13.67 -2.70 18.93
N GLN J 84 14.61 -2.54 19.86
CA GLN J 84 15.14 -1.23 20.18
C GLN J 84 15.58 -0.42 18.97
N ALA J 85 16.20 -1.06 18.00
CA ALA J 85 16.62 -0.36 16.81
C ALA J 85 15.39 0.26 16.19
N ASN J 86 14.36 -0.57 16.03
CA ASN J 86 13.11 -0.15 15.43
C ASN J 86 12.51 1.05 16.19
N LEU J 87 12.37 0.92 17.50
CA LEU J 87 11.82 1.98 18.32
C LEU J 87 12.59 3.26 18.11
N ALA J 88 13.89 3.19 18.32
CA ALA J 88 14.73 4.36 18.14
C ALA J 88 14.35 5.06 16.84
N SER J 89 14.06 4.27 15.82
CA SER J 89 13.70 4.80 14.53
C SER J 89 12.34 5.49 14.55
N THR J 90 11.30 4.69 14.71
CA THR J 90 9.94 5.20 14.72
C THR J 90 9.79 6.37 15.67
N GLN J 91 10.38 6.28 16.86
CA GLN J 91 10.25 7.38 17.82
C GLN J 91 10.64 8.70 17.21
N GLU J 92 11.84 8.74 16.63
CA GLU J 92 12.32 9.96 16.01
C GLU J 92 11.29 10.39 15.00
N GLN J 93 10.97 9.49 14.07
CA GLN J 93 10.00 9.74 13.00
C GLN J 93 8.78 10.45 13.54
N ALA J 94 8.27 9.95 14.66
CA ALA J 94 7.08 10.52 15.29
C ALA J 94 7.39 11.92 15.78
N GLN J 95 8.28 12.02 16.77
CA GLN J 95 8.66 13.32 17.30
C GLN J 95 8.81 14.37 16.20
N ARG J 96 9.36 13.99 15.05
CA ARG J 96 9.52 14.97 14.00
C ARG J 96 8.15 15.36 13.46
N TYR J 97 7.36 14.36 13.05
CA TYR J 97 6.02 14.58 12.53
C TYR J 97 5.14 15.37 13.49
N LYS J 98 5.44 15.28 14.79
CA LYS J 98 4.63 16.00 15.75
C LYS J 98 4.80 17.49 15.58
N LEU J 99 5.93 17.91 15.03
CA LEU J 99 6.14 19.33 14.83
C LEU J 99 5.72 19.78 13.45
N LEU J 100 5.46 18.83 12.56
CA LEU J 100 5.05 19.16 11.20
C LEU J 100 3.55 19.41 11.10
N VAL J 101 2.74 18.68 11.86
CA VAL J 101 1.30 18.94 11.84
C VAL J 101 1.14 20.29 12.52
N ALA J 102 1.99 20.53 13.52
CA ALA J 102 1.97 21.78 14.25
C ALA J 102 2.03 22.96 13.27
N ASP J 103 2.58 22.72 12.09
CA ASP J 103 2.70 23.76 11.08
C ASP J 103 2.00 23.36 9.78
N GLN J 104 0.97 22.54 9.89
CA GLN J 104 0.22 22.10 8.71
C GLN J 104 1.09 21.39 7.68
N ALA J 105 2.39 21.30 7.95
CA ALA J 105 3.34 20.66 7.05
C ALA J 105 3.00 19.20 6.75
N VAL J 106 2.12 18.62 7.55
CA VAL J 106 1.73 17.23 7.37
C VAL J 106 0.32 16.97 7.93
N SER J 107 -0.43 16.10 7.27
CA SER J 107 -1.80 15.82 7.70
C SER J 107 -1.87 15.16 9.05
N LYS J 108 -3.01 15.34 9.72
CA LYS J 108 -3.21 14.74 11.04
C LYS J 108 -3.14 13.23 10.87
N GLN J 109 -3.56 12.76 9.70
CA GLN J 109 -3.54 11.34 9.41
C GLN J 109 -2.13 10.79 9.49
N GLN J 110 -1.23 11.43 8.76
CA GLN J 110 0.17 11.02 8.75
C GLN J 110 0.74 11.00 10.16
N TYR J 111 0.63 12.11 10.89
CA TYR J 111 1.15 12.14 12.25
C TYR J 111 0.53 11.02 13.07
N ALA J 112 -0.72 10.71 12.77
CA ALA J 112 -1.41 9.64 13.48
C ALA J 112 -0.68 8.35 13.19
N ASP J 113 -0.68 7.96 11.92
CA ASP J 113 -0.02 6.72 11.52
C ASP J 113 1.37 6.62 12.13
N ALA J 114 2.05 7.77 12.21
CA ALA J 114 3.39 7.85 12.79
C ALA J 114 3.34 7.47 14.26
N ASN J 115 2.71 8.30 15.06
CA ASN J 115 2.62 8.01 16.48
C ASN J 115 2.07 6.62 16.73
N ALA J 116 1.36 6.10 15.74
CA ALA J 116 0.78 4.76 15.82
C ALA J 116 1.91 3.72 15.88
N ALA J 117 2.75 3.75 14.86
CA ALA J 117 3.87 2.83 14.79
C ALA J 117 4.78 3.02 15.99
N TYR J 118 4.96 4.27 16.42
CA TYR J 118 5.83 4.54 17.55
C TYR J 118 5.38 3.77 18.77
N LEU J 119 4.07 3.77 19.00
CA LEU J 119 3.53 3.05 20.14
C LEU J 119 3.71 1.55 19.98
N GLN J 120 3.51 1.07 18.75
CA GLN J 120 3.66 -0.34 18.49
C GLN J 120 5.07 -0.77 18.88
N SER J 121 6.04 0.02 18.45
CA SER J 121 7.44 -0.26 18.74
C SER J 121 7.66 -0.33 20.25
N LYS J 122 7.42 0.80 20.90
CA LYS J 122 7.58 0.87 22.34
C LYS J 122 6.98 -0.37 23.00
N ALA J 123 5.89 -0.83 22.44
CA ALA J 123 5.24 -2.01 22.98
C ALA J 123 6.17 -3.20 22.81
N ALA J 124 6.54 -3.47 21.56
CA ALA J 124 7.41 -4.59 21.20
C ALA J 124 8.68 -4.66 22.04
N VAL J 125 9.36 -3.52 22.18
CA VAL J 125 10.58 -3.48 22.95
C VAL J 125 10.35 -4.00 24.35
N GLU J 126 9.33 -3.49 25.00
CA GLU J 126 9.06 -3.90 26.36
C GLU J 126 8.83 -5.39 26.47
N GLN J 127 8.18 -5.95 25.47
CA GLN J 127 7.91 -7.37 25.48
C GLN J 127 9.22 -8.15 25.25
N ALA J 128 10.08 -7.59 24.40
CA ALA J 128 11.37 -8.18 24.09
C ALA J 128 12.18 -8.21 25.36
N ARG J 129 12.21 -7.06 26.04
CA ARG J 129 12.95 -6.93 27.30
C ARG J 129 12.56 -8.01 28.29
N ILE J 130 11.27 -8.17 28.49
CA ILE J 130 10.79 -9.16 29.43
C ILE J 130 11.21 -10.57 29.07
N ASN J 131 11.11 -10.96 27.80
CA ASN J 131 11.51 -12.31 27.43
C ASN J 131 12.98 -12.54 27.66
N LEU J 132 13.78 -11.53 27.33
CA LEU J 132 15.22 -11.66 27.54
C LEU J 132 15.53 -11.89 29.03
N ARG J 133 14.91 -11.08 29.87
CA ARG J 133 15.11 -11.16 31.29
C ARG J 133 14.81 -12.55 31.77
N TYR J 134 13.79 -13.19 31.20
CA TYR J 134 13.45 -14.52 31.68
C TYR J 134 14.44 -15.62 31.29
N THR J 135 15.41 -15.30 30.43
CA THR J 135 16.39 -16.30 30.02
C THR J 135 17.32 -16.62 31.17
N LYS J 136 17.32 -15.82 32.23
CA LYS J 136 18.18 -16.16 33.36
C LYS J 136 17.34 -16.71 34.52
N VAL J 137 17.08 -18.00 34.55
CA VAL J 137 16.29 -18.53 35.64
C VAL J 137 16.96 -18.25 37.00
N LEU J 138 16.25 -17.60 37.94
CA LEU J 138 16.85 -17.31 39.26
C LEU J 138 16.17 -18.10 40.36
N SER J 139 16.74 -18.10 41.55
CA SER J 139 16.11 -18.80 42.66
C SER J 139 15.10 -17.87 43.35
N PRO J 140 13.86 -18.32 43.52
CA PRO J 140 12.91 -17.45 44.18
C PRO J 140 13.22 -17.27 45.66
N ILE J 141 13.90 -18.22 46.28
CA ILE J 141 14.19 -18.04 47.68
C ILE J 141 15.59 -18.52 48.05
N SER J 142 16.13 -18.05 49.17
CA SER J 142 17.42 -18.53 49.60
C SER J 142 17.15 -19.85 50.30
N GLY J 143 17.95 -20.85 50.03
CA GLY J 143 17.72 -22.14 50.65
C GLY J 143 18.62 -23.20 50.01
N ARG J 144 18.36 -24.45 50.35
CA ARG J 144 19.14 -25.55 49.80
C ARG J 144 18.48 -26.18 48.57
N ILE J 145 19.14 -26.03 47.43
CA ILE J 145 18.63 -26.60 46.20
C ILE J 145 19.21 -27.99 46.04
N GLY J 146 18.37 -28.93 45.62
CA GLY J 146 18.77 -30.32 45.43
C GLY J 146 19.12 -30.65 43.99
N ARG J 147 18.71 -31.83 43.54
CA ARG J 147 18.99 -32.27 42.18
C ARG J 147 18.30 -31.35 41.18
N SER J 148 18.86 -31.23 39.98
CA SER J 148 18.25 -30.42 38.94
C SER J 148 17.57 -31.42 38.05
N ALA J 149 16.24 -31.42 38.02
CA ALA J 149 15.51 -32.37 37.19
C ALA J 149 15.55 -32.07 35.70
N VAL J 150 16.40 -31.15 35.31
CA VAL J 150 16.52 -30.82 33.91
C VAL J 150 18.01 -30.84 33.59
N THR J 151 18.36 -31.33 32.41
CA THR J 151 19.76 -31.42 32.04
C THR J 151 20.17 -30.31 31.12
N GLU J 152 21.47 -30.08 30.97
CA GLU J 152 21.89 -29.02 30.08
C GLU J 152 21.41 -29.37 28.70
N GLY J 153 21.43 -28.38 27.82
CA GLY J 153 20.98 -28.60 26.46
C GLY J 153 19.53 -29.02 26.27
N ALA J 154 18.83 -29.33 27.36
CA ALA J 154 17.42 -29.71 27.30
C ALA J 154 16.56 -28.56 26.83
N LEU J 155 15.31 -28.88 26.49
CA LEU J 155 14.38 -27.87 25.99
C LEU J 155 13.40 -27.52 27.08
N VAL J 156 13.17 -26.24 27.33
CA VAL J 156 12.20 -25.85 28.34
C VAL J 156 11.17 -24.95 27.71
N THR J 157 9.92 -25.09 28.16
CA THR J 157 8.92 -24.20 27.63
C THR J 157 8.04 -23.61 28.71
N ASN J 158 7.80 -22.32 28.51
CA ASN J 158 6.98 -21.52 29.41
C ASN J 158 5.61 -22.12 29.62
N GLY J 159 5.37 -22.68 30.79
CA GLY J 159 4.07 -23.25 31.02
C GLY J 159 4.19 -24.69 31.39
N GLN J 160 5.30 -25.32 30.99
CA GLN J 160 5.46 -26.73 31.29
C GLN J 160 5.08 -27.18 32.65
N ALA J 161 4.48 -28.34 32.75
CA ALA J 161 4.07 -28.88 34.03
C ALA J 161 5.19 -29.00 35.03
N ASN J 162 6.26 -29.69 34.65
CA ASN J 162 7.40 -29.94 35.55
C ASN J 162 8.39 -28.84 35.95
N ALA J 163 8.70 -28.81 37.24
CA ALA J 163 9.65 -27.83 37.76
C ALA J 163 11.05 -28.29 37.37
N MET J 164 11.96 -27.33 37.28
CA MET J 164 13.33 -27.62 36.93
C MET J 164 14.11 -28.14 38.14
N ALA J 165 13.80 -27.57 39.30
CA ALA J 165 14.47 -27.90 40.54
C ALA J 165 13.69 -27.32 41.73
N THR J 166 14.14 -27.61 42.95
CA THR J 166 13.42 -27.10 44.12
C THR J 166 14.30 -26.55 45.24
N VAL J 167 14.41 -25.23 45.37
CA VAL J 167 15.21 -24.65 46.46
C VAL J 167 14.41 -24.92 47.74
N GLN J 168 15.06 -25.01 48.88
CA GLN J 168 14.30 -25.32 50.09
C GLN J 168 14.99 -25.01 51.43
N GLN J 169 14.64 -23.86 52.04
CA GLN J 169 15.19 -23.38 53.32
C GLN J 169 15.09 -24.40 54.47
N LEU J 170 16.23 -24.75 55.08
CA LEU J 170 16.28 -25.72 56.15
C LEU J 170 16.84 -25.23 57.50
N ASP J 171 17.17 -23.94 57.59
CA ASP J 171 17.64 -23.31 58.82
C ASP J 171 16.92 -21.99 58.87
N PRO J 172 15.99 -21.81 59.81
CA PRO J 172 15.57 -22.78 60.81
C PRO J 172 14.80 -23.91 60.18
N ILE J 173 14.35 -24.86 60.98
CA ILE J 173 13.59 -25.96 60.43
C ILE J 173 12.36 -26.22 61.31
N TYR J 174 11.25 -26.59 60.69
CA TYR J 174 10.03 -26.83 61.44
C TYR J 174 9.93 -28.23 61.91
N VAL J 175 9.17 -28.41 62.98
CA VAL J 175 8.88 -29.73 63.49
C VAL J 175 7.38 -29.70 63.69
N ASP J 176 6.64 -30.34 62.79
CA ASP J 176 5.19 -30.39 62.87
C ASP J 176 4.77 -31.41 63.92
N VAL J 177 4.10 -30.92 64.96
CA VAL J 177 3.61 -31.77 66.05
C VAL J 177 2.09 -31.82 66.05
N THR J 178 1.53 -33.00 66.28
CA THR J 178 0.08 -33.18 66.29
C THR J 178 -0.46 -33.66 67.62
N GLN J 179 -1.38 -32.89 68.19
CA GLN J 179 -2.00 -33.20 69.48
C GLN J 179 -3.52 -33.07 69.35
N PRO J 180 -4.28 -33.71 70.26
CA PRO J 180 -5.75 -33.63 70.23
C PRO J 180 -6.15 -32.22 70.69
N SER J 181 -7.05 -31.59 69.94
CA SER J 181 -7.50 -30.24 70.27
C SER J 181 -7.53 -29.90 71.75
N THR J 182 -7.96 -30.86 72.56
CA THR J 182 -8.06 -30.66 74.01
C THR J 182 -6.68 -30.42 74.58
N ALA J 183 -5.78 -31.37 74.33
CA ALA J 183 -4.40 -31.33 74.81
C ALA J 183 -3.73 -30.00 74.52
N LEU J 184 -4.00 -29.47 73.34
CA LEU J 184 -3.42 -28.20 72.94
C LEU J 184 -3.92 -27.09 73.86
N LEU J 185 -5.20 -27.16 74.20
CA LEU J 185 -5.80 -26.16 75.06
C LEU J 185 -5.10 -26.22 76.42
N ARG J 186 -4.91 -27.45 76.91
CA ARG J 186 -4.23 -27.69 78.18
C ARG J 186 -2.90 -26.93 78.23
N LEU J 187 -2.04 -27.23 77.26
CA LEU J 187 -0.75 -26.58 77.19
C LEU J 187 -0.87 -25.08 77.06
N ARG J 188 -1.88 -24.64 76.33
CA ARG J 188 -2.06 -23.22 76.16
C ARG J 188 -2.32 -22.55 77.50
N ARG J 189 -2.95 -23.30 78.40
CA ARG J 189 -3.22 -22.80 79.74
C ARG J 189 -1.93 -22.82 80.53
N GLU J 190 -1.31 -24.00 80.60
CA GLU J 190 -0.06 -24.18 81.33
C GLU J 190 0.91 -23.05 80.98
N LEU J 191 0.79 -22.50 79.80
CA LEU J 191 1.66 -21.42 79.42
C LEU J 191 1.20 -20.12 80.05
N ALA J 192 -0.09 -19.85 79.91
CA ALA J 192 -0.69 -18.63 80.44
C ALA J 192 -0.38 -18.48 81.93
N SER J 193 -0.45 -19.59 82.67
CA SER J 193 -0.15 -19.54 84.09
C SER J 193 1.36 -19.39 84.26
N GLY J 194 2.09 -20.50 84.24
CA GLY J 194 3.53 -20.44 84.39
C GLY J 194 4.18 -21.81 84.34
N GLN J 195 3.37 -22.86 84.43
CA GLN J 195 3.86 -24.22 84.41
C GLN J 195 4.82 -24.50 83.25
N LEU J 196 4.85 -23.62 82.25
CA LEU J 196 5.71 -23.80 81.09
C LEU J 196 6.72 -22.69 80.88
N GLU J 197 7.89 -23.05 80.35
CA GLU J 197 8.95 -22.08 80.10
C GLU J 197 8.63 -21.17 78.93
N ARG J 198 8.00 -20.03 79.20
CA ARG J 198 7.64 -19.12 78.13
C ARG J 198 8.83 -18.83 77.20
N ALA J 199 8.70 -19.22 75.94
CA ALA J 199 9.75 -19.03 74.96
C ALA J 199 9.49 -17.74 74.18
N GLY J 200 8.22 -17.40 74.02
CA GLY J 200 7.88 -16.19 73.30
C GLY J 200 6.46 -15.76 73.63
N ASP J 201 6.03 -14.63 73.06
CA ASP J 201 4.68 -14.13 73.31
C ASP J 201 3.62 -15.22 73.30
N ASN J 202 3.86 -16.31 72.57
CA ASN J 202 2.89 -17.39 72.53
C ASN J 202 3.51 -18.77 72.35
N ALA J 203 4.81 -18.89 72.61
CA ALA J 203 5.47 -20.18 72.49
C ALA J 203 6.25 -20.54 73.73
N ALA J 204 6.46 -21.84 73.91
CA ALA J 204 7.21 -22.37 75.03
C ALA J 204 8.57 -22.88 74.56
N LYS J 205 9.56 -22.91 75.44
CA LYS J 205 10.88 -23.42 75.07
C LYS J 205 10.78 -24.93 74.99
N VAL J 206 11.51 -25.53 74.05
CA VAL J 206 11.47 -26.98 73.87
C VAL J 206 12.78 -27.55 73.36
N SER J 207 13.02 -28.81 73.71
CA SER J 207 14.22 -29.52 73.27
C SER J 207 13.75 -30.62 72.32
N LEU J 208 14.63 -31.09 71.44
CA LEU J 208 14.28 -32.12 70.49
C LEU J 208 15.07 -33.41 70.71
N LYS J 209 14.38 -34.54 70.60
CA LYS J 209 15.00 -35.85 70.78
C LYS J 209 14.91 -36.61 69.45
N LEU J 210 16.04 -36.76 68.76
CA LEU J 210 16.06 -37.43 67.46
C LEU J 210 15.55 -38.86 67.48
N GLU J 211 15.34 -39.42 66.29
CA GLU J 211 14.82 -40.78 66.16
C GLU J 211 15.72 -41.84 66.77
N ASP J 212 17.03 -41.67 66.63
CA ASP J 212 17.97 -42.64 67.18
C ASP J 212 17.84 -42.64 68.70
N GLY J 213 17.53 -41.48 69.25
CA GLY J 213 17.40 -41.37 70.70
C GLY J 213 18.26 -40.24 71.22
N SER J 214 19.23 -39.81 70.42
CA SER J 214 20.12 -38.73 70.83
C SER J 214 19.38 -37.42 71.08
N GLN J 215 19.96 -36.59 71.95
CA GLN J 215 19.37 -35.30 72.26
C GLN J 215 19.96 -34.26 71.32
N TYR J 216 19.10 -33.55 70.60
CA TYR J 216 19.59 -32.53 69.68
C TYR J 216 20.20 -31.39 70.49
N PRO J 217 21.47 -31.10 70.23
CA PRO J 217 22.23 -30.05 70.90
C PRO J 217 21.55 -28.71 71.08
N LEU J 218 20.74 -28.29 70.13
CA LEU J 218 20.10 -26.98 70.26
C LEU J 218 18.66 -27.01 70.77
N GLU J 219 18.18 -25.84 71.17
CA GLU J 219 16.83 -25.71 71.71
C GLU J 219 15.98 -24.80 70.84
N GLY J 220 14.70 -25.13 70.71
CA GLY J 220 13.82 -24.32 69.89
C GLY J 220 12.51 -23.93 70.53
N ARG J 221 11.78 -23.04 69.85
CA ARG J 221 10.47 -22.54 70.31
C ARG J 221 9.31 -23.34 69.76
N LEU J 222 8.35 -23.63 70.62
CA LEU J 222 7.15 -24.35 70.21
C LEU J 222 5.98 -23.39 70.17
N GLU J 223 5.72 -22.78 69.01
CA GLU J 223 4.60 -21.85 68.83
C GLU J 223 3.27 -22.61 68.96
N PHE J 224 2.35 -22.04 69.72
CA PHE J 224 1.06 -22.68 69.97
C PHE J 224 -0.08 -22.35 68.98
N SER J 225 0.14 -21.34 68.14
CA SER J 225 -0.84 -20.99 67.13
C SER J 225 -1.09 -22.21 66.27
N GLU J 226 -2.36 -22.58 66.09
CA GLU J 226 -2.69 -23.75 65.29
C GLU J 226 -2.44 -23.47 63.82
N VAL J 227 -1.93 -24.48 63.12
CA VAL J 227 -1.62 -24.33 61.70
C VAL J 227 -2.59 -25.14 60.85
N SER J 228 -3.10 -26.22 61.43
CA SER J 228 -4.04 -27.05 60.70
C SER J 228 -4.80 -27.96 61.63
N VAL J 229 -6.05 -28.22 61.28
CA VAL J 229 -6.89 -29.11 62.08
C VAL J 229 -7.47 -30.15 61.16
N ASP J 230 -7.59 -31.36 61.67
CA ASP J 230 -8.17 -32.45 60.91
C ASP J 230 -9.61 -32.57 61.39
N GLU J 231 -10.53 -31.82 60.77
CA GLU J 231 -11.93 -31.84 61.17
C GLU J 231 -12.42 -33.28 61.42
N GLY J 232 -11.80 -34.23 60.74
CA GLY J 232 -12.16 -35.62 60.92
C GLY J 232 -11.76 -36.10 62.30
N THR J 233 -10.47 -36.37 62.49
CA THR J 233 -9.96 -36.84 63.77
C THR J 233 -10.03 -35.74 64.84
N GLY J 234 -10.26 -34.51 64.39
CA GLY J 234 -10.35 -33.39 65.32
C GLY J 234 -9.00 -32.96 65.87
N SER J 235 -7.95 -33.61 65.39
CA SER J 235 -6.58 -33.33 65.82
C SER J 235 -6.04 -31.99 65.31
N VAL J 236 -5.09 -31.42 66.05
CA VAL J 236 -4.52 -30.14 65.64
C VAL J 236 -3.04 -30.32 65.37
N THR J 237 -2.49 -29.49 64.50
CA THR J 237 -1.07 -29.56 64.20
C THR J 237 -0.45 -28.21 64.43
N ILE J 238 0.57 -28.20 65.28
CA ILE J 238 1.30 -26.99 65.61
C ILE J 238 2.74 -27.20 65.21
N ARG J 239 3.49 -26.09 65.13
CA ARG J 239 4.88 -26.15 64.73
C ARG J 239 5.91 -25.66 65.73
N ALA J 240 7.01 -26.40 65.82
CA ALA J 240 8.14 -26.04 66.68
C ALA J 240 9.23 -25.54 65.70
N VAL J 241 9.99 -24.54 66.10
CA VAL J 241 11.06 -24.04 65.24
C VAL J 241 12.44 -24.22 65.88
N PHE J 242 13.26 -25.11 65.33
CA PHE J 242 14.61 -25.35 65.83
C PHE J 242 15.67 -24.79 64.90
N PRO J 243 16.85 -24.44 65.45
CA PRO J 243 17.95 -23.90 64.62
C PRO J 243 18.68 -25.08 63.99
N ASN J 244 19.10 -24.92 62.75
CA ASN J 244 19.76 -26.01 62.04
C ASN J 244 20.89 -25.43 61.21
N PRO J 245 21.88 -24.82 61.88
CA PRO J 245 23.03 -24.20 61.23
C PRO J 245 24.05 -25.15 60.61
N ASN J 246 24.04 -26.42 61.01
CA ASN J 246 24.99 -27.37 60.44
C ASN J 246 24.26 -28.37 59.56
N ASN J 247 23.00 -28.09 59.29
CA ASN J 247 22.18 -28.96 58.48
C ASN J 247 22.07 -30.37 59.03
N GLU J 248 22.26 -30.54 60.32
CA GLU J 248 22.15 -31.86 60.92
C GLU J 248 20.72 -32.38 60.80
N LEU J 249 19.76 -31.46 60.76
CA LEU J 249 18.36 -31.85 60.66
C LEU J 249 17.88 -31.76 59.23
N LEU J 250 17.18 -32.80 58.78
CA LEU J 250 16.64 -32.83 57.40
C LEU J 250 15.17 -33.18 57.46
N PRO J 251 14.41 -32.73 56.46
CA PRO J 251 12.98 -32.98 56.36
C PRO J 251 12.65 -34.46 56.39
N GLY J 252 11.54 -34.81 57.04
CA GLY J 252 11.14 -36.19 57.07
C GLY J 252 11.51 -36.96 58.31
N MET J 253 12.46 -36.43 59.08
CA MET J 253 12.87 -37.12 60.30
C MET J 253 11.71 -37.26 61.28
N PHE J 254 11.60 -38.43 61.90
CA PHE J 254 10.56 -38.67 62.90
C PHE J 254 11.20 -38.30 64.23
N VAL J 255 10.69 -37.28 64.89
CA VAL J 255 11.27 -36.84 66.15
C VAL J 255 10.26 -36.60 67.24
N HIS J 256 10.75 -36.16 68.40
CA HIS J 256 9.88 -35.85 69.54
C HIS J 256 10.29 -34.53 70.19
N ALA J 257 9.33 -33.65 70.36
CA ALA J 257 9.59 -32.39 71.01
C ALA J 257 9.37 -32.69 72.49
N GLN J 258 10.29 -32.23 73.33
CA GLN J 258 10.18 -32.46 74.76
C GLN J 258 9.81 -31.16 75.47
N LEU J 259 8.72 -31.20 76.23
CA LEU J 259 8.24 -30.02 76.94
C LEU J 259 8.39 -30.13 78.46
N GLN J 260 9.01 -29.13 79.05
CA GLN J 260 9.23 -29.07 80.49
C GLN J 260 8.03 -28.39 81.14
N GLU J 261 7.24 -29.17 81.86
CA GLU J 261 6.04 -28.66 82.53
C GLU J 261 6.26 -28.35 84.00
N GLY J 262 7.50 -28.03 84.35
CA GLY J 262 7.85 -27.70 85.73
C GLY J 262 7.98 -28.91 86.64
N VAL J 263 8.43 -28.68 87.86
CA VAL J 263 8.60 -29.76 88.85
C VAL J 263 7.61 -29.58 90.00
N LYS J 264 6.94 -30.66 90.36
CA LYS J 264 5.97 -30.63 91.45
C LYS J 264 6.69 -30.79 92.79
N GLN J 265 6.60 -29.72 93.62
CA GLN J 265 7.21 -29.68 94.95
C GLN J 265 7.08 -31.05 95.59
N LYS J 266 5.85 -31.41 95.94
CA LYS J 266 5.56 -32.70 96.55
C LYS J 266 4.08 -33.00 96.40
N ALA J 267 3.77 -34.05 95.65
CA ALA J 267 2.38 -34.43 95.43
C ALA J 267 2.20 -35.94 95.62
N ILE J 268 0.95 -36.38 95.58
CA ILE J 268 0.63 -37.79 95.76
C ILE J 268 0.48 -38.52 94.42
N LEU J 269 1.17 -39.65 94.29
CA LEU J 269 1.12 -40.46 93.08
C LEU J 269 0.41 -41.78 93.35
N ALA J 270 -0.93 -41.73 93.32
CA ALA J 270 -1.75 -42.91 93.58
C ALA J 270 -1.78 -43.88 92.40
N PRO J 271 -1.31 -45.13 92.60
CA PRO J 271 -1.29 -46.15 91.56
C PRO J 271 -2.66 -46.41 90.92
N GLN J 272 -2.66 -46.66 89.61
CA GLN J 272 -3.88 -46.92 88.86
C GLN J 272 -4.56 -48.20 89.32
N GLN J 273 -3.79 -49.08 89.98
CA GLN J 273 -4.31 -50.34 90.48
C GLN J 273 -5.26 -50.10 91.65
N GLY J 274 -5.55 -48.82 91.93
CA GLY J 274 -6.45 -48.47 93.00
C GLY J 274 -7.34 -47.28 92.69
N VAL J 275 -7.57 -47.04 91.40
CA VAL J 275 -8.41 -45.93 90.94
C VAL J 275 -9.30 -46.39 89.78
N THR J 276 -10.44 -45.72 89.60
CA THR J 276 -11.37 -46.05 88.53
C THR J 276 -11.88 -44.79 87.85
N ARG J 277 -12.35 -44.92 86.61
CA ARG J 277 -12.86 -43.78 85.85
C ARG J 277 -14.28 -44.03 85.36
N ASP J 278 -15.26 -43.62 86.15
CA ASP J 278 -16.68 -43.81 85.79
C ASP J 278 -17.07 -42.76 84.76
N LEU J 279 -18.02 -43.12 83.88
CA LEU J 279 -18.48 -42.21 82.84
C LEU J 279 -17.31 -41.95 81.88
N LYS J 280 -16.29 -42.80 81.98
CA LYS J 280 -15.11 -42.67 81.15
C LYS J 280 -14.52 -41.27 81.32
N GLY J 281 -14.28 -40.89 82.57
CA GLY J 281 -13.73 -39.59 82.86
C GLY J 281 -13.54 -39.32 84.35
N GLN J 282 -14.66 -39.17 85.07
CA GLN J 282 -14.64 -38.89 86.51
C GLN J 282 -13.79 -39.90 87.27
N ALA J 283 -12.87 -39.40 88.09
CA ALA J 283 -11.98 -40.25 88.88
C ALA J 283 -12.47 -40.40 90.31
N THR J 284 -12.67 -41.65 90.72
CA THR J 284 -13.13 -41.95 92.07
C THR J 284 -12.24 -43.02 92.72
N ALA J 285 -11.93 -42.82 94.00
CA ALA J 285 -11.08 -43.75 94.74
C ALA J 285 -11.73 -44.18 96.05
N LEU J 286 -11.19 -45.25 96.64
CA LEU J 286 -11.70 -45.79 97.91
C LEU J 286 -10.58 -45.89 98.94
N VAL J 287 -10.68 -45.10 100.00
CA VAL J 287 -9.67 -45.09 101.06
C VAL J 287 -10.28 -45.34 102.44
N VAL J 288 -9.44 -45.75 103.39
CA VAL J 288 -9.89 -46.02 104.76
C VAL J 288 -9.43 -44.91 105.72
N ASN J 289 -10.39 -44.26 106.37
CA ASN J 289 -10.09 -43.18 107.32
C ASN J 289 -9.47 -43.68 108.62
N ALA J 290 -9.17 -42.74 109.51
CA ALA J 290 -8.58 -43.06 110.81
C ALA J 290 -9.50 -43.94 111.64
N GLN J 291 -10.81 -43.80 111.40
CA GLN J 291 -11.82 -44.58 112.12
C GLN J 291 -11.93 -45.98 111.50
N ASN J 292 -10.85 -46.42 110.86
CA ASN J 292 -10.80 -47.74 110.22
C ASN J 292 -12.00 -48.00 109.31
N LYS J 293 -12.67 -46.92 108.92
CA LYS J 293 -13.84 -47.01 108.04
C LYS J 293 -13.51 -46.48 106.64
N VAL J 294 -14.07 -47.13 105.62
CA VAL J 294 -13.83 -46.73 104.23
C VAL J 294 -14.73 -45.58 103.79
N GLU J 295 -14.16 -44.66 103.00
CA GLU J 295 -14.89 -43.51 102.49
C GLU J 295 -14.80 -43.46 100.97
N LEU J 296 -15.50 -42.51 100.36
CA LEU J 296 -15.50 -42.35 98.91
C LEU J 296 -15.21 -40.91 98.54
N ARG J 297 -13.95 -40.63 98.20
CA ARG J 297 -13.54 -39.28 97.80
C ARG J 297 -13.22 -39.22 96.31
N VAL J 298 -13.64 -38.13 95.67
CA VAL J 298 -13.41 -37.94 94.25
C VAL J 298 -12.08 -37.23 94.01
N ILE J 299 -11.17 -37.90 93.30
CA ILE J 299 -9.85 -37.35 93.02
C ILE J 299 -9.79 -36.69 91.64
N LYS J 300 -8.77 -35.85 91.46
CA LYS J 300 -8.57 -35.14 90.20
C LYS J 300 -7.22 -35.50 89.59
N ALA J 301 -7.06 -36.77 89.23
CA ALA J 301 -5.82 -37.24 88.62
C ALA J 301 -5.92 -37.16 87.10
N ASP J 302 -4.99 -36.43 86.48
CA ASP J 302 -5.00 -36.26 85.03
C ASP J 302 -3.83 -36.95 84.33
N ARG J 303 -2.60 -36.69 84.79
CA ARG J 303 -1.40 -37.28 84.19
C ARG J 303 -1.25 -38.76 84.53
N VAL J 304 -0.20 -39.38 83.98
CA VAL J 304 0.08 -40.80 84.21
C VAL J 304 1.59 -41.05 84.23
N ILE J 305 2.15 -41.25 85.42
CA ILE J 305 3.59 -41.49 85.56
C ILE J 305 3.88 -42.95 85.92
N GLY J 306 4.52 -43.66 84.99
CA GLY J 306 4.86 -45.06 85.21
C GLY J 306 3.63 -45.94 85.29
N ASP J 307 3.15 -46.17 86.51
CA ASP J 307 1.97 -47.01 86.71
C ASP J 307 1.04 -46.30 87.70
N LYS J 308 1.49 -45.14 88.16
CA LYS J 308 0.72 -44.33 89.12
C LYS J 308 0.11 -43.09 88.44
N TRP J 309 -0.87 -42.50 89.11
CA TRP J 309 -1.55 -41.30 88.60
C TRP J 309 -1.34 -40.11 89.54
N LEU J 310 -0.91 -38.98 88.96
CA LEU J 310 -0.66 -37.77 89.75
C LEU J 310 -1.97 -37.09 90.15
N VAL J 311 -2.43 -37.36 91.37
CA VAL J 311 -3.67 -36.78 91.87
C VAL J 311 -3.43 -35.32 92.25
N THR J 312 -4.04 -34.39 91.51
CA THR J 312 -3.90 -32.96 91.76
C THR J 312 -4.70 -32.52 92.97
N GLU J 313 -5.88 -33.11 93.15
CA GLU J 313 -6.75 -32.79 94.27
C GLU J 313 -7.77 -33.90 94.50
N GLY J 314 -7.61 -34.61 95.62
CA GLY J 314 -8.52 -35.70 95.94
C GLY J 314 -8.00 -36.57 97.06
N LEU J 315 -6.69 -36.66 97.18
CA LEU J 315 -6.05 -37.46 98.23
C LEU J 315 -4.80 -36.73 98.75
N ASN J 316 -4.79 -36.44 100.04
CA ASN J 316 -3.66 -35.75 100.66
C ASN J 316 -2.59 -36.74 101.13
N ALA J 317 -1.50 -36.20 101.68
CA ALA J 317 -0.40 -37.02 102.16
C ALA J 317 -0.78 -37.82 103.42
N GLY J 318 -0.61 -39.13 103.35
CA GLY J 318 -0.92 -39.98 104.49
C GLY J 318 -2.02 -40.99 104.21
N ASP J 319 -3.09 -40.54 103.56
CA ASP J 319 -4.23 -41.40 103.24
C ASP J 319 -3.83 -42.81 102.80
N LYS J 320 -4.71 -43.77 103.06
CA LYS J 320 -4.47 -45.16 102.69
C LYS J 320 -5.37 -45.55 101.52
N ILE J 321 -4.77 -45.91 100.39
CA ILE J 321 -5.52 -46.29 99.20
C ILE J 321 -5.70 -47.80 99.10
N ILE J 322 -6.95 -48.24 99.04
CA ILE J 322 -7.26 -49.66 98.92
C ILE J 322 -7.01 -50.17 97.50
N THR J 323 -6.01 -51.04 97.36
CA THR J 323 -5.66 -51.61 96.07
C THR J 323 -6.17 -53.04 95.91
N GLU J 324 -5.71 -53.93 96.79
CA GLU J 324 -6.11 -55.33 96.76
C GLU J 324 -7.25 -55.60 97.75
N GLY J 325 -8.49 -55.50 97.27
CA GLY J 325 -9.64 -55.75 98.13
C GLY J 325 -10.90 -55.06 97.64
N LEU J 326 -10.76 -54.21 96.64
CA LEU J 326 -11.91 -53.49 96.09
C LEU J 326 -12.74 -54.41 95.20
N GLN J 327 -12.27 -55.64 95.02
CA GLN J 327 -12.96 -56.63 94.19
C GLN J 327 -14.35 -56.94 94.75
N PHE J 328 -14.55 -56.59 96.03
CA PHE J 328 -15.82 -56.81 96.71
C PHE J 328 -15.87 -56.04 98.03
N VAL J 329 -16.44 -54.84 97.99
CA VAL J 329 -16.55 -54.00 99.18
C VAL J 329 -17.62 -52.93 99.01
N GLN J 330 -17.60 -51.93 99.90
CA GLN J 330 -18.56 -50.83 99.87
C GLN J 330 -18.14 -49.76 100.89
N PRO J 331 -18.48 -48.49 100.60
CA PRO J 331 -18.14 -47.36 101.50
C PRO J 331 -19.05 -47.28 102.73
N GLY J 332 -18.44 -47.01 103.88
CA GLY J 332 -19.21 -46.91 105.11
C GLY J 332 -19.01 -48.10 106.02
N VAL J 333 -18.08 -48.98 105.64
CA VAL J 333 -17.77 -50.17 106.42
C VAL J 333 -16.31 -50.15 106.89
N GLU J 334 -16.01 -50.91 107.93
CA GLU J 334 -14.66 -50.99 108.48
C GLU J 334 -13.93 -52.22 107.95
N VAL J 335 -12.61 -52.20 108.03
CA VAL J 335 -11.79 -53.32 107.54
C VAL J 335 -10.40 -53.34 108.16
N LYS J 336 -9.59 -54.33 107.74
CA LYS J 336 -8.23 -54.49 108.24
C LYS J 336 -7.23 -53.94 107.22
N THR J 337 -6.10 -53.45 107.73
CA THR J 337 -5.06 -52.89 106.88
C THR J 337 -3.87 -53.83 106.71
N VAL J 338 -3.81 -54.51 105.57
CA VAL J 338 -2.72 -55.45 105.26
C VAL J 338 -1.94 -54.96 104.03
N PRO J 339 -0.73 -54.42 104.24
CA PRO J 339 0.12 -53.92 103.16
C PRO J 339 0.15 -54.82 101.92
N PRO K 13 -33.14 -64.49 108.87
CA PRO K 13 -32.36 -63.53 108.05
C PRO K 13 -33.13 -62.23 107.80
N GLU K 14 -32.56 -61.11 108.24
CA GLU K 14 -33.18 -59.80 108.06
C GLU K 14 -32.17 -58.76 107.59
N VAL K 15 -32.67 -57.76 106.85
CA VAL K 15 -31.81 -56.70 106.33
C VAL K 15 -32.48 -55.33 106.49
N GLY K 16 -31.71 -54.27 106.23
CA GLY K 16 -32.22 -52.93 106.35
C GLY K 16 -32.45 -52.28 104.98
N ILE K 17 -33.55 -52.64 104.33
CA ILE K 17 -33.88 -52.11 103.02
C ILE K 17 -34.41 -50.68 103.11
N VAL K 18 -34.23 -49.92 102.03
CA VAL K 18 -34.69 -48.55 101.95
C VAL K 18 -35.62 -48.39 100.76
N THR K 19 -36.78 -47.78 100.98
CA THR K 19 -37.77 -47.56 99.93
C THR K 19 -37.34 -46.44 99.00
N LEU K 20 -37.00 -46.81 97.76
CA LEU K 20 -36.57 -45.84 96.76
C LEU K 20 -37.76 -45.04 96.25
N GLU K 21 -37.62 -43.72 96.23
CA GLU K 21 -38.69 -42.85 95.75
C GLU K 21 -38.16 -41.73 94.85
N ALA K 22 -38.96 -41.32 93.88
CA ALA K 22 -38.58 -40.27 92.94
C ALA K 22 -38.44 -38.93 93.65
N GLN K 23 -37.25 -38.34 93.56
CA GLN K 23 -36.97 -37.06 94.21
C GLN K 23 -36.73 -35.95 93.19
N THR K 24 -36.89 -34.71 93.63
CA THR K 24 -36.69 -33.56 92.77
C THR K 24 -35.22 -33.14 92.74
N VAL K 25 -34.70 -32.93 91.54
CA VAL K 25 -33.31 -32.53 91.35
C VAL K 25 -33.21 -31.63 90.12
N THR K 26 -32.11 -30.91 90.02
CA THR K 26 -31.91 -30.02 88.89
C THR K 26 -30.66 -30.42 88.12
N LEU K 27 -30.85 -30.96 86.92
CA LEU K 27 -29.74 -31.38 86.07
C LEU K 27 -29.86 -30.83 84.65
N ASN K 28 -28.76 -30.94 83.90
CA ASN K 28 -28.71 -30.47 82.52
C ASN K 28 -28.86 -31.62 81.54
N THR K 29 -29.39 -31.33 80.36
CA THR K 29 -29.58 -32.31 79.29
C THR K 29 -28.31 -32.26 78.41
N GLU K 30 -27.76 -33.40 77.97
CA GLU K 30 -26.52 -33.42 77.16
C GLU K 30 -26.68 -33.75 75.68
N LEU K 31 -26.56 -32.73 74.83
CA LEU K 31 -26.67 -32.91 73.40
C LEU K 31 -25.28 -33.07 72.77
N PRO K 32 -24.97 -34.26 72.24
CA PRO K 32 -23.67 -34.51 71.62
C PRO K 32 -23.53 -33.84 70.25
N GLY K 33 -22.31 -33.46 69.89
CA GLY K 33 -22.09 -32.80 68.61
C GLY K 33 -20.64 -32.54 68.30
N ARG K 34 -20.38 -32.03 67.09
CA ARG K 34 -19.03 -31.73 66.66
C ARG K 34 -18.90 -30.28 66.28
N THR K 35 -17.73 -29.70 66.53
CA THR K 35 -17.49 -28.30 66.20
C THR K 35 -17.20 -28.15 64.71
N ASN K 36 -17.66 -27.06 64.11
CA ASN K 36 -17.43 -26.83 62.69
C ASN K 36 -17.22 -25.38 62.41
N ALA K 37 -16.49 -25.08 61.36
CA ALA K 37 -16.23 -23.70 61.01
C ALA K 37 -17.52 -22.94 60.76
N PHE K 38 -17.52 -21.68 61.14
CA PHE K 38 -18.68 -20.83 60.93
C PHE K 38 -18.87 -20.59 59.43
N ARG K 39 -17.79 -20.30 58.70
CA ARG K 39 -17.86 -20.07 57.25
C ARG K 39 -16.53 -20.51 56.60
N ILE K 40 -16.59 -21.10 55.41
CA ILE K 40 -15.36 -21.56 54.75
C ILE K 40 -15.22 -21.08 53.32
N ALA K 41 -14.00 -20.78 52.92
CA ALA K 41 -13.73 -20.33 51.55
C ALA K 41 -12.45 -20.96 51.00
N GLU K 42 -12.38 -21.06 49.68
CA GLU K 42 -11.21 -21.64 49.03
C GLU K 42 -10.52 -20.53 48.26
N VAL K 43 -9.21 -20.63 48.14
CA VAL K 43 -8.45 -19.63 47.41
C VAL K 43 -8.02 -20.31 46.10
N ARG K 44 -8.25 -19.66 44.96
CA ARG K 44 -7.89 -20.27 43.69
C ARG K 44 -7.44 -19.25 42.65
N PRO K 45 -6.63 -19.67 41.70
CA PRO K 45 -6.17 -18.75 40.66
C PRO K 45 -7.18 -18.59 39.53
N GLN K 46 -7.18 -17.43 38.88
CA GLN K 46 -8.11 -17.19 37.79
C GLN K 46 -7.38 -16.71 36.56
N VAL K 47 -6.07 -16.81 36.59
CA VAL K 47 -5.21 -16.46 35.46
C VAL K 47 -4.04 -17.41 35.60
N ASN K 48 -3.39 -17.70 34.47
CA ASN K 48 -2.27 -18.60 34.50
C ASN K 48 -1.03 -17.85 34.82
N GLY K 49 -0.10 -18.50 35.53
CA GLY K 49 1.14 -17.82 35.87
C GLY K 49 2.00 -18.49 36.91
N ILE K 50 3.03 -17.75 37.31
CA ILE K 50 3.95 -18.23 38.34
C ILE K 50 3.75 -17.48 39.65
N ILE K 51 3.75 -18.19 40.75
CA ILE K 51 3.60 -17.51 42.05
C ILE K 51 4.87 -16.71 42.37
N LEU K 52 4.79 -15.39 42.54
CA LEU K 52 5.99 -14.63 42.90
C LEU K 52 6.10 -14.70 44.41
N LYS K 53 5.10 -14.17 45.10
CA LYS K 53 5.13 -14.16 46.55
C LYS K 53 3.86 -14.72 47.15
N ARG K 54 4.00 -15.30 48.33
CA ARG K 54 2.86 -15.82 49.05
C ARG K 54 2.78 -14.99 50.33
N LEU K 55 2.28 -13.77 50.24
CA LEU K 55 2.18 -12.87 51.38
C LEU K 55 1.21 -13.10 52.54
N PHE K 56 1.33 -14.22 53.24
CA PHE K 56 0.48 -14.48 54.41
C PHE K 56 1.10 -15.60 55.21
N LYS K 57 0.92 -15.53 56.52
CA LYS K 57 1.52 -16.52 57.40
C LYS K 57 0.63 -17.74 57.57
N GLU K 58 1.12 -18.91 57.20
CA GLU K 58 0.30 -20.10 57.37
C GLU K 58 -0.15 -20.14 58.80
N GLY K 59 -1.45 -20.22 59.00
CA GLY K 59 -1.99 -20.25 60.35
C GLY K 59 -2.42 -18.88 60.87
N SER K 60 -2.28 -17.83 60.07
CA SER K 60 -2.65 -16.50 60.55
C SER K 60 -4.12 -16.14 60.34
N ASP K 61 -4.44 -14.87 60.56
CA ASP K 61 -5.79 -14.39 60.37
C ASP K 61 -5.74 -13.41 59.23
N VAL K 62 -6.61 -13.60 58.24
CA VAL K 62 -6.65 -12.70 57.09
C VAL K 62 -8.01 -12.06 57.03
N LYS K 63 -8.07 -10.90 56.39
CA LYS K 63 -9.30 -10.17 56.22
C LYS K 63 -9.77 -10.34 54.79
N ALA K 64 -11.08 -10.53 54.61
CA ALA K 64 -11.58 -10.69 53.26
C ALA K 64 -11.15 -9.46 52.42
N GLY K 65 -10.57 -9.72 51.25
CA GLY K 65 -10.12 -8.64 50.39
C GLY K 65 -8.62 -8.49 50.43
N GLN K 66 -8.00 -9.19 51.38
CA GLN K 66 -6.56 -9.13 51.60
C GLN K 66 -5.79 -9.91 50.55
N GLN K 67 -4.80 -9.30 49.91
CA GLN K 67 -4.01 -10.03 48.92
C GLN K 67 -3.32 -11.20 49.61
N LEU K 68 -3.45 -12.40 49.05
CA LEU K 68 -2.84 -13.56 49.66
C LEU K 68 -1.65 -14.05 48.89
N TYR K 69 -1.68 -13.84 47.57
CA TYR K 69 -0.63 -14.28 46.67
C TYR K 69 -0.43 -13.24 45.64
N GLN K 70 0.65 -13.37 44.89
CA GLN K 70 0.96 -12.43 43.82
C GLN K 70 1.52 -13.23 42.64
N ILE K 71 0.78 -13.29 41.56
CA ILE K 71 1.22 -14.02 40.40
C ILE K 71 2.09 -13.07 39.60
N ASP K 72 3.22 -13.56 39.09
CA ASP K 72 4.11 -12.68 38.32
C ASP K 72 3.28 -11.97 37.25
N PRO K 73 3.13 -10.66 37.36
CA PRO K 73 2.38 -9.78 36.48
C PRO K 73 3.12 -9.16 35.35
N ALA K 74 4.39 -9.50 35.24
CA ALA K 74 5.24 -8.93 34.20
C ALA K 74 4.59 -8.76 32.84
N THR K 75 4.11 -9.86 32.28
CA THR K 75 3.49 -9.83 30.96
C THR K 75 2.08 -9.28 30.92
N TYR K 76 1.28 -9.62 31.93
CA TYR K 76 -0.07 -9.12 32.01
C TYR K 76 -0.02 -7.63 32.04
N GLU K 77 0.84 -7.09 32.91
CA GLU K 77 0.99 -5.65 33.03
C GLU K 77 1.45 -5.11 31.67
N ALA K 78 2.24 -5.92 30.98
CA ALA K 78 2.77 -5.56 29.69
C ALA K 78 1.70 -5.52 28.62
N ASP K 79 0.94 -6.61 28.54
CA ASP K 79 -0.14 -6.69 27.55
C ASP K 79 -1.15 -5.56 27.75
N TYR K 80 -1.46 -5.28 29.00
CA TYR K 80 -2.39 -4.23 29.31
C TYR K 80 -1.92 -2.88 28.82
N GLN K 81 -0.68 -2.52 29.12
CA GLN K 81 -0.18 -1.24 28.68
C GLN K 81 -0.18 -1.26 27.17
N SER K 82 0.10 -2.42 26.60
CA SER K 82 0.14 -2.52 25.16
C SER K 82 -1.24 -2.25 24.59
N ALA K 83 -2.22 -2.96 25.13
CA ALA K 83 -3.60 -2.80 24.73
C ALA K 83 -3.95 -1.32 24.75
N GLN K 84 -3.87 -0.70 25.93
CA GLN K 84 -4.19 0.71 26.05
C GLN K 84 -3.53 1.59 25.00
N ALA K 85 -2.29 1.26 24.64
CA ALA K 85 -1.60 2.07 23.65
C ALA K 85 -2.44 1.99 22.40
N ASN K 86 -2.73 0.76 22.00
CA ASN K 86 -3.53 0.51 20.81
C ASN K 86 -4.85 1.27 20.81
N LEU K 87 -5.62 1.10 21.88
CA LEU K 87 -6.90 1.78 21.98
C LEU K 87 -6.72 3.28 21.78
N ALA K 88 -5.88 3.88 22.60
CA ALA K 88 -5.62 5.32 22.50
C ALA K 88 -5.45 5.70 21.02
N SER K 89 -4.76 4.84 20.28
CA SER K 89 -4.52 5.07 18.87
C SER K 89 -5.80 5.04 18.06
N THR K 90 -6.35 3.82 17.92
CA THR K 90 -7.58 3.58 17.18
C THR K 90 -8.67 4.57 17.57
N GLN K 91 -8.89 4.75 18.86
CA GLN K 91 -9.92 5.69 19.28
C GLN K 91 -9.81 7.02 18.55
N GLU K 92 -8.64 7.64 18.64
CA GLU K 92 -8.42 8.91 17.97
C GLU K 92 -8.78 8.73 16.50
N GLN K 93 -8.13 7.77 15.85
CA GLN K 93 -8.37 7.50 14.44
C GLN K 93 -9.84 7.55 14.10
N ALA K 94 -10.65 6.88 14.92
CA ALA K 94 -12.09 6.84 14.73
C ALA K 94 -12.69 8.21 14.90
N GLN K 95 -12.60 8.78 16.10
CA GLN K 95 -13.14 10.11 16.37
C GLN K 95 -12.85 11.09 15.22
N ARG K 96 -11.70 10.95 14.57
CA ARG K 96 -11.38 11.84 13.48
C ARG K 96 -12.26 11.47 12.30
N TYR K 97 -12.18 10.20 11.88
CA TYR K 97 -12.99 9.73 10.76
C TYR K 97 -14.47 10.01 10.93
N LYS K 98 -14.93 10.10 12.17
CA LYS K 98 -16.35 10.36 12.39
C LYS K 98 -16.74 11.75 11.89
N LEU K 99 -15.76 12.66 11.80
CA LEU K 99 -16.07 14.01 11.33
C LEU K 99 -15.78 14.14 9.85
N LEU K 100 -15.12 13.14 9.27
CA LEU K 100 -14.81 13.19 7.86
C LEU K 100 -15.96 12.69 7.00
N VAL K 101 -16.67 11.68 7.48
CA VAL K 101 -17.83 11.17 6.74
C VAL K 101 -18.85 12.30 6.83
N ALA K 102 -18.86 12.95 7.99
CA ALA K 102 -19.78 14.06 8.22
C ALA K 102 -19.65 15.09 7.09
N ASP K 103 -18.50 15.08 6.42
CA ASP K 103 -18.27 16.01 5.32
C ASP K 103 -17.92 15.28 4.03
N GLN K 104 -18.42 14.07 3.88
CA GLN K 104 -18.17 13.29 2.68
C GLN K 104 -16.68 13.06 2.43
N ALA K 105 -15.84 13.66 3.26
CA ALA K 105 -14.39 13.53 3.12
C ALA K 105 -13.90 12.08 3.14
N VAL K 106 -14.75 11.16 3.59
CA VAL K 106 -14.38 9.75 3.66
C VAL K 106 -15.63 8.87 3.55
N SER K 107 -15.50 7.73 2.86
CA SER K 107 -16.62 6.81 2.68
C SER K 107 -17.15 6.25 3.99
N LYS K 108 -18.42 5.84 3.99
CA LYS K 108 -19.04 5.28 5.18
C LYS K 108 -18.32 3.99 5.52
N GLN K 109 -17.79 3.33 4.50
CA GLN K 109 -17.07 2.07 4.68
C GLN K 109 -15.85 2.30 5.56
N GLN K 110 -15.04 3.28 5.19
CA GLN K 110 -13.85 3.61 5.94
C GLN K 110 -14.19 3.93 7.39
N TYR K 111 -15.12 4.86 7.62
CA TYR K 111 -15.48 5.19 8.99
C TYR K 111 -15.95 3.96 9.72
N ALA K 112 -16.54 3.03 8.98
CA ALA K 112 -17.03 1.80 9.58
C ALA K 112 -15.82 1.02 10.06
N ASP K 113 -14.99 0.61 9.12
CA ASP K 113 -13.78 -0.15 9.44
C ASP K 113 -13.06 0.50 10.63
N ALA K 114 -13.06 1.83 10.66
CA ALA K 114 -12.42 2.55 11.73
C ALA K 114 -13.11 2.21 13.04
N ASN K 115 -14.33 2.69 13.21
CA ASN K 115 -15.06 2.45 14.44
C ASN K 115 -15.05 0.98 14.80
N ALA K 116 -14.80 0.14 13.79
CA ALA K 116 -14.76 -1.29 14.00
C ALA K 116 -13.57 -1.63 14.88
N ALA K 117 -12.39 -1.23 14.42
CA ALA K 117 -11.15 -1.47 15.15
C ALA K 117 -11.22 -0.82 16.52
N TYR K 118 -11.78 0.38 16.57
CA TYR K 118 -11.88 1.07 17.84
C TYR K 118 -12.58 0.22 18.87
N LEU K 119 -13.64 -0.45 18.43
CA LEU K 119 -14.41 -1.30 19.33
C LEU K 119 -13.60 -2.50 19.74
N GLN K 120 -12.94 -3.10 18.75
CA GLN K 120 -12.10 -4.26 19.03
C GLN K 120 -11.10 -3.91 20.13
N SER K 121 -10.45 -2.75 20.00
CA SER K 121 -9.47 -2.29 20.97
C SER K 121 -10.11 -2.19 22.34
N LYS K 122 -11.05 -1.28 22.47
CA LYS K 122 -11.75 -1.08 23.72
C LYS K 122 -12.08 -2.42 24.37
N ALA K 123 -12.39 -3.41 23.53
CA ALA K 123 -12.71 -4.73 24.04
C ALA K 123 -11.45 -5.34 24.68
N ALA K 124 -10.39 -5.44 23.88
CA ALA K 124 -9.11 -5.99 24.30
C ALA K 124 -8.60 -5.41 25.59
N VAL K 125 -8.67 -4.09 25.70
CA VAL K 125 -8.18 -3.42 26.89
C VAL K 125 -8.92 -3.90 28.11
N GLU K 126 -10.22 -4.00 28.01
CA GLU K 126 -11.02 -4.43 29.14
C GLU K 126 -10.64 -5.82 29.58
N GLN K 127 -10.34 -6.67 28.62
CA GLN K 127 -9.98 -8.04 28.94
C GLN K 127 -8.59 -8.07 29.57
N ALA K 128 -7.71 -7.19 29.09
CA ALA K 128 -6.37 -7.10 29.62
C ALA K 128 -6.47 -6.65 31.06
N ARG K 129 -7.25 -5.61 31.29
CA ARG K 129 -7.44 -5.08 32.63
C ARG K 129 -7.84 -6.19 33.59
N ILE K 130 -8.82 -6.98 33.20
CA ILE K 130 -9.31 -8.05 34.07
C ILE K 130 -8.24 -9.07 34.41
N ASN K 131 -7.49 -9.54 33.41
CA ASN K 131 -6.45 -10.51 33.72
C ASN K 131 -5.42 -9.93 34.66
N LEU K 132 -5.02 -8.69 34.43
CA LEU K 132 -4.04 -8.09 35.29
C LEU K 132 -4.53 -8.11 36.71
N ARG K 133 -5.76 -7.65 36.92
CA ARG K 133 -6.37 -7.60 38.23
C ARG K 133 -6.32 -8.93 38.92
N TYR K 134 -6.47 -10.01 38.16
CA TYR K 134 -6.47 -11.31 38.79
C TYR K 134 -5.09 -11.79 39.23
N THR K 135 -4.04 -11.05 38.88
CA THR K 135 -2.71 -11.46 39.28
C THR K 135 -2.55 -11.27 40.77
N LYS K 136 -3.51 -10.61 41.43
CA LYS K 136 -3.43 -10.45 42.87
C LYS K 136 -4.47 -11.33 43.56
N VAL K 137 -4.15 -12.57 43.88
CA VAL K 137 -5.14 -13.39 44.54
C VAL K 137 -5.59 -12.76 45.85
N LEU K 138 -6.88 -12.60 46.10
CA LEU K 138 -7.30 -12.01 47.37
C LEU K 138 -8.12 -12.99 48.16
N SER K 139 -8.22 -12.75 49.46
CA SER K 139 -9.02 -13.62 50.30
C SER K 139 -10.51 -13.34 50.10
N PRO K 140 -11.32 -14.39 49.93
CA PRO K 140 -12.74 -14.15 49.75
C PRO K 140 -13.47 -13.85 51.06
N ILE K 141 -12.97 -14.38 52.17
CA ILE K 141 -13.63 -14.09 53.43
C ILE K 141 -12.62 -13.86 54.53
N SER K 142 -13.05 -13.16 55.58
CA SER K 142 -12.18 -12.92 56.73
C SER K 142 -12.20 -14.23 57.49
N GLY K 143 -11.06 -14.63 58.04
CA GLY K 143 -10.99 -15.89 58.76
C GLY K 143 -9.55 -16.28 58.98
N ARG K 144 -9.35 -17.53 59.40
CA ARG K 144 -8.04 -18.07 59.67
C ARG K 144 -7.56 -18.96 58.52
N ILE K 145 -6.56 -18.47 57.80
CA ILE K 145 -5.99 -19.19 56.68
C ILE K 145 -4.91 -20.10 57.23
N GLY K 146 -4.76 -21.30 56.66
CA GLY K 146 -3.76 -22.25 57.15
C GLY K 146 -2.62 -22.49 56.19
N ARG K 147 -2.17 -23.72 56.10
CA ARG K 147 -1.06 -24.05 55.20
C ARG K 147 -1.34 -23.65 53.75
N SER K 148 -0.39 -23.00 53.08
CA SER K 148 -0.57 -22.69 51.66
C SER K 148 -0.28 -23.99 50.94
N ALA K 149 -1.10 -24.39 49.99
CA ALA K 149 -0.86 -25.67 49.33
C ALA K 149 -0.05 -25.59 48.06
N VAL K 150 0.19 -24.38 47.60
CA VAL K 150 0.99 -24.16 46.40
C VAL K 150 2.24 -23.50 46.96
N THR K 151 3.42 -23.82 46.45
CA THR K 151 4.63 -23.19 46.99
C THR K 151 4.92 -21.96 46.18
N GLU K 152 5.98 -21.26 46.53
CA GLU K 152 6.31 -20.07 45.78
C GLU K 152 6.88 -20.53 44.47
N GLY K 153 6.92 -19.63 43.52
CA GLY K 153 7.47 -19.97 42.22
C GLY K 153 6.77 -21.13 41.56
N ALA K 154 5.68 -21.62 42.14
CA ALA K 154 4.87 -22.71 41.59
C ALA K 154 4.01 -22.21 40.41
N LEU K 155 3.58 -23.15 39.56
CA LEU K 155 2.78 -22.82 38.36
C LEU K 155 1.30 -22.95 38.68
N VAL K 156 0.51 -21.92 38.40
CA VAL K 156 -0.92 -22.00 38.65
C VAL K 156 -1.69 -21.83 37.35
N THR K 157 -2.69 -22.68 37.18
CA THR K 157 -3.51 -22.55 35.98
C THR K 157 -4.95 -22.23 36.28
N ASN K 158 -5.50 -21.29 35.53
CA ASN K 158 -6.90 -20.93 35.71
C ASN K 158 -7.76 -22.17 35.49
N GLY K 159 -8.62 -22.48 36.43
CA GLY K 159 -9.43 -23.65 36.23
C GLY K 159 -8.85 -24.89 36.85
N GLN K 160 -7.63 -24.81 37.37
CA GLN K 160 -7.01 -25.97 37.99
C GLN K 160 -7.86 -26.58 39.08
N ALA K 161 -7.75 -27.88 39.25
CA ALA K 161 -8.51 -28.62 40.25
C ALA K 161 -8.32 -28.16 41.66
N ASN K 162 -7.08 -28.26 42.11
CA ASN K 162 -6.73 -27.92 43.48
C ASN K 162 -6.64 -26.46 43.87
N ALA K 163 -7.10 -26.18 45.09
CA ALA K 163 -7.09 -24.83 45.65
C ALA K 163 -5.72 -24.51 46.25
N MET K 164 -5.37 -23.24 46.22
CA MET K 164 -4.11 -22.78 46.75
C MET K 164 -4.12 -22.79 48.28
N ALA K 165 -5.21 -22.33 48.88
CA ALA K 165 -5.29 -22.29 50.34
C ALA K 165 -6.74 -22.22 50.75
N THR K 166 -7.00 -22.25 52.05
CA THR K 166 -8.37 -22.21 52.58
C THR K 166 -8.55 -21.32 53.80
N VAL K 167 -9.45 -20.34 53.73
CA VAL K 167 -9.68 -19.47 54.87
C VAL K 167 -10.86 -20.07 55.64
N GLN K 168 -10.92 -19.90 56.95
CA GLN K 168 -12.04 -20.42 57.73
C GLN K 168 -12.29 -19.44 58.88
N GLN K 169 -13.56 -19.14 59.13
CA GLN K 169 -13.91 -18.25 60.24
C GLN K 169 -14.14 -19.19 61.42
N LEU K 170 -13.42 -18.97 62.52
CA LEU K 170 -13.58 -19.86 63.65
C LEU K 170 -14.11 -19.15 64.89
N ASP K 171 -14.59 -17.92 64.69
CA ASP K 171 -15.19 -17.10 65.75
C ASP K 171 -16.31 -16.29 65.11
N PRO K 172 -17.57 -16.65 65.41
CA PRO K 172 -18.04 -17.74 66.28
C PRO K 172 -17.76 -19.08 65.65
N ILE K 173 -18.03 -20.16 66.35
CA ILE K 173 -17.82 -21.48 65.79
C ILE K 173 -19.12 -22.25 65.95
N TYR K 174 -19.43 -23.13 64.99
CA TYR K 174 -20.65 -23.89 65.09
C TYR K 174 -20.44 -25.15 65.85
N VAL K 175 -21.55 -25.74 66.29
CA VAL K 175 -21.53 -27.01 66.96
C VAL K 175 -22.75 -27.73 66.41
N ASP K 176 -22.51 -28.65 65.49
CA ASP K 176 -23.57 -29.43 64.87
C ASP K 176 -24.10 -30.45 65.84
N VAL K 177 -25.39 -30.34 66.16
CA VAL K 177 -26.06 -31.25 67.08
C VAL K 177 -27.11 -32.05 66.35
N THR K 178 -27.10 -33.36 66.55
CA THR K 178 -28.06 -34.24 65.89
C THR K 178 -29.01 -34.85 66.92
N GLN K 179 -30.32 -34.65 66.69
CA GLN K 179 -31.36 -35.15 67.57
C GLN K 179 -32.47 -35.81 66.75
N PRO K 180 -33.10 -36.86 67.30
CA PRO K 180 -34.17 -37.52 66.55
C PRO K 180 -35.37 -36.56 66.46
N SER K 181 -35.94 -36.44 65.27
CA SER K 181 -37.08 -35.55 65.01
C SER K 181 -37.91 -35.17 66.22
N THR K 182 -38.49 -36.18 66.87
CA THR K 182 -39.32 -35.96 68.05
C THR K 182 -38.61 -35.10 69.08
N ALA K 183 -37.41 -35.54 69.47
CA ALA K 183 -36.60 -34.83 70.45
C ALA K 183 -36.60 -33.34 70.14
N LEU K 184 -36.28 -33.01 68.90
CA LEU K 184 -36.24 -31.62 68.48
C LEU K 184 -37.58 -30.96 68.74
N LEU K 185 -38.63 -31.67 68.37
CA LEU K 185 -40.00 -31.19 68.54
C LEU K 185 -40.25 -30.88 70.01
N ARG K 186 -39.78 -31.78 70.88
CA ARG K 186 -39.93 -31.62 72.33
C ARG K 186 -39.33 -30.28 72.75
N LEU K 187 -38.04 -30.12 72.48
CA LEU K 187 -37.35 -28.90 72.86
C LEU K 187 -37.98 -27.65 72.29
N ARG K 188 -38.48 -27.74 71.06
CA ARG K 188 -39.10 -26.56 70.47
C ARG K 188 -40.29 -26.14 71.30
N ARG K 189 -40.98 -27.14 71.86
CA ARG K 189 -42.16 -26.88 72.70
C ARG K 189 -41.69 -26.10 73.93
N GLU K 190 -40.81 -26.74 74.69
CA GLU K 190 -40.24 -26.18 75.90
C GLU K 190 -39.77 -24.75 75.70
N LEU K 191 -39.28 -24.44 74.53
CA LEU K 191 -38.83 -23.09 74.28
C LEU K 191 -40.04 -22.17 74.33
N ALA K 192 -41.03 -22.44 73.48
CA ALA K 192 -42.24 -21.62 73.40
C ALA K 192 -42.91 -21.59 74.76
N SER K 193 -42.96 -22.76 75.40
CA SER K 193 -43.56 -22.88 76.74
C SER K 193 -42.91 -21.83 77.64
N GLY K 194 -41.68 -22.10 78.06
CA GLY K 194 -40.95 -21.19 78.93
C GLY K 194 -39.97 -22.02 79.73
N GLN K 195 -40.12 -23.33 79.62
CA GLN K 195 -39.27 -24.29 80.32
C GLN K 195 -37.78 -24.21 79.95
N LEU K 196 -37.45 -23.43 78.92
CA LEU K 196 -36.05 -23.32 78.48
C LEU K 196 -35.55 -21.88 78.48
N GLU K 197 -34.27 -21.70 78.82
CA GLU K 197 -33.70 -20.36 78.86
C GLU K 197 -33.62 -19.73 77.48
N ARG K 198 -34.61 -18.91 77.16
CA ARG K 198 -34.66 -18.27 75.85
C ARG K 198 -33.41 -17.45 75.55
N ALA K 199 -32.68 -17.88 74.53
CA ALA K 199 -31.46 -17.20 74.10
C ALA K 199 -31.84 -16.21 73.01
N GLY K 200 -32.68 -16.65 72.09
CA GLY K 200 -33.14 -15.79 71.01
C GLY K 200 -34.52 -16.18 70.53
N ASP K 201 -35.06 -15.39 69.61
CA ASP K 201 -36.39 -15.63 69.06
C ASP K 201 -36.66 -17.10 68.74
N ASN K 202 -35.60 -17.89 68.58
CA ASN K 202 -35.80 -19.29 68.27
C ASN K 202 -34.72 -20.20 68.81
N ALA K 203 -33.89 -19.65 69.71
CA ALA K 203 -32.80 -20.42 70.30
C ALA K 203 -32.75 -20.27 71.80
N ALA K 204 -32.20 -21.29 72.46
CA ALA K 204 -32.05 -21.30 73.92
C ALA K 204 -30.58 -21.19 74.30
N LYS K 205 -30.30 -20.51 75.43
CA LYS K 205 -28.94 -20.37 75.91
C LYS K 205 -28.40 -21.78 76.15
N VAL K 206 -27.10 -21.99 75.91
CA VAL K 206 -26.49 -23.29 76.11
C VAL K 206 -25.01 -23.18 76.50
N SER K 207 -24.53 -24.20 77.19
CA SER K 207 -23.14 -24.25 77.63
C SER K 207 -22.48 -25.43 76.92
N LEU K 208 -21.15 -25.42 76.89
CA LEU K 208 -20.42 -26.48 76.20
C LEU K 208 -19.44 -27.23 77.09
N LYS K 209 -19.41 -28.55 76.94
CA LYS K 209 -18.51 -29.41 77.71
C LYS K 209 -17.59 -30.16 76.74
N LEU K 210 -16.30 -29.87 76.79
CA LEU K 210 -15.32 -30.48 75.90
C LEU K 210 -15.12 -31.97 76.14
N GLU K 211 -14.43 -32.62 75.21
CA GLU K 211 -14.19 -34.06 75.30
C GLU K 211 -13.39 -34.50 76.51
N ASP K 212 -12.65 -33.58 77.10
CA ASP K 212 -11.84 -33.91 78.26
C ASP K 212 -12.67 -33.70 79.52
N GLY K 213 -13.90 -33.23 79.34
CA GLY K 213 -14.76 -32.98 80.48
C GLY K 213 -14.75 -31.52 80.92
N SER K 214 -13.76 -30.76 80.48
CA SER K 214 -13.70 -29.34 80.85
C SER K 214 -14.96 -28.58 80.46
N GLN K 215 -15.19 -27.46 81.13
CA GLN K 215 -16.37 -26.64 80.88
C GLN K 215 -15.98 -25.37 80.15
N TYR K 216 -16.28 -25.30 78.86
CA TYR K 216 -15.93 -24.11 78.09
C TYR K 216 -16.56 -22.88 78.74
N PRO K 217 -15.74 -21.91 79.15
CA PRO K 217 -16.18 -20.67 79.80
C PRO K 217 -17.36 -19.93 79.16
N LEU K 218 -17.20 -19.47 77.93
CA LEU K 218 -18.27 -18.73 77.27
C LEU K 218 -19.55 -19.54 77.06
N GLU K 219 -20.66 -18.82 76.89
CA GLU K 219 -21.97 -19.43 76.70
C GLU K 219 -22.49 -19.07 75.32
N GLY K 220 -23.26 -19.97 74.72
CA GLY K 220 -23.78 -19.70 73.38
C GLY K 220 -25.22 -20.11 73.06
N ARG K 221 -25.69 -19.64 71.91
CA ARG K 221 -27.04 -19.90 71.38
C ARG K 221 -27.19 -21.27 70.74
N LEU K 222 -28.35 -21.89 70.94
CA LEU K 222 -28.62 -23.15 70.26
C LEU K 222 -29.85 -22.94 69.41
N GLU K 223 -29.65 -22.47 68.18
CA GLU K 223 -30.72 -22.20 67.23
C GLU K 223 -31.48 -23.49 66.92
N PHE K 224 -32.81 -23.38 66.83
CA PHE K 224 -33.63 -24.57 66.59
C PHE K 224 -34.02 -24.82 65.15
N SER K 225 -33.76 -23.86 64.27
CA SER K 225 -34.09 -24.04 62.86
C SER K 225 -33.26 -25.20 62.34
N GLU K 226 -33.92 -26.22 61.80
CA GLU K 226 -33.22 -27.39 61.29
C GLU K 226 -32.32 -27.00 60.13
N VAL K 227 -31.20 -27.69 59.99
CA VAL K 227 -30.27 -27.39 58.91
C VAL K 227 -30.21 -28.54 57.90
N SER K 228 -30.36 -29.76 58.39
CA SER K 228 -30.35 -30.92 57.50
C SER K 228 -31.08 -32.06 58.17
N VAL K 229 -31.58 -32.99 57.36
CA VAL K 229 -32.30 -34.14 57.89
C VAL K 229 -31.84 -35.41 57.20
N ASP K 230 -31.55 -36.43 58.00
CA ASP K 230 -31.13 -37.71 57.45
C ASP K 230 -32.41 -38.47 57.20
N GLU K 231 -33.07 -38.18 56.07
CA GLU K 231 -34.34 -38.84 55.71
C GLU K 231 -34.24 -40.36 55.88
N GLY K 232 -33.00 -40.87 55.93
CA GLY K 232 -32.80 -42.30 56.13
C GLY K 232 -33.14 -42.69 57.55
N THR K 233 -32.46 -42.07 58.52
CA THR K 233 -32.70 -42.36 59.92
C THR K 233 -33.69 -41.36 60.53
N GLY K 234 -34.16 -40.44 59.69
CA GLY K 234 -35.11 -39.44 60.16
C GLY K 234 -34.51 -38.42 61.12
N SER K 235 -33.25 -38.62 61.51
CA SER K 235 -32.56 -37.71 62.43
C SER K 235 -32.47 -36.28 61.92
N VAL K 236 -32.41 -35.33 62.84
CA VAL K 236 -32.34 -33.92 62.46
C VAL K 236 -31.05 -33.32 63.00
N THR K 237 -30.54 -32.31 62.30
CA THR K 237 -29.31 -31.66 62.73
C THR K 237 -29.52 -30.18 62.87
N ILE K 238 -29.22 -29.66 64.05
CA ILE K 238 -29.36 -28.24 64.33
C ILE K 238 -28.00 -27.75 64.80
N ARG K 239 -27.82 -26.43 64.83
CA ARG K 239 -26.55 -25.85 65.22
C ARG K 239 -26.54 -24.90 66.39
N ALA K 240 -25.52 -25.06 67.22
CA ALA K 240 -25.30 -24.19 68.37
C ALA K 240 -24.25 -23.19 67.88
N VAL K 241 -24.23 -22.00 68.44
CA VAL K 241 -23.25 -20.99 68.04
C VAL K 241 -22.51 -20.37 69.20
N PHE K 242 -21.29 -20.85 69.43
CA PHE K 242 -20.45 -20.37 70.53
C PHE K 242 -19.36 -19.36 70.13
N PRO K 243 -19.09 -18.38 71.00
CA PRO K 243 -18.05 -17.38 70.70
C PRO K 243 -16.69 -18.05 70.98
N ASN K 244 -15.72 -17.80 70.11
CA ASN K 244 -14.41 -18.42 70.24
C ASN K 244 -13.36 -17.42 69.87
N PRO K 245 -13.19 -16.37 70.70
CA PRO K 245 -12.23 -15.27 70.53
C PRO K 245 -10.76 -15.60 70.80
N ASN K 246 -10.48 -16.76 71.39
CA ASN K 246 -9.10 -17.11 71.66
C ASN K 246 -8.68 -18.36 70.90
N ASN K 247 -9.54 -18.79 69.99
CA ASN K 247 -9.31 -19.95 69.18
C ASN K 247 -9.16 -21.23 69.98
N GLU K 248 -9.65 -21.21 71.21
CA GLU K 248 -9.56 -22.40 72.05
C GLU K 248 -10.34 -23.52 71.36
N LEU K 249 -11.36 -23.14 70.62
CA LEU K 249 -12.20 -24.13 69.94
C LEU K 249 -11.77 -24.36 68.50
N LEU K 250 -11.64 -25.63 68.13
CA LEU K 250 -11.25 -25.97 66.78
C LEU K 250 -12.19 -27.00 66.19
N PRO K 251 -12.39 -26.97 64.87
CA PRO K 251 -13.27 -27.92 64.19
C PRO K 251 -12.93 -29.37 64.48
N GLY K 252 -13.94 -30.24 64.43
CA GLY K 252 -13.69 -31.65 64.65
C GLY K 252 -13.71 -32.14 66.08
N MET K 253 -13.97 -31.23 67.03
CA MET K 253 -14.01 -31.61 68.44
C MET K 253 -15.34 -32.28 68.76
N PHE K 254 -15.30 -33.45 69.39
CA PHE K 254 -16.53 -34.12 69.79
C PHE K 254 -16.92 -33.47 71.10
N VAL K 255 -18.09 -32.86 71.17
CA VAL K 255 -18.51 -32.19 72.38
C VAL K 255 -19.98 -32.41 72.72
N HIS K 256 -20.40 -31.84 73.84
CA HIS K 256 -21.79 -31.93 74.29
C HIS K 256 -22.32 -30.56 74.64
N ALA K 257 -23.48 -30.23 74.07
CA ALA K 257 -24.11 -28.96 74.36
C ALA K 257 -24.98 -29.25 75.56
N GLN K 258 -24.76 -28.53 76.64
CA GLN K 258 -25.52 -28.73 77.87
C GLN K 258 -26.72 -27.81 77.91
N LEU K 259 -27.91 -28.41 78.00
CA LEU K 259 -29.13 -27.64 78.06
C LEU K 259 -29.86 -27.90 79.35
N GLN K 260 -30.26 -26.79 79.97
CA GLN K 260 -30.98 -26.83 81.21
C GLN K 260 -32.46 -26.60 80.94
N GLU K 261 -33.24 -27.67 81.05
CA GLU K 261 -34.68 -27.60 80.82
C GLU K 261 -35.36 -27.27 82.15
N GLY K 262 -36.20 -26.25 82.14
CA GLY K 262 -36.90 -25.81 83.34
C GLY K 262 -38.12 -26.60 83.78
N VAL K 263 -37.88 -27.78 84.35
CA VAL K 263 -38.93 -28.66 84.85
C VAL K 263 -38.36 -29.56 85.93
N LYS K 264 -39.13 -29.75 87.01
CA LYS K 264 -38.70 -30.60 88.10
C LYS K 264 -38.38 -31.98 87.53
N GLN K 265 -37.12 -32.37 87.62
CA GLN K 265 -36.70 -33.66 87.11
C GLN K 265 -36.55 -34.64 88.27
N LYS K 266 -37.27 -35.75 88.18
CA LYS K 266 -37.22 -36.78 89.22
C LYS K 266 -36.43 -37.99 88.75
N ALA K 267 -35.58 -38.51 89.64
CA ALA K 267 -34.76 -39.67 89.33
C ALA K 267 -34.36 -40.41 90.60
N ILE K 268 -34.15 -41.71 90.48
CA ILE K 268 -33.77 -42.54 91.63
C ILE K 268 -32.33 -42.28 92.05
N LEU K 269 -32.15 -41.85 93.30
CA LEU K 269 -30.83 -41.56 93.84
C LEU K 269 -30.48 -42.57 94.92
N ALA K 270 -30.04 -43.76 94.50
CA ALA K 270 -29.69 -44.84 95.42
C ALA K 270 -28.36 -44.60 96.15
N PRO K 271 -28.39 -44.50 97.49
CA PRO K 271 -27.19 -44.27 98.30
C PRO K 271 -26.11 -45.32 98.02
N GLN K 272 -24.85 -44.87 98.04
CA GLN K 272 -23.72 -45.76 97.78
C GLN K 272 -23.55 -46.81 98.88
N GLN K 273 -24.19 -46.56 100.03
CA GLN K 273 -24.11 -47.48 101.16
C GLN K 273 -24.82 -48.79 100.84
N GLY K 274 -25.31 -48.91 99.60
CA GLY K 274 -26.01 -50.11 99.18
C GLY K 274 -25.70 -50.51 97.74
N VAL K 275 -24.49 -50.21 97.29
CA VAL K 275 -24.06 -50.54 95.94
C VAL K 275 -22.56 -50.88 95.91
N THR K 276 -22.14 -51.66 94.91
CA THR K 276 -20.73 -52.05 94.79
C THR K 276 -20.27 -51.93 93.33
N ARG K 277 -18.95 -51.83 93.13
CA ARG K 277 -18.39 -51.69 91.79
C ARG K 277 -17.35 -52.78 91.51
N ASP K 278 -17.80 -53.91 90.97
CA ASP K 278 -16.90 -55.01 90.65
C ASP K 278 -16.10 -54.70 89.39
N LEU K 279 -14.88 -55.23 89.31
CA LEU K 279 -14.00 -54.99 88.17
C LEU K 279 -13.70 -53.51 88.08
N LYS K 280 -13.91 -52.80 89.19
CA LYS K 280 -13.68 -51.36 89.27
C LYS K 280 -14.41 -50.61 88.17
N GLY K 281 -15.73 -50.86 88.08
CA GLY K 281 -16.53 -50.21 87.07
C GLY K 281 -17.99 -50.65 87.10
N GLN K 282 -18.23 -51.91 86.76
CA GLN K 282 -19.58 -52.47 86.74
C GLN K 282 -20.32 -52.28 88.05
N ALA K 283 -21.54 -51.75 87.98
CA ALA K 283 -22.36 -51.50 89.17
C ALA K 283 -23.38 -52.61 89.39
N THR K 284 -23.33 -53.22 90.57
CA THR K 284 -24.24 -54.28 90.92
C THR K 284 -24.88 -54.02 92.30
N ALA K 285 -26.18 -54.27 92.41
CA ALA K 285 -26.91 -54.04 93.65
C ALA K 285 -27.72 -55.27 94.07
N LEU K 286 -28.16 -55.28 95.32
CA LEU K 286 -28.95 -56.38 95.86
C LEU K 286 -30.25 -55.86 96.47
N VAL K 287 -31.37 -56.24 95.87
CA VAL K 287 -32.68 -55.81 96.34
C VAL K 287 -33.58 -57.02 96.61
N VAL K 288 -34.65 -56.80 97.37
CA VAL K 288 -35.59 -57.86 97.70
C VAL K 288 -36.89 -57.72 96.89
N ASN K 289 -37.19 -58.74 96.09
CA ASN K 289 -38.40 -58.73 95.26
C ASN K 289 -39.67 -58.90 96.10
N ALA K 290 -40.82 -58.86 95.42
CA ALA K 290 -42.11 -59.00 96.08
C ALA K 290 -42.23 -60.35 96.77
N GLN K 291 -41.53 -61.35 96.25
CA GLN K 291 -41.55 -62.69 96.81
C GLN K 291 -40.63 -62.77 98.02
N ASN K 292 -40.39 -61.61 98.64
CA ASN K 292 -39.53 -61.51 99.82
C ASN K 292 -38.17 -62.18 99.62
N LYS K 293 -37.81 -62.40 98.36
CA LYS K 293 -36.54 -63.03 98.02
C LYS K 293 -35.60 -62.00 97.42
N VAL K 294 -34.30 -62.14 97.68
CA VAL K 294 -33.31 -61.21 97.16
C VAL K 294 -32.87 -61.55 95.73
N GLU K 295 -32.83 -60.53 94.88
CA GLU K 295 -32.43 -60.69 93.48
C GLU K 295 -31.13 -59.94 93.21
N LEU K 296 -30.60 -60.10 92.00
CA LEU K 296 -29.36 -59.43 91.62
C LEU K 296 -29.51 -58.70 90.29
N ARG K 297 -29.74 -57.39 90.36
CA ARG K 297 -29.91 -56.58 89.16
C ARG K 297 -28.75 -55.61 88.98
N VAL K 298 -28.30 -55.44 87.72
CA VAL K 298 -27.20 -54.53 87.41
C VAL K 298 -27.72 -53.13 87.11
N ILE K 299 -27.23 -52.15 87.87
CA ILE K 299 -27.65 -50.76 87.70
C ILE K 299 -26.66 -49.95 86.88
N LYS K 300 -27.10 -48.80 86.39
CA LYS K 300 -26.26 -47.92 85.58
C LYS K 300 -26.09 -46.54 86.23
N ALA K 301 -25.54 -46.52 87.43
CA ALA K 301 -25.31 -45.27 88.16
C ALA K 301 -23.95 -44.71 87.77
N ASP K 302 -23.95 -43.45 87.32
CA ASP K 302 -22.71 -42.82 86.90
C ASP K 302 -22.27 -41.63 87.76
N ARG K 303 -23.19 -40.71 88.02
CA ARG K 303 -22.89 -39.52 88.83
C ARG K 303 -22.88 -39.83 90.32
N VAL K 304 -22.50 -38.84 91.12
CA VAL K 304 -22.44 -38.98 92.56
C VAL K 304 -22.90 -37.69 93.26
N ILE K 305 -24.13 -37.69 93.75
CA ILE K 305 -24.69 -36.53 94.43
C ILE K 305 -24.73 -36.73 95.95
N GLY K 306 -23.97 -35.93 96.68
CA GLY K 306 -23.94 -36.04 98.13
C GLY K 306 -23.33 -37.34 98.62
N ASP K 307 -24.18 -38.34 98.84
CA ASP K 307 -23.74 -39.66 99.30
C ASP K 307 -24.49 -40.73 98.53
N LYS K 308 -25.38 -40.29 97.63
CA LYS K 308 -26.17 -41.20 96.81
C LYS K 308 -25.67 -41.20 95.37
N TRP K 309 -26.10 -42.20 94.60
CA TRP K 309 -25.71 -42.32 93.20
C TRP K 309 -26.92 -42.27 92.26
N LEU K 310 -26.83 -41.43 91.25
CA LEU K 310 -27.90 -41.25 90.27
C LEU K 310 -27.99 -42.44 89.31
N VAL K 311 -28.86 -43.39 89.63
CA VAL K 311 -29.05 -44.57 88.79
C VAL K 311 -29.87 -44.21 87.55
N THR K 312 -29.21 -44.21 86.39
CA THR K 312 -29.87 -43.88 85.12
C THR K 312 -30.80 -45.01 84.65
N GLU K 313 -30.37 -46.24 84.87
CA GLU K 313 -31.16 -47.40 84.48
C GLU K 313 -30.73 -48.64 85.26
N GLY K 314 -31.60 -49.09 86.17
CA GLY K 314 -31.30 -50.25 86.97
C GLY K 314 -32.25 -50.41 88.15
N LEU K 315 -32.77 -49.28 88.63
CA LEU K 315 -33.70 -49.27 89.75
C LEU K 315 -34.80 -48.23 89.56
N ASN K 316 -36.04 -48.70 89.47
CA ASN K 316 -37.18 -47.80 89.29
C ASN K 316 -37.72 -47.34 90.64
N ALA K 317 -38.77 -46.52 90.60
CA ALA K 317 -39.38 -45.99 91.82
C ALA K 317 -40.15 -47.06 92.59
N GLY K 318 -39.84 -47.19 93.88
CA GLY K 318 -40.52 -48.17 94.69
C GLY K 318 -39.61 -49.27 95.22
N ASP K 319 -38.72 -49.77 94.36
CA ASP K 319 -37.79 -50.83 94.73
C ASP K 319 -37.18 -50.65 96.11
N LYS K 320 -36.84 -51.77 96.75
CA LYS K 320 -36.24 -51.76 98.08
C LYS K 320 -34.76 -52.13 97.99
N ILE K 321 -33.89 -51.19 98.38
CA ILE K 321 -32.46 -51.39 98.32
C ILE K 321 -31.88 -51.88 99.65
N ILE K 322 -31.25 -53.05 99.62
CA ILE K 322 -30.65 -53.63 100.83
C ILE K 322 -29.34 -52.93 101.19
N THR K 323 -29.35 -52.23 102.33
CA THR K 323 -28.17 -51.51 102.81
C THR K 323 -27.48 -52.25 103.94
N GLU K 324 -28.20 -52.47 105.03
CA GLU K 324 -27.65 -53.16 106.20
C GLU K 324 -28.04 -54.64 106.19
N GLY K 325 -27.18 -55.47 105.60
CA GLY K 325 -27.46 -56.90 105.54
C GLY K 325 -26.68 -57.60 104.45
N LEU K 326 -25.85 -56.84 103.74
CA LEU K 326 -25.04 -57.39 102.66
C LEU K 326 -23.69 -57.90 103.18
N GLN K 327 -23.41 -57.62 104.45
CA GLN K 327 -22.17 -58.04 105.08
C GLN K 327 -22.03 -59.56 105.08
N PHE K 328 -23.14 -60.25 104.80
CA PHE K 328 -23.17 -61.71 104.75
C PHE K 328 -24.50 -62.19 104.19
N VAL K 329 -24.55 -62.40 102.88
CA VAL K 329 -25.77 -62.86 102.22
C VAL K 329 -25.47 -63.51 100.88
N GLN K 330 -26.52 -63.70 100.07
CA GLN K 330 -26.40 -64.30 98.75
C GLN K 330 -27.73 -64.18 97.99
N PRO K 331 -27.65 -64.08 96.66
CA PRO K 331 -28.85 -63.97 95.81
C PRO K 331 -29.65 -65.27 95.68
N GLY K 332 -30.90 -65.22 96.11
CA GLY K 332 -31.75 -66.41 96.03
C GLY K 332 -32.35 -66.81 97.37
N VAL K 333 -32.19 -65.97 98.37
CA VAL K 333 -32.73 -66.26 99.70
C VAL K 333 -33.75 -65.21 100.14
N GLU K 334 -34.58 -65.56 101.11
CA GLU K 334 -35.60 -64.64 101.62
C GLU K 334 -35.13 -63.98 102.92
N VAL K 335 -35.77 -62.87 103.28
CA VAL K 335 -35.40 -62.15 104.50
C VAL K 335 -36.51 -61.21 104.98
N LYS K 336 -36.24 -60.52 106.08
CA LYS K 336 -37.20 -59.57 106.67
C LYS K 336 -36.85 -58.14 106.28
N THR K 337 -37.88 -57.30 106.15
CA THR K 337 -37.68 -55.91 105.77
C THR K 337 -37.82 -54.96 106.96
N VAL K 338 -36.68 -54.51 107.48
CA VAL K 338 -36.65 -53.59 108.62
C VAL K 338 -36.01 -52.27 108.20
N PRO K 339 -36.82 -51.20 108.07
CA PRO K 339 -36.34 -49.87 107.67
C PRO K 339 -35.05 -49.45 108.39
N PRO L 13 -76.15 -82.84 74.94
CA PRO L 13 -75.41 -81.86 74.12
C PRO L 13 -75.48 -80.45 74.70
N GLU L 14 -74.31 -79.88 75.00
CA GLU L 14 -74.23 -78.54 75.56
C GLU L 14 -73.13 -77.72 74.87
N VAL L 15 -73.31 -76.40 74.85
CA VAL L 15 -72.34 -75.50 74.23
C VAL L 15 -72.13 -74.26 75.08
N GLY L 16 -71.17 -73.42 74.68
CA GLY L 16 -70.90 -72.20 75.42
C GLY L 16 -71.31 -70.97 74.63
N ILE L 17 -72.59 -70.60 74.74
CA ILE L 17 -73.14 -69.46 74.03
C ILE L 17 -72.90 -68.12 74.73
N VAL L 18 -72.91 -67.05 73.95
CA VAL L 18 -72.71 -65.70 74.48
C VAL L 18 -73.86 -64.82 74.03
N THR L 19 -74.46 -64.10 74.98
CA THR L 19 -75.59 -63.22 74.68
C THR L 19 -75.16 -61.97 73.93
N LEU L 20 -75.59 -61.87 72.68
CA LEU L 20 -75.26 -60.73 71.83
C LEU L 20 -76.09 -59.52 72.25
N GLU L 21 -75.42 -58.39 72.48
CA GLU L 21 -76.09 -57.16 72.89
C GLU L 21 -75.57 -55.94 72.14
N ALA L 22 -76.46 -55.00 71.85
CA ALA L 22 -76.11 -53.79 71.12
C ALA L 22 -75.15 -52.90 71.91
N GLN L 23 -74.02 -52.58 71.27
CA GLN L 23 -73.00 -51.73 71.89
C GLN L 23 -72.79 -50.48 71.04
N THR L 24 -72.20 -49.44 71.62
CA THR L 24 -71.95 -48.20 70.89
C THR L 24 -70.45 -48.13 70.57
N VAL L 25 -70.10 -48.38 69.30
CA VAL L 25 -68.71 -48.35 68.88
C VAL L 25 -68.38 -47.24 67.88
N THR L 26 -67.22 -46.60 68.07
CA THR L 26 -66.75 -45.55 67.17
C THR L 26 -65.83 -46.19 66.13
N LEU L 27 -66.01 -45.82 64.87
CA LEU L 27 -65.21 -46.37 63.78
C LEU L 27 -64.04 -45.48 63.35
N ASN L 28 -62.83 -45.84 63.77
CA ASN L 28 -61.63 -45.08 63.44
C ASN L 28 -60.51 -46.01 62.96
N THR L 29 -59.82 -45.61 61.88
CA THR L 29 -58.74 -46.41 61.32
C THR L 29 -57.41 -45.65 61.31
N GLU L 30 -56.31 -46.35 61.57
CA GLU L 30 -54.99 -45.75 61.57
C GLU L 30 -54.13 -46.21 60.40
N LEU L 31 -53.75 -45.27 59.56
CA LEU L 31 -52.93 -45.54 58.40
C LEU L 31 -51.48 -45.12 58.60
N PRO L 32 -50.56 -46.09 58.78
CA PRO L 32 -49.15 -45.77 58.97
C PRO L 32 -48.51 -45.21 57.71
N GLY L 33 -47.50 -44.35 57.89
CA GLY L 33 -46.83 -43.76 56.75
C GLY L 33 -45.64 -42.90 57.11
N ARG L 34 -44.93 -42.43 56.09
CA ARG L 34 -43.77 -41.59 56.31
C ARG L 34 -43.98 -40.21 55.70
N THR L 35 -43.39 -39.20 56.33
CA THR L 35 -43.52 -37.85 55.84
C THR L 35 -42.56 -37.67 54.67
N ASN L 36 -42.91 -36.78 53.76
CA ASN L 36 -42.07 -36.53 52.60
C ASN L 36 -42.19 -35.11 52.10
N ALA L 37 -41.10 -34.56 51.59
CA ALA L 37 -41.15 -33.22 51.09
C ALA L 37 -42.26 -33.08 50.05
N PHE L 38 -42.92 -31.94 50.07
CA PHE L 38 -43.98 -31.66 49.12
C PHE L 38 -43.40 -31.55 47.72
N ARG L 39 -42.23 -30.93 47.58
CA ARG L 39 -41.58 -30.77 46.28
C ARG L 39 -40.06 -30.59 46.51
N ILE L 40 -39.24 -31.14 45.62
CA ILE L 40 -37.79 -31.02 45.77
C ILE L 40 -37.10 -30.53 44.52
N ALA L 41 -36.07 -29.72 44.69
CA ALA L 41 -35.31 -29.22 43.56
C ALA L 41 -33.82 -29.19 43.89
N GLU L 42 -32.99 -29.21 42.86
CA GLU L 42 -31.55 -29.18 43.04
C GLU L 42 -31.00 -27.88 42.48
N VAL L 43 -29.93 -27.37 43.09
CA VAL L 43 -29.31 -26.13 42.60
C VAL L 43 -28.01 -26.53 41.91
N ARG L 44 -27.83 -26.09 40.65
CA ARG L 44 -26.65 -26.45 39.87
C ARG L 44 -26.12 -25.36 38.99
N PRO L 45 -24.82 -25.37 38.72
CA PRO L 45 -24.28 -24.32 37.86
C PRO L 45 -24.47 -24.63 36.37
N GLN L 46 -24.56 -23.59 35.56
CA GLN L 46 -24.73 -23.81 34.14
C GLN L 46 -23.70 -23.06 33.33
N VAL L 47 -22.69 -22.55 34.01
CA VAL L 47 -21.57 -21.86 33.41
C VAL L 47 -20.40 -22.20 34.31
N ASN L 48 -19.19 -22.11 33.78
CA ASN L 48 -18.03 -22.43 34.58
C ASN L 48 -17.58 -21.18 35.28
N GLY L 49 -17.03 -21.35 36.48
CA GLY L 49 -16.56 -20.19 37.21
C GLY L 49 -16.21 -20.39 38.68
N ILE L 50 -15.94 -19.28 39.34
CA ILE L 50 -15.62 -19.31 40.75
C ILE L 50 -16.77 -18.70 41.56
N ILE L 51 -17.14 -19.36 42.64
CA ILE L 51 -18.20 -18.83 43.49
C ILE L 51 -17.72 -17.55 44.18
N LEU L 52 -18.35 -16.41 43.94
CA LEU L 52 -17.95 -15.19 44.65
C LEU L 52 -18.66 -15.19 45.98
N LYS L 53 -19.98 -15.16 45.95
CA LYS L 53 -20.74 -15.15 47.18
C LYS L 53 -21.82 -16.21 47.19
N ARG L 54 -22.15 -16.67 48.40
CA ARG L 54 -23.20 -17.65 48.59
C ARG L 54 -24.27 -16.96 49.42
N LEU L 55 -25.09 -16.11 48.78
CA LEU L 55 -26.10 -15.34 49.48
C LEU L 55 -27.37 -15.97 50.07
N PHE L 56 -27.24 -16.98 50.91
CA PHE L 56 -28.41 -17.58 51.55
C PHE L 56 -27.96 -18.28 52.82
N LYS L 57 -28.84 -18.29 53.83
CA LYS L 57 -28.49 -18.91 55.10
C LYS L 57 -28.78 -20.39 55.10
N GLU L 58 -27.78 -21.21 55.35
CA GLU L 58 -28.04 -22.65 55.35
C GLU L 58 -29.18 -22.93 56.31
N GLY L 59 -30.21 -23.61 55.83
CA GLY L 59 -31.36 -23.91 56.66
C GLY L 59 -32.45 -22.86 56.57
N SER L 60 -32.30 -21.84 55.73
CA SER L 60 -33.34 -20.83 55.65
C SER L 60 -34.47 -21.18 54.67
N ASP L 61 -35.31 -20.18 54.37
CA ASP L 61 -36.41 -20.35 53.45
C ASP L 61 -36.12 -19.44 52.29
N VAL L 62 -36.10 -20.00 51.08
CA VAL L 62 -35.85 -19.20 49.87
C VAL L 62 -37.07 -19.25 48.97
N LYS L 63 -37.23 -18.21 48.17
CA LYS L 63 -38.33 -18.12 47.25
C LYS L 63 -37.85 -18.51 45.85
N ALA L 64 -38.69 -19.22 45.09
CA ALA L 64 -38.28 -19.58 43.75
C ALA L 64 -37.94 -18.31 42.98
N GLY L 65 -36.76 -18.29 42.34
CA GLY L 65 -36.31 -17.14 41.58
C GLY L 65 -35.29 -16.29 42.33
N GLN L 66 -35.10 -16.66 43.60
CA GLN L 66 -34.16 -15.95 44.48
C GLN L 66 -32.71 -16.29 44.16
N GLN L 67 -31.87 -15.28 44.01
CA GLN L 67 -30.46 -15.56 43.73
C GLN L 67 -29.85 -16.32 44.92
N LEU L 68 -29.26 -17.48 44.66
CA LEU L 68 -28.67 -18.24 45.76
C LEU L 68 -27.15 -18.13 45.82
N TYR L 69 -26.53 -17.97 44.65
CA TYR L 69 -25.09 -17.86 44.51
C TYR L 69 -24.77 -16.81 43.49
N GLN L 70 -23.50 -16.43 43.43
CA GLN L 70 -23.03 -15.45 42.45
C GLN L 70 -21.67 -15.90 41.95
N ILE L 71 -21.61 -16.30 40.70
CA ILE L 71 -20.38 -16.75 40.10
C ILE L 71 -19.68 -15.52 39.61
N ASP L 72 -18.37 -15.43 39.85
CA ASP L 72 -17.61 -14.26 39.41
C ASP L 72 -17.90 -14.02 37.94
N PRO L 73 -18.57 -12.90 37.64
CA PRO L 73 -18.97 -12.46 36.30
C PRO L 73 -18.02 -11.63 35.46
N ALA L 74 -16.80 -11.35 35.91
CA ALA L 74 -15.85 -10.51 35.16
C ALA L 74 -15.67 -10.74 33.65
N THR L 75 -15.33 -11.95 33.25
CA THR L 75 -15.10 -12.26 31.84
C THR L 75 -16.40 -12.42 31.04
N TYR L 76 -17.41 -13.03 31.67
CA TYR L 76 -18.71 -13.22 31.00
C TYR L 76 -19.27 -11.84 30.67
N GLU L 77 -19.26 -10.96 31.65
CA GLU L 77 -19.72 -9.62 31.41
C GLU L 77 -18.85 -9.00 30.31
N ALA L 78 -17.58 -9.36 30.28
CA ALA L 78 -16.65 -8.82 29.28
C ALA L 78 -16.94 -9.37 27.88
N ASP L 79 -17.07 -10.70 27.78
CA ASP L 79 -17.36 -11.30 26.49
C ASP L 79 -18.67 -10.77 25.93
N TYR L 80 -19.64 -10.58 26.81
CA TYR L 80 -20.92 -10.07 26.38
C TYR L 80 -20.82 -8.69 25.78
N GLN L 81 -20.14 -7.79 26.48
CA GLN L 81 -20.01 -6.43 25.98
C GLN L 81 -19.26 -6.50 24.69
N SER L 82 -18.30 -7.41 24.64
CA SER L 82 -17.49 -7.57 23.43
C SER L 82 -18.40 -7.99 22.27
N ALA L 83 -19.15 -9.06 22.49
CA ALA L 83 -20.07 -9.57 21.48
C ALA L 83 -20.92 -8.43 20.95
N GLN L 84 -21.63 -7.76 21.86
CA GLN L 84 -22.50 -6.68 21.46
C GLN L 84 -21.82 -5.64 20.59
N ALA L 85 -20.56 -5.36 20.89
CA ALA L 85 -19.82 -4.37 20.11
C ALA L 85 -19.78 -4.87 18.68
N ASN L 86 -19.37 -6.12 18.53
CA ASN L 86 -19.27 -6.77 17.24
C ASN L 86 -20.60 -6.70 16.46
N LEU L 87 -21.67 -7.18 17.08
CA LEU L 87 -22.99 -7.15 16.45
C LEU L 87 -23.32 -5.74 15.97
N ALA L 88 -23.30 -4.79 16.90
CA ALA L 88 -23.60 -3.40 16.54
C ALA L 88 -22.86 -3.06 15.25
N SER L 89 -21.63 -3.55 15.14
CA SER L 89 -20.81 -3.29 13.97
C SER L 89 -21.37 -3.96 12.71
N THR L 90 -21.27 -5.29 12.67
CA THR L 90 -21.75 -6.09 11.54
C THR L 90 -23.17 -5.69 11.14
N GLN L 91 -24.07 -5.54 12.12
CA GLN L 91 -25.44 -5.18 11.79
C GLN L 91 -25.48 -3.97 10.86
N GLU L 92 -24.86 -2.90 11.28
CA GLU L 92 -24.84 -1.69 10.47
C GLU L 92 -24.30 -2.06 9.09
N GLN L 93 -23.11 -2.66 9.07
CA GLN L 93 -22.47 -3.08 7.82
C GLN L 93 -23.48 -3.74 6.89
N ALA L 94 -24.24 -4.68 7.43
CA ALA L 94 -25.25 -5.39 6.65
C ALA L 94 -26.32 -4.42 6.17
N GLN L 95 -27.07 -3.84 7.09
CA GLN L 95 -28.12 -2.89 6.73
C GLN L 95 -27.70 -1.95 5.60
N ARG L 96 -26.44 -1.54 5.59
CA ARG L 96 -25.97 -0.65 4.53
C ARG L 96 -25.90 -1.45 3.23
N TYR L 97 -25.16 -2.55 3.24
CA TYR L 97 -25.03 -3.40 2.05
C TYR L 97 -26.39 -3.83 1.47
N LYS L 98 -27.41 -3.88 2.31
CA LYS L 98 -28.72 -4.30 1.84
C LYS L 98 -29.31 -3.27 0.89
N LEU L 99 -28.83 -2.04 0.99
CA LEU L 99 -29.34 -1.00 0.11
C LEU L 99 -28.41 -0.81 -1.09
N LEU L 100 -27.23 -1.41 -1.03
CA LEU L 100 -26.28 -1.29 -2.13
C LEU L 100 -26.56 -2.30 -3.23
N VAL L 101 -26.96 -3.51 -2.87
CA VAL L 101 -27.30 -4.51 -3.87
C VAL L 101 -28.55 -3.99 -4.54
N ALA L 102 -29.40 -3.36 -3.75
CA ALA L 102 -30.65 -2.78 -4.23
C ALA L 102 -30.37 -1.87 -5.42
N ASP L 103 -29.15 -1.35 -5.50
CA ASP L 103 -28.77 -0.47 -6.60
C ASP L 103 -27.56 -1.01 -7.36
N GLN L 104 -27.41 -2.33 -7.36
CA GLN L 104 -26.29 -2.97 -8.07
C GLN L 104 -24.93 -2.50 -7.59
N ALA L 105 -24.93 -1.56 -6.64
CA ALA L 105 -23.69 -1.00 -6.10
C ALA L 105 -22.77 -2.06 -5.49
N VAL L 106 -23.34 -3.23 -5.22
CA VAL L 106 -22.54 -4.31 -4.64
C VAL L 106 -23.13 -5.67 -5.01
N SER L 107 -22.24 -6.64 -5.23
CA SER L 107 -22.67 -7.99 -5.64
C SER L 107 -23.52 -8.68 -4.60
N LYS L 108 -24.37 -9.59 -5.04
CA LYS L 108 -25.22 -10.34 -4.13
C LYS L 108 -24.33 -11.14 -3.20
N GLN L 109 -23.16 -11.53 -3.69
CA GLN L 109 -22.22 -12.31 -2.90
C GLN L 109 -21.81 -11.50 -1.67
N GLN L 110 -21.37 -10.28 -1.89
CA GLN L 110 -20.95 -9.41 -0.82
C GLN L 110 -22.07 -9.23 0.20
N TYR L 111 -23.25 -8.83 -0.25
CA TYR L 111 -24.35 -8.64 0.68
C TYR L 111 -24.63 -9.92 1.44
N ALA L 112 -24.37 -11.05 0.81
CA ALA L 112 -24.60 -12.34 1.44
C ALA L 112 -23.59 -12.47 2.57
N ASP L 113 -22.31 -12.46 2.23
CA ASP L 113 -21.26 -12.56 3.23
C ASP L 113 -21.56 -11.62 4.39
N ALA L 114 -22.05 -10.42 4.06
CA ALA L 114 -22.37 -9.43 5.07
C ALA L 114 -23.44 -9.97 6.00
N ASN L 115 -24.66 -10.11 5.48
CA ASN L 115 -25.76 -10.61 6.28
C ASN L 115 -25.38 -11.92 6.98
N ALA L 116 -24.38 -12.60 6.43
CA ALA L 116 -23.90 -13.85 7.02
C ALA L 116 -23.29 -13.56 8.38
N ALA L 117 -22.29 -12.67 8.38
CA ALA L 117 -21.60 -12.29 9.61
C ALA L 117 -22.59 -11.70 10.59
N TYR L 118 -23.49 -10.87 10.09
CA TYR L 118 -24.49 -10.25 10.95
C TYR L 118 -25.24 -11.29 11.76
N LEU L 119 -25.61 -12.39 11.11
CA LEU L 119 -26.32 -13.45 11.78
C LEU L 119 -25.43 -14.12 12.81
N GLN L 120 -24.19 -14.40 12.41
CA GLN L 120 -23.25 -15.04 13.32
C GLN L 120 -23.15 -14.21 14.61
N SER L 121 -23.00 -12.89 14.46
CA SER L 121 -22.91 -11.99 15.61
C SER L 121 -24.13 -12.15 16.48
N LYS L 122 -25.28 -11.78 15.92
CA LYS L 122 -26.54 -11.85 16.65
C LYS L 122 -26.60 -13.16 17.43
N ALA L 123 -26.08 -14.22 16.83
CA ALA L 123 -26.05 -15.52 17.47
C ALA L 123 -25.18 -15.45 18.72
N ALA L 124 -23.91 -15.09 18.52
CA ALA L 124 -22.93 -14.98 19.59
C ALA L 124 -23.39 -14.14 20.77
N VAL L 125 -24.00 -12.99 20.50
CA VAL L 125 -24.47 -12.14 21.55
C VAL L 125 -25.45 -12.89 22.42
N GLU L 126 -26.43 -13.55 21.78
CA GLU L 126 -27.45 -14.28 22.51
C GLU L 126 -26.84 -15.31 23.41
N GLN L 127 -25.80 -15.96 22.92
CA GLN L 127 -25.14 -16.98 23.71
C GLN L 127 -24.38 -16.35 24.86
N ALA L 128 -23.82 -15.18 24.61
CA ALA L 128 -23.07 -14.47 25.64
C ALA L 128 -24.07 -14.08 26.73
N ARG L 129 -25.19 -13.49 26.31
CA ARG L 129 -26.21 -13.05 27.24
C ARG L 129 -26.61 -14.18 28.18
N ILE L 130 -26.85 -15.35 27.62
CA ILE L 130 -27.25 -16.48 28.43
C ILE L 130 -26.20 -16.87 29.45
N ASN L 131 -24.94 -16.97 29.04
CA ASN L 131 -23.90 -17.33 30.01
C ASN L 131 -23.81 -16.31 31.12
N LEU L 132 -23.89 -15.04 30.77
CA LEU L 132 -23.82 -14.01 31.78
C LEU L 132 -24.94 -14.18 32.80
N ARG L 133 -26.14 -14.43 32.30
CA ARG L 133 -27.30 -14.59 33.15
C ARG L 133 -27.10 -15.72 34.13
N TYR L 134 -26.43 -16.77 33.70
CA TYR L 134 -26.22 -17.88 34.59
C TYR L 134 -25.22 -17.64 35.70
N THR L 135 -24.51 -16.51 35.67
CA THR L 135 -23.54 -16.23 36.71
C THR L 135 -24.31 -15.96 37.99
N LYS L 136 -25.62 -15.80 37.87
CA LYS L 136 -26.49 -15.59 39.03
C LYS L 136 -27.32 -16.85 39.24
N VAL L 137 -26.80 -17.82 40.00
CA VAL L 137 -27.53 -19.04 40.24
C VAL L 137 -28.83 -18.76 40.98
N LEU L 138 -29.96 -19.25 40.47
CA LEU L 138 -31.24 -18.99 41.15
C LEU L 138 -31.90 -20.25 41.67
N SER L 139 -32.70 -20.09 42.74
CA SER L 139 -33.44 -21.20 43.33
C SER L 139 -34.57 -21.60 42.37
N PRO L 140 -34.65 -22.87 42.01
CA PRO L 140 -35.72 -23.25 41.09
C PRO L 140 -37.12 -23.29 41.68
N ILE L 141 -37.23 -23.49 42.99
CA ILE L 141 -38.55 -23.56 43.60
C ILE L 141 -38.54 -22.97 45.01
N SER L 142 -39.60 -22.30 45.42
CA SER L 142 -39.69 -21.81 46.80
C SER L 142 -39.68 -23.06 47.67
N GLY L 143 -38.92 -23.03 48.75
CA GLY L 143 -38.84 -24.18 49.63
C GLY L 143 -37.82 -23.89 50.70
N ARG L 144 -37.44 -24.93 51.44
CA ARG L 144 -36.45 -24.81 52.50
C ARG L 144 -35.15 -25.27 51.87
N ILE L 145 -34.06 -24.54 52.13
CA ILE L 145 -32.76 -24.92 51.58
C ILE L 145 -31.85 -25.23 52.76
N GLY L 146 -30.96 -26.21 52.60
CA GLY L 146 -30.06 -26.61 53.67
C GLY L 146 -28.61 -26.20 53.55
N ARG L 147 -27.71 -27.12 53.88
CA ARG L 147 -26.29 -26.83 53.81
C ARG L 147 -25.90 -26.65 52.36
N SER L 148 -24.89 -25.83 52.09
CA SER L 148 -24.40 -25.64 50.75
C SER L 148 -23.23 -26.62 50.53
N ALA L 149 -23.26 -27.39 49.46
CA ALA L 149 -22.21 -28.37 49.21
C ALA L 149 -20.98 -27.67 48.69
N VAL L 150 -21.20 -26.73 47.77
CA VAL L 150 -20.14 -25.94 47.20
C VAL L 150 -19.81 -24.95 48.29
N THR L 151 -18.66 -24.30 48.21
CA THR L 151 -18.26 -23.33 49.22
C THR L 151 -17.74 -22.06 48.56
N GLU L 152 -17.99 -20.92 49.19
CA GLU L 152 -17.54 -19.66 48.63
C GLU L 152 -16.17 -19.84 48.06
N GLY L 153 -15.93 -19.14 46.95
CA GLY L 153 -14.63 -19.21 46.31
C GLY L 153 -14.30 -20.47 45.53
N ALA L 154 -15.10 -21.52 45.70
CA ALA L 154 -14.88 -22.78 45.02
C ALA L 154 -15.03 -22.64 43.53
N LEU L 155 -14.73 -23.71 42.81
CA LEU L 155 -14.83 -23.70 41.35
C LEU L 155 -15.97 -24.61 40.95
N VAL L 156 -16.86 -24.13 40.10
CA VAL L 156 -17.96 -24.96 39.63
C VAL L 156 -17.90 -25.01 38.13
N THR L 157 -18.09 -26.19 37.59
CA THR L 157 -18.08 -26.27 36.14
C THR L 157 -19.47 -26.67 35.72
N ASN L 158 -19.91 -26.06 34.63
CA ASN L 158 -21.20 -26.37 34.08
C ASN L 158 -21.27 -27.83 33.67
N GLY L 159 -22.22 -28.56 34.25
CA GLY L 159 -22.36 -29.97 33.95
C GLY L 159 -21.85 -30.87 35.06
N GLN L 160 -21.15 -30.30 36.03
CA GLN L 160 -20.63 -31.10 37.12
C GLN L 160 -21.69 -32.00 37.75
N ALA L 161 -21.26 -33.19 38.14
CA ALA L 161 -22.12 -34.20 38.74
C ALA L 161 -22.91 -33.75 39.93
N ASN L 162 -22.22 -33.38 40.99
CA ASN L 162 -22.87 -32.97 42.22
C ASN L 162 -23.55 -31.59 42.25
N ALA L 163 -24.67 -31.52 42.97
CA ALA L 163 -25.41 -30.27 43.06
C ALA L 163 -24.83 -29.40 44.19
N MET L 164 -24.99 -28.09 44.07
CA MET L 164 -24.47 -27.18 45.05
C MET L 164 -25.32 -27.16 46.33
N ALA L 165 -26.63 -27.23 46.16
CA ALA L 165 -27.55 -27.20 47.30
C ALA L 165 -28.88 -27.85 46.92
N THR L 166 -29.75 -28.05 47.90
CA THR L 166 -31.06 -28.65 47.64
C THR L 166 -32.23 -27.96 48.34
N VAL L 167 -33.20 -27.50 47.57
CA VAL L 167 -34.37 -26.84 48.14
C VAL L 167 -35.53 -27.83 48.29
N GLN L 168 -36.12 -27.93 49.48
CA GLN L 168 -37.24 -28.85 49.70
C GLN L 168 -38.42 -28.10 50.27
N GLN L 169 -39.55 -28.10 49.56
CA GLN L 169 -40.78 -27.46 50.03
C GLN L 169 -41.28 -28.41 51.14
N LEU L 170 -41.56 -27.88 52.33
CA LEU L 170 -41.98 -28.74 53.42
C LEU L 170 -43.32 -28.32 53.99
N ASP L 171 -43.81 -27.18 53.55
CA ASP L 171 -45.12 -26.71 53.96
C ASP L 171 -45.88 -26.40 52.70
N PRO L 172 -46.91 -27.21 52.38
CA PRO L 172 -47.40 -28.37 53.12
C PRO L 172 -46.46 -29.54 53.02
N ILE L 173 -46.76 -30.61 53.72
CA ILE L 173 -45.91 -31.78 53.69
C ILE L 173 -46.72 -33.05 53.44
N TYR L 174 -46.17 -33.97 52.66
CA TYR L 174 -46.86 -35.20 52.35
C TYR L 174 -46.64 -36.25 53.42
N VAL L 175 -47.57 -37.19 53.47
CA VAL L 175 -47.45 -38.32 54.37
C VAL L 175 -47.88 -39.46 53.45
N ASP L 176 -46.90 -40.23 53.00
CA ASP L 176 -47.15 -41.36 52.12
C ASP L 176 -47.68 -42.54 52.92
N VAL L 177 -48.90 -42.96 52.60
CA VAL L 177 -49.55 -44.07 53.29
C VAL L 177 -49.75 -45.23 52.33
N THR L 178 -49.50 -46.45 52.81
CA THR L 178 -49.64 -47.64 52.00
C THR L 178 -50.66 -48.63 52.54
N GLN L 179 -51.64 -48.95 51.69
CA GLN L 179 -52.71 -49.89 52.02
C GLN L 179 -52.87 -50.92 50.90
N PRO L 180 -53.48 -52.07 51.21
CA PRO L 180 -53.68 -53.11 50.19
C PRO L 180 -54.76 -52.62 49.24
N SER L 181 -54.52 -52.76 47.94
CA SER L 181 -55.45 -52.31 46.90
C SER L 181 -56.92 -52.42 47.29
N THR L 182 -57.29 -53.52 47.95
CA THR L 182 -58.66 -53.74 48.38
C THR L 182 -59.11 -52.68 49.38
N ALA L 183 -58.34 -52.54 50.46
CA ALA L 183 -58.62 -51.59 51.52
C ALA L 183 -58.85 -50.18 50.98
N LEU L 184 -58.09 -49.81 49.95
CA LEU L 184 -58.23 -48.48 49.37
C LEU L 184 -59.58 -48.34 48.71
N LEU L 185 -60.03 -49.41 48.06
CA LEU L 185 -61.31 -49.41 47.39
C LEU L 185 -62.41 -49.23 48.45
N ARG L 186 -62.27 -49.94 49.55
CA ARG L 186 -63.21 -49.84 50.65
C ARG L 186 -63.42 -48.38 51.04
N LEU L 187 -62.32 -47.73 51.42
CA LEU L 187 -62.33 -46.33 51.83
C LEU L 187 -62.89 -45.45 50.73
N ARG L 188 -62.57 -45.78 49.49
CA ARG L 188 -63.07 -44.99 48.38
C ARG L 188 -64.60 -45.05 48.37
N ARG L 189 -65.14 -46.18 48.81
CA ARG L 189 -66.59 -46.34 48.86
C ARG L 189 -67.10 -45.55 50.05
N GLU L 190 -66.57 -45.83 51.24
CA GLU L 190 -66.96 -45.15 52.46
C GLU L 190 -67.04 -43.64 52.24
N LEU L 191 -66.26 -43.14 51.28
CA LEU L 191 -66.27 -41.72 51.00
C LEU L 191 -67.48 -41.40 50.13
N ALA L 192 -67.64 -42.16 49.05
CA ALA L 192 -68.75 -41.97 48.12
C ALA L 192 -70.08 -41.93 48.85
N SER L 193 -70.25 -42.84 49.81
CA SER L 193 -71.48 -42.87 50.59
C SER L 193 -71.50 -41.66 51.52
N GLY L 194 -70.87 -41.80 52.68
CA GLY L 194 -70.83 -40.70 53.63
C GLY L 194 -70.12 -41.05 54.92
N GLN L 195 -69.84 -42.34 55.11
CA GLN L 195 -69.18 -42.82 56.31
C GLN L 195 -67.90 -42.06 56.62
N LEU L 196 -67.40 -41.29 55.67
CA LEU L 196 -66.16 -40.51 55.84
C LEU L 196 -66.34 -39.00 55.68
N GLU L 197 -65.56 -38.24 56.46
CA GLU L 197 -65.62 -36.79 56.42
C GLU L 197 -65.02 -36.22 55.14
N ARG L 198 -65.85 -36.04 54.12
CA ARG L 198 -65.37 -35.53 52.85
C ARG L 198 -64.52 -34.26 53.06
N ALA L 199 -63.26 -34.36 52.70
CA ALA L 199 -62.34 -33.24 52.84
C ALA L 199 -62.27 -32.46 51.53
N GLY L 200 -62.39 -33.18 50.41
CA GLY L 200 -62.35 -32.52 49.12
C GLY L 200 -63.00 -33.40 48.06
N ASP L 201 -63.08 -32.90 46.83
CA ASP L 201 -63.70 -33.65 45.74
C ASP L 201 -63.34 -35.13 45.73
N ASN L 202 -62.18 -35.47 46.29
CA ASN L 202 -61.78 -36.87 46.34
C ASN L 202 -60.93 -37.24 47.56
N ALA L 203 -60.95 -36.40 48.57
CA ALA L 203 -60.17 -36.67 49.77
C ALA L 203 -61.01 -36.56 51.02
N ALA L 204 -60.57 -37.26 52.07
CA ALA L 204 -61.25 -37.26 53.36
C ALA L 204 -60.41 -36.48 54.38
N LYS L 205 -61.05 -35.90 55.38
CA LYS L 205 -60.34 -35.17 56.42
C LYS L 205 -59.60 -36.18 57.28
N VAL L 206 -58.42 -35.81 57.77
CA VAL L 206 -57.61 -36.72 58.58
C VAL L 206 -56.74 -36.01 59.60
N SER L 207 -56.44 -36.70 60.69
CA SER L 207 -55.58 -36.16 61.73
C SER L 207 -54.31 -37.00 61.73
N LEU L 208 -53.22 -36.44 62.26
CA LEU L 208 -51.95 -37.14 62.27
C LEU L 208 -51.44 -37.40 63.68
N LYS L 209 -50.95 -38.61 63.92
CA LYS L 209 -50.43 -38.98 65.23
C LYS L 209 -48.92 -39.25 65.09
N LEU L 210 -48.11 -38.36 65.64
CA LEU L 210 -46.66 -38.49 65.58
C LEU L 210 -46.12 -39.78 66.14
N GLU L 211 -44.84 -40.04 65.88
CA GLU L 211 -44.18 -41.26 66.34
C GLU L 211 -44.13 -41.38 67.85
N ASP L 212 -43.91 -40.27 68.54
CA ASP L 212 -43.84 -40.30 70.00
C ASP L 212 -45.21 -40.67 70.55
N GLY L 213 -46.25 -40.30 69.81
CA GLY L 213 -47.61 -40.61 70.23
C GLY L 213 -48.46 -39.36 70.29
N SER L 214 -47.82 -38.20 70.31
CA SER L 214 -48.53 -36.94 70.39
C SER L 214 -49.44 -36.72 69.18
N GLN L 215 -50.50 -35.95 69.40
CA GLN L 215 -51.44 -35.65 68.34
C GLN L 215 -50.99 -34.37 67.64
N TYR L 216 -50.79 -34.43 66.34
CA TYR L 216 -50.36 -33.24 65.63
C TYR L 216 -51.48 -32.22 65.60
N PRO L 217 -51.22 -31.04 66.18
CA PRO L 217 -52.18 -29.94 66.25
C PRO L 217 -53.02 -29.62 65.02
N LEU L 218 -52.50 -29.84 63.82
CA LEU L 218 -53.30 -29.51 62.65
C LEU L 218 -53.92 -30.71 61.96
N GLU L 219 -54.83 -30.42 61.03
CA GLU L 219 -55.53 -31.47 60.31
C GLU L 219 -55.32 -31.35 58.81
N GLY L 220 -55.19 -32.49 58.15
CA GLY L 220 -54.98 -32.48 56.71
C GLY L 220 -55.89 -33.38 55.87
N ARG L 221 -55.78 -33.24 54.55
CA ARG L 221 -56.56 -33.99 53.58
C ARG L 221 -55.86 -35.25 53.12
N LEU L 222 -56.59 -36.34 53.04
CA LEU L 222 -56.04 -37.60 52.55
C LEU L 222 -56.61 -37.86 51.16
N GLU L 223 -55.89 -37.43 50.14
CA GLU L 223 -56.29 -37.63 48.76
C GLU L 223 -56.28 -39.13 48.46
N PHE L 224 -57.33 -39.62 47.80
CA PHE L 224 -57.43 -41.05 47.49
C PHE L 224 -56.83 -41.47 46.17
N SER L 225 -56.45 -40.49 45.35
CA SER L 225 -55.86 -40.78 44.06
C SER L 225 -54.58 -41.60 44.27
N GLU L 226 -54.48 -42.76 43.61
CA GLU L 226 -53.30 -43.60 43.79
C GLU L 226 -52.10 -42.91 43.17
N VAL L 227 -50.95 -43.06 43.81
CA VAL L 227 -49.73 -42.42 43.33
C VAL L 227 -48.74 -43.49 42.88
N SER L 228 -48.86 -44.68 43.45
CA SER L 228 -47.96 -45.76 43.10
C SER L 228 -48.48 -47.10 43.58
N VAL L 229 -48.24 -48.13 42.79
CA VAL L 229 -48.67 -49.49 43.13
C VAL L 229 -47.47 -50.42 43.06
N ASP L 230 -47.41 -51.36 43.98
CA ASP L 230 -46.32 -52.33 43.99
C ASP L 230 -46.88 -53.59 43.34
N GLU L 231 -46.82 -53.66 42.01
CA GLU L 231 -47.32 -54.81 41.29
C GLU L 231 -46.96 -56.12 41.98
N GLY L 232 -45.86 -56.10 42.73
CA GLY L 232 -45.43 -57.28 43.44
C GLY L 232 -46.38 -57.57 44.59
N THR L 233 -46.26 -56.81 45.67
CA THR L 233 -47.12 -56.99 46.84
C THR L 233 -48.56 -56.57 46.53
N GLY L 234 -48.75 -55.89 45.42
CA GLY L 234 -50.07 -55.43 45.04
C GLY L 234 -50.57 -54.27 45.88
N SER L 235 -49.71 -53.77 46.77
CA SER L 235 -50.07 -52.66 47.64
C SER L 235 -50.13 -51.33 46.91
N VAL L 236 -50.90 -50.40 47.45
CA VAL L 236 -51.03 -49.08 46.84
C VAL L 236 -50.52 -48.02 47.80
N THR L 237 -50.06 -46.91 47.25
CA THR L 237 -49.55 -45.83 48.07
C THR L 237 -50.27 -44.53 47.74
N ILE L 238 -50.91 -43.96 48.75
CA ILE L 238 -51.62 -42.70 48.58
C ILE L 238 -50.98 -41.66 49.47
N ARG L 239 -51.31 -40.40 49.23
CA ARG L 239 -50.74 -39.30 49.99
C ARG L 239 -51.69 -38.42 50.77
N ALA L 240 -51.27 -38.08 51.99
CA ALA L 240 -52.04 -37.19 52.85
C ALA L 240 -51.27 -35.88 52.82
N VAL L 241 -51.98 -34.77 52.88
CA VAL L 241 -51.34 -33.46 52.86
C VAL L 241 -51.64 -32.64 54.11
N PHE L 242 -50.66 -32.50 54.98
CA PHE L 242 -50.81 -31.72 56.20
C PHE L 242 -50.09 -30.38 56.13
N PRO L 243 -50.58 -29.38 56.87
CA PRO L 243 -49.95 -28.05 56.89
C PRO L 243 -48.76 -28.12 57.85
N ASN L 244 -47.66 -27.46 57.48
CA ASN L 244 -46.46 -27.49 58.31
C ASN L 244 -45.83 -26.12 58.38
N PRO L 245 -46.58 -25.11 58.84
CA PRO L 245 -46.10 -23.73 58.94
C PRO L 245 -45.01 -23.44 59.98
N ASN L 246 -44.77 -24.33 60.92
CA ASN L 246 -43.74 -24.06 61.90
C ASN L 246 -42.65 -25.11 61.77
N ASN L 247 -42.64 -25.76 60.62
CA ASN L 247 -41.68 -26.79 60.33
C ASN L 247 -41.55 -27.86 61.40
N GLU L 248 -42.61 -28.07 62.17
CA GLU L 248 -42.59 -29.11 63.19
C GLU L 248 -42.42 -30.48 62.55
N LEU L 249 -42.90 -30.63 61.32
CA LEU L 249 -42.81 -31.90 60.63
C LEU L 249 -41.67 -31.93 59.63
N LEU L 250 -40.88 -33.00 59.69
CA LEU L 250 -39.74 -33.16 58.80
C LEU L 250 -39.80 -34.50 58.11
N PRO L 251 -39.25 -34.58 56.89
CA PRO L 251 -39.21 -35.80 56.07
C PRO L 251 -38.64 -36.97 56.84
N GLY L 252 -39.17 -38.16 56.60
CA GLY L 252 -38.64 -39.32 57.27
C GLY L 252 -39.37 -39.77 58.51
N MET L 253 -40.14 -38.88 59.11
CA MET L 253 -40.88 -39.25 60.31
C MET L 253 -41.84 -40.42 60.05
N PHE L 254 -41.88 -41.37 60.99
CA PHE L 254 -42.79 -42.50 60.88
C PHE L 254 -44.04 -42.04 61.63
N VAL L 255 -45.17 -41.92 60.92
CA VAL L 255 -46.40 -41.47 61.55
C VAL L 255 -47.62 -42.31 61.18
N HIS L 256 -48.78 -41.91 61.70
CA HIS L 256 -50.02 -42.62 61.42
C HIS L 256 -51.13 -41.62 61.13
N ALA L 257 -51.81 -41.82 60.01
CA ALA L 257 -52.91 -40.95 59.65
C ALA L 257 -54.11 -41.59 60.29
N GLN L 258 -54.96 -40.78 60.93
CA GLN L 258 -56.13 -41.32 61.60
C GLN L 258 -57.38 -40.92 60.85
N LEU L 259 -58.17 -41.92 60.48
CA LEU L 259 -59.40 -41.69 59.72
C LEU L 259 -60.65 -41.93 60.54
N GLN L 260 -61.56 -40.95 60.51
CA GLN L 260 -62.83 -41.05 61.23
C GLN L 260 -63.87 -41.66 60.29
N GLU L 261 -64.27 -42.89 60.58
CA GLU L 261 -65.24 -43.60 59.74
C GLU L 261 -66.66 -43.55 60.33
N GLY L 262 -66.95 -42.47 61.06
CA GLY L 262 -68.27 -42.31 61.64
C GLY L 262 -68.52 -43.16 62.88
N VAL L 263 -69.64 -42.92 63.54
CA VAL L 263 -70.01 -43.67 64.75
C VAL L 263 -71.25 -44.53 64.49
N LYS L 264 -71.20 -45.78 64.92
CA LYS L 264 -72.31 -46.72 64.74
C LYS L 264 -73.27 -46.61 65.96
N GLN L 265 -74.55 -46.32 65.72
CA GLN L 265 -75.54 -46.19 66.80
C GLN L 265 -75.41 -47.33 67.81
N LYS L 266 -75.81 -48.52 67.38
CA LYS L 266 -75.73 -49.73 68.21
C LYS L 266 -75.77 -50.95 67.30
N ALA L 267 -74.70 -51.72 67.31
CA ALA L 267 -74.62 -52.92 66.49
C ALA L 267 -74.07 -54.10 67.30
N ILE L 268 -74.09 -55.28 66.68
CA ILE L 268 -73.60 -56.48 67.34
C ILE L 268 -72.15 -56.79 66.98
N LEU L 269 -71.34 -57.04 68.01
CA LEU L 269 -69.93 -57.36 67.82
C LEU L 269 -69.66 -58.80 68.20
N ALA L 270 -69.94 -59.72 67.27
CA ALA L 270 -69.76 -61.15 67.51
C ALA L 270 -68.28 -61.57 67.44
N PRO L 271 -67.74 -62.11 68.54
CA PRO L 271 -66.35 -62.56 68.62
C PRO L 271 -65.98 -63.57 67.53
N GLN L 272 -64.76 -63.47 67.02
CA GLN L 272 -64.26 -64.36 65.97
C GLN L 272 -64.16 -65.80 66.47
N GLN L 273 -64.11 -65.97 67.79
CA GLN L 273 -64.02 -67.29 68.39
C GLN L 273 -65.33 -68.07 68.19
N GLY L 274 -66.25 -67.47 67.44
CA GLY L 274 -67.53 -68.11 67.16
C GLY L 274 -68.04 -67.87 65.75
N VAL L 275 -67.12 -67.61 64.83
CA VAL L 275 -67.46 -67.37 63.43
C VAL L 275 -66.44 -68.05 62.51
N THR L 276 -66.88 -68.38 61.29
CA THR L 276 -66.00 -69.03 60.32
C THR L 276 -66.16 -68.41 58.94
N ARG L 277 -65.14 -68.56 58.09
CA ARG L 277 -65.18 -68.01 56.75
C ARG L 277 -64.93 -69.08 55.69
N ASP L 278 -66.02 -69.68 55.20
CA ASP L 278 -65.92 -70.73 54.19
C ASP L 278 -65.64 -70.10 52.82
N LEU L 279 -64.94 -70.83 51.95
CA LEU L 279 -64.60 -70.32 50.63
C LEU L 279 -63.67 -69.12 50.79
N LYS L 280 -63.11 -68.97 52.00
CA LYS L 280 -62.23 -67.85 52.31
C LYS L 280 -62.93 -66.54 52.01
N GLY L 281 -64.13 -66.38 52.58
CA GLY L 281 -64.91 -65.17 52.36
C GLY L 281 -66.25 -65.18 53.06
N GLN L 282 -67.17 -66.01 52.58
CA GLN L 282 -68.51 -66.11 53.16
C GLN L 282 -68.47 -66.36 54.67
N ALA L 283 -69.21 -65.54 55.41
CA ALA L 283 -69.27 -65.65 56.87
C ALA L 283 -70.51 -66.41 57.33
N THR L 284 -70.30 -67.47 58.10
CA THR L 284 -71.38 -68.28 58.62
C THR L 284 -71.22 -68.50 60.13
N ALA L 285 -72.33 -68.42 60.85
CA ALA L 285 -72.32 -68.60 62.30
C ALA L 285 -73.34 -69.63 62.76
N LEU L 286 -73.20 -70.10 64.00
CA LEU L 286 -74.10 -71.08 64.58
C LEU L 286 -74.68 -70.56 65.90
N VAL L 287 -75.99 -70.35 65.92
CA VAL L 287 -76.67 -69.83 67.11
C VAL L 287 -77.84 -70.74 67.53
N VAL L 288 -78.27 -70.60 68.77
CA VAL L 288 -79.39 -71.40 69.30
C VAL L 288 -80.64 -70.53 69.48
N ASN L 289 -81.72 -70.91 68.79
CA ASN L 289 -82.98 -70.18 68.85
C ASN L 289 -83.71 -70.34 70.19
N ALA L 290 -84.87 -69.70 70.30
CA ALA L 290 -85.69 -69.76 71.52
C ALA L 290 -86.15 -71.18 71.79
N GLN L 291 -86.27 -71.98 70.73
CA GLN L 291 -86.70 -73.36 70.84
C GLN L 291 -85.52 -74.25 71.23
N ASN L 292 -84.54 -73.64 71.90
CA ASN L 292 -83.33 -74.35 72.35
C ASN L 292 -82.69 -75.18 71.23
N LYS L 293 -83.03 -74.86 69.99
CA LYS L 293 -82.50 -75.57 68.83
C LYS L 293 -81.51 -74.68 68.08
N VAL L 294 -80.46 -75.29 67.54
CA VAL L 294 -79.44 -74.55 66.80
C VAL L 294 -79.82 -74.34 65.35
N GLU L 295 -79.49 -73.15 64.83
CA GLU L 295 -79.78 -72.80 63.44
C GLU L 295 -78.49 -72.38 62.72
N LEU L 296 -78.60 -72.11 61.43
CA LEU L 296 -77.45 -71.70 60.63
C LEU L 296 -77.78 -70.43 59.83
N ARG L 297 -77.36 -69.28 60.36
CA ARG L 297 -77.61 -68.01 59.68
C ARG L 297 -76.32 -67.42 59.13
N VAL L 298 -76.41 -66.86 57.92
CA VAL L 298 -75.25 -66.26 57.26
C VAL L 298 -75.11 -64.79 57.65
N ILE L 299 -74.00 -64.45 58.29
CA ILE L 299 -73.75 -63.07 58.72
C ILE L 299 -72.90 -62.29 57.73
N LYS L 300 -72.94 -60.97 57.85
CA LYS L 300 -72.18 -60.09 56.96
C LYS L 300 -71.20 -59.23 57.77
N ALA L 301 -70.24 -59.88 58.40
CA ALA L 301 -69.23 -59.19 59.21
C ALA L 301 -68.01 -58.88 58.34
N ASP L 302 -67.66 -57.60 58.24
CA ASP L 302 -66.52 -57.19 57.42
C ASP L 302 -65.34 -56.66 58.25
N ARG L 303 -65.60 -55.73 59.15
CA ARG L 303 -64.55 -55.14 60.00
C ARG L 303 -64.06 -56.10 61.08
N VAL L 304 -63.08 -55.65 61.87
CA VAL L 304 -62.52 -56.45 62.95
C VAL L 304 -62.08 -55.54 64.10
N ILE L 305 -62.86 -55.54 65.17
CA ILE L 305 -62.56 -54.71 66.34
C ILE L 305 -62.07 -55.55 67.53
N GLY L 306 -60.80 -55.37 67.89
CA GLY L 306 -60.23 -56.10 69.01
C GLY L 306 -60.12 -57.59 68.71
N ASP L 307 -61.13 -58.34 69.12
CA ASP L 307 -61.15 -59.79 68.89
C ASP L 307 -62.53 -60.18 68.36
N LYS L 308 -63.41 -59.19 68.24
CA LYS L 308 -64.76 -59.41 67.75
C LYS L 308 -64.95 -58.86 66.32
N TRP L 309 -66.01 -59.29 65.65
CA TRP L 309 -66.30 -58.86 64.30
C TRP L 309 -67.64 -58.11 64.24
N LEU L 310 -67.62 -56.94 63.62
CA LEU L 310 -68.82 -56.12 63.49
C LEU L 310 -69.77 -56.68 62.44
N VAL L 311 -70.77 -57.45 62.88
CA VAL L 311 -71.75 -58.04 61.97
C VAL L 311 -72.74 -56.97 61.52
N THR L 312 -72.70 -56.63 60.23
CA THR L 312 -73.58 -55.62 59.65
C THR L 312 -75.00 -56.16 59.47
N GLU L 313 -75.11 -57.43 59.10
CA GLU L 313 -76.39 -58.07 58.89
C GLU L 313 -76.26 -59.60 58.93
N GLY L 314 -76.81 -60.19 59.98
CA GLY L 314 -76.74 -61.64 60.13
C GLY L 314 -77.15 -62.10 61.53
N LEU L 315 -76.92 -61.24 62.51
CA LEU L 315 -77.26 -61.54 63.90
C LEU L 315 -77.80 -60.29 64.60
N ASN L 316 -79.03 -60.36 65.08
CA ASN L 316 -79.65 -59.22 65.75
C ASN L 316 -79.34 -59.22 67.25
N ALA L 317 -79.84 -58.21 67.95
CA ALA L 317 -79.61 -58.07 69.39
C ALA L 317 -80.36 -59.12 70.20
N GLY L 318 -79.62 -59.86 71.01
CA GLY L 318 -80.22 -60.90 71.82
C GLY L 318 -79.73 -62.31 71.51
N ASP L 319 -79.63 -62.64 70.23
CA ASP L 319 -79.19 -63.95 69.78
C ASP L 319 -78.03 -64.51 70.61
N LYS L 320 -77.96 -65.84 70.68
CA LYS L 320 -76.92 -66.52 71.43
C LYS L 320 -75.93 -67.18 70.46
N ILE L 321 -74.68 -66.75 70.52
CA ILE L 321 -73.65 -67.29 69.64
C ILE L 321 -72.84 -68.40 70.31
N ILE L 322 -72.83 -69.58 69.69
CA ILE L 322 -72.11 -70.73 70.22
C ILE L 322 -70.61 -70.59 69.97
N THR L 323 -69.85 -70.44 71.05
CA THR L 323 -68.40 -70.29 70.95
C THR L 323 -67.67 -71.58 71.33
N GLU L 324 -67.88 -72.03 72.56
CA GLU L 324 -67.25 -73.25 73.06
C GLU L 324 -68.18 -74.45 72.95
N GLY L 325 -68.09 -75.16 71.82
CA GLY L 325 -68.94 -76.32 71.60
C GLY L 325 -69.14 -76.66 70.15
N LEU L 326 -68.68 -75.78 69.26
CA LEU L 326 -68.81 -75.99 67.82
C LEU L 326 -67.79 -77.01 67.34
N GLN L 327 -66.93 -77.47 68.25
CA GLN L 327 -65.90 -78.44 67.93
C GLN L 327 -66.51 -79.75 67.45
N PHE L 328 -67.80 -79.94 67.74
CA PHE L 328 -68.52 -81.14 67.35
C PHE L 328 -70.04 -80.93 67.54
N VAL L 329 -70.71 -80.54 66.47
CA VAL L 329 -72.16 -80.30 66.52
C VAL L 329 -72.77 -80.30 65.12
N GLN L 330 -74.00 -79.80 65.03
CA GLN L 330 -74.73 -79.75 63.76
C GLN L 330 -76.03 -78.95 63.94
N PRO L 331 -76.49 -78.27 62.88
CA PRO L 331 -77.73 -77.47 62.91
C PRO L 331 -79.00 -78.32 62.86
N GLY L 332 -79.98 -77.96 63.69
CA GLY L 332 -81.22 -78.70 63.73
C GLY L 332 -81.36 -79.54 64.98
N VAL L 333 -80.42 -79.38 65.91
CA VAL L 333 -80.42 -80.14 67.16
C VAL L 333 -80.52 -79.18 68.35
N GLU L 334 -80.95 -79.71 69.49
CA GLU L 334 -81.09 -78.91 70.71
C GLU L 334 -79.87 -79.08 71.61
N VAL L 335 -79.67 -78.16 72.54
CA VAL L 335 -78.54 -78.23 73.46
C VAL L 335 -78.75 -77.38 74.71
N LYS L 336 -77.74 -77.39 75.59
CA LYS L 336 -77.79 -76.63 76.83
C LYS L 336 -76.99 -75.32 76.71
N THR L 337 -77.42 -74.30 77.43
CA THR L 337 -76.75 -73.00 77.40
C THR L 337 -75.89 -72.75 78.65
N VAL L 338 -74.58 -72.92 78.50
CA VAL L 338 -73.64 -72.70 79.60
C VAL L 338 -72.68 -71.57 79.24
N PRO L 339 -72.86 -70.39 79.86
CA PRO L 339 -72.01 -69.22 79.61
C PRO L 339 -70.51 -69.55 79.51
N PRO M 13 -78.35 -100.34 66.52
CA PRO M 13 -77.93 -98.98 66.09
C PRO M 13 -78.48 -98.62 64.71
N GLU M 14 -79.26 -97.54 64.65
CA GLU M 14 -79.84 -97.08 63.39
C GLU M 14 -79.71 -95.57 63.24
N VAL M 15 -79.65 -95.11 61.99
CA VAL M 15 -79.52 -93.68 61.70
C VAL M 15 -80.44 -93.27 60.54
N GLY M 16 -80.55 -91.97 60.32
CA GLY M 16 -81.39 -91.47 59.25
C GLY M 16 -80.57 -90.93 58.09
N ILE M 17 -80.08 -91.84 57.26
CA ILE M 17 -79.25 -91.46 56.10
C ILE M 17 -80.11 -90.91 54.97
N VAL M 18 -79.50 -90.07 54.15
CA VAL M 18 -80.18 -89.46 53.01
C VAL M 18 -79.41 -89.80 51.73
N THR M 19 -80.13 -90.25 50.71
CA THR M 19 -79.53 -90.61 49.43
C THR M 19 -79.16 -89.38 48.62
N LEU M 20 -77.86 -89.14 48.48
CA LEU M 20 -77.36 -87.99 47.73
C LEU M 20 -77.53 -88.22 46.23
N GLU M 21 -78.11 -87.22 45.55
CA GLU M 21 -78.33 -87.32 44.11
C GLU M 21 -77.96 -86.02 43.40
N ALA M 22 -77.48 -86.14 42.17
CA ALA M 22 -77.09 -84.98 41.38
C ALA M 22 -78.31 -84.11 41.03
N GLN M 23 -78.26 -82.84 41.44
CA GLN M 23 -79.35 -81.92 41.19
C GLN M 23 -78.93 -80.79 40.23
N THR M 24 -79.92 -80.17 39.61
CA THR M 24 -79.69 -79.07 38.67
C THR M 24 -79.57 -77.73 39.38
N VAL M 25 -78.55 -76.96 39.01
CA VAL M 25 -78.29 -75.64 39.60
C VAL M 25 -77.66 -74.72 38.52
N THR M 26 -77.90 -73.41 38.61
CA THR M 26 -77.35 -72.43 37.64
C THR M 26 -76.33 -71.52 38.33
N LEU M 27 -75.05 -71.69 37.99
CA LEU M 27 -73.98 -70.88 38.59
C LEU M 27 -73.04 -70.29 37.55
N ASN M 28 -72.21 -69.34 38.01
CA ASN M 28 -71.25 -68.67 37.15
C ASN M 28 -69.87 -69.30 37.27
N THR M 29 -69.13 -69.28 36.17
CA THR M 29 -67.79 -69.82 36.16
C THR M 29 -66.86 -68.71 36.63
N GLU M 30 -65.96 -69.09 37.51
CA GLU M 30 -65.03 -68.14 38.05
C GLU M 30 -63.63 -68.35 37.55
N LEU M 31 -63.21 -67.47 36.65
CA LEU M 31 -61.87 -67.55 36.10
C LEU M 31 -60.98 -66.59 36.89
N PRO M 32 -60.04 -67.14 37.69
CA PRO M 32 -59.14 -66.32 38.49
C PRO M 32 -58.09 -65.59 37.64
N GLY M 33 -57.67 -64.43 38.10
CA GLY M 33 -56.68 -63.67 37.36
C GLY M 33 -56.22 -62.40 38.07
N ARG M 34 -55.24 -61.73 37.47
CA ARG M 34 -54.70 -60.50 38.04
C ARG M 34 -54.85 -59.35 37.07
N THR M 35 -55.05 -58.15 37.61
CA THR M 35 -55.19 -56.95 36.80
C THR M 35 -53.82 -56.45 36.35
N ASN M 36 -53.73 -55.96 35.12
CA ASN M 36 -52.47 -55.45 34.60
C ASN M 36 -52.70 -54.23 33.74
N ALA M 37 -51.68 -53.39 33.64
CA ALA M 37 -51.78 -52.19 32.85
C ALA M 37 -52.07 -52.54 31.40
N PHE M 38 -52.96 -51.79 30.78
CA PHE M 38 -53.33 -52.02 29.40
C PHE M 38 -52.11 -51.74 28.60
N ARG M 39 -51.50 -50.65 28.99
CA ARG M 39 -50.36 -50.21 28.26
C ARG M 39 -49.43 -49.45 29.16
N ILE M 40 -48.13 -49.63 28.96
CA ILE M 40 -47.14 -48.94 29.76
C ILE M 40 -46.09 -48.23 28.92
N ALA M 41 -45.70 -47.04 29.36
CA ALA M 41 -44.68 -46.28 28.65
C ALA M 41 -43.73 -45.62 29.65
N GLU M 42 -42.51 -45.35 29.19
CA GLU M 42 -41.50 -44.72 30.03
C GLU M 42 -41.22 -43.32 29.49
N VAL M 43 -40.87 -42.40 30.38
CA VAL M 43 -40.57 -41.04 29.97
C VAL M 43 -39.07 -40.86 30.09
N ARG M 44 -38.41 -40.45 29.00
CA ARG M 44 -36.96 -40.30 29.00
C ARG M 44 -36.46 -39.11 28.21
N PRO M 45 -35.33 -38.54 28.63
CA PRO M 45 -34.79 -37.38 27.92
C PRO M 45 -34.06 -37.79 26.66
N GLN M 46 -34.03 -36.91 25.68
CA GLN M 46 -33.33 -37.20 24.44
C GLN M 46 -32.37 -36.10 24.05
N VAL M 47 -32.06 -35.23 25.01
CA VAL M 47 -31.10 -34.15 24.85
C VAL M 47 -30.57 -33.98 26.24
N ASN M 48 -29.38 -33.41 26.37
CA ASN M 48 -28.83 -33.21 27.70
C ASN M 48 -29.32 -31.88 28.23
N GLY M 49 -29.45 -31.76 29.54
CA GLY M 49 -29.88 -30.48 30.08
C GLY M 49 -30.33 -30.48 31.53
N ILE M 50 -30.84 -29.33 31.95
CA ILE M 50 -31.33 -29.19 33.30
C ILE M 50 -32.85 -29.10 33.27
N ILE M 51 -33.51 -29.78 34.21
CA ILE M 51 -34.95 -29.73 34.27
C ILE M 51 -35.39 -28.34 34.78
N LEU M 52 -36.15 -27.58 34.00
CA LEU M 52 -36.62 -26.30 34.49
C LEU M 52 -37.89 -26.56 35.27
N LYS M 53 -38.89 -27.10 34.59
CA LYS M 53 -40.16 -27.38 35.23
C LYS M 53 -40.63 -28.79 35.00
N ARG M 54 -41.38 -29.32 35.97
CA ARG M 54 -41.95 -30.65 35.86
C ARG M 54 -43.46 -30.42 35.89
N LEU M 55 -44.03 -30.03 34.76
CA LEU M 55 -45.45 -29.72 34.69
C LEU M 55 -46.52 -30.81 34.72
N PHE M 56 -46.53 -31.63 35.74
CA PHE M 56 -47.57 -32.65 35.87
C PHE M 56 -47.69 -33.08 37.32
N LYS M 57 -48.90 -33.40 37.75
CA LYS M 57 -49.11 -33.80 39.13
C LYS M 57 -48.82 -35.27 39.33
N GLU M 58 -47.90 -35.61 40.21
CA GLU M 58 -47.60 -37.01 40.45
C GLU M 58 -48.92 -37.69 40.81
N GLY M 59 -49.25 -38.75 40.08
CA GLY M 59 -50.49 -39.45 40.33
C GLY M 59 -51.65 -38.97 39.48
N SER M 60 -51.42 -38.02 38.58
CA SER M 60 -52.51 -37.52 37.75
C SER M 60 -52.73 -38.33 36.47
N ASP M 61 -53.57 -37.78 35.58
CA ASP M 61 -53.85 -38.41 34.31
C ASP M 61 -53.31 -37.52 33.22
N VAL M 62 -52.47 -38.07 32.36
CA VAL M 62 -51.91 -37.28 31.26
C VAL M 62 -52.36 -37.84 29.93
N LYS M 63 -52.38 -36.99 28.93
CA LYS M 63 -52.77 -37.39 27.58
C LYS M 63 -51.51 -37.56 26.75
N ALA M 64 -51.47 -38.56 25.89
CA ALA M 64 -50.30 -38.75 25.05
C ALA M 64 -50.06 -37.45 24.27
N GLY M 65 -48.80 -37.00 24.25
CA GLY M 65 -48.46 -35.78 23.55
C GLY M 65 -48.38 -34.56 24.47
N GLN M 66 -48.77 -34.77 25.72
CA GLN M 66 -48.79 -33.72 26.73
C GLN M 66 -47.39 -33.46 27.24
N GLN M 67 -46.98 -32.18 27.29
CA GLN M 67 -45.65 -31.87 27.80
C GLN M 67 -45.59 -32.26 29.29
N LEU M 68 -44.59 -33.06 29.65
CA LEU M 68 -44.45 -33.48 31.04
C LEU M 68 -43.33 -32.75 31.76
N TYR M 69 -42.31 -32.37 31.01
CA TYR M 69 -41.14 -31.69 31.56
C TYR M 69 -40.71 -30.61 30.61
N GLN M 70 -39.82 -29.76 31.08
CA GLN M 70 -39.27 -28.69 30.24
C GLN M 70 -37.81 -28.57 30.57
N ILE M 71 -36.95 -28.93 29.62
CA ILE M 71 -35.54 -28.85 29.85
C ILE M 71 -35.13 -27.45 29.47
N ASP M 72 -34.27 -26.84 30.27
CA ASP M 72 -33.84 -25.47 30.00
C ASP M 72 -33.37 -25.37 28.56
N PRO M 73 -34.09 -24.62 27.74
CA PRO M 73 -33.82 -24.39 26.31
C PRO M 73 -32.92 -23.22 25.81
N ALA M 74 -32.25 -22.42 26.67
CA ALA M 74 -31.40 -21.28 26.24
C ALA M 74 -30.32 -21.54 25.19
N THR M 75 -29.54 -22.58 25.41
CA THR M 75 -28.45 -22.91 24.50
C THR M 75 -28.98 -23.62 23.26
N TYR M 76 -29.96 -24.50 23.45
CA TYR M 76 -30.53 -25.21 22.32
C TYR M 76 -31.09 -24.20 21.34
N GLU M 77 -31.84 -23.24 21.87
CA GLU M 77 -32.40 -22.21 21.03
C GLU M 77 -31.25 -21.45 20.38
N ALA M 78 -30.15 -21.33 21.10
CA ALA M 78 -28.98 -20.62 20.58
C ALA M 78 -28.26 -21.42 19.49
N ASP M 79 -28.01 -22.69 19.76
CA ASP M 79 -27.33 -23.52 18.78
C ASP M 79 -28.14 -23.58 17.50
N TYR M 80 -29.45 -23.63 17.65
CA TYR M 80 -30.34 -23.70 16.50
C TYR M 80 -30.24 -22.47 15.64
N GLN M 81 -30.31 -21.29 16.26
CA GLN M 81 -30.22 -20.07 15.49
C GLN M 81 -28.87 -20.01 14.85
N SER M 82 -27.87 -20.49 15.58
CA SER M 82 -26.51 -20.51 15.06
C SER M 82 -26.46 -21.39 13.81
N ALA M 83 -26.93 -22.62 13.95
CA ALA M 83 -26.95 -23.55 12.85
C ALA M 83 -27.56 -22.91 11.61
N GLN M 84 -28.79 -22.41 11.76
CA GLN M 84 -29.50 -21.80 10.65
C GLN M 84 -28.72 -20.68 9.99
N ALA M 85 -27.95 -19.94 10.78
CA ALA M 85 -27.15 -18.87 10.23
C ALA M 85 -26.18 -19.49 9.24
N ASN M 86 -25.47 -20.50 9.73
CA ASN M 86 -24.50 -21.23 8.94
C ASN M 86 -25.11 -21.75 7.64
N LEU M 87 -26.19 -22.51 7.75
CA LEU M 87 -26.86 -23.05 6.58
C LEU M 87 -27.15 -21.95 5.58
N ALA M 88 -27.89 -20.94 6.02
CA ALA M 88 -28.23 -19.82 5.15
C ALA M 88 -27.01 -19.38 4.36
N SER M 89 -25.86 -19.39 5.03
CA SER M 89 -24.59 -19.01 4.41
C SER M 89 -24.16 -20.01 3.34
N THR M 90 -23.74 -21.19 3.80
CA THR M 90 -23.29 -22.24 2.90
C THR M 90 -24.24 -22.47 1.74
N GLN M 91 -25.54 -22.53 2.01
CA GLN M 91 -26.51 -22.76 0.94
C GLN M 91 -26.28 -21.79 -0.21
N GLU M 92 -26.29 -20.52 0.11
CA GLU M 92 -26.07 -19.49 -0.90
C GLU M 92 -24.77 -19.82 -1.64
N GLN M 93 -23.69 -19.92 -0.86
CA GLN M 93 -22.36 -20.24 -1.39
C GLN M 93 -22.42 -21.34 -2.44
N ALA M 94 -23.13 -22.42 -2.12
CA ALA M 94 -23.29 -23.54 -3.03
C ALA M 94 -24.08 -23.11 -4.26
N GLN M 95 -25.33 -22.71 -4.08
CA GLN M 95 -26.18 -22.29 -5.19
C GLN M 95 -25.42 -21.41 -6.18
N ARG M 96 -24.51 -20.59 -5.68
CA ARG M 96 -23.74 -19.74 -6.58
C ARG M 96 -22.75 -20.59 -7.36
N TYR M 97 -21.92 -21.33 -6.64
CA TYR M 97 -20.92 -22.21 -7.25
C TYR M 97 -21.54 -23.18 -8.25
N LYS M 98 -22.81 -23.51 -8.07
CA LYS M 98 -23.46 -24.45 -8.98
C LYS M 98 -23.60 -23.84 -10.38
N LEU M 99 -23.59 -22.52 -10.46
CA LEU M 99 -23.71 -21.86 -11.74
C LEU M 99 -22.33 -21.50 -12.31
N LEU M 100 -21.31 -21.57 -11.46
CA LEU M 100 -19.95 -21.26 -11.91
C LEU M 100 -19.30 -22.44 -12.60
N VAL M 101 -19.57 -23.65 -12.14
CA VAL M 101 -19.00 -24.84 -12.79
C VAL M 101 -19.71 -24.92 -14.13
N ALA M 102 -20.98 -24.54 -14.12
CA ALA M 102 -21.80 -24.55 -15.32
C ALA M 102 -21.10 -23.76 -16.43
N ASP M 103 -20.24 -22.83 -16.03
CA ASP M 103 -19.50 -22.02 -16.98
C ASP M 103 -18.00 -22.15 -16.81
N GLN M 104 -17.56 -23.31 -16.33
CA GLN M 104 -16.13 -23.58 -16.14
C GLN M 104 -15.46 -22.57 -15.21
N ALA M 105 -16.23 -21.58 -14.74
CA ALA M 105 -15.72 -20.55 -13.88
C ALA M 105 -15.10 -21.11 -12.60
N VAL M 106 -15.41 -22.36 -12.29
CA VAL M 106 -14.89 -22.98 -11.09
C VAL M 106 -14.79 -24.50 -11.26
N SER M 107 -13.75 -25.09 -10.69
CA SER M 107 -13.52 -26.54 -10.79
C SER M 107 -14.64 -27.36 -10.16
N LYS M 108 -14.82 -28.58 -10.65
CA LYS M 108 -15.85 -29.46 -10.12
C LYS M 108 -15.51 -29.77 -8.67
N GLN M 109 -14.23 -29.74 -8.35
CA GLN M 109 -13.78 -29.99 -6.99
C GLN M 109 -14.35 -28.95 -6.06
N GLN M 110 -14.16 -27.68 -6.42
CA GLN M 110 -14.66 -26.59 -5.62
C GLN M 110 -16.17 -26.70 -5.40
N TYR M 111 -16.93 -26.84 -6.48
CA TYR M 111 -18.38 -26.96 -6.34
C TYR M 111 -18.73 -28.14 -5.47
N ALA M 112 -17.90 -29.17 -5.51
CA ALA M 112 -18.12 -30.35 -4.70
C ALA M 112 -17.98 -29.96 -3.24
N ASP M 113 -16.80 -29.49 -2.88
CA ASP M 113 -16.52 -29.07 -1.51
C ASP M 113 -17.64 -28.16 -1.02
N ALA M 114 -18.12 -27.30 -1.91
CA ALA M 114 -19.20 -26.37 -1.57
C ALA M 114 -20.45 -27.15 -1.19
N ASN M 115 -21.06 -27.79 -2.16
CA ASN M 115 -22.28 -28.56 -1.93
C ASN M 115 -22.07 -29.51 -0.75
N ALA M 116 -20.82 -29.85 -0.47
CA ALA M 116 -20.49 -30.75 0.63
C ALA M 116 -20.85 -30.08 1.94
N ALA M 117 -20.30 -28.89 2.16
CA ALA M 117 -20.56 -28.14 3.38
C ALA M 117 -22.05 -27.84 3.49
N TYR M 118 -22.67 -27.48 2.38
CA TYR M 118 -24.09 -27.17 2.37
C TYR M 118 -24.89 -28.31 2.97
N LEU M 119 -24.55 -29.53 2.58
CA LEU M 119 -25.26 -30.69 3.10
C LEU M 119 -24.99 -30.85 4.59
N GLN M 120 -23.74 -30.64 4.99
CA GLN M 120 -23.37 -30.77 6.39
C GLN M 120 -24.24 -29.83 7.22
N SER M 121 -24.35 -28.59 6.76
CA SER M 121 -25.15 -27.58 7.43
C SER M 121 -26.58 -28.06 7.56
N LYS M 122 -27.26 -28.20 6.43
CA LYS M 122 -28.63 -28.66 6.39
C LYS M 122 -28.82 -29.80 7.40
N ALA M 123 -27.80 -30.65 7.51
CA ALA M 123 -27.84 -31.76 8.45
C ALA M 123 -27.90 -31.22 9.87
N ALA M 124 -26.89 -30.44 10.24
CA ALA M 124 -26.77 -29.82 11.55
C ALA M 124 -28.03 -29.10 12.01
N VAL M 125 -28.60 -28.28 11.14
CA VAL M 125 -29.81 -27.55 11.48
C VAL M 125 -30.93 -28.50 11.87
N GLU M 126 -31.16 -29.53 11.07
CA GLU M 126 -32.21 -30.48 11.38
C GLU M 126 -32.01 -31.09 12.76
N GLN M 127 -30.77 -31.40 13.10
CA GLN M 127 -30.46 -31.99 14.39
C GLN M 127 -30.70 -30.97 15.48
N ALA M 128 -30.36 -29.72 15.19
CA ALA M 128 -30.55 -28.64 16.14
C ALA M 128 -32.03 -28.50 16.42
N ARG M 129 -32.82 -28.44 15.34
CA ARG M 129 -34.26 -28.31 15.44
C ARG M 129 -34.86 -29.37 16.35
N ILE M 130 -34.47 -30.61 16.13
CA ILE M 130 -34.98 -31.71 16.93
C ILE M 130 -34.67 -31.55 18.42
N ASN M 131 -33.42 -31.24 18.75
CA ASN M 131 -33.07 -31.07 20.15
C ASN M 131 -33.87 -29.95 20.81
N LEU M 132 -34.03 -28.85 20.09
CA LEU M 132 -34.78 -27.74 20.63
C LEU M 132 -36.20 -28.19 20.94
N ARG M 133 -36.80 -28.89 19.98
CA ARG M 133 -38.17 -29.37 20.14
C ARG M 133 -38.30 -30.21 21.40
N TYR M 134 -37.30 -31.02 21.69
CA TYR M 134 -37.35 -31.85 22.88
C TYR M 134 -37.23 -31.12 24.21
N THR M 135 -36.90 -29.83 24.20
CA THR M 135 -36.81 -29.10 25.45
C THR M 135 -38.18 -29.15 26.10
N LYS M 136 -39.07 -29.87 25.41
CA LYS M 136 -40.44 -30.12 25.83
C LYS M 136 -40.51 -31.63 25.79
N VAL M 137 -40.54 -32.26 26.95
CA VAL M 137 -40.65 -33.71 27.02
C VAL M 137 -42.11 -34.04 27.13
N LEU M 138 -42.69 -34.56 26.04
CA LEU M 138 -44.11 -34.90 26.03
C LEU M 138 -44.34 -36.37 26.42
N SER M 139 -45.57 -36.70 26.78
CA SER M 139 -45.91 -38.06 27.20
C SER M 139 -46.21 -39.00 26.03
N PRO M 140 -45.49 -40.14 25.98
CA PRO M 140 -45.61 -41.18 24.95
C PRO M 140 -47.02 -41.77 24.76
N ILE M 141 -47.68 -42.08 25.86
CA ILE M 141 -49.01 -42.66 25.80
C ILE M 141 -50.03 -41.79 26.53
N SER M 142 -51.17 -42.36 26.92
CA SER M 142 -52.18 -41.56 27.61
C SER M 142 -52.53 -42.13 28.97
N GLY M 143 -51.76 -43.10 29.42
CA GLY M 143 -52.01 -43.73 30.71
C GLY M 143 -52.02 -42.82 31.93
N ARG M 144 -51.61 -43.39 33.06
CA ARG M 144 -51.57 -42.68 34.33
C ARG M 144 -50.17 -42.60 34.93
N ILE M 145 -49.61 -41.40 34.88
CA ILE M 145 -48.27 -41.11 35.37
C ILE M 145 -48.25 -40.98 36.88
N GLY M 146 -47.16 -41.43 37.50
CA GLY M 146 -47.04 -41.40 38.95
C GLY M 146 -45.99 -40.43 39.44
N ARG M 147 -45.09 -40.91 40.29
CA ARG M 147 -44.04 -40.06 40.83
C ARG M 147 -42.99 -39.72 39.77
N SER M 148 -42.34 -38.57 39.93
CA SER M 148 -41.30 -38.13 39.01
C SER M 148 -39.97 -38.54 39.66
N ALA M 149 -39.29 -39.51 39.06
CA ALA M 149 -38.03 -40.00 39.63
C ALA M 149 -36.97 -38.93 39.59
N VAL M 150 -37.15 -38.02 38.64
CA VAL M 150 -36.24 -36.92 38.43
C VAL M 150 -36.81 -35.72 39.11
N THR M 151 -35.95 -35.00 39.83
CA THR M 151 -36.34 -33.80 40.55
C THR M 151 -36.10 -32.54 39.71
N GLU M 152 -36.90 -31.50 39.90
CA GLU M 152 -36.67 -30.29 39.11
C GLU M 152 -35.23 -29.80 39.24
N GLY M 153 -34.83 -29.02 38.25
CA GLY M 153 -33.49 -28.47 38.22
C GLY M 153 -32.40 -29.51 38.36
N ALA M 154 -32.71 -30.77 38.04
CA ALA M 154 -31.72 -31.83 38.12
C ALA M 154 -31.07 -31.97 36.75
N LEU M 155 -30.11 -32.88 36.65
CA LEU M 155 -29.38 -33.03 35.39
C LEU M 155 -29.71 -34.32 34.67
N VAL M 156 -30.05 -34.21 33.39
CA VAL M 156 -30.36 -35.41 32.61
C VAL M 156 -29.53 -35.53 31.35
N THR M 157 -29.20 -36.77 31.02
CA THR M 157 -28.42 -37.06 29.83
C THR M 157 -29.15 -38.04 28.92
N ASN M 158 -29.12 -37.76 27.63
CA ASN M 158 -29.78 -38.59 26.63
C ASN M 158 -29.47 -40.06 26.87
N GLY M 159 -30.45 -40.92 26.63
CA GLY M 159 -30.26 -42.34 26.85
C GLY M 159 -29.66 -42.67 28.21
N GLN M 160 -30.06 -41.93 29.24
CA GLN M 160 -29.54 -42.19 30.57
C GLN M 160 -30.25 -43.41 31.15
N ALA M 161 -29.56 -44.08 32.07
CA ALA M 161 -30.07 -45.28 32.72
C ALA M 161 -31.54 -45.21 33.16
N ASN M 162 -31.78 -44.60 34.33
CA ASN M 162 -33.13 -44.48 34.89
C ASN M 162 -34.04 -43.54 34.12
N ALA M 163 -35.33 -43.82 34.19
CA ALA M 163 -36.32 -43.00 33.49
C ALA M 163 -36.90 -41.92 34.39
N MET M 164 -37.21 -40.77 33.80
CA MET M 164 -37.78 -39.66 34.53
C MET M 164 -39.07 -40.03 35.27
N ALA M 165 -39.93 -40.79 34.60
CA ALA M 165 -41.22 -41.22 35.15
C ALA M 165 -41.79 -42.38 34.34
N THR M 166 -42.95 -42.90 34.76
CA THR M 166 -43.59 -44.01 34.04
C THR M 166 -45.10 -43.84 33.89
N VAL M 167 -45.59 -43.90 32.65
CA VAL M 167 -47.02 -43.75 32.38
C VAL M 167 -47.68 -45.09 32.06
N GLN M 168 -48.62 -45.52 32.91
CA GLN M 168 -49.33 -46.77 32.71
C GLN M 168 -50.79 -46.50 32.37
N GLN M 169 -51.29 -47.13 31.31
CA GLN M 169 -52.69 -46.96 30.94
C GLN M 169 -53.50 -47.91 31.80
N LEU M 170 -54.51 -47.40 32.48
CA LEU M 170 -55.33 -48.25 33.34
C LEU M 170 -56.77 -48.19 32.91
N ASP M 171 -57.00 -47.56 31.76
CA ASP M 171 -58.34 -47.47 31.21
C ASP M 171 -58.24 -47.59 29.69
N PRO M 172 -58.61 -48.77 29.15
CA PRO M 172 -59.09 -49.95 29.88
C PRO M 172 -57.96 -50.59 30.66
N ILE M 173 -58.27 -51.64 31.40
CA ILE M 173 -57.26 -52.35 32.17
C ILE M 173 -57.39 -53.83 31.82
N TYR M 174 -56.27 -54.54 31.79
CA TYR M 174 -56.30 -55.95 31.48
C TYR M 174 -56.53 -56.80 32.70
N VAL M 175 -56.95 -58.03 32.46
CA VAL M 175 -57.16 -59.02 33.50
C VAL M 175 -56.60 -60.30 32.90
N ASP M 176 -55.39 -60.66 33.31
CA ASP M 176 -54.74 -61.86 32.83
C ASP M 176 -55.38 -63.08 33.47
N VAL M 177 -55.92 -63.95 32.62
CA VAL M 177 -56.57 -65.17 33.07
C VAL M 177 -55.82 -66.37 32.56
N THR M 178 -55.51 -67.29 33.46
CA THR M 178 -54.79 -68.51 33.09
C THR M 178 -55.67 -69.75 33.24
N GLN M 179 -55.82 -70.48 32.13
CA GLN M 179 -56.63 -71.68 32.08
C GLN M 179 -55.87 -72.82 31.40
N PRO M 180 -56.10 -74.06 31.84
CA PRO M 180 -55.41 -75.20 31.22
C PRO M 180 -55.87 -75.35 29.77
N SER M 181 -54.92 -75.55 28.87
CA SER M 181 -55.20 -75.69 27.44
C SER M 181 -56.62 -76.15 27.11
N THR M 182 -56.97 -77.34 27.58
CA THR M 182 -58.29 -77.91 27.33
C THR M 182 -59.39 -76.91 27.65
N ALA M 183 -59.40 -76.44 28.90
CA ALA M 183 -60.40 -75.48 29.37
C ALA M 183 -60.62 -74.36 28.35
N LEU M 184 -59.53 -73.79 27.85
CA LEU M 184 -59.64 -72.73 26.87
C LEU M 184 -60.37 -73.28 25.64
N LEU M 185 -59.94 -74.47 25.20
CA LEU M 185 -60.54 -75.12 24.05
C LEU M 185 -62.05 -75.24 24.26
N ARG M 186 -62.44 -75.64 25.46
CA ARG M 186 -63.84 -75.78 25.80
C ARG M 186 -64.60 -74.49 25.55
N LEU M 187 -64.17 -73.43 26.23
CA LEU M 187 -64.80 -72.12 26.10
C LEU M 187 -64.83 -71.63 24.66
N ARG M 188 -63.78 -71.90 23.90
CA ARG M 188 -63.73 -71.46 22.51
C ARG M 188 -64.90 -72.11 21.77
N ARG M 189 -65.18 -73.37 22.11
CA ARG M 189 -66.27 -74.12 21.50
C ARG M 189 -67.58 -73.42 21.80
N GLU M 190 -67.89 -73.33 23.09
CA GLU M 190 -69.11 -72.70 23.56
C GLU M 190 -69.36 -71.34 22.91
N LEU M 191 -68.28 -70.63 22.60
CA LEU M 191 -68.43 -69.32 21.98
C LEU M 191 -69.03 -69.53 20.59
N ALA M 192 -68.33 -70.30 19.77
CA ALA M 192 -68.77 -70.60 18.41
C ALA M 192 -70.16 -71.22 18.43
N SER M 193 -70.35 -72.13 19.37
CA SER M 193 -71.63 -72.80 19.52
C SER M 193 -72.73 -71.75 19.67
N GLY M 194 -72.78 -71.12 20.84
CA GLY M 194 -73.78 -70.10 21.09
C GLY M 194 -74.07 -70.07 22.58
N GLN M 195 -73.49 -71.05 23.27
CA GLN M 195 -73.65 -71.22 24.71
C GLN M 195 -73.06 -70.09 25.54
N LEU M 196 -72.32 -69.17 24.90
CA LEU M 196 -71.69 -68.06 25.60
C LEU M 196 -72.09 -66.69 25.06
N GLU M 197 -72.26 -65.73 25.96
CA GLU M 197 -72.63 -64.36 25.56
C GLU M 197 -71.57 -63.72 24.69
N ARG M 198 -71.74 -63.79 23.37
CA ARG M 198 -70.77 -63.22 22.46
C ARG M 198 -70.57 -61.73 22.69
N ALA M 199 -69.34 -61.38 23.08
CA ALA M 199 -68.97 -59.99 23.30
C ALA M 199 -68.39 -59.44 22.01
N GLY M 200 -67.55 -60.23 21.36
CA GLY M 200 -66.94 -59.81 20.11
C GLY M 200 -66.63 -61.00 19.22
N ASP M 201 -66.16 -60.71 18.01
CA ASP M 201 -65.82 -61.76 17.04
C ASP M 201 -65.04 -62.92 17.64
N ASN M 202 -64.42 -62.72 18.79
CA ASN M 202 -63.66 -63.80 19.42
C ASN M 202 -63.67 -63.72 20.95
N ALA M 203 -64.52 -62.86 21.50
CA ALA M 203 -64.58 -62.73 22.95
C ALA M 203 -66.01 -62.77 23.47
N ALA M 204 -66.15 -63.16 24.73
CA ALA M 204 -67.46 -63.24 25.37
C ALA M 204 -67.58 -62.20 26.47
N LYS M 205 -68.77 -61.66 26.66
CA LYS M 205 -69.00 -60.67 27.69
C LYS M 205 -68.65 -61.31 29.03
N VAL M 206 -68.12 -60.51 29.96
CA VAL M 206 -67.72 -61.02 31.27
C VAL M 206 -67.86 -59.95 32.35
N SER M 207 -68.04 -60.41 33.58
CA SER M 207 -68.16 -59.50 34.72
C SER M 207 -66.95 -59.76 35.62
N LEU M 208 -66.67 -58.84 36.54
CA LEU M 208 -65.54 -58.99 37.43
C LEU M 208 -65.92 -58.95 38.92
N LYS M 209 -65.30 -59.83 39.69
CA LYS M 209 -65.54 -59.91 41.13
C LYS M 209 -64.22 -59.66 41.86
N LEU M 210 -64.15 -58.54 42.58
CA LEU M 210 -62.94 -58.14 43.32
C LEU M 210 -62.60 -59.07 44.47
N GLU M 211 -61.38 -58.94 44.99
CA GLU M 211 -60.90 -59.80 46.07
C GLU M 211 -61.69 -59.68 47.37
N ASP M 212 -62.45 -58.59 47.50
CA ASP M 212 -63.24 -58.40 48.71
C ASP M 212 -64.63 -58.97 48.48
N GLY M 213 -64.86 -59.51 47.29
CA GLY M 213 -66.15 -60.08 46.96
C GLY M 213 -67.04 -59.12 46.20
N SER M 214 -66.74 -57.84 46.26
CA SER M 214 -67.54 -56.83 45.57
C SER M 214 -67.70 -57.15 44.09
N GLN M 215 -68.75 -56.61 43.49
CA GLN M 215 -69.03 -56.83 42.08
C GLN M 215 -68.74 -55.55 41.30
N TYR M 216 -67.65 -55.56 40.55
CA TYR M 216 -67.28 -54.39 39.76
C TYR M 216 -68.41 -54.06 38.78
N PRO M 217 -69.01 -52.87 38.93
CA PRO M 217 -70.11 -52.39 38.08
C PRO M 217 -70.00 -52.61 36.58
N LEU M 218 -68.99 -52.05 35.94
CA LEU M 218 -68.86 -52.21 34.50
C LEU M 218 -68.60 -53.64 34.03
N GLU M 219 -68.95 -53.90 32.77
CA GLU M 219 -68.78 -55.22 32.17
C GLU M 219 -67.72 -55.14 31.08
N GLY M 220 -67.02 -56.25 30.85
CA GLY M 220 -65.97 -56.25 29.83
C GLY M 220 -65.79 -57.50 28.98
N ARG M 221 -64.99 -57.36 27.95
CA ARG M 221 -64.68 -58.44 26.99
C ARG M 221 -63.62 -59.41 27.49
N LEU M 222 -63.77 -60.68 27.14
CA LEU M 222 -62.77 -61.69 27.50
C LEU M 222 -62.29 -62.29 26.20
N GLU M 223 -61.28 -61.66 25.60
CA GLU M 223 -60.71 -62.11 24.34
C GLU M 223 -60.15 -63.53 24.49
N PHE M 224 -60.35 -64.36 23.46
CA PHE M 224 -59.88 -65.74 23.52
C PHE M 224 -58.55 -66.03 22.85
N SER M 225 -58.02 -65.05 22.12
CA SER M 225 -56.72 -65.23 21.48
C SER M 225 -55.66 -65.37 22.57
N GLU M 226 -54.97 -66.50 22.58
CA GLU M 226 -53.95 -66.75 23.59
C GLU M 226 -52.86 -65.69 23.51
N VAL M 227 -52.27 -65.38 24.65
CA VAL M 227 -51.21 -64.38 24.71
C VAL M 227 -49.87 -65.04 25.07
N SER M 228 -49.93 -66.05 25.92
CA SER M 228 -48.72 -66.76 26.33
C SER M 228 -49.07 -68.17 26.78
N VAL M 229 -48.09 -69.06 26.70
CA VAL M 229 -48.29 -70.44 27.10
C VAL M 229 -47.13 -70.91 27.96
N ASP M 230 -47.43 -71.50 29.10
CA ASP M 230 -46.40 -72.02 29.98
C ASP M 230 -46.12 -73.43 29.50
N GLU M 231 -45.33 -73.55 28.44
CA GLU M 231 -45.01 -74.86 27.87
C GLU M 231 -44.62 -75.87 28.94
N GLY M 232 -44.25 -75.38 30.11
CA GLY M 232 -43.89 -76.25 31.21
C GLY M 232 -45.12 -76.94 31.74
N THR M 233 -46.10 -76.16 32.19
CA THR M 233 -47.34 -76.70 32.73
C THR M 233 -48.42 -76.78 31.66
N GLY M 234 -48.07 -76.35 30.44
CA GLY M 234 -49.03 -76.38 29.35
C GLY M 234 -50.14 -75.35 29.49
N SER M 235 -50.20 -74.68 30.63
CA SER M 235 -51.23 -73.68 30.89
C SER M 235 -51.24 -72.56 29.86
N VAL M 236 -52.40 -71.95 29.66
CA VAL M 236 -52.54 -70.87 28.70
C VAL M 236 -53.04 -69.62 29.39
N THR M 237 -52.65 -68.46 28.88
CA THR M 237 -53.07 -67.21 29.48
C THR M 237 -53.73 -66.31 28.46
N ILE M 238 -54.96 -65.90 28.77
CA ILE M 238 -55.72 -65.02 27.90
C ILE M 238 -56.08 -63.78 28.69
N ARG M 239 -56.50 -62.73 27.99
CA ARG M 239 -56.86 -61.50 28.67
C ARG M 239 -58.26 -60.95 28.53
N ALA M 240 -58.78 -60.46 29.65
CA ALA M 240 -60.08 -59.84 29.70
C ALA M 240 -59.80 -58.34 29.62
N VAL M 241 -60.73 -57.55 29.09
CA VAL M 241 -60.54 -56.12 28.97
C VAL M 241 -61.68 -55.30 29.55
N PHE M 242 -61.49 -54.81 30.77
CA PHE M 242 -62.52 -54.02 31.45
C PHE M 242 -62.29 -52.51 31.40
N PRO M 243 -63.37 -51.73 31.36
CA PRO M 243 -63.26 -50.27 31.33
C PRO M 243 -63.03 -49.82 32.78
N ASN M 244 -62.13 -48.87 32.97
CA ASN M 244 -61.78 -48.40 34.31
C ASN M 244 -61.62 -46.89 34.26
N PRO M 245 -62.74 -46.15 34.04
CA PRO M 245 -62.77 -44.69 33.95
C PRO M 245 -62.63 -43.92 35.27
N ASN M 246 -62.72 -44.62 36.40
CA ASN M 246 -62.60 -43.94 37.68
C ASN M 246 -61.38 -44.43 38.45
N ASN M 247 -60.56 -45.21 37.77
CA ASN M 247 -59.35 -45.75 38.36
C ASN M 247 -59.62 -46.61 39.58
N GLU M 248 -60.83 -47.13 39.68
CA GLU M 248 -61.18 -47.99 40.78
C GLU M 248 -60.31 -49.23 40.70
N LEU M 249 -59.95 -49.61 39.47
CA LEU M 249 -59.14 -50.80 39.27
C LEU M 249 -57.65 -50.49 39.14
N LEU M 250 -56.83 -51.22 39.88
CA LEU M 250 -55.38 -51.02 39.85
C LEU M 250 -54.65 -52.33 39.63
N PRO M 251 -53.50 -52.28 38.96
CA PRO M 251 -52.72 -53.50 38.69
C PRO M 251 -52.42 -54.29 39.94
N GLY M 252 -52.23 -55.60 39.77
CA GLY M 252 -51.89 -56.45 40.89
C GLY M 252 -53.04 -56.96 41.74
N MET M 253 -54.27 -56.65 41.35
CA MET M 253 -55.43 -57.11 42.11
C MET M 253 -55.74 -58.54 41.73
N PHE M 254 -55.91 -59.41 42.72
CA PHE M 254 -56.26 -60.80 42.45
C PHE M 254 -57.77 -60.78 42.28
N VAL M 255 -58.26 -61.19 41.12
CA VAL M 255 -59.69 -61.17 40.86
C VAL M 255 -60.20 -62.40 40.12
N HIS M 256 -61.51 -62.43 39.90
CA HIS M 256 -62.15 -63.53 39.18
C HIS M 256 -63.05 -62.98 38.09
N ALA M 257 -62.86 -63.49 36.87
CA ALA M 257 -63.69 -63.09 35.76
C ALA M 257 -64.86 -64.05 35.81
N GLN M 258 -66.07 -63.52 35.90
CA GLN M 258 -67.26 -64.36 35.96
C GLN M 258 -67.87 -64.55 34.58
N LEU M 259 -68.03 -65.80 34.20
CA LEU M 259 -68.61 -66.16 32.91
C LEU M 259 -69.78 -67.12 33.17
N GLN M 260 -70.95 -66.85 32.60
CA GLN M 260 -72.09 -67.76 32.80
C GLN M 260 -72.20 -68.68 31.58
N GLU M 261 -71.87 -69.96 31.77
CA GLU M 261 -71.93 -70.93 30.69
C GLU M 261 -73.33 -71.57 30.64
N GLY M 262 -73.93 -71.56 29.45
CA GLY M 262 -75.27 -72.10 29.27
C GLY M 262 -75.42 -73.61 29.16
N VAL M 263 -75.28 -74.30 30.29
CA VAL M 263 -75.40 -75.75 30.35
C VAL M 263 -75.84 -76.16 31.76
N LYS M 264 -76.76 -77.11 31.85
CA LYS M 264 -77.24 -77.58 33.16
C LYS M 264 -76.05 -78.12 33.97
N GLN M 265 -75.90 -77.62 35.19
CA GLN M 265 -74.80 -78.07 36.03
C GLN M 265 -75.31 -78.86 37.25
N LYS M 266 -74.85 -80.09 37.37
CA LYS M 266 -75.25 -80.95 38.48
C LYS M 266 -74.13 -81.11 39.50
N ALA M 267 -74.47 -81.00 40.78
CA ALA M 267 -73.50 -81.13 41.85
C ALA M 267 -74.16 -81.58 43.14
N ILE M 268 -73.40 -82.29 43.98
CA ILE M 268 -73.92 -82.80 45.26
C ILE M 268 -74.11 -81.66 46.26
N LEU M 269 -75.34 -81.49 46.72
CA LEU M 269 -75.67 -80.45 47.70
C LEU M 269 -76.05 -81.10 49.03
N ALA M 270 -75.05 -81.50 49.80
CA ALA M 270 -75.26 -82.14 51.09
C ALA M 270 -75.72 -81.16 52.18
N PRO M 271 -76.92 -81.38 52.74
CA PRO M 271 -77.47 -80.52 53.80
C PRO M 271 -76.53 -80.38 54.99
N GLN M 272 -76.49 -79.19 55.57
CA GLN M 272 -75.62 -78.91 56.72
C GLN M 272 -76.05 -79.71 57.95
N GLN M 273 -77.28 -80.21 57.94
CA GLN M 273 -77.80 -81.00 59.05
C GLN M 273 -77.06 -82.32 59.18
N GLY M 274 -76.05 -82.51 58.33
CA GLY M 274 -75.26 -83.73 58.37
C GLY M 274 -73.78 -83.50 58.11
N VAL M 275 -73.28 -82.35 58.55
CA VAL M 275 -71.87 -81.99 58.37
C VAL M 275 -71.38 -81.15 59.55
N THR M 276 -70.08 -81.17 59.81
CA THR M 276 -69.49 -80.41 60.91
C THR M 276 -68.20 -79.71 60.46
N ARG M 277 -67.81 -78.67 61.18
CA ARG M 277 -66.59 -77.92 60.84
C ARG M 277 -65.62 -77.85 62.03
N ASP M 278 -64.73 -78.82 62.12
CA ASP M 278 -63.74 -78.86 63.20
C ASP M 278 -62.65 -77.83 62.96
N LEU M 279 -62.08 -77.29 64.04
CA LEU M 279 -61.03 -76.29 63.95
C LEU M 279 -61.59 -75.05 63.24
N LYS M 280 -62.91 -74.95 63.23
CA LYS M 280 -63.61 -73.83 62.60
C LYS M 280 -63.16 -73.65 61.14
N GLY M 281 -63.25 -74.74 60.38
CA GLY M 281 -62.86 -74.69 58.98
C GLY M 281 -62.97 -76.03 58.28
N GLN M 282 -62.14 -76.98 58.69
CA GLN M 282 -62.13 -78.33 58.10
C GLN M 282 -63.51 -78.97 58.13
N ALA M 283 -63.94 -79.48 56.97
CA ALA M 283 -65.25 -80.13 56.85
C ALA M 283 -65.13 -81.64 56.92
N THR M 284 -65.85 -82.25 57.86
CA THR M 284 -65.84 -83.70 58.03
C THR M 284 -67.27 -84.23 58.11
N ALA M 285 -67.52 -85.34 57.43
CA ALA M 285 -68.85 -85.96 57.41
C ALA M 285 -68.80 -87.45 57.78
N LEU M 286 -69.97 -88.01 58.09
CA LEU M 286 -70.07 -89.41 58.46
C LEU M 286 -71.11 -90.11 57.58
N VAL M 287 -70.64 -91.05 56.76
CA VAL M 287 -71.53 -91.80 55.86
C VAL M 287 -71.38 -93.31 56.10
N VAL M 288 -72.36 -94.07 55.61
CA VAL M 288 -72.35 -95.53 55.75
C VAL M 288 -71.99 -96.21 54.42
N ASN M 289 -70.89 -96.95 54.44
CA ASN M 289 -70.42 -97.67 53.24
C ASN M 289 -71.33 -98.83 52.87
N ALA M 290 -71.00 -99.51 51.78
CA ALA M 290 -71.78 -100.66 51.31
C ALA M 290 -71.76 -101.79 52.34
N GLN M 291 -70.70 -101.83 53.13
CA GLN M 291 -70.55 -102.86 54.16
C GLN M 291 -71.37 -102.48 55.40
N ASN M 292 -72.40 -101.66 55.18
CA ASN M 292 -73.28 -101.19 56.26
C ASN M 292 -72.51 -100.63 57.44
N LYS M 293 -71.25 -100.28 57.23
CA LYS M 293 -70.40 -99.73 58.27
C LYS M 293 -70.17 -98.24 58.01
N VAL M 294 -70.07 -97.46 59.08
CA VAL M 294 -69.84 -96.02 58.96
C VAL M 294 -68.37 -95.66 58.76
N GLU M 295 -68.11 -94.79 57.79
CA GLU M 295 -66.75 -94.34 57.49
C GLU M 295 -66.59 -92.85 57.79
N LEU M 296 -65.37 -92.36 57.67
CA LEU M 296 -65.08 -90.94 57.94
C LEU M 296 -64.32 -90.30 56.78
N ARG M 297 -65.04 -89.60 55.91
CA ARG M 297 -64.42 -88.93 54.76
C ARG M 297 -64.50 -87.42 54.88
N VAL M 298 -63.40 -86.75 54.49
CA VAL M 298 -63.32 -85.30 54.55
C VAL M 298 -63.85 -84.68 53.25
N ILE M 299 -64.84 -83.81 53.37
CA ILE M 299 -65.43 -83.15 52.21
C ILE M 299 -64.89 -81.73 52.01
N LYS M 300 -65.11 -81.20 50.82
CA LYS M 300 -64.64 -79.85 50.49
C LYS M 300 -65.81 -78.93 50.10
N ALA M 301 -66.75 -78.75 51.03
CA ALA M 301 -67.90 -77.89 50.81
C ALA M 301 -67.56 -76.45 51.20
N ASP M 302 -67.76 -75.52 50.27
CA ASP M 302 -67.43 -74.12 50.53
C ASP M 302 -68.63 -73.18 50.54
N ARG M 303 -69.49 -73.30 49.52
CA ARG M 303 -70.67 -72.45 49.41
C ARG M 303 -71.81 -72.93 50.31
N VAL M 304 -72.88 -72.14 50.37
CA VAL M 304 -74.05 -72.46 51.18
C VAL M 304 -75.34 -72.05 50.47
N ILE M 305 -76.02 -73.03 49.87
CA ILE M 305 -77.26 -72.78 49.15
C ILE M 305 -78.48 -73.25 49.96
N GLY M 306 -79.32 -72.31 50.36
CA GLY M 306 -80.51 -72.63 51.12
C GLY M 306 -80.19 -73.15 52.50
N ASP M 307 -80.08 -74.48 52.62
CA ASP M 307 -79.78 -75.12 53.90
C ASP M 307 -78.77 -76.24 53.65
N LYS M 308 -78.39 -76.41 52.38
CA LYS M 308 -77.43 -77.43 51.99
C LYS M 308 -76.09 -76.80 51.64
N TRP M 309 -75.05 -77.63 51.56
CA TRP M 309 -73.69 -77.17 51.23
C TRP M 309 -73.17 -77.82 49.96
N LEU M 310 -72.68 -76.99 49.04
CA LEU M 310 -72.14 -77.46 47.76
C LEU M 310 -70.78 -78.14 47.94
N VAL M 311 -70.78 -79.47 48.05
CA VAL M 311 -69.56 -80.23 48.21
C VAL M 311 -68.82 -80.34 46.87
N THR M 312 -67.69 -79.65 46.76
CA THR M 312 -66.89 -79.65 45.54
C THR M 312 -66.16 -80.98 45.35
N GLU M 313 -65.67 -81.54 46.46
CA GLU M 313 -64.95 -82.80 46.41
C GLU M 313 -64.95 -83.49 47.77
N GLY M 314 -65.71 -84.57 47.89
CA GLY M 314 -65.79 -85.30 49.14
C GLY M 314 -66.93 -86.31 49.16
N LEU M 315 -67.97 -86.01 48.39
CA LEU M 315 -69.14 -86.90 48.30
C LEU M 315 -69.68 -86.95 46.88
N ASN M 316 -69.66 -88.14 46.28
CA ASN M 316 -70.15 -88.33 44.92
C ASN M 316 -71.64 -88.65 44.93
N ALA M 317 -72.21 -88.86 43.74
CA ALA M 317 -73.63 -89.16 43.60
C ALA M 317 -73.94 -90.58 44.07
N GLY M 318 -74.92 -90.69 44.97
CA GLY M 318 -75.31 -92.00 45.48
C GLY M 318 -75.05 -92.19 46.97
N ASP M 319 -73.91 -91.71 47.43
CA ASP M 319 -73.53 -91.82 48.84
C ASP M 319 -74.68 -91.54 49.80
N LYS M 320 -74.63 -92.16 50.97
CA LYS M 320 -75.65 -91.97 52.00
C LYS M 320 -75.09 -91.13 53.14
N ILE M 321 -75.68 -89.96 53.36
CA ILE M 321 -75.24 -89.06 54.42
C ILE M 321 -76.04 -89.22 55.71
N ILE M 322 -75.35 -89.56 56.79
CA ILE M 322 -76.00 -89.75 58.09
C ILE M 322 -76.37 -88.41 58.72
N THR M 323 -77.67 -88.18 58.86
CA THR M 323 -78.17 -86.93 59.45
C THR M 323 -78.66 -87.15 60.89
N GLU M 324 -79.65 -88.02 61.05
CA GLU M 324 -80.20 -88.32 62.36
C GLU M 324 -79.59 -89.58 62.95
N GLY M 325 -78.51 -89.41 63.72
CA GLY M 325 -77.86 -90.55 64.32
C GLY M 325 -76.42 -90.25 64.75
N LEU M 326 -75.99 -89.01 64.51
CA LEU M 326 -74.64 -88.59 64.86
C LEU M 326 -74.58 -88.07 66.29
N GLN M 327 -75.74 -87.93 66.93
CA GLN M 327 -75.83 -87.44 68.30
C GLN M 327 -75.08 -88.35 69.25
N PHE M 328 -74.75 -89.56 68.79
CA PHE M 328 -74.03 -90.54 69.59
C PHE M 328 -73.61 -91.71 68.71
N VAL M 329 -72.39 -91.63 68.17
CA VAL M 329 -71.86 -92.69 67.31
C VAL M 329 -70.34 -92.66 67.25
N GLN M 330 -69.78 -93.38 66.28
CA GLN M 330 -68.34 -93.44 66.09
C GLN M 330 -68.01 -94.16 64.79
N PRO M 331 -66.89 -93.79 64.14
CA PRO M 331 -66.46 -94.40 62.88
C PRO M 331 -65.92 -95.83 63.04
N GLY M 332 -66.55 -96.79 62.37
CA GLY M 332 -66.12 -98.17 62.46
C GLY M 332 -67.19 -99.13 62.93
N VAL M 333 -68.44 -98.65 63.03
CA VAL M 333 -69.55 -99.49 63.46
C VAL M 333 -70.62 -99.60 62.38
N GLU M 334 -71.47 -100.61 62.50
CA GLU M 334 -72.55 -100.83 61.53
C GLU M 334 -73.88 -100.29 62.07
N VAL M 335 -74.83 -100.07 61.18
CA VAL M 335 -76.14 -99.56 61.58
C VAL M 335 -77.23 -99.82 60.54
N LYS M 336 -78.44 -99.37 60.84
CA LYS M 336 -79.58 -99.55 59.94
C LYS M 336 -79.85 -98.26 59.16
N THR M 337 -80.34 -98.40 57.93
CA THR M 337 -80.63 -97.26 57.08
C THR M 337 -82.13 -96.95 57.01
N VAL M 338 -82.55 -95.93 57.76
CA VAL M 338 -83.94 -95.52 57.78
C VAL M 338 -84.07 -94.09 57.24
N PRO M 339 -84.65 -93.93 56.03
CA PRO M 339 -84.82 -92.62 55.39
C PRO M 339 -85.35 -91.54 56.34
#